data_2M48
#
_entry.id   2M48
#
loop_
_entity.id
_entity.type
_entity.pdbx_description
1 polymer 'E3 UBIQUITIN-PROTEIN LIGASE PARKIN'
2 non-polymer 'ZINC ION'
#
_entity_poly.entity_id   1
_entity_poly.type   'polypeptide(L)'
_entity_poly.pdbx_seq_one_letter_code
;EEYVLQAGGVLCPQPGCGMGLLVEPDCRKVTCQNGCGYVFCRNCLQGYHIGECLPEGTGASATNSCEYTVDPNRAAEARW
DEASNVTIKVSTKPCPKCRTPTERDGGCMHMVCTRAGCGFEWCWVCQTEWTRDCMGAHWFG
;
_entity_poly.pdbx_strand_id   A
#
# COMPACT_ATOMS: atom_id res chain seq x y z
N GLU A 1 -13.49 14.05 -76.46
CA GLU A 1 -14.90 13.91 -76.08
C GLU A 1 -15.81 14.29 -77.24
N GLU A 2 -16.34 13.30 -77.90
CA GLU A 2 -17.25 13.52 -79.01
C GLU A 2 -18.35 12.47 -78.99
N TYR A 3 -19.33 12.71 -78.16
CA TYR A 3 -20.44 11.80 -77.98
C TYR A 3 -21.71 12.60 -77.72
N VAL A 4 -22.73 12.37 -78.51
CA VAL A 4 -23.98 13.07 -78.36
C VAL A 4 -24.86 12.40 -77.31
N LEU A 5 -25.18 13.15 -76.27
CA LEU A 5 -26.01 12.67 -75.20
C LEU A 5 -27.02 13.72 -74.79
N GLN A 6 -27.79 13.42 -73.77
CA GLN A 6 -28.77 14.36 -73.26
C GLN A 6 -28.91 14.21 -71.76
N ALA A 7 -29.18 15.32 -71.10
CA ALA A 7 -29.33 15.33 -69.67
C ALA A 7 -30.80 15.56 -69.30
N GLY A 8 -31.06 15.69 -68.01
CA GLY A 8 -32.42 15.92 -67.57
C GLY A 8 -32.84 17.37 -67.75
N GLY A 9 -33.96 17.57 -68.41
CA GLY A 9 -34.47 18.90 -68.63
C GLY A 9 -35.43 19.33 -67.56
N VAL A 10 -36.26 20.30 -67.86
CA VAL A 10 -37.23 20.81 -66.90
C VAL A 10 -38.27 21.67 -67.62
N LEU A 11 -39.28 22.11 -66.91
CA LEU A 11 -40.30 22.96 -67.48
C LEU A 11 -40.45 24.22 -66.68
N CYS A 12 -40.88 25.29 -67.34
CA CYS A 12 -41.12 26.54 -66.68
C CYS A 12 -42.24 26.35 -65.67
N PRO A 13 -42.01 26.73 -64.41
CA PRO A 13 -42.98 26.53 -63.34
C PRO A 13 -44.10 27.57 -63.32
N GLN A 14 -44.27 28.27 -64.42
CA GLN A 14 -45.34 29.24 -64.53
C GLN A 14 -46.62 28.54 -65.00
N PRO A 15 -47.76 28.80 -64.34
CA PRO A 15 -49.05 28.18 -64.69
C PRO A 15 -49.49 28.52 -66.13
N GLY A 16 -48.94 29.58 -66.68
CA GLY A 16 -49.27 29.98 -68.03
C GLY A 16 -48.23 29.55 -69.04
N CYS A 17 -47.22 28.82 -68.59
CA CYS A 17 -46.16 28.36 -69.47
C CYS A 17 -46.16 26.85 -69.57
N GLY A 18 -44.98 26.30 -69.75
CA GLY A 18 -44.82 24.88 -69.89
C GLY A 18 -44.35 24.54 -71.28
N MET A 19 -43.71 25.51 -71.94
CA MET A 19 -43.18 25.33 -73.28
C MET A 19 -42.14 24.22 -73.31
N GLY A 20 -41.26 24.25 -72.32
CA GLY A 20 -40.23 23.24 -72.23
C GLY A 20 -38.84 23.84 -72.13
N LEU A 21 -38.08 23.41 -71.14
CA LEU A 21 -36.73 23.90 -70.94
C LEU A 21 -35.73 22.77 -71.10
N LEU A 22 -34.77 23.00 -71.94
CA LEU A 22 -33.75 22.01 -72.20
C LEU A 22 -32.49 22.35 -71.43
N VAL A 23 -32.14 21.50 -70.48
CA VAL A 23 -30.96 21.73 -69.67
C VAL A 23 -29.81 20.85 -70.14
N GLU A 24 -28.73 21.50 -70.53
CA GLU A 24 -27.54 20.80 -70.95
C GLU A 24 -26.72 20.37 -69.74
N PRO A 25 -25.98 19.24 -69.84
CA PRO A 25 -25.16 18.74 -68.74
C PRO A 25 -24.13 19.77 -68.27
N ASP A 26 -23.68 20.62 -69.18
CA ASP A 26 -22.70 21.65 -68.86
C ASP A 26 -23.38 23.02 -68.69
N CYS A 27 -24.68 23.01 -68.54
CA CYS A 27 -25.43 24.23 -68.32
C CYS A 27 -25.84 24.35 -66.86
N ARG A 28 -25.63 25.52 -66.30
CA ARG A 28 -25.99 25.76 -64.92
C ARG A 28 -26.83 27.02 -64.78
N LYS A 29 -27.59 27.33 -65.82
CA LYS A 29 -28.44 28.51 -65.79
C LYS A 29 -29.75 28.23 -66.52
N VAL A 30 -30.81 28.00 -65.77
CA VAL A 30 -32.11 27.74 -66.36
C VAL A 30 -32.96 29.01 -66.38
N THR A 31 -33.42 29.39 -67.55
CA THR A 31 -34.23 30.57 -67.72
C THR A 31 -35.15 30.40 -68.92
N CYS A 32 -36.38 30.89 -68.81
CA CYS A 32 -37.34 30.82 -69.91
C CYS A 32 -37.01 31.90 -70.94
N GLN A 33 -35.83 31.79 -71.53
CA GLN A 33 -35.37 32.76 -72.51
C GLN A 33 -36.26 32.75 -73.75
N ASN A 34 -36.94 31.64 -73.95
CA ASN A 34 -37.83 31.49 -75.09
C ASN A 34 -39.25 31.99 -74.76
N GLY A 35 -39.52 32.22 -73.49
CA GLY A 35 -40.83 32.69 -73.07
C GLY A 35 -40.76 33.68 -71.92
N CYS A 36 -41.45 33.38 -70.83
CA CYS A 36 -41.45 34.23 -69.65
C CYS A 36 -40.16 34.04 -68.88
N GLY A 37 -39.14 34.76 -69.27
CA GLY A 37 -37.82 34.58 -68.75
C GLY A 37 -37.63 35.02 -67.33
N TYR A 38 -37.47 34.04 -66.45
CA TYR A 38 -37.09 34.27 -65.10
C TYR A 38 -36.25 33.10 -64.65
N VAL A 39 -35.27 33.38 -63.82
CA VAL A 39 -34.35 32.35 -63.37
C VAL A 39 -34.91 31.58 -62.19
N PHE A 40 -34.76 30.26 -62.22
CA PHE A 40 -35.23 29.41 -61.15
C PHE A 40 -34.28 28.25 -61.02
N CYS A 41 -34.57 27.31 -60.15
CA CYS A 41 -33.70 26.17 -60.03
C CYS A 41 -34.23 25.05 -60.91
N ARG A 42 -33.40 24.08 -61.20
CA ARG A 42 -33.82 22.99 -62.06
C ARG A 42 -34.50 21.89 -61.24
N ASN A 43 -34.24 21.88 -59.95
CA ASN A 43 -34.82 20.89 -59.07
C ASN A 43 -35.92 21.49 -58.24
N CYS A 44 -35.83 22.80 -58.01
CA CYS A 44 -36.80 23.50 -57.19
C CYS A 44 -37.12 24.87 -57.76
N LEU A 45 -38.00 25.57 -57.11
CA LEU A 45 -38.41 26.89 -57.56
C LEU A 45 -37.85 27.97 -56.65
N GLN A 46 -36.68 27.70 -56.09
CA GLN A 46 -36.02 28.62 -55.16
C GLN A 46 -35.50 29.88 -55.86
N GLY A 47 -35.64 29.94 -57.17
CA GLY A 47 -35.14 31.08 -57.90
C GLY A 47 -33.67 30.93 -58.18
N TYR A 48 -33.24 29.66 -58.26
CA TYR A 48 -31.86 29.26 -58.50
C TYR A 48 -31.00 29.42 -57.26
N HIS A 49 -30.15 28.45 -57.03
CA HIS A 49 -29.23 28.47 -55.90
C HIS A 49 -28.11 27.48 -56.17
N ILE A 50 -27.15 27.43 -55.29
CA ILE A 50 -26.05 26.50 -55.43
C ILE A 50 -26.09 25.49 -54.29
N GLY A 51 -25.97 24.22 -54.62
CA GLY A 51 -25.99 23.19 -53.61
C GLY A 51 -26.96 22.09 -53.94
N GLU A 52 -27.40 21.38 -52.92
CA GLU A 52 -28.32 20.27 -53.10
C GLU A 52 -29.76 20.72 -53.03
N CYS A 53 -30.63 19.90 -53.59
CA CYS A 53 -32.06 20.11 -53.59
C CYS A 53 -32.76 18.94 -54.20
N LEU A 54 -33.92 18.64 -53.70
CA LEU A 54 -34.69 17.53 -54.16
C LEU A 54 -36.16 17.92 -54.15
N PRO A 55 -36.88 17.69 -55.25
CA PRO A 55 -38.30 18.02 -55.34
C PRO A 55 -39.14 17.10 -54.45
N GLU A 56 -40.29 17.62 -54.03
CA GLU A 56 -41.21 16.89 -53.15
C GLU A 56 -40.58 16.63 -51.77
N GLY A 57 -39.57 17.41 -51.43
CA GLY A 57 -38.91 17.25 -50.15
C GLY A 57 -37.65 16.41 -50.25
N THR A 58 -36.64 16.77 -49.47
CA THR A 58 -35.39 16.05 -49.48
C THR A 58 -35.48 14.75 -48.69
N GLY A 59 -36.41 14.71 -47.74
CA GLY A 59 -36.57 13.54 -46.92
C GLY A 59 -35.51 13.43 -45.87
N ALA A 60 -35.04 14.58 -45.39
CA ALA A 60 -34.02 14.62 -44.37
C ALA A 60 -34.51 15.39 -43.16
N SER A 61 -34.80 14.68 -42.09
CA SER A 61 -35.28 15.29 -40.87
C SER A 61 -34.14 15.44 -39.87
N ALA A 62 -33.24 14.48 -39.87
CA ALA A 62 -32.11 14.48 -38.97
C ALA A 62 -30.97 13.68 -39.59
N THR A 63 -29.82 13.65 -38.94
CA THR A 63 -28.71 12.89 -39.44
C THR A 63 -27.84 12.37 -38.28
N ASN A 64 -26.86 13.16 -37.86
CA ASN A 64 -25.98 12.75 -36.76
C ASN A 64 -25.56 13.93 -35.92
N SER A 65 -25.57 13.75 -34.62
CA SER A 65 -25.17 14.78 -33.69
C SER A 65 -24.98 14.16 -32.29
N CYS A 66 -23.73 13.85 -31.97
CA CYS A 66 -23.39 13.28 -30.69
C CYS A 66 -21.90 13.48 -30.39
N GLU A 67 -21.62 14.11 -29.26
CA GLU A 67 -20.24 14.37 -28.87
C GLU A 67 -20.09 14.18 -27.37
N TYR A 68 -19.33 13.17 -26.97
CA TYR A 68 -19.11 12.90 -25.56
C TYR A 68 -17.91 11.97 -25.37
N THR A 69 -17.01 12.35 -24.48
CA THR A 69 -15.84 11.55 -24.21
C THR A 69 -15.74 11.26 -22.70
N VAL A 70 -15.22 10.09 -22.36
CA VAL A 70 -15.10 9.68 -20.97
C VAL A 70 -13.65 9.40 -20.59
N ASP A 71 -13.36 9.48 -19.30
CA ASP A 71 -12.02 9.18 -18.79
C ASP A 71 -11.98 7.82 -18.15
N PRO A 72 -10.86 7.10 -18.27
CA PRO A 72 -10.68 5.79 -17.67
C PRO A 72 -10.20 5.89 -16.22
N ASN A 73 -9.77 4.77 -15.65
CA ASN A 73 -9.27 4.74 -14.29
C ASN A 73 -7.80 4.32 -14.26
N ARG A 74 -7.55 3.05 -14.55
CA ARG A 74 -6.18 2.49 -14.59
C ARG A 74 -5.48 2.61 -13.23
N ALA A 75 -6.25 2.62 -12.15
CA ALA A 75 -5.68 2.74 -10.83
C ALA A 75 -6.08 1.57 -9.94
N ALA A 76 -5.10 0.81 -9.50
CA ALA A 76 -5.35 -0.34 -8.65
C ALA A 76 -4.20 -0.51 -7.67
N GLU A 77 -4.40 -1.36 -6.68
CA GLU A 77 -3.40 -1.61 -5.66
C GLU A 77 -3.05 -3.08 -5.59
N ALA A 78 -1.86 -3.38 -5.11
CA ALA A 78 -1.41 -4.76 -5.00
C ALA A 78 -0.49 -4.92 -3.79
N ARG A 79 -0.74 -5.96 -3.00
CA ARG A 79 0.07 -6.24 -1.83
C ARG A 79 0.09 -7.74 -1.56
N TRP A 80 1.02 -8.17 -0.71
CA TRP A 80 1.16 -9.58 -0.37
C TRP A 80 2.10 -9.77 0.80
N ASP A 81 1.67 -10.55 1.78
CA ASP A 81 2.49 -10.86 2.94
C ASP A 81 3.00 -12.28 2.83
N GLU A 82 4.30 -12.45 3.02
CA GLU A 82 4.95 -13.74 2.84
C GLU A 82 4.49 -14.79 3.84
N ALA A 83 4.86 -14.62 5.10
CA ALA A 83 4.50 -15.58 6.13
C ALA A 83 4.81 -15.06 7.52
N SER A 84 4.47 -15.83 8.54
CA SER A 84 4.73 -15.45 9.90
C SER A 84 4.96 -16.69 10.76
N ASN A 85 5.84 -16.56 11.75
CA ASN A 85 6.18 -17.64 12.70
C ASN A 85 7.03 -18.74 12.04
N VAL A 86 8.24 -18.91 12.55
CA VAL A 86 9.15 -19.94 12.05
C VAL A 86 9.70 -20.77 13.21
N THR A 87 9.23 -21.98 13.35
CA THR A 87 9.68 -22.86 14.40
C THR A 87 10.68 -23.87 13.84
N ILE A 88 11.90 -23.84 14.37
CA ILE A 88 12.94 -24.74 13.90
C ILE A 88 13.28 -25.76 14.99
N LYS A 89 13.49 -27.00 14.58
CA LYS A 89 13.81 -28.06 15.51
C LYS A 89 15.16 -28.69 15.17
N VAL A 90 15.75 -29.36 16.14
CA VAL A 90 17.01 -30.03 15.94
C VAL A 90 16.83 -31.54 16.14
N SER A 91 17.21 -32.30 15.14
CA SER A 91 17.08 -33.75 15.17
C SER A 91 18.45 -34.43 15.09
N THR A 92 19.48 -33.62 14.94
CA THR A 92 20.81 -34.12 14.77
C THR A 92 21.68 -33.97 16.02
N LYS A 93 22.60 -34.89 16.18
CA LYS A 93 23.61 -34.84 17.23
C LYS A 93 24.98 -34.67 16.60
N PRO A 94 25.86 -33.86 17.22
CA PRO A 94 27.19 -33.60 16.68
C PRO A 94 28.10 -34.84 16.71
N CYS A 95 28.71 -35.14 15.57
CA CYS A 95 29.65 -36.25 15.46
C CYS A 95 30.81 -36.09 16.43
N PRO A 96 31.25 -37.18 17.05
CA PRO A 96 32.37 -37.14 17.98
C PRO A 96 33.70 -36.86 17.26
N LYS A 97 33.71 -37.04 15.94
CA LYS A 97 34.93 -36.85 15.17
C LYS A 97 34.93 -35.50 14.45
N CYS A 98 34.03 -35.32 13.48
CA CYS A 98 33.99 -34.08 12.70
C CYS A 98 33.03 -33.06 13.27
N ARG A 99 32.21 -33.50 14.24
CA ARG A 99 31.23 -32.62 14.92
C ARG A 99 30.09 -32.22 13.99
N THR A 100 29.88 -32.98 12.93
CA THR A 100 28.81 -32.68 12.00
C THR A 100 27.47 -33.20 12.51
N PRO A 101 26.36 -32.52 12.17
CA PRO A 101 25.03 -32.91 12.61
C PRO A 101 24.60 -34.26 12.04
N THR A 102 24.66 -35.29 12.86
CA THR A 102 24.28 -36.62 12.48
C THR A 102 22.82 -36.90 12.90
N GLU A 103 21.99 -37.25 11.93
CA GLU A 103 20.60 -37.56 12.21
C GLU A 103 20.42 -39.07 12.37
N ARG A 104 19.37 -39.47 13.07
CA ARG A 104 19.13 -40.88 13.32
C ARG A 104 18.25 -41.49 12.24
N ASP A 105 18.34 -42.78 12.07
CA ASP A 105 17.54 -43.48 11.08
C ASP A 105 16.54 -44.39 11.76
N GLY A 106 15.27 -43.99 11.71
CA GLY A 106 14.21 -44.74 12.36
C GLY A 106 14.12 -46.17 11.87
N GLY A 107 14.19 -47.10 12.81
CA GLY A 107 14.10 -48.51 12.46
C GLY A 107 15.36 -49.26 12.82
N CYS A 108 16.42 -48.54 13.12
CA CYS A 108 17.68 -49.14 13.46
C CYS A 108 18.39 -48.37 14.57
N MET A 109 19.04 -49.07 15.47
CA MET A 109 19.74 -48.45 16.58
C MET A 109 21.22 -48.33 16.31
N HIS A 110 21.55 -48.20 15.04
CA HIS A 110 22.91 -47.95 14.63
C HIS A 110 22.96 -46.68 13.80
N MET A 111 23.96 -45.86 14.02
CA MET A 111 24.13 -44.66 13.23
C MET A 111 25.60 -44.40 12.99
N VAL A 112 25.95 -44.27 11.73
CA VAL A 112 27.32 -44.01 11.37
C VAL A 112 27.42 -42.64 10.74
N CYS A 113 28.56 -42.00 10.87
CA CYS A 113 28.72 -40.69 10.32
C CYS A 113 29.15 -40.74 8.88
N THR A 114 28.20 -40.53 7.99
CA THR A 114 28.51 -40.46 6.60
C THR A 114 28.88 -39.03 6.26
N ARG A 115 30.16 -38.75 6.32
CA ARG A 115 30.68 -37.43 6.07
C ARG A 115 31.79 -37.55 5.04
N ALA A 116 31.93 -36.53 4.19
CA ALA A 116 32.95 -36.53 3.14
C ALA A 116 34.34 -36.87 3.68
N GLY A 117 34.70 -36.28 4.82
CA GLY A 117 35.97 -36.58 5.42
C GLY A 117 35.84 -37.05 6.86
N CYS A 118 35.15 -38.18 7.06
CA CYS A 118 34.99 -38.76 8.39
C CYS A 118 34.83 -40.28 8.30
N GLY A 119 33.58 -40.73 8.18
CA GLY A 119 33.31 -42.15 8.10
C GLY A 119 33.50 -42.84 9.44
N PHE A 120 33.09 -42.16 10.50
CA PHE A 120 33.25 -42.69 11.85
C PHE A 120 31.95 -43.31 12.34
N GLU A 121 31.99 -44.61 12.63
CA GLU A 121 30.83 -45.31 13.14
C GLU A 121 30.81 -45.29 14.66
N TRP A 122 29.63 -45.11 15.22
CA TRP A 122 29.45 -45.11 16.66
C TRP A 122 28.07 -45.66 17.03
N CYS A 123 27.96 -46.19 18.24
CA CYS A 123 26.72 -46.80 18.70
C CYS A 123 25.67 -45.74 19.01
N TRP A 124 24.45 -46.03 18.63
CA TRP A 124 23.34 -45.12 18.86
C TRP A 124 22.90 -45.11 20.31
N VAL A 125 22.65 -46.30 20.86
CA VAL A 125 22.16 -46.43 22.22
C VAL A 125 23.18 -45.87 23.23
N CYS A 126 24.40 -46.31 23.13
CA CYS A 126 25.47 -45.79 23.94
C CYS A 126 26.55 -45.22 23.06
N GLN A 127 26.64 -43.90 23.01
CA GLN A 127 27.56 -43.26 22.11
C GLN A 127 28.99 -43.39 22.59
N THR A 128 29.74 -44.17 21.84
CA THR A 128 31.14 -44.42 22.11
C THR A 128 31.82 -44.80 20.80
N GLU A 129 33.12 -44.87 20.80
CA GLU A 129 33.84 -45.26 19.62
C GLU A 129 33.78 -46.77 19.44
N TRP A 130 33.68 -47.22 18.20
CA TRP A 130 33.60 -48.64 17.90
C TRP A 130 34.86 -49.36 18.39
N THR A 131 34.71 -50.06 19.48
CA THR A 131 35.82 -50.78 20.10
C THR A 131 35.38 -52.18 20.50
N ARG A 132 36.15 -52.83 21.36
CA ARG A 132 35.80 -54.18 21.79
C ARG A 132 34.74 -54.13 22.90
N ASP A 133 34.65 -52.99 23.59
CA ASP A 133 33.66 -52.82 24.65
C ASP A 133 32.26 -52.92 24.08
N CYS A 134 31.94 -52.04 23.15
CA CYS A 134 30.68 -52.10 22.44
C CYS A 134 30.98 -52.25 20.97
N MET A 135 31.22 -53.49 20.55
CA MET A 135 31.52 -53.78 19.17
C MET A 135 30.23 -54.01 18.40
N GLY A 136 29.13 -53.79 19.09
CA GLY A 136 27.84 -54.00 18.52
C GLY A 136 27.06 -55.05 19.25
N ALA A 137 27.19 -55.07 20.58
CA ALA A 137 26.49 -56.04 21.42
C ALA A 137 24.99 -55.93 21.21
N HIS A 138 24.51 -54.72 21.07
CA HIS A 138 23.09 -54.46 20.82
C HIS A 138 22.92 -53.74 19.48
N TRP A 139 23.73 -54.14 18.51
CA TRP A 139 23.73 -53.54 17.18
C TRP A 139 22.63 -54.16 16.32
N PHE A 140 21.44 -54.30 16.89
CA PHE A 140 20.32 -54.89 16.18
C PHE A 140 19.01 -54.27 16.60
N GLY A 141 18.27 -53.76 15.63
CA GLY A 141 16.99 -53.15 15.90
C GLY A 141 15.86 -54.12 15.69
N GLU A 1 -14.37 52.13 -57.48
CA GLU A 1 -14.12 50.72 -57.15
C GLU A 1 -12.97 50.17 -57.98
N GLU A 2 -11.77 50.26 -57.45
CA GLU A 2 -10.59 49.78 -58.14
C GLU A 2 -10.44 48.27 -57.95
N TYR A 3 -9.96 47.59 -58.98
CA TYR A 3 -9.79 46.15 -58.93
C TYR A 3 -8.60 45.76 -58.04
N VAL A 4 -8.52 44.49 -57.71
CA VAL A 4 -7.45 43.98 -56.88
C VAL A 4 -7.14 42.53 -57.22
N LEU A 5 -5.86 42.21 -57.29
CA LEU A 5 -5.41 40.86 -57.57
C LEU A 5 -3.95 40.69 -57.18
N GLN A 6 -3.60 39.50 -56.74
CA GLN A 6 -2.23 39.21 -56.36
C GLN A 6 -1.63 38.21 -57.34
N ALA A 7 -0.78 38.69 -58.22
CA ALA A 7 -0.12 37.84 -59.18
C ALA A 7 1.38 38.00 -59.07
N GLY A 8 1.93 37.50 -57.99
CA GLY A 8 3.36 37.60 -57.77
C GLY A 8 4.09 36.43 -58.38
N GLY A 9 3.40 35.31 -58.50
CA GLY A 9 4.00 34.13 -59.06
C GLY A 9 2.98 33.14 -59.56
N VAL A 10 3.41 31.92 -59.75
CA VAL A 10 2.56 30.86 -60.25
C VAL A 10 2.93 29.55 -59.53
N LEU A 11 2.22 28.48 -59.82
CA LEU A 11 2.48 27.20 -59.18
C LEU A 11 2.58 26.10 -60.21
N CYS A 12 3.43 25.13 -59.92
CA CYS A 12 3.58 23.97 -60.77
C CYS A 12 2.29 23.16 -60.73
N PRO A 13 1.79 22.75 -61.89
CA PRO A 13 0.52 22.02 -62.00
C PRO A 13 0.62 20.58 -61.50
N GLN A 14 1.82 20.13 -61.19
CA GLN A 14 1.98 18.78 -60.68
C GLN A 14 1.47 18.69 -59.25
N PRO A 15 0.52 17.77 -58.98
CA PRO A 15 -0.07 17.59 -57.65
C PRO A 15 0.99 17.35 -56.57
N GLY A 16 2.07 16.72 -56.96
CA GLY A 16 3.14 16.44 -56.01
C GLY A 16 4.03 17.63 -55.76
N CYS A 17 3.97 18.62 -56.64
CA CYS A 17 4.79 19.80 -56.49
C CYS A 17 4.09 20.85 -55.64
N GLY A 18 3.44 21.80 -56.31
CA GLY A 18 2.79 22.90 -55.61
C GLY A 18 3.79 23.72 -54.83
N MET A 19 5.07 23.60 -55.22
CA MET A 19 6.16 24.27 -54.55
C MET A 19 6.07 25.79 -54.71
N GLY A 20 6.24 26.27 -55.92
CA GLY A 20 6.18 27.69 -56.16
C GLY A 20 7.10 28.13 -57.25
N LEU A 21 6.53 28.76 -58.27
CA LEU A 21 7.30 29.26 -59.38
C LEU A 21 7.17 30.76 -59.49
N LEU A 22 8.27 31.41 -59.71
CA LEU A 22 8.29 32.85 -59.81
C LEU A 22 8.23 33.28 -61.26
N VAL A 23 7.20 34.00 -61.61
CA VAL A 23 7.07 34.48 -62.96
C VAL A 23 7.75 35.82 -63.10
N GLU A 24 8.97 35.79 -63.60
CA GLU A 24 9.70 37.01 -63.85
C GLU A 24 9.00 37.81 -64.95
N PRO A 25 8.95 39.14 -64.81
CA PRO A 25 8.34 40.02 -65.84
C PRO A 25 8.90 39.76 -67.24
N ASP A 26 10.08 39.15 -67.31
CA ASP A 26 10.72 38.84 -68.57
C ASP A 26 10.83 37.33 -68.78
N CYS A 27 9.95 36.58 -68.11
CA CYS A 27 9.95 35.13 -68.22
C CYS A 27 9.45 34.70 -69.58
N ARG A 28 10.34 34.16 -70.38
CA ARG A 28 10.04 33.72 -71.72
C ARG A 28 9.44 32.31 -71.71
N LYS A 29 9.99 31.46 -70.87
CA LYS A 29 9.57 30.09 -70.81
C LYS A 29 9.52 29.62 -69.37
N VAL A 30 8.33 29.43 -68.83
CA VAL A 30 8.18 28.97 -67.47
C VAL A 30 8.32 27.46 -67.39
N THR A 31 9.18 27.01 -66.51
CA THR A 31 9.41 25.61 -66.30
C THR A 31 9.88 25.36 -64.88
N CYS A 32 9.47 24.24 -64.29
CA CYS A 32 9.91 23.89 -62.96
C CYS A 32 11.35 23.39 -63.00
N GLN A 33 12.26 24.25 -63.45
CA GLN A 33 13.67 23.91 -63.57
C GLN A 33 14.30 23.74 -62.19
N ASN A 34 13.52 24.10 -61.19
CA ASN A 34 13.93 23.99 -59.80
C ASN A 34 13.27 22.79 -59.14
N GLY A 35 12.46 22.06 -59.91
CA GLY A 35 11.77 20.91 -59.38
C GLY A 35 11.41 19.94 -60.48
N CYS A 36 10.14 19.61 -60.57
CA CYS A 36 9.64 18.73 -61.61
C CYS A 36 9.33 19.53 -62.87
N GLY A 37 10.25 19.51 -63.81
CA GLY A 37 10.16 20.35 -64.97
C GLY A 37 9.04 19.98 -65.92
N TYR A 38 8.06 20.85 -65.97
CA TYR A 38 6.93 20.74 -66.87
C TYR A 38 6.58 22.13 -67.38
N VAL A 39 6.17 22.23 -68.62
CA VAL A 39 5.82 23.51 -69.20
C VAL A 39 4.35 23.84 -68.95
N PHE A 40 4.09 25.01 -68.43
CA PHE A 40 2.74 25.44 -68.16
C PHE A 40 2.62 26.92 -68.44
N CYS A 41 1.48 27.52 -68.17
CA CYS A 41 1.32 28.92 -68.46
C CYS A 41 1.95 29.75 -67.35
N ARG A 42 2.09 31.02 -67.57
CA ARG A 42 2.67 31.88 -66.57
C ARG A 42 1.59 32.66 -65.85
N ASN A 43 0.39 32.65 -66.42
CA ASN A 43 -0.75 33.30 -65.82
C ASN A 43 -1.65 32.27 -65.20
N CYS A 44 -1.58 31.06 -65.76
CA CYS A 44 -2.39 29.95 -65.30
C CYS A 44 -1.62 28.65 -65.42
N LEU A 45 -2.32 27.54 -65.35
CA LEU A 45 -1.69 26.23 -65.42
C LEU A 45 -2.17 25.47 -66.66
N GLN A 46 -2.55 26.21 -67.69
CA GLN A 46 -3.12 25.61 -68.91
C GLN A 46 -2.06 25.18 -69.95
N GLY A 47 -0.89 24.76 -69.47
CA GLY A 47 0.14 24.21 -70.37
C GLY A 47 0.79 25.23 -71.28
N TYR A 48 0.65 26.51 -70.90
CA TYR A 48 1.22 27.64 -71.66
C TYR A 48 0.49 27.81 -72.99
N HIS A 49 -0.07 28.97 -73.21
CA HIS A 49 -0.83 29.22 -74.41
C HIS A 49 -0.68 30.65 -74.86
N ILE A 50 -1.40 31.01 -75.91
CA ILE A 50 -1.41 32.35 -76.42
C ILE A 50 -2.80 32.95 -76.19
N GLY A 51 -2.86 34.26 -76.08
CA GLY A 51 -4.13 34.91 -75.87
C GLY A 51 -4.35 35.26 -74.42
N GLU A 52 -5.60 35.21 -74.01
CA GLU A 52 -5.96 35.53 -72.63
C GLU A 52 -6.20 34.26 -71.82
N CYS A 53 -6.00 34.36 -70.52
CA CYS A 53 -6.18 33.23 -69.63
C CYS A 53 -7.49 33.35 -68.88
N LEU A 54 -7.94 32.25 -68.32
CA LEU A 54 -9.16 32.24 -67.55
C LEU A 54 -8.87 31.91 -66.09
N PRO A 55 -9.64 32.49 -65.17
CA PRO A 55 -9.44 32.27 -63.75
C PRO A 55 -10.20 31.05 -63.24
N GLU A 56 -9.81 30.57 -62.09
CA GLU A 56 -10.45 29.42 -61.49
C GLU A 56 -11.48 29.86 -60.45
N GLY A 57 -11.08 30.77 -59.59
CA GLY A 57 -11.98 31.27 -58.59
C GLY A 57 -11.29 31.47 -57.25
N THR A 58 -11.88 30.92 -56.20
CA THR A 58 -11.34 31.05 -54.87
C THR A 58 -10.89 29.68 -54.35
N GLY A 59 -10.17 29.68 -53.26
CA GLY A 59 -9.70 28.43 -52.69
C GLY A 59 -9.92 28.36 -51.20
N ALA A 60 -9.12 29.14 -50.46
CA ALA A 60 -9.17 29.19 -49.00
C ALA A 60 -8.93 27.82 -48.38
N SER A 61 -7.66 27.46 -48.29
CA SER A 61 -7.28 26.18 -47.72
C SER A 61 -7.19 26.29 -46.21
N ALA A 62 -7.29 25.16 -45.53
CA ALA A 62 -7.24 25.11 -44.09
C ALA A 62 -6.30 23.99 -43.65
N THR A 63 -6.06 23.88 -42.36
CA THR A 63 -5.19 22.85 -41.85
C THR A 63 -5.87 22.11 -40.69
N ASN A 64 -5.58 20.83 -40.56
CA ASN A 64 -6.15 20.02 -39.51
C ASN A 64 -5.15 19.82 -38.40
N SER A 65 -5.53 20.15 -37.19
CA SER A 65 -4.64 20.04 -36.07
C SER A 65 -5.42 19.71 -34.78
N CYS A 66 -4.86 18.83 -33.98
CA CYS A 66 -5.47 18.42 -32.72
C CYS A 66 -4.39 17.94 -31.76
N GLU A 67 -4.69 17.94 -30.48
CA GLU A 67 -3.75 17.51 -29.47
C GLU A 67 -3.87 16.02 -29.19
N TYR A 68 -3.12 15.55 -28.22
CA TYR A 68 -3.12 14.15 -27.82
C TYR A 68 -3.24 14.04 -26.30
N THR A 69 -4.12 13.16 -25.85
CA THR A 69 -4.31 12.96 -24.42
C THR A 69 -3.51 11.74 -23.95
N VAL A 70 -2.90 11.85 -22.78
CA VAL A 70 -2.08 10.78 -22.24
C VAL A 70 -2.76 10.07 -21.07
N ASP A 71 -2.47 8.80 -20.91
CA ASP A 71 -3.01 8.01 -19.82
C ASP A 71 -1.91 7.66 -18.84
N PRO A 72 -2.22 7.59 -17.54
CA PRO A 72 -1.26 7.15 -16.53
C PRO A 72 -0.96 5.65 -16.70
N ASN A 73 0.13 5.19 -16.12
CA ASN A 73 0.50 3.78 -16.25
C ASN A 73 -0.39 2.89 -15.40
N ARG A 74 -0.05 2.75 -14.12
CA ARG A 74 -0.81 1.90 -13.21
C ARG A 74 -0.33 2.07 -11.77
N ALA A 75 -0.97 1.37 -10.85
CA ALA A 75 -0.62 1.44 -9.45
C ALA A 75 0.11 0.19 -8.99
N ALA A 76 0.73 0.27 -7.83
CA ALA A 76 1.43 -0.87 -7.27
C ALA A 76 0.98 -1.10 -5.83
N GLU A 77 0.57 -2.32 -5.54
CA GLU A 77 0.12 -2.67 -4.22
C GLU A 77 1.28 -2.74 -3.24
N ALA A 78 0.97 -2.63 -1.96
CA ALA A 78 1.98 -2.68 -0.92
C ALA A 78 1.92 -4.00 -0.18
N ARG A 79 3.05 -4.45 0.31
CA ARG A 79 3.12 -5.70 1.03
C ARG A 79 4.00 -5.55 2.27
N TRP A 80 3.96 -6.53 3.15
CA TRP A 80 4.74 -6.49 4.37
C TRP A 80 5.51 -7.79 4.56
N ASP A 81 6.39 -7.81 5.55
CA ASP A 81 7.19 -8.99 5.86
C ASP A 81 6.31 -10.04 6.53
N GLU A 82 6.18 -11.18 5.88
CA GLU A 82 5.32 -12.24 6.35
C GLU A 82 6.12 -13.34 7.05
N ALA A 83 7.43 -13.33 6.87
CA ALA A 83 8.29 -14.33 7.47
C ALA A 83 8.71 -13.91 8.88
N SER A 84 8.91 -14.88 9.73
CA SER A 84 9.30 -14.63 11.10
C SER A 84 10.09 -15.80 11.63
N ASN A 85 11.06 -15.51 12.48
CA ASN A 85 11.92 -16.55 13.06
C ASN A 85 11.13 -17.52 13.90
N VAL A 86 11.14 -18.78 13.50
CA VAL A 86 10.43 -19.81 14.24
C VAL A 86 11.39 -20.61 15.12
N THR A 87 10.99 -20.85 16.35
CA THR A 87 11.81 -21.59 17.29
C THR A 87 11.79 -23.08 16.93
N ILE A 88 12.93 -23.57 16.48
CA ILE A 88 13.05 -24.95 16.07
C ILE A 88 13.90 -25.77 17.04
N LYS A 89 13.95 -27.06 16.81
CA LYS A 89 14.72 -27.98 17.62
C LYS A 89 15.71 -28.72 16.75
N VAL A 90 16.88 -29.00 17.27
CA VAL A 90 17.89 -29.71 16.51
C VAL A 90 17.71 -31.23 16.64
N SER A 91 17.27 -31.84 15.57
CA SER A 91 17.04 -33.27 15.56
C SER A 91 18.34 -34.04 15.32
N THR A 92 19.27 -33.43 14.60
CA THR A 92 20.52 -34.07 14.30
C THR A 92 21.49 -34.05 15.46
N LYS A 93 22.33 -35.05 15.52
CA LYS A 93 23.32 -35.17 16.56
C LYS A 93 24.67 -34.70 16.02
N PRO A 94 25.51 -34.11 16.87
CA PRO A 94 26.83 -33.65 16.45
C PRO A 94 27.85 -34.78 16.44
N CYS A 95 28.56 -34.92 15.33
CA CYS A 95 29.59 -35.93 15.21
C CYS A 95 30.76 -35.62 16.16
N PRO A 96 31.34 -36.64 16.78
CA PRO A 96 32.49 -36.46 17.67
C PRO A 96 33.74 -36.01 16.93
N LYS A 97 33.77 -36.22 15.62
CA LYS A 97 34.92 -35.83 14.82
C LYS A 97 34.68 -34.56 14.03
N CYS A 98 33.88 -34.64 12.97
CA CYS A 98 33.62 -33.48 12.12
C CYS A 98 32.58 -32.55 12.76
N ARG A 99 31.83 -33.08 13.73
CA ARG A 99 30.82 -32.31 14.47
C ARG A 99 29.73 -31.84 13.54
N THR A 100 29.43 -32.64 12.55
CA THR A 100 28.43 -32.33 11.58
C THR A 100 27.07 -32.87 12.01
N PRO A 101 25.97 -32.25 11.53
CA PRO A 101 24.61 -32.68 11.85
C PRO A 101 24.31 -34.07 11.28
N THR A 102 24.18 -35.05 12.14
CA THR A 102 23.92 -36.40 11.73
C THR A 102 22.73 -37.01 12.50
N GLU A 103 21.72 -37.46 11.78
CA GLU A 103 20.58 -38.12 12.40
C GLU A 103 20.23 -39.37 11.63
N ARG A 104 19.84 -40.40 12.35
CA ARG A 104 19.45 -41.63 11.74
C ARG A 104 17.97 -41.87 11.90
N ASP A 105 17.24 -41.70 10.84
CA ASP A 105 15.81 -41.96 10.85
C ASP A 105 15.53 -43.40 10.46
N GLY A 106 15.23 -44.21 11.46
CA GLY A 106 14.96 -45.61 11.22
C GLY A 106 16.24 -46.44 11.09
N GLY A 107 16.16 -47.69 11.49
CA GLY A 107 17.31 -48.56 11.38
C GLY A 107 17.70 -49.16 12.71
N CYS A 108 18.89 -49.71 12.76
CA CYS A 108 19.38 -50.37 13.96
C CYS A 108 19.97 -49.32 14.94
N MET A 109 20.53 -49.81 16.03
CA MET A 109 21.13 -48.96 17.06
C MET A 109 22.54 -48.51 16.65
N HIS A 110 22.65 -47.99 15.43
CA HIS A 110 23.93 -47.55 14.91
C HIS A 110 23.90 -46.06 14.57
N MET A 111 24.99 -45.37 14.88
CA MET A 111 25.13 -43.96 14.53
C MET A 111 26.35 -43.80 13.63
N VAL A 112 26.18 -44.09 12.37
CA VAL A 112 27.27 -43.98 11.42
C VAL A 112 27.25 -42.63 10.73
N CYS A 113 28.29 -41.86 10.94
CA CYS A 113 28.38 -40.55 10.34
C CYS A 113 28.84 -40.65 8.90
N THR A 114 27.90 -40.58 7.99
CA THR A 114 28.25 -40.61 6.59
C THR A 114 28.66 -39.22 6.16
N ARG A 115 29.94 -38.96 6.30
CA ARG A 115 30.51 -37.67 5.95
C ARG A 115 31.75 -37.89 5.11
N ALA A 116 31.90 -37.13 4.05
CA ALA A 116 33.07 -37.23 3.21
C ALA A 116 34.32 -36.81 3.99
N GLY A 117 35.12 -37.78 4.37
CA GLY A 117 36.32 -37.50 5.12
C GLY A 117 36.20 -37.91 6.59
N CYS A 118 35.03 -38.43 6.95
CA CYS A 118 34.79 -38.87 8.32
C CYS A 118 34.70 -40.38 8.37
N GLY A 119 33.49 -40.90 8.23
CA GLY A 119 33.28 -42.32 8.26
C GLY A 119 33.42 -42.89 9.65
N PHE A 120 33.12 -42.08 10.65
CA PHE A 120 33.19 -42.53 12.03
C PHE A 120 31.82 -42.95 12.51
N GLU A 121 31.76 -44.12 13.11
CA GLU A 121 30.51 -44.64 13.60
C GLU A 121 30.54 -44.81 15.11
N TRP A 122 29.46 -44.41 15.74
CA TRP A 122 29.33 -44.50 17.19
C TRP A 122 28.00 -45.12 17.56
N CYS A 123 27.78 -45.30 18.84
CA CYS A 123 26.59 -45.98 19.32
C CYS A 123 25.37 -45.07 19.38
N TRP A 124 24.23 -45.65 19.03
CA TRP A 124 22.96 -44.96 19.04
C TRP A 124 22.42 -44.82 20.47
N VAL A 125 22.26 -45.95 21.15
CA VAL A 125 21.72 -45.96 22.50
C VAL A 125 22.69 -45.36 23.52
N CYS A 126 23.86 -45.96 23.66
CA CYS A 126 24.87 -45.43 24.55
C CYS A 126 25.80 -44.55 23.75
N GLN A 127 26.65 -43.83 24.41
CA GLN A 127 27.61 -43.04 23.69
C GLN A 127 28.97 -43.62 23.91
N THR A 128 29.50 -44.22 22.87
CA THR A 128 30.80 -44.85 22.90
C THR A 128 31.37 -44.89 21.50
N GLU A 129 32.66 -45.05 21.41
CA GLU A 129 33.31 -45.19 20.12
C GLU A 129 33.23 -46.64 19.68
N TRP A 130 33.19 -46.88 18.37
CA TRP A 130 33.10 -48.24 17.85
C TRP A 130 34.25 -49.10 18.37
N THR A 131 33.92 -50.01 19.27
CA THR A 131 34.92 -50.85 19.88
C THR A 131 34.48 -52.31 19.88
N ARG A 132 35.30 -53.17 20.45
CA ARG A 132 35.03 -54.60 20.52
C ARG A 132 33.88 -54.90 21.49
N ASP A 133 33.65 -53.98 22.43
CA ASP A 133 32.59 -54.16 23.42
C ASP A 133 31.23 -53.91 22.81
N CYS A 134 31.07 -52.76 22.19
CA CYS A 134 29.82 -52.39 21.54
C CYS A 134 29.75 -52.97 20.13
N MET A 135 30.71 -53.81 19.78
CA MET A 135 30.81 -54.41 18.46
C MET A 135 29.53 -55.11 18.05
N GLY A 136 29.05 -56.01 18.89
CA GLY A 136 27.83 -56.73 18.58
C GLY A 136 26.91 -56.87 19.77
N ALA A 137 27.33 -56.34 20.91
CA ALA A 137 26.53 -56.42 22.14
C ALA A 137 25.15 -55.78 21.96
N HIS A 138 25.14 -54.48 21.73
CA HIS A 138 23.89 -53.75 21.54
C HIS A 138 23.77 -53.23 20.13
N TRP A 139 24.84 -53.41 19.35
CA TRP A 139 24.88 -52.92 17.98
C TRP A 139 23.91 -53.70 17.11
N PHE A 140 23.66 -54.95 17.48
CA PHE A 140 22.73 -55.79 16.77
C PHE A 140 21.37 -55.76 17.47
N GLY A 141 20.42 -55.07 16.86
CA GLY A 141 19.09 -54.98 17.43
C GLY A 141 18.08 -55.73 16.61
N GLU A 1 3.00 118.38 -18.80
CA GLU A 1 4.05 118.30 -19.84
C GLU A 1 4.88 117.04 -19.66
N GLU A 2 4.72 116.38 -18.52
CA GLU A 2 5.44 115.14 -18.25
C GLU A 2 4.94 114.02 -19.18
N TYR A 3 5.86 113.20 -19.63
CA TYR A 3 5.54 112.14 -20.54
C TYR A 3 5.15 110.87 -19.80
N VAL A 4 3.85 110.69 -19.66
CA VAL A 4 3.32 109.52 -18.98
C VAL A 4 2.60 108.63 -20.00
N LEU A 5 3.30 107.61 -20.48
CA LEU A 5 2.74 106.71 -21.47
C LEU A 5 3.27 105.30 -21.28
N GLN A 6 2.74 104.36 -22.06
CA GLN A 6 3.17 102.98 -21.98
C GLN A 6 3.41 102.41 -23.39
N ALA A 7 4.31 101.44 -23.47
CA ALA A 7 4.65 100.83 -24.74
C ALA A 7 4.26 99.36 -24.77
N GLY A 8 3.16 99.03 -24.09
CA GLY A 8 2.70 97.66 -24.04
C GLY A 8 1.91 97.31 -25.29
N GLY A 9 2.44 96.41 -26.09
CA GLY A 9 1.76 96.04 -27.30
C GLY A 9 2.09 94.65 -27.77
N VAL A 10 1.58 94.32 -28.93
CA VAL A 10 1.79 93.05 -29.56
C VAL A 10 2.26 93.33 -31.00
N LEU A 11 2.60 92.30 -31.73
CA LEU A 11 3.10 92.50 -33.09
C LEU A 11 2.39 91.59 -34.07
N CYS A 12 2.32 92.07 -35.31
CA CYS A 12 1.74 91.32 -36.41
C CYS A 12 2.47 89.99 -36.55
N PRO A 13 1.74 88.90 -36.86
CA PRO A 13 2.29 87.54 -36.95
C PRO A 13 3.36 87.37 -38.04
N GLN A 14 3.51 88.35 -38.91
CA GLN A 14 4.48 88.22 -39.99
C GLN A 14 5.67 89.18 -39.81
N PRO A 15 6.90 88.67 -40.05
CA PRO A 15 8.14 89.47 -39.91
C PRO A 15 8.27 90.52 -41.01
N GLY A 16 7.55 90.33 -42.11
CA GLY A 16 7.58 91.30 -43.20
C GLY A 16 6.88 92.58 -42.80
N CYS A 17 6.07 92.48 -41.75
CA CYS A 17 5.35 93.62 -41.23
C CYS A 17 6.20 94.39 -40.24
N GLY A 18 6.21 93.91 -39.00
CA GLY A 18 6.97 94.57 -37.95
C GLY A 18 6.49 95.98 -37.70
N MET A 19 5.21 96.23 -37.98
CA MET A 19 4.63 97.55 -37.83
C MET A 19 4.37 97.88 -36.35
N GLY A 20 3.91 96.89 -35.60
CA GLY A 20 3.70 97.10 -34.18
C GLY A 20 2.26 97.41 -33.83
N LEU A 21 1.67 96.59 -33.00
CA LEU A 21 0.29 96.77 -32.60
C LEU A 21 0.21 97.17 -31.13
N LEU A 22 -0.16 98.38 -30.90
CA LEU A 22 -0.26 98.90 -29.54
C LEU A 22 -1.64 98.61 -28.97
N VAL A 23 -1.70 97.75 -27.97
CA VAL A 23 -2.97 97.42 -27.37
C VAL A 23 -3.35 98.46 -26.31
N GLU A 24 -4.29 99.29 -26.67
CA GLU A 24 -4.76 100.34 -25.80
C GLU A 24 -5.93 99.86 -24.95
N PRO A 25 -6.22 100.54 -23.83
CA PRO A 25 -7.35 100.19 -22.96
C PRO A 25 -8.68 100.33 -23.69
N ASP A 26 -8.67 101.12 -24.76
CA ASP A 26 -9.86 101.37 -25.56
C ASP A 26 -9.87 100.50 -26.81
N CYS A 27 -8.87 99.63 -26.94
CA CYS A 27 -8.79 98.73 -28.10
C CYS A 27 -9.97 97.76 -28.12
N ARG A 28 -10.90 97.99 -29.03
CA ARG A 28 -12.05 97.12 -29.15
C ARG A 28 -11.69 95.87 -29.93
N LYS A 29 -10.86 96.05 -30.95
CA LYS A 29 -10.41 94.95 -31.80
C LYS A 29 -8.99 95.16 -32.24
N VAL A 30 -8.25 94.08 -32.33
CA VAL A 30 -6.88 94.13 -32.80
C VAL A 30 -6.79 93.68 -34.25
N THR A 31 -6.33 94.56 -35.10
CA THR A 31 -6.19 94.27 -36.50
C THR A 31 -5.06 95.12 -37.08
N CYS A 32 -4.26 94.51 -37.96
CA CYS A 32 -3.16 95.22 -38.60
C CYS A 32 -3.67 96.12 -39.73
N GLN A 33 -4.71 96.88 -39.43
CA GLN A 33 -5.36 97.75 -40.40
C GLN A 33 -4.42 98.87 -40.88
N ASN A 34 -3.31 99.04 -40.19
CA ASN A 34 -2.35 100.08 -40.55
C ASN A 34 -1.23 99.51 -41.41
N GLY A 35 -1.18 98.19 -41.51
CA GLY A 35 -0.14 97.55 -42.29
C GLY A 35 -0.67 96.47 -43.20
N CYS A 36 -0.93 95.32 -42.64
CA CYS A 36 -1.45 94.18 -43.39
C CYS A 36 -2.95 94.07 -43.17
N GLY A 37 -3.39 92.88 -42.85
CA GLY A 37 -4.76 92.67 -42.48
C GLY A 37 -4.93 91.29 -41.91
N TYR A 38 -5.07 91.22 -40.61
CA TYR A 38 -5.24 89.96 -39.91
C TYR A 38 -5.78 90.22 -38.53
N VAL A 39 -6.60 89.32 -38.04
CA VAL A 39 -7.12 89.42 -36.69
C VAL A 39 -6.46 88.35 -35.82
N PHE A 40 -5.90 88.76 -34.70
CA PHE A 40 -5.24 87.81 -33.82
C PHE A 40 -5.52 88.16 -32.39
N CYS A 41 -4.93 87.42 -31.47
CA CYS A 41 -5.17 87.68 -30.07
C CYS A 41 -4.31 88.82 -29.61
N ARG A 42 -4.68 89.44 -28.52
CA ARG A 42 -3.89 90.53 -27.98
C ARG A 42 -2.84 89.98 -27.03
N ASN A 43 -3.02 88.72 -26.64
CA ASN A 43 -2.11 88.05 -25.75
C ASN A 43 -1.27 87.04 -26.53
N CYS A 44 -1.85 86.50 -27.59
CA CYS A 44 -1.19 85.49 -28.40
C CYS A 44 -1.51 85.67 -29.87
N LEU A 45 -1.32 84.61 -30.64
CA LEU A 45 -1.56 84.63 -32.06
C LEU A 45 -2.67 83.66 -32.46
N GLN A 46 -3.48 83.25 -31.48
CA GLN A 46 -4.54 82.25 -31.72
C GLN A 46 -5.78 82.80 -32.45
N GLY A 47 -5.60 83.87 -33.23
CA GLY A 47 -6.69 84.38 -34.06
C GLY A 47 -7.79 85.09 -33.30
N TYR A 48 -7.42 85.73 -32.19
CA TYR A 48 -8.36 86.50 -31.35
C TYR A 48 -9.43 85.59 -30.74
N HIS A 49 -9.23 85.25 -29.50
CA HIS A 49 -10.16 84.39 -28.81
C HIS A 49 -10.62 85.04 -27.51
N ILE A 50 -11.72 84.57 -26.99
CA ILE A 50 -12.24 85.08 -25.74
C ILE A 50 -11.58 84.37 -24.57
N GLY A 51 -11.63 84.98 -23.40
CA GLY A 51 -11.02 84.39 -22.24
C GLY A 51 -9.54 84.66 -22.18
N GLU A 52 -8.79 83.70 -21.65
CA GLU A 52 -7.35 83.85 -21.52
C GLU A 52 -6.63 82.71 -22.21
N CYS A 53 -5.34 82.90 -22.48
CA CYS A 53 -4.53 81.89 -23.13
C CYS A 53 -3.99 80.91 -22.10
N LEU A 54 -3.91 79.65 -22.46
CA LEU A 54 -3.41 78.63 -21.58
C LEU A 54 -2.53 77.62 -22.32
N PRO A 55 -1.59 76.97 -21.61
CA PRO A 55 -0.68 76.00 -22.21
C PRO A 55 -1.29 74.61 -22.38
N GLU A 56 -0.52 73.70 -22.94
CA GLU A 56 -0.98 72.34 -23.17
C GLU A 56 0.10 71.34 -22.75
N GLY A 57 -0.25 70.43 -21.85
CA GLY A 57 0.71 69.43 -21.41
C GLY A 57 0.06 68.39 -20.54
N THR A 58 0.21 67.13 -20.92
CA THR A 58 -0.36 66.02 -20.18
C THR A 58 0.64 64.88 -20.03
N GLY A 59 0.31 63.90 -19.20
CA GLY A 59 1.19 62.76 -18.99
C GLY A 59 1.17 62.27 -17.56
N ALA A 60 0.95 60.98 -17.39
CA ALA A 60 0.91 60.36 -16.06
C ALA A 60 1.19 58.86 -16.16
N SER A 61 1.89 58.33 -15.17
CA SER A 61 2.21 56.90 -15.15
C SER A 61 2.47 56.43 -13.73
N ALA A 62 1.86 55.31 -13.37
CA ALA A 62 2.02 54.72 -12.05
C ALA A 62 2.41 53.25 -12.18
N THR A 63 3.10 52.72 -11.18
CA THR A 63 3.55 51.34 -11.22
C THR A 63 3.72 50.78 -9.79
N ASN A 64 3.14 49.61 -9.56
CA ASN A 64 3.25 48.93 -8.27
C ASN A 64 3.72 47.50 -8.48
N SER A 65 4.98 47.24 -8.16
CA SER A 65 5.56 45.92 -8.32
C SER A 65 5.29 45.05 -7.08
N CYS A 66 4.75 43.87 -7.30
CA CYS A 66 4.43 42.96 -6.21
C CYS A 66 4.82 41.52 -6.56
N GLU A 67 5.12 40.74 -5.54
CA GLU A 67 5.50 39.35 -5.74
C GLU A 67 5.00 38.48 -4.59
N TYR A 68 5.17 37.18 -4.70
CA TYR A 68 4.74 36.27 -3.66
C TYR A 68 5.62 35.02 -3.64
N THR A 69 5.93 34.53 -2.46
CA THR A 69 6.76 33.38 -2.30
C THR A 69 5.94 32.17 -1.85
N VAL A 70 6.42 30.98 -2.17
CA VAL A 70 5.74 29.76 -1.79
C VAL A 70 6.63 28.92 -0.90
N ASP A 71 6.11 28.47 0.21
CA ASP A 71 6.89 27.68 1.15
C ASP A 71 6.75 26.18 0.81
N PRO A 72 7.89 25.52 0.51
CA PRO A 72 7.90 24.10 0.19
C PRO A 72 7.82 23.25 1.46
N ASN A 73 6.96 22.26 1.45
CA ASN A 73 6.78 21.40 2.62
C ASN A 73 6.90 19.93 2.25
N ARG A 74 7.47 19.17 3.15
CA ARG A 74 7.69 17.75 2.96
C ARG A 74 8.05 17.10 4.29
N ALA A 75 7.13 16.32 4.83
CA ALA A 75 7.35 15.67 6.10
C ALA A 75 6.66 14.32 6.16
N ALA A 76 7.44 13.27 6.32
CA ALA A 76 6.90 11.93 6.40
C ALA A 76 7.80 11.05 7.25
N GLU A 77 7.36 10.75 8.45
CA GLU A 77 8.13 9.93 9.36
C GLU A 77 7.69 8.48 9.28
N ALA A 78 8.55 7.57 9.74
CA ALA A 78 8.25 6.15 9.72
C ALA A 78 9.01 5.41 10.82
N ARG A 79 8.39 4.39 11.39
CA ARG A 79 9.00 3.58 12.43
C ARG A 79 8.27 2.25 12.51
N TRP A 80 8.99 1.17 12.26
CA TRP A 80 8.38 -0.16 12.28
C TRP A 80 9.23 -1.12 13.09
N ASP A 81 8.59 -2.18 13.59
CA ASP A 81 9.27 -3.20 14.38
C ASP A 81 8.45 -4.48 14.38
N GLU A 82 9.02 -5.55 13.84
CA GLU A 82 8.33 -6.82 13.74
C GLU A 82 8.84 -7.83 14.77
N ALA A 83 10.16 -7.82 14.98
CA ALA A 83 10.82 -8.72 15.94
C ALA A 83 10.56 -10.19 15.61
N SER A 84 10.47 -10.50 14.32
CA SER A 84 10.24 -11.88 13.88
C SER A 84 11.45 -12.76 14.21
N ASN A 85 11.21 -13.83 14.94
CA ASN A 85 12.27 -14.78 15.31
C ASN A 85 11.65 -16.06 15.85
N VAL A 86 12.36 -17.17 15.70
CA VAL A 86 11.90 -18.46 16.17
C VAL A 86 13.00 -19.21 16.91
N THR A 87 12.64 -20.32 17.54
CA THR A 87 13.59 -21.14 18.27
C THR A 87 13.34 -22.63 18.01
N ILE A 88 14.41 -23.37 17.73
CA ILE A 88 14.31 -24.79 17.46
C ILE A 88 15.18 -25.60 18.44
N LYS A 89 15.28 -26.89 18.18
CA LYS A 89 16.07 -27.78 19.00
C LYS A 89 16.87 -28.72 18.09
N VAL A 90 17.96 -29.26 18.59
CA VAL A 90 18.77 -30.18 17.81
C VAL A 90 17.99 -31.46 17.47
N SER A 91 17.64 -31.61 16.21
CA SER A 91 16.90 -32.77 15.76
C SER A 91 17.85 -33.82 15.16
N THR A 92 19.12 -33.51 15.20
CA THR A 92 20.15 -34.40 14.71
C THR A 92 21.05 -34.83 15.84
N LYS A 93 22.06 -35.60 15.51
CA LYS A 93 23.05 -35.98 16.48
C LYS A 93 24.41 -35.53 15.97
N PRO A 94 25.02 -34.54 16.63
CA PRO A 94 26.33 -34.05 16.23
C PRO A 94 27.41 -35.11 16.35
N CYS A 95 28.12 -35.36 15.26
CA CYS A 95 29.20 -36.33 15.24
C CYS A 95 30.24 -36.02 16.31
N PRO A 96 30.75 -37.05 16.99
CA PRO A 96 31.78 -36.88 18.01
C PRO A 96 33.17 -36.70 17.38
N LYS A 97 33.24 -36.77 16.06
CA LYS A 97 34.48 -36.65 15.35
C LYS A 97 34.55 -35.32 14.56
N CYS A 98 33.63 -35.12 13.61
CA CYS A 98 33.62 -33.89 12.82
C CYS A 98 32.57 -32.91 13.30
N ARG A 99 31.69 -33.40 14.19
CA ARG A 99 30.64 -32.60 14.82
C ARG A 99 29.59 -32.14 13.83
N THR A 100 29.39 -32.92 12.79
CA THR A 100 28.39 -32.61 11.80
C THR A 100 27.02 -33.16 12.23
N PRO A 101 25.93 -32.47 11.85
CA PRO A 101 24.58 -32.89 12.19
C PRO A 101 24.17 -34.17 11.46
N THR A 102 24.28 -35.30 12.15
CA THR A 102 23.93 -36.58 11.57
C THR A 102 22.43 -36.83 11.76
N GLU A 103 21.74 -37.08 10.67
CA GLU A 103 20.32 -37.36 10.72
C GLU A 103 20.07 -38.82 11.04
N ARG A 104 19.20 -39.07 12.00
CA ARG A 104 18.92 -40.42 12.44
C ARG A 104 17.67 -40.97 11.74
N ASP A 105 17.89 -41.76 10.71
CA ASP A 105 16.80 -42.35 9.96
C ASP A 105 16.68 -43.83 10.24
N GLY A 106 15.50 -44.37 10.06
CA GLY A 106 15.27 -45.77 10.29
C GLY A 106 15.06 -46.08 11.76
N GLY A 107 16.15 -46.23 12.49
CA GLY A 107 16.07 -46.54 13.89
C GLY A 107 16.91 -47.74 14.26
N CYS A 108 17.64 -48.26 13.28
CA CYS A 108 18.52 -49.40 13.50
C CYS A 108 19.70 -49.00 14.37
N MET A 109 20.37 -49.98 14.96
CA MET A 109 21.51 -49.70 15.84
C MET A 109 22.75 -49.39 15.01
N HIS A 110 22.66 -49.62 13.72
CA HIS A 110 23.75 -49.33 12.82
C HIS A 110 23.58 -47.99 12.16
N MET A 111 24.35 -47.03 12.60
CA MET A 111 24.39 -45.74 11.97
C MET A 111 25.78 -45.16 12.10
N VAL A 112 26.25 -44.62 11.02
CA VAL A 112 27.58 -44.08 10.96
C VAL A 112 27.58 -42.72 10.29
N CYS A 113 28.38 -41.80 10.80
CA CYS A 113 28.47 -40.46 10.27
C CYS A 113 28.90 -40.48 8.82
N THR A 114 27.96 -40.29 7.92
CA THR A 114 28.29 -40.22 6.55
C THR A 114 28.72 -38.81 6.18
N ARG A 115 30.00 -38.58 6.29
CA ARG A 115 30.59 -37.31 5.98
C ARG A 115 31.75 -37.61 5.05
N ALA A 116 31.92 -36.80 4.02
CA ALA A 116 33.01 -37.00 3.08
C ALA A 116 34.36 -37.11 3.80
N GLY A 117 34.60 -36.18 4.72
CA GLY A 117 35.84 -36.20 5.47
C GLY A 117 35.66 -36.73 6.88
N CYS A 118 34.99 -37.88 7.02
CA CYS A 118 34.82 -38.49 8.34
C CYS A 118 34.68 -40.00 8.24
N GLY A 119 33.44 -40.47 8.10
CA GLY A 119 33.21 -41.90 8.06
C GLY A 119 33.43 -42.53 9.42
N PHE A 120 33.01 -41.82 10.45
CA PHE A 120 33.20 -42.27 11.82
C PHE A 120 31.99 -43.07 12.30
N GLU A 121 32.23 -44.33 12.63
CA GLU A 121 31.18 -45.20 13.14
C GLU A 121 31.06 -45.05 14.64
N TRP A 122 29.87 -44.70 15.10
CA TRP A 122 29.63 -44.52 16.52
C TRP A 122 28.39 -45.27 16.96
N CYS A 123 28.34 -45.60 18.25
CA CYS A 123 27.25 -46.37 18.81
C CYS A 123 25.95 -45.61 18.79
N TRP A 124 24.89 -46.30 18.41
CA TRP A 124 23.56 -45.73 18.35
C TRP A 124 22.95 -45.56 19.74
N VAL A 125 23.23 -46.51 20.62
CA VAL A 125 22.62 -46.50 21.94
C VAL A 125 23.30 -45.50 22.88
N CYS A 126 24.56 -45.72 23.18
CA CYS A 126 25.32 -44.82 24.03
C CYS A 126 26.34 -44.07 23.21
N GLN A 127 26.77 -42.90 23.65
CA GLN A 127 27.75 -42.18 22.86
C GLN A 127 29.10 -42.84 23.08
N THR A 128 29.56 -43.52 22.06
CA THR A 128 30.82 -44.22 22.10
C THR A 128 31.33 -44.45 20.69
N GLU A 129 32.65 -44.53 20.53
CA GLU A 129 33.23 -44.88 19.26
C GLU A 129 33.18 -46.39 19.11
N TRP A 130 33.25 -46.89 17.87
CA TRP A 130 33.19 -48.34 17.64
C TRP A 130 34.16 -49.10 18.57
N THR A 131 33.59 -49.83 19.52
CA THR A 131 34.37 -50.59 20.46
C THR A 131 33.74 -51.96 20.68
N ARG A 132 34.54 -52.92 21.07
CA ARG A 132 34.09 -54.31 21.26
C ARG A 132 33.01 -54.43 22.34
N ASP A 133 33.12 -53.65 23.41
CA ASP A 133 32.18 -53.74 24.52
C ASP A 133 30.77 -53.38 24.06
N CYS A 134 30.66 -52.49 23.08
CA CYS A 134 29.37 -52.17 22.48
C CYS A 134 29.09 -53.13 21.33
N MET A 135 30.14 -53.47 20.60
CA MET A 135 30.07 -54.34 19.42
C MET A 135 29.31 -55.64 19.71
N GLY A 136 29.75 -56.36 20.72
CA GLY A 136 29.13 -57.63 21.04
C GLY A 136 27.97 -57.50 22.01
N ALA A 137 27.59 -56.28 22.34
CA ALA A 137 26.50 -56.07 23.29
C ALA A 137 25.26 -55.49 22.63
N HIS A 138 25.36 -54.28 22.11
CA HIS A 138 24.20 -53.58 21.55
C HIS A 138 24.51 -52.87 20.23
N TRP A 139 25.44 -53.42 19.46
CA TRP A 139 25.80 -52.80 18.19
C TRP A 139 24.95 -53.37 17.05
N PHE A 140 24.61 -54.64 17.15
CA PHE A 140 23.83 -55.29 16.10
C PHE A 140 22.35 -55.28 16.46
N GLY A 141 21.61 -54.37 15.87
CA GLY A 141 20.20 -54.29 16.13
C GLY A 141 19.47 -53.57 15.03
N GLU A 1 -78.55 52.75 -44.94
CA GLU A 1 -78.00 53.82 -44.10
C GLU A 1 -78.31 53.57 -42.63
N GLU A 2 -77.27 53.26 -41.86
CA GLU A 2 -77.42 52.99 -40.44
C GLU A 2 -76.52 53.93 -39.65
N TYR A 3 -76.46 53.73 -38.34
CA TYR A 3 -75.63 54.57 -37.49
C TYR A 3 -74.51 53.79 -36.83
N VAL A 4 -74.23 52.60 -37.39
CA VAL A 4 -73.17 51.67 -36.88
C VAL A 4 -73.24 51.51 -35.36
N LEU A 5 -74.41 51.71 -34.83
CA LEU A 5 -74.63 51.66 -33.41
C LEU A 5 -75.50 50.47 -33.03
N GLN A 6 -74.92 49.57 -32.25
CA GLN A 6 -75.64 48.41 -31.76
C GLN A 6 -75.70 48.47 -30.24
N ALA A 7 -74.53 48.60 -29.64
CA ALA A 7 -74.41 48.70 -28.21
C ALA A 7 -73.98 50.10 -27.82
N GLY A 8 -74.76 50.74 -26.97
CA GLY A 8 -74.46 52.07 -26.52
C GLY A 8 -75.21 52.39 -25.26
N GLY A 9 -75.45 51.37 -24.45
CA GLY A 9 -76.18 51.55 -23.23
C GLY A 9 -75.66 50.67 -22.12
N VAL A 10 -75.88 51.09 -20.91
CA VAL A 10 -75.46 50.38 -19.74
C VAL A 10 -76.69 50.12 -18.85
N LEU A 11 -76.52 49.43 -17.75
CA LEU A 11 -77.63 49.10 -16.90
C LEU A 11 -77.36 49.53 -15.47
N CYS A 12 -78.43 49.87 -14.78
CA CYS A 12 -78.36 50.24 -13.37
C CYS A 12 -77.90 49.03 -12.56
N PRO A 13 -77.01 49.26 -11.58
CA PRO A 13 -76.49 48.19 -10.72
C PRO A 13 -77.57 47.65 -9.78
N GLN A 14 -78.67 48.37 -9.67
CA GLN A 14 -79.77 47.94 -8.82
C GLN A 14 -80.54 46.80 -9.48
N PRO A 15 -80.66 45.66 -8.77
CA PRO A 15 -81.34 44.46 -9.28
C PRO A 15 -82.84 44.66 -9.46
N GLY A 16 -83.40 45.62 -8.75
CA GLY A 16 -84.81 45.91 -8.88
C GLY A 16 -85.07 46.91 -9.97
N CYS A 17 -84.01 47.33 -10.65
CA CYS A 17 -84.11 48.30 -11.71
C CYS A 17 -83.98 47.62 -13.07
N GLY A 18 -82.76 47.58 -13.58
CA GLY A 18 -82.49 46.99 -14.86
C GLY A 18 -83.23 47.70 -15.99
N MET A 19 -83.57 48.98 -15.77
CA MET A 19 -84.30 49.76 -16.77
C MET A 19 -83.48 49.90 -18.05
N GLY A 20 -82.44 50.70 -17.99
CA GLY A 20 -81.60 50.91 -19.13
C GLY A 20 -81.06 52.31 -19.21
N LEU A 21 -79.78 52.43 -18.99
CA LEU A 21 -79.12 53.72 -19.02
C LEU A 21 -78.39 53.87 -20.32
N LEU A 22 -78.87 54.74 -21.15
CA LEU A 22 -78.30 54.94 -22.47
C LEU A 22 -77.11 55.88 -22.38
N VAL A 23 -76.04 55.54 -23.05
CA VAL A 23 -74.84 56.34 -23.02
C VAL A 23 -74.87 57.36 -24.15
N GLU A 24 -75.48 58.48 -23.88
CA GLU A 24 -75.60 59.54 -24.85
C GLU A 24 -74.32 60.37 -24.91
N PRO A 25 -73.89 60.77 -26.11
CA PRO A 25 -72.69 61.60 -26.28
C PRO A 25 -72.84 62.95 -25.57
N ASP A 26 -74.09 63.33 -25.33
CA ASP A 26 -74.41 64.57 -24.65
C ASP A 26 -74.46 64.35 -23.14
N CYS A 27 -74.37 63.11 -22.73
CA CYS A 27 -74.44 62.76 -21.33
C CYS A 27 -73.05 62.34 -20.84
N ARG A 28 -72.40 63.22 -20.08
CA ARG A 28 -71.05 62.95 -19.60
C ARG A 28 -71.04 62.34 -18.22
N LYS A 29 -72.18 61.85 -17.79
CA LYS A 29 -72.30 61.17 -16.52
C LYS A 29 -73.47 60.23 -16.54
N VAL A 30 -73.32 59.11 -15.87
CA VAL A 30 -74.36 58.12 -15.82
C VAL A 30 -74.91 58.00 -14.40
N THR A 31 -76.19 58.23 -14.27
CA THR A 31 -76.86 58.16 -13.00
C THR A 31 -78.30 57.69 -13.18
N CYS A 32 -78.75 56.78 -12.32
CA CYS A 32 -80.11 56.31 -12.41
C CYS A 32 -81.05 57.33 -11.81
N GLN A 33 -81.18 58.46 -12.47
CA GLN A 33 -82.07 59.50 -12.01
C GLN A 33 -83.46 59.24 -12.56
N ASN A 34 -83.56 58.25 -13.42
CA ASN A 34 -84.81 57.91 -14.07
C ASN A 34 -85.61 56.90 -13.27
N GLY A 35 -84.94 56.23 -12.35
CA GLY A 35 -85.61 55.21 -11.56
C GLY A 35 -85.18 55.22 -10.11
N CYS A 36 -84.02 54.66 -9.84
CA CYS A 36 -83.48 54.60 -8.49
C CYS A 36 -82.66 55.86 -8.22
N GLY A 37 -81.42 55.66 -7.79
CA GLY A 37 -80.51 56.75 -7.63
C GLY A 37 -79.12 56.25 -7.33
N TYR A 38 -78.26 56.31 -8.33
CA TYR A 38 -76.88 55.87 -8.14
C TYR A 38 -76.00 56.40 -9.26
N VAL A 39 -74.81 56.86 -8.91
CA VAL A 39 -73.83 57.28 -9.89
C VAL A 39 -72.80 56.17 -10.08
N PHE A 40 -72.55 55.78 -11.33
CA PHE A 40 -71.61 54.70 -11.57
C PHE A 40 -70.80 54.96 -12.81
N CYS A 41 -69.95 54.02 -13.16
CA CYS A 41 -69.11 54.17 -14.34
C CYS A 41 -69.89 53.68 -15.55
N ARG A 42 -69.36 53.90 -16.72
CA ARG A 42 -70.03 53.45 -17.93
C ARG A 42 -69.47 52.13 -18.39
N ASN A 43 -68.31 51.78 -17.86
CA ASN A 43 -67.66 50.53 -18.20
C ASN A 43 -67.80 49.55 -17.06
N CYS A 44 -67.90 50.10 -15.85
CA CYS A 44 -68.00 49.29 -14.66
C CYS A 44 -68.93 49.92 -13.64
N LEU A 45 -68.94 49.37 -12.45
CA LEU A 45 -69.81 49.85 -11.39
C LEU A 45 -69.00 50.51 -10.28
N GLN A 46 -67.81 51.01 -10.62
CA GLN A 46 -66.89 51.60 -9.63
C GLN A 46 -67.32 53.02 -9.17
N GLY A 47 -68.56 53.40 -9.43
CA GLY A 47 -69.05 54.69 -8.96
C GLY A 47 -68.53 55.87 -9.75
N TYR A 48 -68.25 55.63 -11.03
CA TYR A 48 -67.73 56.64 -11.95
C TYR A 48 -66.37 57.14 -11.49
N HIS A 49 -65.34 56.64 -12.12
CA HIS A 49 -63.98 56.97 -11.75
C HIS A 49 -63.20 57.47 -12.95
N ILE A 50 -61.96 57.80 -12.73
CA ILE A 50 -61.08 58.23 -13.80
C ILE A 50 -60.01 57.18 -14.05
N GLY A 51 -59.33 57.30 -15.16
CA GLY A 51 -58.30 56.34 -15.50
C GLY A 51 -58.83 55.22 -16.36
N GLU A 52 -58.52 53.99 -15.99
CA GLU A 52 -58.98 52.84 -16.74
C GLU A 52 -59.69 51.87 -15.80
N CYS A 53 -60.65 51.14 -16.34
CA CYS A 53 -61.40 50.18 -15.57
C CYS A 53 -60.70 48.81 -15.58
N LEU A 54 -60.62 48.24 -16.77
CA LEU A 54 -60.01 46.93 -16.92
C LEU A 54 -58.50 47.03 -17.05
N PRO A 55 -57.76 46.30 -16.21
CA PRO A 55 -56.30 46.28 -16.24
C PRO A 55 -55.76 45.19 -17.15
N GLU A 56 -54.45 45.03 -17.15
CA GLU A 56 -53.80 43.99 -17.92
C GLU A 56 -52.58 43.48 -17.15
N GLY A 57 -52.34 42.18 -17.20
CA GLY A 57 -51.22 41.61 -16.47
C GLY A 57 -50.01 41.39 -17.34
N THR A 58 -49.00 40.75 -16.77
CA THR A 58 -47.75 40.46 -17.47
C THR A 58 -46.82 39.66 -16.55
N GLY A 59 -45.62 39.37 -17.02
CA GLY A 59 -44.68 38.63 -16.22
C GLY A 59 -43.52 38.12 -17.02
N ALA A 60 -42.49 37.65 -16.33
CA ALA A 60 -41.29 37.12 -16.96
C ALA A 60 -40.54 36.24 -15.97
N SER A 61 -39.48 35.59 -16.44
CA SER A 61 -38.68 34.72 -15.59
C SER A 61 -37.23 34.65 -16.07
N ALA A 62 -36.32 34.39 -15.16
CA ALA A 62 -34.91 34.30 -15.49
C ALA A 62 -34.32 33.00 -14.95
N THR A 63 -33.06 32.74 -15.29
CA THR A 63 -32.38 31.54 -14.82
C THR A 63 -30.88 31.58 -15.17
N ASN A 64 -30.04 31.26 -14.19
CA ASN A 64 -28.59 31.23 -14.41
C ASN A 64 -28.10 29.79 -14.36
N SER A 65 -26.98 29.51 -15.03
CA SER A 65 -26.43 28.17 -15.08
C SER A 65 -24.90 28.20 -14.94
N CYS A 66 -24.37 27.38 -14.04
CA CYS A 66 -22.94 27.30 -13.81
C CYS A 66 -22.62 26.01 -13.05
N GLU A 67 -21.52 25.36 -13.39
CA GLU A 67 -21.17 24.12 -12.74
C GLU A 67 -19.68 24.02 -12.45
N TYR A 68 -19.30 22.94 -11.79
CA TYR A 68 -17.92 22.67 -11.42
C TYR A 68 -17.73 21.18 -11.20
N THR A 69 -16.52 20.76 -10.93
CA THR A 69 -16.25 19.36 -10.68
C THR A 69 -14.99 19.21 -9.82
N VAL A 70 -14.84 18.07 -9.18
CA VAL A 70 -13.70 17.80 -8.33
C VAL A 70 -12.77 16.78 -8.98
N ASP A 71 -11.60 16.59 -8.39
CA ASP A 71 -10.64 15.65 -8.91
C ASP A 71 -10.54 14.44 -7.98
N PRO A 72 -10.25 13.25 -8.53
CA PRO A 72 -10.12 12.03 -7.74
C PRO A 72 -8.79 11.96 -7.01
N ASN A 73 -8.78 11.32 -5.85
CA ASN A 73 -7.57 11.18 -5.06
C ASN A 73 -7.02 9.76 -5.23
N ARG A 74 -5.89 9.46 -4.61
CA ARG A 74 -5.28 8.15 -4.76
C ARG A 74 -4.71 7.65 -3.45
N ALA A 75 -4.80 6.35 -3.23
CA ALA A 75 -4.27 5.72 -2.04
C ALA A 75 -3.97 4.25 -2.32
N ALA A 76 -2.77 3.83 -1.99
CA ALA A 76 -2.35 2.45 -2.20
C ALA A 76 -1.46 1.99 -1.05
N GLU A 77 -2.08 1.55 0.01
CA GLU A 77 -1.35 1.09 1.18
C GLU A 77 -1.13 -0.42 1.11
N ALA A 78 -0.05 -0.89 1.73
CA ALA A 78 0.28 -2.31 1.74
C ALA A 78 1.23 -2.64 2.88
N ARG A 79 0.82 -3.58 3.71
CA ARG A 79 1.62 -4.00 4.84
C ARG A 79 1.83 -5.51 4.78
N TRP A 80 3.00 -5.96 5.19
CA TRP A 80 3.31 -7.39 5.17
C TRP A 80 3.54 -7.89 6.58
N ASP A 81 3.24 -9.16 6.80
CA ASP A 81 3.43 -9.79 8.10
C ASP A 81 4.75 -10.54 8.15
N GLU A 82 5.54 -10.22 9.15
CA GLU A 82 6.82 -10.88 9.32
C GLU A 82 6.76 -11.85 10.50
N ALA A 83 5.80 -11.61 11.39
CA ALA A 83 5.63 -12.41 12.59
C ALA A 83 5.33 -13.87 12.26
N SER A 84 6.19 -14.76 12.71
CA SER A 84 6.05 -16.18 12.50
C SER A 84 6.64 -16.93 13.70
N ASN A 85 6.01 -18.02 14.10
CA ASN A 85 6.50 -18.79 15.23
C ASN A 85 7.62 -19.73 14.79
N VAL A 86 8.74 -19.68 15.50
CA VAL A 86 9.88 -20.52 15.19
C VAL A 86 10.44 -21.16 16.44
N THR A 87 10.18 -22.45 16.60
CA THR A 87 10.68 -23.18 17.74
C THR A 87 11.88 -24.02 17.32
N ILE A 88 12.75 -24.33 18.27
CA ILE A 88 13.93 -25.11 17.97
C ILE A 88 13.62 -26.61 17.93
N LYS A 89 13.81 -27.19 16.78
CA LYS A 89 13.61 -28.61 16.58
C LYS A 89 14.83 -29.16 15.86
N VAL A 90 15.50 -30.12 16.46
CA VAL A 90 16.72 -30.65 15.88
C VAL A 90 16.64 -32.16 15.67
N SER A 91 16.92 -32.58 14.45
CA SER A 91 16.90 -33.99 14.12
C SER A 91 18.32 -34.55 14.02
N THR A 92 19.28 -33.65 13.93
CA THR A 92 20.67 -34.03 13.78
C THR A 92 21.40 -34.11 15.12
N LYS A 93 22.22 -35.13 15.25
CA LYS A 93 23.06 -35.30 16.42
C LYS A 93 24.51 -35.02 16.04
N PRO A 94 25.26 -34.35 16.92
CA PRO A 94 26.66 -34.02 16.65
C PRO A 94 27.58 -35.25 16.69
N CYS A 95 28.32 -35.45 15.61
CA CYS A 95 29.29 -36.54 15.52
C CYS A 95 30.31 -36.43 16.63
N PRO A 96 30.70 -37.55 17.24
CA PRO A 96 31.69 -37.54 18.30
C PRO A 96 33.07 -37.23 17.76
N LYS A 97 33.25 -37.44 16.46
CA LYS A 97 34.53 -37.24 15.84
C LYS A 97 34.65 -35.85 15.20
N CYS A 98 33.89 -35.62 14.14
CA CYS A 98 33.97 -34.35 13.41
C CYS A 98 32.95 -33.34 13.91
N ARG A 99 32.06 -33.78 14.79
CA ARG A 99 31.04 -32.92 15.42
C ARG A 99 30.03 -32.39 14.38
N THR A 100 29.91 -33.07 13.28
CA THR A 100 28.99 -32.65 12.25
C THR A 100 27.57 -33.13 12.56
N PRO A 101 26.55 -32.54 11.93
CA PRO A 101 25.17 -32.91 12.19
C PRO A 101 24.76 -34.21 11.46
N THR A 102 24.75 -35.30 12.20
CA THR A 102 24.37 -36.59 11.67
C THR A 102 22.87 -36.83 11.89
N GLU A 103 22.16 -37.19 10.82
CA GLU A 103 20.73 -37.44 10.90
C GLU A 103 20.44 -38.87 11.31
N ARG A 104 19.24 -39.11 11.82
CA ARG A 104 18.83 -40.42 12.20
C ARG A 104 17.63 -40.87 11.36
N ASP A 105 17.87 -41.81 10.48
CA ASP A 105 16.80 -42.34 9.64
C ASP A 105 16.34 -43.67 10.17
N GLY A 106 15.04 -43.90 10.10
CA GLY A 106 14.49 -45.15 10.61
C GLY A 106 14.52 -45.19 12.12
N GLY A 107 14.76 -46.36 12.67
CA GLY A 107 14.82 -46.51 14.11
C GLY A 107 15.94 -47.42 14.54
N CYS A 108 16.98 -47.49 13.71
CA CYS A 108 18.11 -48.34 13.99
C CYS A 108 19.14 -47.62 14.84
N MET A 109 19.95 -48.39 15.56
CA MET A 109 21.01 -47.83 16.38
C MET A 109 22.23 -47.52 15.54
N HIS A 110 22.26 -48.11 14.35
CA HIS A 110 23.39 -47.93 13.46
C HIS A 110 23.23 -46.69 12.61
N MET A 111 23.83 -45.60 13.05
CA MET A 111 23.87 -44.39 12.26
C MET A 111 25.31 -44.06 11.90
N VAL A 112 25.62 -44.18 10.64
CA VAL A 112 26.97 -43.93 10.18
C VAL A 112 27.13 -42.48 9.79
N CYS A 113 28.16 -41.84 10.31
CA CYS A 113 28.40 -40.45 10.01
C CYS A 113 28.85 -40.30 8.57
N THR A 114 27.96 -39.81 7.72
CA THR A 114 28.32 -39.57 6.35
C THR A 114 28.92 -38.16 6.24
N ARG A 115 30.22 -38.10 6.40
CA ARG A 115 30.94 -36.86 6.37
C ARG A 115 32.11 -37.01 5.44
N ALA A 116 32.40 -36.00 4.64
CA ALA A 116 33.54 -36.05 3.75
C ALA A 116 34.84 -36.04 4.55
N GLY A 117 35.28 -37.23 4.92
CA GLY A 117 36.48 -37.35 5.72
C GLY A 117 36.19 -37.81 7.13
N CYS A 118 35.25 -38.74 7.28
CA CYS A 118 34.90 -39.26 8.59
C CYS A 118 34.51 -40.74 8.49
N GLY A 119 33.22 -41.00 8.33
CA GLY A 119 32.74 -42.37 8.29
C GLY A 119 32.78 -42.99 9.66
N PHE A 120 32.68 -42.15 10.67
CA PHE A 120 32.74 -42.59 12.05
C PHE A 120 31.48 -43.32 12.44
N GLU A 121 31.66 -44.50 13.00
CA GLU A 121 30.55 -45.29 13.46
C GLU A 121 30.53 -45.26 14.98
N TRP A 122 29.36 -45.06 15.54
CA TRP A 122 29.21 -44.97 16.98
C TRP A 122 27.84 -45.45 17.41
N CYS A 123 27.72 -45.83 18.68
CA CYS A 123 26.46 -46.29 19.22
C CYS A 123 25.47 -45.16 19.33
N TRP A 124 24.24 -45.47 19.02
CA TRP A 124 23.17 -44.50 19.09
C TRP A 124 22.78 -44.23 20.54
N VAL A 125 22.74 -45.28 21.34
CA VAL A 125 22.27 -45.18 22.71
C VAL A 125 23.39 -44.75 23.68
N CYS A 126 24.47 -45.52 23.75
CA CYS A 126 25.60 -45.16 24.60
C CYS A 126 26.60 -44.34 23.82
N GLN A 127 27.37 -43.49 24.47
CA GLN A 127 28.36 -42.72 23.76
C GLN A 127 29.69 -43.43 23.80
N THR A 128 30.08 -43.91 22.64
CA THR A 128 31.35 -44.57 22.48
C THR A 128 31.73 -44.51 21.01
N GLU A 129 32.88 -45.04 20.67
CA GLU A 129 33.31 -45.11 19.31
C GLU A 129 33.35 -46.55 18.87
N TRP A 130 33.26 -46.79 17.56
CA TRP A 130 33.33 -48.16 17.05
C TRP A 130 34.54 -48.88 17.59
N THR A 131 34.30 -49.95 18.33
CA THR A 131 35.36 -50.67 18.97
C THR A 131 34.92 -52.10 19.27
N ARG A 132 35.82 -52.87 19.84
CA ARG A 132 35.58 -54.26 20.18
C ARG A 132 34.60 -54.38 21.36
N ASP A 133 34.53 -53.33 22.17
CA ASP A 133 33.65 -53.31 23.34
C ASP A 133 32.17 -53.44 22.92
N CYS A 134 31.74 -52.56 22.04
CA CYS A 134 30.36 -52.56 21.58
C CYS A 134 30.22 -53.26 20.22
N MET A 135 31.15 -54.17 19.91
CA MET A 135 31.12 -54.88 18.63
C MET A 135 29.84 -55.72 18.48
N GLY A 136 29.39 -56.29 19.58
CA GLY A 136 28.19 -57.09 19.57
C GLY A 136 27.71 -57.41 20.96
N ALA A 137 28.05 -56.55 21.90
CA ALA A 137 27.65 -56.75 23.28
C ALA A 137 26.19 -56.34 23.49
N HIS A 138 25.91 -55.08 23.25
CA HIS A 138 24.55 -54.57 23.37
C HIS A 138 24.01 -54.22 22.00
N TRP A 139 24.86 -54.33 20.99
CA TRP A 139 24.51 -53.96 19.64
C TRP A 139 23.57 -54.99 19.02
N PHE A 140 22.29 -54.80 19.25
CA PHE A 140 21.26 -55.66 18.70
C PHE A 140 20.08 -54.82 18.26
N GLY A 141 20.05 -54.49 17.00
CA GLY A 141 19.00 -53.66 16.46
C GLY A 141 19.03 -53.65 14.96
N GLU A 1 20.51 31.83 -69.05
CA GLU A 1 20.71 32.58 -67.81
C GLU A 1 19.38 32.76 -67.08
N GLU A 2 19.18 31.97 -66.04
CA GLU A 2 17.98 32.05 -65.24
C GLU A 2 18.28 31.53 -63.84
N TYR A 3 18.90 32.36 -63.03
CA TYR A 3 19.26 31.99 -61.67
C TYR A 3 18.14 32.22 -60.71
N VAL A 4 17.54 31.14 -60.24
CA VAL A 4 16.47 31.21 -59.28
C VAL A 4 16.88 30.51 -58.00
N LEU A 5 17.07 31.27 -56.94
CA LEU A 5 17.49 30.72 -55.68
C LEU A 5 16.30 30.60 -54.74
N GLN A 6 15.83 29.39 -54.55
CA GLN A 6 14.69 29.14 -53.69
C GLN A 6 15.12 29.03 -52.24
N ALA A 7 14.71 30.00 -51.44
CA ALA A 7 15.05 30.03 -50.03
C ALA A 7 13.79 29.84 -49.19
N GLY A 8 13.90 30.08 -47.90
CA GLY A 8 12.77 29.94 -47.02
C GLY A 8 13.15 29.55 -45.62
N GLY A 9 12.57 28.47 -45.15
CA GLY A 9 12.85 28.01 -43.81
C GLY A 9 12.52 26.56 -43.61
N VAL A 10 12.15 26.22 -42.40
CA VAL A 10 11.81 24.87 -42.02
C VAL A 10 10.88 24.92 -40.80
N LEU A 11 10.37 23.81 -40.34
CA LEU A 11 9.48 23.81 -39.18
C LEU A 11 9.93 22.81 -38.15
N CYS A 12 9.62 23.10 -36.89
CA CYS A 12 9.93 22.22 -35.80
C CYS A 12 9.15 20.91 -35.97
N PRO A 13 9.86 19.76 -35.90
CA PRO A 13 9.25 18.43 -36.11
C PRO A 13 8.27 18.04 -35.01
N GLN A 14 8.25 18.83 -33.94
CA GLN A 14 7.35 18.57 -32.84
C GLN A 14 5.90 18.73 -33.33
N PRO A 15 5.08 17.67 -33.20
CA PRO A 15 3.69 17.62 -33.73
C PRO A 15 2.79 18.78 -33.30
N GLY A 16 3.05 19.34 -32.13
CA GLY A 16 2.21 20.42 -31.64
C GLY A 16 2.92 21.77 -31.69
N CYS A 17 4.00 21.84 -32.44
CA CYS A 17 4.75 23.07 -32.55
C CYS A 17 4.50 23.72 -33.92
N GLY A 18 5.40 23.50 -34.86
CA GLY A 18 5.26 24.05 -36.19
C GLY A 18 5.21 25.57 -36.20
N MET A 19 5.91 26.20 -35.26
CA MET A 19 5.92 27.66 -35.17
C MET A 19 6.60 28.31 -36.38
N GLY A 20 7.59 27.63 -36.93
CA GLY A 20 8.25 28.15 -38.11
C GLY A 20 9.67 28.58 -37.86
N LEU A 21 10.59 27.81 -38.35
CA LEU A 21 12.01 28.09 -38.21
C LEU A 21 12.52 28.73 -39.49
N LEU A 22 13.28 29.77 -39.34
CA LEU A 22 13.79 30.48 -40.48
C LEU A 22 15.28 30.21 -40.62
N VAL A 23 15.70 29.81 -41.81
CA VAL A 23 17.10 29.56 -42.06
C VAL A 23 17.84 30.88 -42.26
N GLU A 24 18.36 31.41 -41.18
CA GLU A 24 19.09 32.65 -41.20
C GLU A 24 20.56 32.39 -41.44
N PRO A 25 21.25 33.33 -42.11
CA PRO A 25 22.69 33.20 -42.37
C PRO A 25 23.50 33.18 -41.07
N ASP A 26 22.90 33.72 -40.01
CA ASP A 26 23.54 33.76 -38.71
C ASP A 26 23.01 32.64 -37.82
N CYS A 27 22.25 31.73 -38.41
CA CYS A 27 21.72 30.62 -37.66
C CYS A 27 22.71 29.46 -37.70
N ARG A 28 23.74 29.55 -36.87
CA ARG A 28 24.76 28.52 -36.80
C ARG A 28 24.22 27.27 -36.12
N LYS A 29 23.18 27.45 -35.31
CA LYS A 29 22.56 26.34 -34.61
C LYS A 29 21.06 26.42 -34.70
N VAL A 30 20.47 25.46 -35.38
CA VAL A 30 19.05 25.38 -35.49
C VAL A 30 18.47 24.61 -34.31
N THR A 31 17.75 25.32 -33.48
CA THR A 31 17.12 24.76 -32.32
C THR A 31 15.82 25.49 -32.06
N CYS A 32 14.79 24.75 -31.69
CA CYS A 32 13.52 25.36 -31.37
C CYS A 32 13.60 26.03 -30.01
N GLN A 33 14.23 27.18 -29.97
CA GLN A 33 14.36 27.94 -28.74
C GLN A 33 13.14 28.81 -28.53
N ASN A 34 12.65 29.38 -29.62
CA ASN A 34 11.50 30.26 -29.58
C ASN A 34 10.19 29.47 -29.46
N GLY A 35 10.25 28.20 -29.78
CA GLY A 35 9.07 27.37 -29.69
C GLY A 35 9.08 26.52 -28.44
N CYS A 36 9.63 25.33 -28.56
CA CYS A 36 9.72 24.40 -27.45
C CYS A 36 11.16 23.98 -27.21
N GLY A 37 11.54 22.90 -27.83
CA GLY A 37 12.88 22.41 -27.75
C GLY A 37 13.11 21.27 -28.70
N TYR A 38 13.84 21.51 -29.76
CA TYR A 38 14.10 20.48 -30.73
C TYR A 38 15.31 20.85 -31.58
N VAL A 39 16.22 19.92 -31.75
CA VAL A 39 17.38 20.11 -32.60
C VAL A 39 17.21 19.26 -33.84
N PHE A 40 17.27 19.85 -35.02
CA PHE A 40 17.03 19.11 -36.24
C PHE A 40 17.76 19.74 -37.39
N CYS A 41 17.65 19.16 -38.56
CA CYS A 41 18.34 19.69 -39.72
C CYS A 41 17.52 20.80 -40.34
N ARG A 42 18.12 21.54 -41.24
CA ARG A 42 17.41 22.62 -41.88
C ARG A 42 16.83 22.17 -43.20
N ASN A 43 17.32 21.04 -43.70
CA ASN A 43 16.84 20.48 -44.93
C ASN A 43 15.96 19.29 -44.65
N CYS A 44 16.28 18.58 -43.58
CA CYS A 44 15.54 17.40 -43.20
C CYS A 44 15.31 17.35 -41.70
N LEU A 45 14.91 16.20 -41.21
CA LEU A 45 14.62 16.01 -39.80
C LEU A 45 15.60 15.02 -39.18
N GLN A 46 16.80 14.93 -39.75
CA GLN A 46 17.81 13.98 -39.27
C GLN A 46 18.53 14.43 -38.00
N GLY A 47 17.98 15.41 -37.30
CA GLY A 47 18.56 15.84 -36.03
C GLY A 47 19.77 16.74 -36.19
N TYR A 48 19.91 17.33 -37.39
CA TYR A 48 21.01 18.25 -37.71
C TYR A 48 22.34 17.51 -37.87
N HIS A 49 22.91 17.63 -39.04
CA HIS A 49 24.18 16.97 -39.36
C HIS A 49 24.97 17.82 -40.34
N ILE A 50 24.31 18.28 -41.37
CA ILE A 50 24.91 19.15 -42.35
C ILE A 50 23.83 20.07 -42.92
N GLY A 51 24.21 21.19 -43.48
CA GLY A 51 23.23 22.13 -43.98
C GLY A 51 22.81 21.87 -45.41
N GLU A 52 23.27 20.77 -45.99
CA GLU A 52 22.93 20.43 -47.36
C GLU A 52 22.58 18.97 -47.50
N CYS A 53 21.34 18.71 -47.86
CA CYS A 53 20.86 17.36 -48.00
C CYS A 53 20.16 17.17 -49.34
N LEU A 54 19.95 15.92 -49.70
CA LEU A 54 19.30 15.58 -50.95
C LEU A 54 17.80 15.86 -50.88
N PRO A 55 17.17 16.16 -52.03
CA PRO A 55 15.72 16.43 -52.08
C PRO A 55 14.88 15.21 -51.69
N GLU A 56 13.57 15.40 -51.64
CA GLU A 56 12.67 14.33 -51.28
C GLU A 56 12.47 13.37 -52.45
N GLY A 57 13.16 12.25 -52.41
CA GLY A 57 13.06 11.29 -53.48
C GLY A 57 12.41 10.00 -53.03
N THR A 58 13.02 9.36 -52.05
CA THR A 58 12.50 8.13 -51.53
C THR A 58 11.59 8.40 -50.33
N GLY A 59 10.31 8.55 -50.59
CA GLY A 59 9.36 8.77 -49.52
C GLY A 59 8.11 7.95 -49.72
N ALA A 60 8.17 7.04 -50.68
CA ALA A 60 7.05 6.17 -50.98
C ALA A 60 7.13 4.90 -50.15
N SER A 61 5.98 4.44 -49.70
CA SER A 61 5.93 3.25 -48.89
C SER A 61 5.96 1.99 -49.75
N ALA A 62 7.16 1.47 -49.97
CA ALA A 62 7.34 0.27 -50.75
C ALA A 62 7.23 -0.95 -49.86
N THR A 63 7.73 -0.83 -48.64
CA THR A 63 7.70 -1.90 -47.68
C THR A 63 6.29 -2.05 -47.07
N ASN A 64 5.57 -3.05 -47.55
CA ASN A 64 4.22 -3.30 -47.05
C ASN A 64 4.26 -4.03 -45.71
N SER A 65 5.12 -5.00 -45.62
CA SER A 65 5.26 -5.80 -44.41
C SER A 65 5.98 -5.01 -43.31
N CYS A 66 5.87 -5.50 -42.09
CA CYS A 66 6.51 -4.87 -40.95
C CYS A 66 6.68 -5.89 -39.83
N GLU A 67 7.66 -5.68 -38.99
CA GLU A 67 7.94 -6.58 -37.90
C GLU A 67 7.09 -6.21 -36.69
N TYR A 68 6.64 -7.21 -35.97
CA TYR A 68 5.82 -6.96 -34.81
C TYR A 68 6.46 -7.57 -33.58
N THR A 69 6.14 -7.02 -32.44
CA THR A 69 6.68 -7.50 -31.20
C THR A 69 5.57 -7.50 -30.14
N VAL A 70 5.83 -8.16 -29.04
CA VAL A 70 4.86 -8.23 -27.96
C VAL A 70 4.91 -6.97 -27.12
N ASP A 71 3.94 -6.80 -26.26
CA ASP A 71 3.91 -5.65 -25.37
C ASP A 71 4.56 -5.99 -24.05
N PRO A 72 5.56 -5.20 -23.62
CA PRO A 72 6.24 -5.42 -22.34
C PRO A 72 5.25 -5.41 -21.17
N ASN A 73 5.01 -6.57 -20.60
CA ASN A 73 4.04 -6.72 -19.53
C ASN A 73 4.63 -6.27 -18.20
N ARG A 74 3.82 -6.32 -17.16
CA ARG A 74 4.26 -5.93 -15.84
C ARG A 74 4.43 -7.16 -14.97
N ALA A 75 5.60 -7.33 -14.41
CA ALA A 75 5.89 -8.46 -13.54
C ALA A 75 5.35 -8.19 -12.14
N ALA A 76 5.61 -6.98 -11.65
CA ALA A 76 5.17 -6.54 -10.32
C ALA A 76 5.79 -7.38 -9.21
N GLU A 77 6.82 -6.84 -8.58
CA GLU A 77 7.50 -7.54 -7.52
C GLU A 77 6.71 -7.43 -6.21
N ALA A 78 6.81 -8.46 -5.38
CA ALA A 78 6.12 -8.50 -4.11
C ALA A 78 6.97 -9.21 -3.08
N ARG A 79 7.13 -8.61 -1.93
CA ARG A 79 7.93 -9.20 -0.88
C ARG A 79 7.05 -9.90 0.14
N TRP A 80 7.53 -11.00 0.67
CA TRP A 80 6.78 -11.79 1.62
C TRP A 80 7.56 -11.93 2.92
N ASP A 81 8.23 -10.85 3.30
CA ASP A 81 9.03 -10.85 4.50
C ASP A 81 8.19 -10.52 5.73
N GLU A 82 8.18 -11.41 6.70
CA GLU A 82 7.48 -11.18 7.95
C GLU A 82 8.46 -10.86 9.07
N ALA A 83 9.75 -11.13 8.79
CA ALA A 83 10.84 -10.85 9.74
C ALA A 83 10.69 -11.62 11.06
N SER A 84 10.12 -12.81 10.99
CA SER A 84 9.96 -13.63 12.17
C SER A 84 11.23 -14.41 12.45
N ASN A 85 11.89 -14.07 13.55
CA ASN A 85 13.13 -14.74 13.90
C ASN A 85 12.91 -15.76 15.01
N VAL A 86 13.20 -17.00 14.72
CA VAL A 86 13.09 -18.06 15.71
C VAL A 86 14.45 -18.71 15.91
N THR A 87 14.66 -19.29 17.07
CA THR A 87 15.92 -19.94 17.36
C THR A 87 15.89 -21.39 16.86
N ILE A 88 16.91 -21.77 16.12
CA ILE A 88 16.98 -23.11 15.54
C ILE A 88 17.42 -24.11 16.59
N LYS A 89 16.60 -25.12 16.81
CA LYS A 89 16.93 -26.17 17.77
C LYS A 89 17.55 -27.36 17.04
N VAL A 90 18.62 -27.90 17.58
CA VAL A 90 19.29 -29.03 16.98
C VAL A 90 18.40 -30.28 17.05
N SER A 91 18.16 -30.87 15.91
CA SER A 91 17.32 -32.05 15.82
C SER A 91 18.17 -33.28 15.52
N THR A 92 19.25 -33.08 14.80
CA THR A 92 20.15 -34.16 14.43
C THR A 92 21.08 -34.50 15.58
N LYS A 93 21.95 -35.46 15.33
CA LYS A 93 22.94 -35.85 16.30
C LYS A 93 24.33 -35.46 15.79
N PRO A 94 24.96 -34.46 16.40
CA PRO A 94 26.30 -34.03 15.98
C PRO A 94 27.34 -35.12 16.19
N CYS A 95 28.13 -35.37 15.16
CA CYS A 95 29.17 -36.37 15.22
C CYS A 95 30.13 -36.07 16.36
N PRO A 96 30.50 -37.08 17.14
CA PRO A 96 31.43 -36.90 18.24
C PRO A 96 32.85 -36.62 17.76
N LYS A 97 33.05 -36.72 16.45
CA LYS A 97 34.34 -36.47 15.86
C LYS A 97 34.36 -35.13 15.08
N CYS A 98 33.57 -35.04 14.00
CA CYS A 98 33.57 -33.82 13.17
C CYS A 98 32.46 -32.85 13.56
N ARG A 99 31.63 -33.24 14.52
CA ARG A 99 30.55 -32.38 15.03
C ARG A 99 29.54 -32.00 13.94
N THR A 100 29.43 -32.84 12.93
CA THR A 100 28.50 -32.59 11.86
C THR A 100 27.12 -33.15 12.18
N PRO A 101 26.04 -32.44 11.78
CA PRO A 101 24.67 -32.88 12.03
C PRO A 101 24.37 -34.20 11.31
N THR A 102 24.33 -35.27 12.07
CA THR A 102 24.09 -36.58 11.52
C THR A 102 22.62 -36.95 11.64
N GLU A 103 22.06 -37.47 10.55
CA GLU A 103 20.69 -37.92 10.54
C GLU A 103 20.56 -39.30 11.16
N ARG A 104 19.35 -39.67 11.49
CA ARG A 104 19.11 -40.94 12.15
C ARG A 104 18.18 -41.82 11.35
N ASP A 105 18.20 -43.09 11.69
CA ASP A 105 17.34 -44.06 11.05
C ASP A 105 16.13 -44.34 11.93
N GLY A 106 15.09 -44.92 11.33
CA GLY A 106 13.89 -45.21 12.08
C GLY A 106 14.11 -46.20 13.20
N GLY A 107 14.73 -47.33 12.89
CA GLY A 107 14.98 -48.34 13.89
C GLY A 107 16.22 -49.15 13.60
N CYS A 108 17.33 -48.47 13.37
CA CYS A 108 18.58 -49.14 13.09
C CYS A 108 19.61 -48.80 14.15
N MET A 109 20.36 -49.80 14.59
CA MET A 109 21.36 -49.60 15.64
C MET A 109 22.71 -49.24 15.07
N HIS A 110 22.90 -49.50 13.79
CA HIS A 110 24.16 -49.17 13.15
C HIS A 110 24.13 -47.73 12.66
N MET A 111 24.68 -46.83 13.44
CA MET A 111 24.69 -45.41 13.11
C MET A 111 26.08 -44.94 12.67
N VAL A 112 26.20 -44.60 11.40
CA VAL A 112 27.47 -44.13 10.85
C VAL A 112 27.35 -42.69 10.42
N CYS A 113 28.39 -41.92 10.65
CA CYS A 113 28.41 -40.53 10.24
C CYS A 113 28.82 -40.43 8.78
N THR A 114 28.00 -39.76 8.00
CA THR A 114 28.31 -39.59 6.62
C THR A 114 28.86 -38.19 6.37
N ARG A 115 30.16 -38.08 6.47
CA ARG A 115 30.86 -36.84 6.26
C ARG A 115 32.03 -37.12 5.33
N ALA A 116 32.24 -36.28 4.35
CA ALA A 116 33.34 -36.46 3.41
C ALA A 116 34.68 -36.39 4.13
N GLY A 117 35.24 -37.55 4.45
CA GLY A 117 36.52 -37.59 5.14
C GLY A 117 36.37 -37.95 6.62
N CYS A 118 35.27 -38.59 6.97
CA CYS A 118 35.03 -39.00 8.35
C CYS A 118 35.01 -40.52 8.45
N GLY A 119 33.88 -41.12 8.11
CA GLY A 119 33.75 -42.56 8.17
C GLY A 119 33.72 -43.07 9.59
N PHE A 120 33.33 -42.20 10.52
CA PHE A 120 33.26 -42.58 11.91
C PHE A 120 31.85 -43.04 12.24
N GLU A 121 31.74 -44.08 13.02
CA GLU A 121 30.45 -44.62 13.40
C GLU A 121 30.36 -44.72 14.91
N TRP A 122 29.14 -44.75 15.41
CA TRP A 122 28.91 -44.80 16.84
C TRP A 122 27.65 -45.59 17.16
N CYS A 123 27.52 -46.00 18.41
CA CYS A 123 26.38 -46.80 18.85
C CYS A 123 25.10 -45.99 18.87
N TRP A 124 24.03 -46.63 18.52
CA TRP A 124 22.72 -46.03 18.50
C TRP A 124 22.15 -45.90 19.92
N VAL A 125 22.34 -46.93 20.72
CA VAL A 125 21.73 -46.97 22.04
C VAL A 125 22.48 -46.12 23.05
N CYS A 126 23.79 -46.25 23.10
CA CYS A 126 24.58 -45.46 24.02
C CYS A 126 25.58 -44.59 23.27
N GLN A 127 25.81 -43.39 23.77
CA GLN A 127 26.75 -42.51 23.11
C GLN A 127 28.15 -42.96 23.44
N THR A 128 28.84 -43.46 22.44
CA THR A 128 30.19 -43.96 22.59
C THR A 128 30.94 -43.83 21.28
N GLU A 129 32.21 -44.17 21.31
CA GLU A 129 33.02 -44.20 20.12
C GLU A 129 33.07 -45.62 19.59
N TRP A 130 33.26 -45.76 18.29
CA TRP A 130 33.31 -47.08 17.65
C TRP A 130 34.34 -47.98 18.31
N THR A 131 33.89 -49.13 18.78
CA THR A 131 34.74 -50.10 19.43
C THR A 131 34.09 -51.48 19.44
N ARG A 132 34.92 -52.50 19.47
CA ARG A 132 34.48 -53.89 19.52
C ARG A 132 33.77 -54.17 20.84
N ASP A 133 34.11 -53.39 21.86
CA ASP A 133 33.50 -53.54 23.19
C ASP A 133 31.99 -53.39 23.13
N CYS A 134 31.52 -52.51 22.25
CA CYS A 134 30.09 -52.31 22.09
C CYS A 134 29.57 -53.13 20.94
N MET A 135 30.46 -53.40 19.97
CA MET A 135 30.12 -54.17 18.78
C MET A 135 29.50 -55.53 19.15
N GLY A 136 30.10 -56.20 20.11
CA GLY A 136 29.59 -57.49 20.53
C GLY A 136 28.78 -57.42 21.80
N ALA A 137 28.29 -56.23 22.13
CA ALA A 137 27.51 -56.04 23.34
C ALA A 137 26.04 -55.89 23.04
N HIS A 138 25.68 -54.81 22.34
CA HIS A 138 24.29 -54.53 22.01
C HIS A 138 24.18 -53.79 20.68
N TRP A 139 25.14 -54.02 19.79
CA TRP A 139 25.16 -53.37 18.50
C TRP A 139 24.03 -53.92 17.63
N PHE A 140 23.68 -55.17 17.87
CA PHE A 140 22.57 -55.78 17.17
C PHE A 140 21.30 -55.62 17.99
N GLY A 141 20.38 -54.83 17.48
CA GLY A 141 19.15 -54.60 18.19
C GLY A 141 18.02 -55.40 17.62
N GLU A 1 3.10 75.67 -16.12
CA GLU A 1 3.18 76.42 -17.38
C GLU A 1 1.94 76.12 -18.23
N GLU A 2 1.96 75.00 -18.94
CA GLU A 2 0.85 74.59 -19.79
C GLU A 2 1.08 73.17 -20.30
N TYR A 3 0.05 72.34 -20.23
CA TYR A 3 0.14 70.97 -20.67
C TYR A 3 -0.03 70.87 -22.18
N VAL A 4 0.99 71.28 -22.90
CA VAL A 4 0.98 71.22 -24.34
C VAL A 4 2.14 70.37 -24.86
N LEU A 5 1.84 69.12 -25.17
CA LEU A 5 2.85 68.21 -25.69
C LEU A 5 2.72 67.96 -27.14
N GLN A 6 3.61 68.59 -27.88
CA GLN A 6 3.67 68.46 -29.32
C GLN A 6 5.08 68.74 -29.81
N ALA A 7 5.47 68.10 -30.89
CA ALA A 7 6.79 68.29 -31.47
C ALA A 7 6.77 67.93 -32.95
N GLY A 8 7.82 68.29 -33.67
CA GLY A 8 7.89 67.97 -35.08
C GLY A 8 8.25 69.16 -35.94
N GLY A 9 8.09 70.35 -35.38
CA GLY A 9 8.42 71.55 -36.10
C GLY A 9 8.30 72.77 -35.23
N VAL A 10 8.68 73.91 -35.76
CA VAL A 10 8.59 75.15 -35.01
C VAL A 10 7.82 76.19 -35.84
N LEU A 11 7.43 77.28 -35.24
CA LEU A 11 6.63 78.28 -35.93
C LEU A 11 7.10 79.68 -35.63
N CYS A 12 6.87 80.58 -36.57
CA CYS A 12 7.16 81.97 -36.41
C CYS A 12 6.37 82.51 -35.21
N PRO A 13 7.00 83.29 -34.35
CA PRO A 13 6.38 83.80 -33.13
C PRO A 13 5.23 84.79 -33.37
N GLN A 14 5.15 85.31 -34.59
CA GLN A 14 4.11 86.27 -34.93
C GLN A 14 2.93 85.61 -35.65
N PRO A 15 1.70 85.95 -35.23
CA PRO A 15 0.46 85.37 -35.81
C PRO A 15 0.23 85.81 -37.25
N GLY A 16 0.93 86.85 -37.67
CA GLY A 16 0.80 87.31 -39.05
C GLY A 16 1.62 86.47 -40.00
N CYS A 17 2.02 85.30 -39.55
CA CYS A 17 2.80 84.39 -40.34
C CYS A 17 2.14 83.02 -40.38
N GLY A 18 2.46 82.18 -39.39
CA GLY A 18 1.90 80.85 -39.33
C GLY A 18 2.35 80.00 -40.49
N MET A 19 3.46 80.40 -41.11
CA MET A 19 3.99 79.71 -42.28
C MET A 19 4.50 78.32 -41.90
N GLY A 20 5.20 78.23 -40.79
CA GLY A 20 5.73 76.96 -40.36
C GLY A 20 7.20 76.82 -40.68
N LEU A 21 8.00 76.66 -39.65
CA LEU A 21 9.44 76.54 -39.79
C LEU A 21 9.90 75.13 -39.42
N LEU A 22 11.04 74.73 -39.95
CA LEU A 22 11.58 73.41 -39.68
C LEU A 22 12.70 73.47 -38.67
N VAL A 23 12.96 72.37 -38.00
CA VAL A 23 14.03 72.30 -37.03
C VAL A 23 15.02 71.21 -37.40
N GLU A 24 16.04 71.58 -38.17
CA GLU A 24 17.09 70.65 -38.54
C GLU A 24 17.91 70.30 -37.30
N PRO A 25 18.53 69.12 -37.26
CA PRO A 25 19.38 68.72 -36.13
C PRO A 25 20.57 69.66 -35.97
N ASP A 26 21.02 70.20 -37.10
CA ASP A 26 22.13 71.14 -37.12
C ASP A 26 21.64 72.58 -37.19
N CYS A 27 20.36 72.78 -36.91
CA CYS A 27 19.79 74.12 -36.91
C CYS A 27 20.27 74.88 -35.68
N ARG A 28 21.24 75.74 -35.88
CA ARG A 28 21.81 76.52 -34.80
C ARG A 28 21.45 77.99 -34.97
N LYS A 29 20.78 78.29 -36.05
CA LYS A 29 20.31 79.64 -36.34
C LYS A 29 18.98 79.59 -37.04
N VAL A 30 17.90 79.62 -36.27
CA VAL A 30 16.57 79.58 -36.84
C VAL A 30 16.02 80.99 -37.01
N THR A 31 15.56 81.29 -38.19
CA THR A 31 15.01 82.58 -38.51
C THR A 31 13.98 82.44 -39.62
N CYS A 32 12.94 83.25 -39.57
CA CYS A 32 11.90 83.23 -40.60
C CYS A 32 12.42 83.95 -41.85
N GLN A 33 13.63 83.61 -42.25
CA GLN A 33 14.30 84.23 -43.38
C GLN A 33 13.58 83.97 -44.71
N ASN A 34 12.66 83.04 -44.69
CA ASN A 34 11.90 82.68 -45.87
C ASN A 34 10.54 83.38 -45.89
N GLY A 35 10.24 84.13 -44.83
CA GLY A 35 8.98 84.84 -44.74
C GLY A 35 9.13 86.20 -44.09
N CYS A 36 9.28 86.20 -42.78
CA CYS A 36 9.46 87.43 -42.02
C CYS A 36 10.94 87.61 -41.71
N GLY A 37 11.24 87.92 -40.48
CA GLY A 37 12.61 87.97 -40.03
C GLY A 37 12.68 88.13 -38.53
N TYR A 38 13.00 87.04 -37.86
CA TYR A 38 13.10 87.05 -36.41
C TYR A 38 13.90 85.84 -35.95
N VAL A 39 14.75 86.04 -34.96
CA VAL A 39 15.49 84.93 -34.39
C VAL A 39 14.78 84.40 -33.16
N PHE A 40 14.51 83.12 -33.14
CA PHE A 40 13.82 82.52 -32.03
C PHE A 40 14.45 81.21 -31.69
N CYS A 41 13.90 80.49 -30.74
CA CYS A 41 14.47 79.23 -30.36
C CYS A 41 14.01 78.15 -31.32
N ARG A 42 14.69 77.04 -31.29
CA ARG A 42 14.35 75.95 -32.16
C ARG A 42 13.38 75.00 -31.48
N ASN A 43 13.34 75.08 -30.16
CA ASN A 43 12.44 74.25 -29.39
C ASN A 43 11.27 75.06 -28.88
N CYS A 44 11.53 76.36 -28.65
CA CYS A 44 10.52 77.26 -28.14
C CYS A 44 10.56 78.58 -28.88
N LEU A 45 9.91 79.57 -28.33
CA LEU A 45 9.84 80.87 -28.95
C LEU A 45 10.50 81.93 -28.07
N GLN A 46 11.43 81.49 -27.23
CA GLN A 46 12.08 82.40 -26.27
C GLN A 46 13.30 83.14 -26.85
N GLY A 47 13.29 83.41 -28.15
CA GLY A 47 14.36 84.18 -28.77
C GLY A 47 15.69 83.45 -28.84
N TYR A 48 15.61 82.12 -28.81
CA TYR A 48 16.79 81.24 -28.87
C TYR A 48 17.69 81.40 -27.63
N HIS A 49 17.76 80.36 -26.84
CA HIS A 49 18.58 80.36 -25.64
C HIS A 49 19.41 79.09 -25.58
N ILE A 50 20.37 79.07 -24.69
CA ILE A 50 21.21 77.90 -24.52
C ILE A 50 20.50 76.84 -23.68
N GLY A 51 20.76 75.58 -23.97
CA GLY A 51 20.17 74.51 -23.21
C GLY A 51 18.99 73.87 -23.92
N GLU A 52 18.47 72.81 -23.36
CA GLU A 52 17.33 72.13 -23.93
C GLU A 52 16.06 72.52 -23.20
N CYS A 53 15.05 72.93 -23.96
CA CYS A 53 13.79 73.36 -23.38
C CYS A 53 12.90 72.17 -23.09
N LEU A 54 12.00 72.31 -22.14
CA LEU A 54 11.08 71.26 -21.80
C LEU A 54 9.71 71.84 -21.45
N PRO A 55 8.63 71.14 -21.81
CA PRO A 55 7.29 71.55 -21.50
C PRO A 55 6.81 70.95 -20.19
N GLU A 56 5.51 70.91 -19.99
CA GLU A 56 4.95 70.33 -18.78
C GLU A 56 4.95 68.81 -18.89
N GLY A 57 5.98 68.19 -18.34
CA GLY A 57 6.10 66.75 -18.43
C GLY A 57 6.05 66.08 -17.08
N THR A 58 4.92 66.20 -16.41
CA THR A 58 4.75 65.58 -15.11
C THR A 58 4.36 64.11 -15.24
N GLY A 59 4.77 63.31 -14.26
CA GLY A 59 4.45 61.91 -14.27
C GLY A 59 4.15 61.40 -12.87
N ALA A 60 3.21 60.47 -12.76
CA ALA A 60 2.81 59.92 -11.47
C ALA A 60 1.93 58.69 -11.64
N SER A 61 1.48 58.13 -10.51
CA SER A 61 0.60 56.96 -10.46
C SER A 61 1.31 55.67 -10.83
N ALA A 62 1.40 54.76 -9.87
CA ALA A 62 2.00 53.47 -10.08
C ALA A 62 1.31 52.45 -9.20
N THR A 63 1.03 51.28 -9.74
CA THR A 63 0.32 50.27 -8.99
C THR A 63 1.28 49.21 -8.42
N ASN A 64 0.86 48.57 -7.35
CA ASN A 64 1.66 47.54 -6.69
C ASN A 64 0.79 46.31 -6.43
N SER A 65 1.42 45.17 -6.22
CA SER A 65 0.68 43.92 -6.01
C SER A 65 1.46 42.97 -5.07
N CYS A 66 0.77 41.95 -4.57
CA CYS A 66 1.37 40.96 -3.69
C CYS A 66 0.47 39.74 -3.53
N GLU A 67 1.07 38.58 -3.31
CA GLU A 67 0.33 37.34 -3.11
C GLU A 67 1.11 36.37 -2.23
N TYR A 68 0.44 35.35 -1.72
CA TYR A 68 1.08 34.34 -0.89
C TYR A 68 0.37 32.99 -1.05
N THR A 69 0.96 31.94 -0.53
CA THR A 69 0.37 30.61 -0.59
C THR A 69 0.93 29.73 0.53
N VAL A 70 0.06 29.21 1.37
CA VAL A 70 0.47 28.35 2.46
C VAL A 70 -0.02 26.91 2.25
N ASP A 71 0.81 25.96 2.63
CA ASP A 71 0.52 24.54 2.44
C ASP A 71 0.02 23.90 3.73
N PRO A 72 -0.79 22.83 3.63
CA PRO A 72 -1.29 22.10 4.78
C PRO A 72 -0.29 21.05 5.28
N ASN A 73 -0.32 20.78 6.57
CA ASN A 73 0.60 19.81 7.16
C ASN A 73 -0.01 18.41 7.18
N ARG A 74 0.86 17.41 7.24
CA ARG A 74 0.43 16.02 7.32
C ARG A 74 1.19 15.30 8.43
N ALA A 75 0.80 14.06 8.70
CA ALA A 75 1.43 13.24 9.72
C ALA A 75 1.19 11.76 9.43
N ALA A 76 2.26 11.04 9.18
CA ALA A 76 2.16 9.62 8.88
C ALA A 76 3.09 8.82 9.79
N GLU A 77 2.63 7.66 10.23
CA GLU A 77 3.41 6.83 11.13
C GLU A 77 3.14 5.35 10.88
N ALA A 78 3.87 4.51 11.60
CA ALA A 78 3.73 3.07 11.51
C ALA A 78 4.26 2.43 12.79
N ARG A 79 3.40 1.72 13.48
CA ARG A 79 3.79 1.10 14.74
C ARG A 79 3.44 -0.39 14.76
N TRP A 80 4.29 -1.18 15.40
CA TRP A 80 4.10 -2.61 15.47
C TRP A 80 4.65 -3.17 16.78
N ASP A 81 4.24 -4.36 17.14
CA ASP A 81 4.70 -5.01 18.36
C ASP A 81 5.76 -6.04 18.05
N GLU A 82 6.69 -6.24 18.97
CA GLU A 82 7.80 -7.16 18.77
C GLU A 82 7.60 -8.46 19.55
N ALA A 83 6.39 -8.67 20.05
CA ALA A 83 6.08 -9.84 20.84
C ALA A 83 6.19 -11.11 20.02
N SER A 84 7.04 -12.03 20.48
CA SER A 84 7.26 -13.28 19.79
C SER A 84 7.98 -14.25 20.71
N ASN A 85 7.67 -15.53 20.61
CA ASN A 85 8.33 -16.55 21.41
C ASN A 85 8.31 -17.89 20.69
N VAL A 86 9.44 -18.23 20.09
CA VAL A 86 9.60 -19.49 19.40
C VAL A 86 10.58 -20.37 20.16
N THR A 87 10.77 -21.60 19.70
CA THR A 87 11.70 -22.50 20.33
C THR A 87 12.21 -23.54 19.34
N ILE A 88 13.53 -23.63 19.23
CA ILE A 88 14.17 -24.57 18.35
C ILE A 88 15.05 -25.52 19.13
N LYS A 89 15.19 -26.73 18.63
CA LYS A 89 15.99 -27.73 19.30
C LYS A 89 16.84 -28.49 18.31
N VAL A 90 18.00 -28.93 18.74
CA VAL A 90 18.91 -29.68 17.89
C VAL A 90 18.61 -31.17 18.02
N SER A 91 17.97 -31.70 17.01
CA SER A 91 17.61 -33.12 17.01
C SER A 91 18.70 -33.95 16.35
N THR A 92 19.61 -33.28 15.68
CA THR A 92 20.73 -33.95 15.05
C THR A 92 21.84 -34.18 16.04
N LYS A 93 22.45 -35.35 15.98
CA LYS A 93 23.53 -35.68 16.89
C LYS A 93 24.86 -35.27 16.25
N PRO A 94 25.66 -34.45 16.95
CA PRO A 94 26.96 -34.02 16.44
C PRO A 94 27.99 -35.15 16.52
N CYS A 95 28.56 -35.48 15.36
CA CYS A 95 29.58 -36.52 15.25
C CYS A 95 30.72 -36.27 16.24
N PRO A 96 31.19 -37.33 16.93
CA PRO A 96 32.29 -37.22 17.88
C PRO A 96 33.61 -36.83 17.20
N LYS A 97 33.66 -36.94 15.87
CA LYS A 97 34.87 -36.61 15.14
C LYS A 97 34.75 -35.29 14.39
N CYS A 98 33.90 -35.25 13.36
CA CYS A 98 33.77 -34.04 12.54
C CYS A 98 32.77 -33.04 13.12
N ARG A 99 32.04 -33.47 14.15
CA ARG A 99 31.07 -32.60 14.83
C ARG A 99 29.92 -32.19 13.90
N THR A 100 29.66 -33.01 12.91
CA THR A 100 28.61 -32.72 11.96
C THR A 100 27.26 -33.25 12.47
N PRO A 101 26.17 -32.50 12.24
CA PRO A 101 24.84 -32.91 12.66
C PRO A 101 24.32 -34.10 11.85
N THR A 102 24.34 -35.27 12.46
CA THR A 102 23.87 -36.47 11.81
C THR A 102 22.34 -36.56 11.88
N GLU A 103 21.70 -36.59 10.73
CA GLU A 103 20.26 -36.72 10.68
C GLU A 103 19.89 -38.00 9.97
N ARG A 104 19.65 -39.02 10.77
CA ARG A 104 19.28 -40.32 10.26
C ARG A 104 18.16 -40.89 11.11
N ASP A 105 17.41 -41.82 10.53
CA ASP A 105 16.34 -42.47 11.26
C ASP A 105 16.88 -43.68 11.98
N GLY A 106 16.27 -44.03 13.08
CA GLY A 106 16.70 -45.17 13.85
C GLY A 106 16.18 -46.48 13.29
N GLY A 107 16.52 -46.76 12.04
CA GLY A 107 16.09 -47.99 11.42
C GLY A 107 16.85 -49.18 11.98
N CYS A 108 18.11 -48.95 12.29
CA CYS A 108 18.96 -49.96 12.87
C CYS A 108 19.85 -49.31 13.93
N MET A 109 20.62 -50.10 14.64
CA MET A 109 21.50 -49.58 15.67
C MET A 109 22.81 -49.07 15.07
N HIS A 110 22.94 -49.17 13.76
CA HIS A 110 24.14 -48.74 13.07
C HIS A 110 24.03 -47.31 12.59
N MET A 111 24.63 -46.40 13.33
CA MET A 111 24.66 -45.01 12.95
C MET A 111 25.99 -44.66 12.32
N VAL A 112 25.97 -44.48 11.02
CA VAL A 112 27.17 -44.17 10.27
C VAL A 112 27.17 -42.71 9.88
N CYS A 113 28.22 -42.01 10.25
CA CYS A 113 28.34 -40.62 9.90
C CYS A 113 28.80 -40.48 8.47
N THR A 114 27.86 -40.22 7.57
CA THR A 114 28.19 -40.06 6.20
C THR A 114 28.65 -38.63 5.94
N ARG A 115 29.94 -38.44 6.07
CA ARG A 115 30.57 -37.16 5.86
C ARG A 115 31.75 -37.36 4.93
N ALA A 116 32.03 -36.39 4.08
CA ALA A 116 33.15 -36.49 3.17
C ALA A 116 34.47 -36.40 3.92
N GLY A 117 35.02 -37.54 4.28
CA GLY A 117 36.26 -37.58 5.02
C GLY A 117 36.09 -38.06 6.45
N CYS A 118 34.92 -38.64 6.74
CA CYS A 118 34.66 -39.17 8.08
C CYS A 118 34.51 -40.68 8.03
N GLY A 119 33.29 -41.15 7.80
CA GLY A 119 33.03 -42.57 7.71
C GLY A 119 33.10 -43.24 9.07
N PHE A 120 32.82 -42.49 10.12
CA PHE A 120 32.87 -43.01 11.46
C PHE A 120 31.53 -43.61 11.84
N GLU A 121 31.56 -44.70 12.57
CA GLU A 121 30.36 -45.37 12.99
C GLU A 121 30.22 -45.31 14.49
N TRP A 122 29.04 -44.96 14.95
CA TRP A 122 28.77 -44.89 16.37
C TRP A 122 27.45 -45.56 16.72
N CYS A 123 27.25 -45.83 18.00
CA CYS A 123 26.09 -46.57 18.45
C CYS A 123 24.84 -45.70 18.50
N TRP A 124 23.76 -46.26 18.01
CA TRP A 124 22.47 -45.58 18.02
C TRP A 124 21.81 -45.61 19.41
N VAL A 125 21.84 -46.77 20.05
CA VAL A 125 21.12 -46.97 21.31
C VAL A 125 21.83 -46.37 22.52
N CYS A 126 23.10 -46.06 22.39
CA CYS A 126 23.83 -45.39 23.46
C CYS A 126 24.84 -44.45 22.86
N GLN A 127 25.13 -43.37 23.53
CA GLN A 127 26.11 -42.45 22.99
C GLN A 127 27.50 -42.94 23.34
N THR A 128 28.20 -43.41 22.32
CA THR A 128 29.54 -43.94 22.47
C THR A 128 30.29 -43.85 21.15
N GLU A 129 31.53 -44.27 21.16
CA GLU A 129 32.34 -44.35 19.96
C GLU A 129 32.47 -45.80 19.57
N TRP A 130 32.76 -46.09 18.31
CA TRP A 130 32.95 -47.46 17.85
C TRP A 130 33.97 -48.16 18.72
N THR A 131 33.50 -49.02 19.59
CA THR A 131 34.35 -49.70 20.53
C THR A 131 34.02 -51.18 20.59
N ARG A 132 35.01 -51.98 20.94
CA ARG A 132 34.84 -53.42 21.06
C ARG A 132 33.97 -53.74 22.28
N ASP A 133 33.92 -52.82 23.22
CA ASP A 133 33.10 -52.97 24.41
C ASP A 133 31.63 -52.94 24.04
N CYS A 134 31.32 -52.23 22.97
CA CYS A 134 29.95 -52.12 22.50
C CYS A 134 29.71 -53.06 21.33
N MET A 135 30.77 -53.37 20.58
CA MET A 135 30.67 -54.25 19.40
C MET A 135 30.04 -55.60 19.74
N GLY A 136 30.24 -56.04 20.98
CA GLY A 136 29.69 -57.31 21.40
C GLY A 136 28.58 -57.13 22.43
N ALA A 137 28.11 -55.91 22.59
CA ALA A 137 27.07 -55.63 23.56
C ALA A 137 25.71 -55.51 22.87
N HIS A 138 25.57 -54.49 22.04
CA HIS A 138 24.32 -54.28 21.31
C HIS A 138 24.57 -53.67 19.94
N TRP A 139 25.78 -53.84 19.44
CA TRP A 139 26.13 -53.38 18.10
C TRP A 139 25.47 -54.30 17.06
N PHE A 140 24.95 -55.41 17.56
CA PHE A 140 24.23 -56.38 16.77
C PHE A 140 22.82 -56.51 17.32
N GLY A 141 21.89 -56.85 16.46
CA GLY A 141 20.51 -56.99 16.88
C GLY A 141 20.26 -58.32 17.57
N GLU A 1 -52.24 30.80 1.56
CA GLU A 1 -53.36 30.74 2.52
C GLU A 1 -53.55 29.33 3.05
N GLU A 2 -52.86 28.37 2.46
CA GLU A 2 -52.97 26.98 2.85
C GLU A 2 -52.38 26.75 4.23
N TYR A 3 -53.24 26.69 5.22
CA TYR A 3 -52.81 26.43 6.58
C TYR A 3 -52.79 24.93 6.84
N VAL A 4 -51.73 24.28 6.39
CA VAL A 4 -51.59 22.85 6.53
C VAL A 4 -50.81 22.49 7.77
N LEU A 5 -51.47 21.86 8.71
CA LEU A 5 -50.85 21.42 9.96
C LEU A 5 -51.35 20.03 10.33
N GLN A 6 -52.28 19.54 9.55
CA GLN A 6 -52.89 18.26 9.79
C GLN A 6 -52.43 17.25 8.75
N ALA A 7 -52.42 15.98 9.12
CA ALA A 7 -52.03 14.92 8.21
C ALA A 7 -53.23 14.34 7.50
N GLY A 8 -54.41 14.83 7.88
CA GLY A 8 -55.64 14.34 7.29
C GLY A 8 -56.03 12.99 7.84
N GLY A 9 -56.22 12.04 6.95
CA GLY A 9 -56.58 10.71 7.37
C GLY A 9 -55.97 9.66 6.47
N VAL A 10 -55.55 8.57 7.06
CA VAL A 10 -54.97 7.48 6.30
C VAL A 10 -56.02 6.39 6.10
N LEU A 11 -55.74 5.47 5.21
CA LEU A 11 -56.66 4.40 4.92
C LEU A 11 -56.06 3.07 5.32
N CYS A 12 -56.89 2.19 5.85
CA CYS A 12 -56.43 0.88 6.25
C CYS A 12 -56.03 0.07 5.02
N PRO A 13 -54.76 -0.32 4.95
CA PRO A 13 -54.20 -1.07 3.82
C PRO A 13 -54.49 -2.56 3.93
N GLN A 14 -55.28 -2.94 4.92
CA GLN A 14 -55.64 -4.32 5.10
C GLN A 14 -56.88 -4.62 4.28
N PRO A 15 -56.79 -5.58 3.35
CA PRO A 15 -57.89 -5.93 2.45
C PRO A 15 -59.16 -6.34 3.19
N GLY A 16 -60.18 -5.50 3.09
CA GLY A 16 -61.43 -5.80 3.76
C GLY A 16 -61.89 -4.65 4.63
N CYS A 17 -61.14 -3.56 4.63
CA CYS A 17 -61.47 -2.41 5.43
C CYS A 17 -61.85 -1.23 4.57
N GLY A 18 -60.86 -0.41 4.20
CA GLY A 18 -61.12 0.78 3.43
C GLY A 18 -62.03 1.73 4.16
N MET A 19 -62.08 1.60 5.48
CA MET A 19 -62.95 2.42 6.32
C MET A 19 -62.45 3.85 6.41
N GLY A 20 -61.38 4.05 7.14
CA GLY A 20 -60.84 5.38 7.30
C GLY A 20 -60.19 5.55 8.65
N LEU A 21 -58.93 5.89 8.64
CA LEU A 21 -58.15 6.07 9.85
C LEU A 21 -57.80 7.53 10.04
N LEU A 22 -58.07 8.05 11.20
CA LEU A 22 -57.79 9.44 11.48
C LEU A 22 -56.37 9.61 11.98
N VAL A 23 -55.65 10.53 11.38
CA VAL A 23 -54.27 10.78 11.75
C VAL A 23 -54.09 12.23 12.18
N GLU A 24 -54.31 12.49 13.45
CA GLU A 24 -54.13 13.81 14.02
C GLU A 24 -52.65 14.10 14.20
N PRO A 25 -52.26 15.37 14.44
CA PRO A 25 -50.86 15.73 14.69
C PRO A 25 -50.27 14.96 15.88
N ASP A 26 -51.15 14.52 16.78
CA ASP A 26 -50.73 13.77 17.96
C ASP A 26 -50.92 12.27 17.78
N CYS A 27 -51.38 11.87 16.61
CA CYS A 27 -51.59 10.45 16.35
C CYS A 27 -50.28 9.83 15.88
N ARG A 28 -49.49 9.41 16.84
CA ARG A 28 -48.18 8.84 16.55
C ARG A 28 -48.23 7.33 16.71
N LYS A 29 -49.42 6.78 16.62
CA LYS A 29 -49.63 5.35 16.70
C LYS A 29 -50.93 5.00 16.00
N VAL A 30 -50.81 4.33 14.88
CA VAL A 30 -51.96 3.98 14.07
C VAL A 30 -52.31 2.49 14.20
N THR A 31 -53.57 2.23 14.51
CA THR A 31 -54.08 0.88 14.63
C THR A 31 -55.56 0.87 14.30
N CYS A 32 -56.02 -0.12 13.54
CA CYS A 32 -57.42 -0.21 13.20
C CYS A 32 -58.23 -0.80 14.35
N GLN A 33 -58.20 -0.12 15.47
CA GLN A 33 -58.95 -0.56 16.65
C GLN A 33 -60.45 -0.38 16.41
N ASN A 34 -60.77 0.24 15.29
CA ASN A 34 -62.15 0.50 14.92
C ASN A 34 -62.64 -0.53 13.90
N GLY A 35 -61.74 -1.41 13.48
CA GLY A 35 -62.08 -2.44 12.52
C GLY A 35 -61.12 -3.60 12.58
N CYS A 36 -60.40 -3.82 11.50
CA CYS A 36 -59.40 -4.87 11.42
C CYS A 36 -58.07 -4.38 11.96
N GLY A 37 -57.83 -4.64 13.22
CA GLY A 37 -56.69 -4.09 13.90
C GLY A 37 -55.37 -4.62 13.44
N TYR A 38 -54.60 -3.75 12.84
CA TYR A 38 -53.26 -4.04 12.39
C TYR A 38 -52.45 -2.76 12.44
N VAL A 39 -51.24 -2.83 12.97
CA VAL A 39 -50.37 -1.68 13.04
C VAL A 39 -49.56 -1.55 11.74
N PHE A 40 -49.51 -0.35 11.19
CA PHE A 40 -48.79 -0.13 9.96
C PHE A 40 -48.22 1.26 9.95
N CYS A 41 -47.48 1.59 8.93
CA CYS A 41 -46.92 2.91 8.85
C CYS A 41 -47.94 3.83 8.21
N ARG A 42 -47.91 5.08 8.53
CA ARG A 42 -48.85 6.01 7.93
C ARG A 42 -48.37 6.42 6.54
N ASN A 43 -47.13 6.07 6.25
CA ASN A 43 -46.53 6.39 4.98
C ASN A 43 -46.45 5.14 4.13
N CYS A 44 -46.15 4.02 4.79
CA CYS A 44 -45.96 2.75 4.10
C CYS A 44 -46.59 1.61 4.90
N LEU A 45 -46.14 0.39 4.64
CA LEU A 45 -46.67 -0.78 5.32
C LEU A 45 -45.61 -1.49 6.16
N GLN A 46 -44.58 -0.76 6.55
CA GLN A 46 -43.47 -1.36 7.30
C GLN A 46 -43.76 -1.47 8.81
N GLY A 47 -45.04 -1.59 9.18
CA GLY A 47 -45.41 -1.80 10.58
C GLY A 47 -45.17 -0.60 11.48
N TYR A 48 -45.17 0.59 10.88
CA TYR A 48 -44.94 1.85 11.60
C TYR A 48 -43.54 1.88 12.20
N HIS A 49 -42.67 2.64 11.58
CA HIS A 49 -41.29 2.72 12.00
C HIS A 49 -40.84 4.19 12.08
N ILE A 50 -40.66 4.80 10.92
CA ILE A 50 -40.26 6.19 10.85
C ILE A 50 -41.50 7.07 10.83
N GLY A 51 -41.39 8.28 11.37
CA GLY A 51 -42.51 9.20 11.39
C GLY A 51 -43.03 9.47 9.99
N GLU A 52 -42.13 9.90 9.11
CA GLU A 52 -42.49 10.17 7.74
C GLU A 52 -41.51 9.50 6.79
N CYS A 53 -42.02 8.65 5.93
CA CYS A 53 -41.21 7.94 4.97
C CYS A 53 -41.37 8.56 3.58
N LEU A 54 -40.74 7.98 2.60
CA LEU A 54 -40.83 8.47 1.25
C LEU A 54 -42.02 7.83 0.53
N PRO A 55 -42.61 8.54 -0.43
CA PRO A 55 -43.74 8.02 -1.20
C PRO A 55 -43.29 7.02 -2.27
N GLU A 56 -44.20 6.63 -3.14
CA GLU A 56 -43.89 5.70 -4.21
C GLU A 56 -42.81 6.26 -5.12
N GLY A 57 -43.03 7.49 -5.57
CA GLY A 57 -42.11 8.12 -6.48
C GLY A 57 -42.15 7.47 -7.84
N THR A 58 -41.25 6.55 -8.08
CA THR A 58 -41.22 5.83 -9.32
C THR A 58 -41.27 4.32 -9.05
N GLY A 59 -41.36 3.96 -7.77
CA GLY A 59 -41.41 2.57 -7.39
C GLY A 59 -40.05 1.91 -7.47
N ALA A 60 -39.01 2.66 -7.16
CA ALA A 60 -37.66 2.13 -7.18
C ALA A 60 -37.33 1.47 -5.86
N SER A 61 -37.52 0.17 -5.79
CA SER A 61 -37.26 -0.57 -4.59
C SER A 61 -35.76 -0.82 -4.44
N ALA A 62 -35.11 0.12 -3.78
CA ALA A 62 -33.68 0.06 -3.52
C ALA A 62 -33.34 1.08 -2.45
N THR A 63 -32.99 0.61 -1.27
CA THR A 63 -32.72 1.51 -0.17
C THR A 63 -31.38 1.20 0.51
N ASN A 64 -30.72 2.26 0.97
CA ASN A 64 -29.48 2.12 1.72
C ASN A 64 -29.61 2.95 2.98
N SER A 65 -28.90 2.57 4.02
CA SER A 65 -29.01 3.27 5.28
C SER A 65 -27.66 3.40 5.98
N CYS A 66 -26.96 2.30 6.08
CA CYS A 66 -25.70 2.26 6.80
C CYS A 66 -24.50 2.54 5.88
N GLU A 67 -24.75 3.15 4.74
CA GLU A 67 -23.68 3.48 3.82
C GLU A 67 -23.13 4.86 4.14
N TYR A 68 -22.05 4.89 4.88
CA TYR A 68 -21.43 6.13 5.30
C TYR A 68 -19.99 5.87 5.72
N THR A 69 -19.06 6.61 5.12
CA THR A 69 -17.65 6.47 5.44
C THR A 69 -16.91 7.78 5.15
N VAL A 70 -16.72 8.58 6.18
CA VAL A 70 -16.01 9.84 6.03
C VAL A 70 -14.63 9.75 6.69
N ASP A 71 -14.40 8.63 7.37
CA ASP A 71 -13.13 8.39 8.04
C ASP A 71 -12.13 7.80 7.05
N PRO A 72 -10.83 8.08 7.24
CA PRO A 72 -9.77 7.61 6.34
C PRO A 72 -9.71 6.09 6.21
N ASN A 73 -10.05 5.59 5.04
CA ASN A 73 -10.00 4.17 4.75
C ASN A 73 -8.65 3.80 4.12
N ARG A 74 -7.84 3.05 4.85
CA ARG A 74 -6.53 2.68 4.36
C ARG A 74 -6.08 1.32 4.90
N ALA A 75 -5.12 0.70 4.24
CA ALA A 75 -4.59 -0.59 4.68
C ALA A 75 -3.14 -0.77 4.23
N ALA A 76 -2.22 -0.66 5.18
CA ALA A 76 -0.81 -0.80 4.88
C ALA A 76 -0.09 -1.69 5.89
N GLU A 77 0.32 -2.86 5.44
CA GLU A 77 1.05 -3.80 6.29
C GLU A 77 1.67 -4.90 5.43
N ALA A 78 2.94 -5.19 5.67
CA ALA A 78 3.66 -6.19 4.89
C ALA A 78 5.03 -6.49 5.51
N ARG A 79 5.40 -7.76 5.50
CA ARG A 79 6.70 -8.19 5.98
C ARG A 79 7.29 -9.19 5.01
N TRP A 80 8.53 -9.57 5.24
CA TRP A 80 9.21 -10.54 4.40
C TRP A 80 10.35 -11.19 5.16
N ASP A 81 10.18 -12.45 5.49
CA ASP A 81 11.19 -13.18 6.24
C ASP A 81 11.50 -14.51 5.55
N GLU A 82 12.70 -14.63 5.06
CA GLU A 82 13.13 -15.86 4.40
C GLU A 82 14.09 -16.64 5.31
N ALA A 83 14.32 -16.11 6.51
CA ALA A 83 15.26 -16.73 7.44
C ALA A 83 14.55 -17.69 8.38
N SER A 84 15.28 -18.19 9.35
CA SER A 84 14.76 -19.12 10.32
C SER A 84 15.47 -18.94 11.66
N ASN A 85 14.79 -19.27 12.73
CA ASN A 85 15.39 -19.20 14.05
C ASN A 85 16.21 -20.45 14.30
N VAL A 86 17.22 -20.34 15.12
CA VAL A 86 18.10 -21.46 15.41
C VAL A 86 17.45 -22.41 16.41
N THR A 87 17.63 -23.69 16.20
CA THR A 87 17.09 -24.69 17.09
C THR A 87 18.22 -25.60 17.58
N ILE A 88 18.31 -25.77 18.89
CA ILE A 88 19.33 -26.60 19.48
C ILE A 88 18.81 -28.03 19.64
N LYS A 89 17.52 -28.15 19.95
CA LYS A 89 16.90 -29.45 20.15
C LYS A 89 16.46 -30.06 18.83
N VAL A 90 17.32 -29.99 17.83
CA VAL A 90 17.04 -30.56 16.53
C VAL A 90 17.22 -32.07 16.57
N SER A 91 16.62 -32.76 15.61
CA SER A 91 16.72 -34.20 15.54
C SER A 91 18.11 -34.63 15.10
N THR A 92 18.76 -33.77 14.33
CA THR A 92 20.11 -34.05 13.87
C THR A 92 21.11 -33.74 14.98
N LYS A 93 21.78 -34.76 15.46
CA LYS A 93 22.77 -34.60 16.50
C LYS A 93 24.14 -34.38 15.89
N PRO A 94 24.96 -33.52 16.52
CA PRO A 94 26.30 -33.24 16.05
C PRO A 94 27.23 -34.45 16.20
N CYS A 95 27.87 -34.82 15.12
CA CYS A 95 28.81 -35.93 15.11
C CYS A 95 29.92 -35.70 16.14
N PRO A 96 30.31 -36.75 16.85
CA PRO A 96 31.38 -36.67 17.83
C PRO A 96 32.75 -36.40 17.17
N LYS A 97 32.83 -36.61 15.85
CA LYS A 97 34.07 -36.40 15.14
C LYS A 97 34.06 -35.08 14.34
N CYS A 98 33.13 -34.94 13.40
CA CYS A 98 33.07 -33.73 12.57
C CYS A 98 32.04 -32.72 13.04
N ARG A 99 31.22 -33.12 14.01
CA ARG A 99 30.19 -32.25 14.60
C ARG A 99 29.13 -31.84 13.57
N THR A 100 28.97 -32.64 12.56
CA THR A 100 27.98 -32.39 11.54
C THR A 100 26.62 -32.89 12.01
N PRO A 101 25.52 -32.36 11.46
CA PRO A 101 24.19 -32.79 11.82
C PRO A 101 23.84 -34.13 11.18
N THR A 102 23.88 -35.18 11.97
CA THR A 102 23.60 -36.51 11.48
C THR A 102 22.10 -36.73 11.32
N GLU A 103 21.67 -36.85 10.06
CA GLU A 103 20.27 -37.08 9.74
C GLU A 103 19.93 -38.54 9.96
N ARG A 104 19.15 -38.81 10.99
CA ARG A 104 18.77 -40.17 11.29
C ARG A 104 17.28 -40.37 11.04
N ASP A 105 16.96 -41.37 10.25
CA ASP A 105 15.57 -41.71 9.95
C ASP A 105 15.44 -43.20 9.88
N GLY A 106 14.87 -43.78 10.92
CA GLY A 106 14.79 -45.22 10.99
C GLY A 106 16.12 -45.79 11.42
N GLY A 107 16.64 -45.27 12.53
CA GLY A 107 17.94 -45.69 13.04
C GLY A 107 18.03 -47.18 13.22
N CYS A 108 19.06 -47.77 12.63
CA CYS A 108 19.26 -49.20 12.69
C CYS A 108 20.19 -49.56 13.85
N MET A 109 20.23 -48.68 14.87
CA MET A 109 21.08 -48.85 16.08
C MET A 109 22.56 -48.62 15.76
N HIS A 110 23.00 -49.10 14.63
CA HIS A 110 24.34 -48.86 14.16
C HIS A 110 24.36 -47.51 13.44
N MET A 111 24.92 -46.49 14.07
CA MET A 111 24.93 -45.14 13.51
C MET A 111 26.26 -44.84 12.84
N VAL A 112 26.22 -44.54 11.55
CA VAL A 112 27.43 -44.23 10.80
C VAL A 112 27.33 -42.84 10.21
N CYS A 113 28.35 -42.03 10.45
CA CYS A 113 28.38 -40.69 9.92
C CYS A 113 29.12 -40.68 8.58
N THR A 114 28.36 -40.53 7.50
CA THR A 114 28.96 -40.48 6.21
C THR A 114 29.33 -39.04 5.86
N ARG A 115 30.54 -38.68 6.20
CA ARG A 115 31.06 -37.35 5.93
C ARG A 115 32.42 -37.51 5.28
N ALA A 116 32.70 -36.70 4.28
CA ALA A 116 33.99 -36.75 3.59
C ALA A 116 35.12 -36.42 4.56
N GLY A 117 35.77 -37.45 5.08
CA GLY A 117 36.84 -37.24 6.03
C GLY A 117 36.43 -37.63 7.44
N CYS A 118 35.27 -38.26 7.57
CA CYS A 118 34.80 -38.70 8.87
C CYS A 118 34.74 -40.22 8.92
N GLY A 119 33.59 -40.78 8.59
CA GLY A 119 33.42 -42.22 8.63
C GLY A 119 33.36 -42.74 10.04
N PHE A 120 32.98 -41.88 10.95
CA PHE A 120 32.91 -42.23 12.35
C PHE A 120 31.58 -42.90 12.65
N GLU A 121 31.64 -44.19 12.90
CA GLU A 121 30.47 -44.93 13.27
C GLU A 121 30.40 -45.09 14.78
N TRP A 122 29.29 -44.70 15.35
CA TRP A 122 29.12 -44.69 16.79
C TRP A 122 27.83 -45.41 17.21
N CYS A 123 27.74 -45.71 18.50
CA CYS A 123 26.61 -46.43 19.03
C CYS A 123 25.40 -45.54 19.20
N TRP A 124 24.24 -46.11 18.96
CA TRP A 124 22.99 -45.38 19.08
C TRP A 124 22.58 -45.20 20.54
N VAL A 125 22.79 -46.23 21.33
CA VAL A 125 22.28 -46.22 22.70
C VAL A 125 23.32 -45.76 23.74
N CYS A 126 24.57 -45.59 23.33
CA CYS A 126 25.60 -45.04 24.21
C CYS A 126 26.60 -44.28 23.39
N GLN A 127 27.29 -43.34 24.01
CA GLN A 127 28.27 -42.61 23.26
C GLN A 127 29.61 -43.28 23.37
N THR A 128 30.02 -43.89 22.28
CA THR A 128 31.27 -44.59 22.17
C THR A 128 31.69 -44.64 20.72
N GLU A 129 32.90 -45.07 20.49
CA GLU A 129 33.36 -45.29 19.15
C GLU A 129 33.19 -46.77 18.83
N TRP A 130 33.12 -47.10 17.56
CA TRP A 130 32.96 -48.50 17.14
C TRP A 130 33.97 -49.41 17.84
N THR A 131 33.47 -50.25 18.71
CA THR A 131 34.28 -51.16 19.48
C THR A 131 33.68 -52.54 19.45
N ARG A 132 34.53 -53.55 19.53
CA ARG A 132 34.06 -54.93 19.52
C ARG A 132 33.45 -55.29 20.86
N ASP A 133 33.85 -54.54 21.88
CA ASP A 133 33.30 -54.68 23.21
C ASP A 133 31.81 -54.37 23.19
N CYS A 134 31.47 -53.22 22.62
CA CYS A 134 30.08 -52.81 22.50
C CYS A 134 29.39 -53.62 21.42
N MET A 135 30.17 -54.03 20.41
CA MET A 135 29.67 -54.84 19.29
C MET A 135 28.92 -56.07 19.77
N GLY A 136 29.42 -56.68 20.83
CA GLY A 136 28.78 -57.86 21.37
C GLY A 136 27.95 -57.55 22.59
N ALA A 137 27.70 -56.27 22.83
CA ALA A 137 26.93 -55.84 23.97
C ALA A 137 25.56 -55.32 23.56
N HIS A 138 25.54 -54.20 22.85
CA HIS A 138 24.27 -53.61 22.41
C HIS A 138 24.44 -52.77 21.14
N TRP A 139 25.59 -52.91 20.50
CA TRP A 139 25.91 -52.19 19.26
C TRP A 139 24.86 -52.46 18.20
N PHE A 140 24.48 -53.72 18.10
CA PHE A 140 23.46 -54.14 17.16
C PHE A 140 22.68 -55.30 17.75
N GLY A 141 21.64 -54.98 18.48
CA GLY A 141 20.85 -56.00 19.13
C GLY A 141 21.55 -56.55 20.34
N GLU A 1 108.25 52.05 -38.26
CA GLU A 1 107.85 51.18 -37.14
C GLU A 1 106.78 51.84 -36.28
N GLU A 2 106.87 53.16 -36.10
CA GLU A 2 105.93 53.90 -35.30
C GLU A 2 104.60 54.07 -36.06
N TYR A 3 103.58 53.37 -35.61
CA TYR A 3 102.26 53.47 -36.20
C TYR A 3 101.20 53.59 -35.12
N VAL A 4 100.27 54.50 -35.31
CA VAL A 4 99.20 54.72 -34.36
C VAL A 4 97.85 54.77 -35.08
N LEU A 5 96.93 53.93 -34.65
CA LEU A 5 95.62 53.85 -35.25
C LEU A 5 94.58 53.33 -34.27
N GLN A 6 93.37 53.83 -34.40
CA GLN A 6 92.27 53.44 -33.55
C GLN A 6 90.94 53.71 -34.26
N ALA A 7 90.01 52.79 -34.15
CA ALA A 7 88.71 52.95 -34.78
C ALA A 7 87.60 52.98 -33.75
N GLY A 8 87.16 54.17 -33.42
CA GLY A 8 86.11 54.33 -32.44
C GLY A 8 85.80 55.76 -32.18
N GLY A 9 85.83 56.56 -33.22
CA GLY A 9 85.56 57.96 -33.09
C GLY A 9 84.15 58.30 -33.51
N VAL A 10 83.83 59.57 -33.44
CA VAL A 10 82.51 60.06 -33.81
C VAL A 10 82.67 61.11 -34.91
N LEU A 11 81.58 61.61 -35.42
CA LEU A 11 81.62 62.60 -36.49
C LEU A 11 81.10 63.92 -35.99
N CYS A 12 81.67 65.00 -36.51
CA CYS A 12 81.24 66.34 -36.16
C CYS A 12 79.78 66.55 -36.58
N PRO A 13 79.00 67.21 -35.73
CA PRO A 13 77.59 67.50 -36.01
C PRO A 13 77.42 68.63 -37.03
N GLN A 14 78.52 69.23 -37.44
CA GLN A 14 78.47 70.32 -38.40
C GLN A 14 78.50 69.76 -39.83
N PRO A 15 77.51 70.12 -40.64
CA PRO A 15 77.42 69.64 -42.02
C PRO A 15 78.48 70.26 -42.92
N GLY A 16 79.41 69.43 -43.38
CA GLY A 16 80.48 69.91 -44.23
C GLY A 16 81.83 69.64 -43.61
N CYS A 17 81.84 69.16 -42.38
CA CYS A 17 83.06 68.84 -41.69
C CYS A 17 83.54 67.44 -42.06
N GLY A 18 82.94 66.44 -41.44
CA GLY A 18 83.25 65.05 -41.74
C GLY A 18 84.71 64.69 -41.50
N MET A 19 85.39 65.48 -40.68
CA MET A 19 86.81 65.23 -40.40
C MET A 19 87.00 63.96 -39.60
N GLY A 20 86.35 63.89 -38.45
CA GLY A 20 86.46 62.72 -37.61
C GLY A 20 86.92 63.08 -36.23
N LEU A 21 86.05 62.88 -35.26
CA LEU A 21 86.32 63.23 -33.89
C LEU A 21 86.77 62.02 -33.10
N LEU A 22 87.80 62.21 -32.32
CA LEU A 22 88.34 61.14 -31.50
C LEU A 22 87.71 61.21 -30.11
N VAL A 23 87.11 60.12 -29.69
CA VAL A 23 86.45 60.05 -28.40
C VAL A 23 86.99 58.90 -27.56
N GLU A 24 87.60 59.23 -26.44
CA GLU A 24 88.07 58.22 -25.52
C GLU A 24 86.91 57.79 -24.61
N PRO A 25 86.99 56.56 -24.06
CA PRO A 25 85.92 56.00 -23.20
C PRO A 25 85.36 57.00 -22.19
N ASP A 26 86.23 57.65 -21.44
CA ASP A 26 85.79 58.60 -20.42
C ASP A 26 86.06 60.05 -20.84
N CYS A 27 86.05 60.29 -22.14
CA CYS A 27 86.28 61.64 -22.66
C CYS A 27 85.12 62.56 -22.29
N ARG A 28 83.89 62.14 -22.61
CA ARG A 28 82.65 62.91 -22.35
C ARG A 28 82.58 64.17 -23.20
N LYS A 29 83.56 65.04 -23.04
CA LYS A 29 83.61 66.29 -23.77
C LYS A 29 83.95 66.07 -25.21
N VAL A 30 83.02 66.42 -26.06
CA VAL A 30 83.20 66.34 -27.48
C VAL A 30 83.12 67.70 -28.10
N THR A 31 84.15 68.04 -28.82
CA THR A 31 84.17 69.30 -29.52
C THR A 31 85.05 69.19 -30.75
N CYS A 32 84.65 69.85 -31.83
CA CYS A 32 85.47 69.90 -33.03
C CYS A 32 86.63 70.84 -32.77
N GLN A 33 87.58 70.37 -32.01
CA GLN A 33 88.73 71.16 -31.63
C GLN A 33 89.68 71.36 -32.79
N ASN A 34 89.55 70.52 -33.80
CA ASN A 34 90.42 70.61 -34.97
C ASN A 34 89.73 71.34 -36.12
N GLY A 35 88.44 71.56 -35.97
CA GLY A 35 87.69 72.21 -37.02
C GLY A 35 86.64 73.17 -36.48
N CYS A 36 85.42 73.02 -36.97
CA CYS A 36 84.31 73.85 -36.57
C CYS A 36 83.81 73.47 -35.17
N GLY A 37 84.36 74.11 -34.16
CA GLY A 37 84.07 73.75 -32.79
C GLY A 37 82.67 74.07 -32.37
N TYR A 38 81.96 73.02 -32.00
CA TYR A 38 80.61 73.10 -31.52
C TYR A 38 80.45 72.09 -30.39
N VAL A 39 79.73 72.46 -29.35
CA VAL A 39 79.51 71.57 -28.23
C VAL A 39 78.36 70.61 -28.52
N PHE A 40 78.63 69.34 -28.41
CA PHE A 40 77.62 68.32 -28.62
C PHE A 40 77.84 67.20 -27.62
N CYS A 41 77.04 66.15 -27.70
CA CYS A 41 77.17 65.05 -26.78
C CYS A 41 77.83 63.86 -27.50
N ARG A 42 78.20 62.84 -26.76
CA ARG A 42 78.82 61.68 -27.37
C ARG A 42 77.75 60.69 -27.82
N ASN A 43 76.62 60.73 -27.13
CA ASN A 43 75.49 59.86 -27.42
C ASN A 43 74.41 60.61 -28.16
N CYS A 44 74.45 61.93 -28.06
CA CYS A 44 73.41 62.77 -28.62
C CYS A 44 74.03 63.99 -29.29
N LEU A 45 73.25 64.68 -30.08
CA LEU A 45 73.70 65.90 -30.70
C LEU A 45 72.94 67.07 -30.11
N GLN A 46 72.63 66.97 -28.81
CA GLN A 46 71.81 67.95 -28.13
C GLN A 46 72.59 69.14 -27.58
N GLY A 47 73.90 69.17 -27.81
CA GLY A 47 74.67 70.33 -27.39
C GLY A 47 75.44 70.12 -26.10
N TYR A 48 75.80 68.86 -25.83
CA TYR A 48 76.60 68.48 -24.65
C TYR A 48 75.79 68.57 -23.35
N HIS A 49 75.70 67.44 -22.66
CA HIS A 49 74.92 67.36 -21.43
C HIS A 49 75.21 66.06 -20.68
N ILE A 50 74.61 65.92 -19.52
CA ILE A 50 74.75 64.72 -18.72
C ILE A 50 73.39 64.37 -18.10
N GLY A 51 73.15 63.09 -17.90
CA GLY A 51 71.89 62.66 -17.27
C GLY A 51 70.72 62.59 -18.23
N GLU A 52 70.70 63.49 -19.21
CA GLU A 52 69.61 63.55 -20.18
C GLU A 52 69.63 62.36 -21.13
N CYS A 53 70.78 61.76 -21.21
CA CYS A 53 70.98 60.60 -22.06
C CYS A 53 71.42 59.41 -21.25
N LEU A 54 71.11 58.23 -21.75
CA LEU A 54 71.46 56.99 -21.09
C LEU A 54 72.38 56.16 -21.98
N PRO A 55 73.14 55.23 -21.40
CA PRO A 55 74.00 54.34 -22.16
C PRO A 55 73.21 53.16 -22.73
N GLU A 56 73.93 52.17 -23.21
CA GLU A 56 73.32 50.98 -23.79
C GLU A 56 72.41 50.28 -22.78
N GLY A 57 71.22 49.93 -23.21
CA GLY A 57 70.27 49.25 -22.34
C GLY A 57 70.10 47.79 -22.72
N THR A 58 69.90 46.95 -21.72
CA THR A 58 69.72 45.53 -21.96
C THR A 58 68.24 45.15 -21.91
N GLY A 59 67.53 45.71 -20.92
CA GLY A 59 66.12 45.41 -20.77
C GLY A 59 65.88 44.14 -19.99
N ALA A 60 64.69 43.99 -19.43
CA ALA A 60 64.34 42.82 -18.65
C ALA A 60 62.86 42.51 -18.80
N SER A 61 62.50 41.25 -18.57
CA SER A 61 61.12 40.82 -18.66
C SER A 61 60.98 39.41 -18.09
N ALA A 62 59.91 39.17 -17.34
CA ALA A 62 59.69 37.85 -16.73
C ALA A 62 58.23 37.45 -16.83
N THR A 63 57.95 36.19 -16.55
CA THR A 63 56.61 35.66 -16.60
C THR A 63 56.24 34.99 -15.27
N ASN A 64 54.96 34.72 -15.07
CA ASN A 64 54.49 34.08 -13.85
C ASN A 64 53.11 33.47 -14.07
N SER A 65 53.01 32.17 -13.88
CA SER A 65 51.77 31.47 -14.10
C SER A 65 51.38 30.66 -12.86
N CYS A 66 50.13 30.72 -12.48
CA CYS A 66 49.64 30.01 -11.31
C CYS A 66 48.45 29.12 -11.68
N GLU A 67 48.60 27.83 -11.41
CA GLU A 67 47.55 26.86 -11.73
C GLU A 67 47.17 26.08 -10.47
N TYR A 68 45.88 25.92 -10.24
CA TYR A 68 45.41 25.16 -9.09
C TYR A 68 44.00 24.64 -9.30
N THR A 69 43.89 23.35 -9.59
CA THR A 69 42.61 22.72 -9.80
C THR A 69 42.63 21.29 -9.26
N VAL A 70 41.55 20.88 -8.60
CA VAL A 70 41.45 19.56 -8.01
C VAL A 70 40.12 18.91 -8.37
N ASP A 71 39.92 17.69 -7.90
CA ASP A 71 38.68 16.95 -8.17
C ASP A 71 37.82 16.89 -6.92
N PRO A 72 36.50 16.87 -7.07
CA PRO A 72 35.56 16.76 -5.94
C PRO A 72 35.43 15.31 -5.48
N ASN A 73 34.54 15.08 -4.52
CA ASN A 73 34.30 13.73 -4.00
C ASN A 73 32.89 13.60 -3.46
N ARG A 74 32.28 12.44 -3.67
CA ARG A 74 30.94 12.19 -3.17
C ARG A 74 30.90 10.89 -2.37
N ALA A 75 29.85 10.69 -1.60
CA ALA A 75 29.71 9.51 -0.77
C ALA A 75 29.10 8.34 -1.55
N ALA A 76 29.00 7.20 -0.88
CA ALA A 76 28.44 6.00 -1.48
C ALA A 76 27.47 5.34 -0.51
N GLU A 77 26.68 4.40 -1.01
CA GLU A 77 25.70 3.71 -0.18
C GLU A 77 26.37 2.63 0.67
N ALA A 78 25.68 2.20 1.70
CA ALA A 78 26.17 1.17 2.59
C ALA A 78 25.03 0.27 3.01
N ARG A 79 25.25 -1.04 2.96
CA ARG A 79 24.21 -1.99 3.32
C ARG A 79 24.65 -2.91 4.44
N TRP A 80 24.04 -2.73 5.60
CA TRP A 80 24.32 -3.56 6.75
C TRP A 80 23.02 -4.09 7.34
N ASP A 81 22.43 -5.06 6.67
CA ASP A 81 21.19 -5.68 7.12
C ASP A 81 21.21 -7.17 6.81
N GLU A 82 20.82 -7.97 7.77
CA GLU A 82 20.79 -9.42 7.60
C GLU A 82 19.36 -9.94 7.44
N ALA A 83 18.45 -9.42 8.28
CA ALA A 83 17.03 -9.82 8.25
C ALA A 83 16.87 -11.34 8.26
N SER A 84 17.46 -11.97 9.27
CA SER A 84 17.42 -13.42 9.36
C SER A 84 17.54 -13.89 10.81
N ASN A 85 16.88 -15.00 11.12
CA ASN A 85 16.90 -15.59 12.45
C ASN A 85 16.74 -17.11 12.33
N VAL A 86 17.61 -17.85 12.99
CA VAL A 86 17.60 -19.32 12.89
C VAL A 86 16.93 -19.97 14.09
N THR A 87 16.25 -21.08 13.86
CA THR A 87 15.59 -21.82 14.93
C THR A 87 16.60 -22.57 15.80
N ILE A 88 16.16 -23.04 16.95
CA ILE A 88 17.02 -23.75 17.87
C ILE A 88 16.73 -25.26 17.88
N LYS A 89 15.73 -25.66 17.11
CA LYS A 89 15.34 -27.06 17.05
C LYS A 89 16.38 -27.88 16.30
N VAL A 90 16.57 -29.12 16.73
CA VAL A 90 17.53 -30.00 16.10
C VAL A 90 17.05 -31.46 16.17
N SER A 91 17.08 -32.15 15.05
CA SER A 91 16.67 -33.54 14.99
C SER A 91 17.85 -34.45 14.68
N THR A 92 19.01 -33.83 14.51
CA THR A 92 20.21 -34.55 14.24
C THR A 92 21.08 -34.68 15.49
N LYS A 93 22.13 -35.46 15.39
CA LYS A 93 23.07 -35.62 16.47
C LYS A 93 24.46 -35.22 16.00
N PRO A 94 25.13 -34.33 16.73
CA PRO A 94 26.46 -33.87 16.37
C PRO A 94 27.48 -35.00 16.43
N CYS A 95 28.16 -35.24 15.32
CA CYS A 95 29.18 -36.28 15.25
C CYS A 95 30.25 -36.03 16.29
N PRO A 96 30.70 -37.09 16.99
CA PRO A 96 31.75 -36.98 17.99
C PRO A 96 33.10 -36.63 17.36
N LYS A 97 33.20 -36.78 16.05
CA LYS A 97 34.42 -36.50 15.33
C LYS A 97 34.38 -35.12 14.66
N CYS A 98 33.69 -35.04 13.53
CA CYS A 98 33.63 -33.80 12.76
C CYS A 98 32.60 -32.82 13.32
N ARG A 99 31.80 -33.29 14.26
CA ARG A 99 30.78 -32.46 14.94
C ARG A 99 29.69 -32.01 13.96
N THR A 100 29.50 -32.78 12.91
CA THR A 100 28.49 -32.43 11.93
C THR A 100 27.13 -33.03 12.31
N PRO A 101 26.02 -32.39 11.88
CA PRO A 101 24.68 -32.88 12.15
C PRO A 101 24.42 -34.23 11.48
N THR A 102 24.47 -35.29 12.28
CA THR A 102 24.26 -36.63 11.79
C THR A 102 22.80 -37.03 11.96
N GLU A 103 22.20 -37.54 10.91
CA GLU A 103 20.82 -37.97 10.98
C GLU A 103 20.69 -39.27 11.73
N ARG A 104 19.58 -39.41 12.44
CA ARG A 104 19.33 -40.58 13.26
C ARG A 104 18.49 -41.60 12.52
N ASP A 105 18.50 -42.82 13.01
CA ASP A 105 17.71 -43.89 12.43
C ASP A 105 16.71 -44.38 13.46
N GLY A 106 15.51 -44.70 13.02
CA GLY A 106 14.49 -45.14 13.94
C GLY A 106 14.36 -46.64 14.02
N GLY A 107 15.22 -47.35 13.32
CA GLY A 107 15.15 -48.80 13.31
C GLY A 107 16.47 -49.43 13.68
N CYS A 108 17.53 -49.00 13.03
CA CYS A 108 18.84 -49.57 13.28
C CYS A 108 19.60 -48.72 14.29
N MET A 109 20.26 -49.38 15.22
CA MET A 109 21.03 -48.69 16.26
C MET A 109 22.47 -48.41 15.81
N HIS A 110 22.68 -48.43 14.52
CA HIS A 110 23.98 -48.17 13.94
C HIS A 110 24.02 -46.76 13.35
N MET A 111 24.79 -45.87 13.96
CA MET A 111 24.88 -44.50 13.48
C MET A 111 26.13 -44.30 12.66
N VAL A 112 25.95 -44.08 11.37
CA VAL A 112 27.05 -43.84 10.47
C VAL A 112 27.09 -42.38 10.06
N CYS A 113 28.24 -41.76 10.17
CA CYS A 113 28.38 -40.38 9.79
C CYS A 113 28.81 -40.28 8.34
N THR A 114 28.11 -39.46 7.59
CA THR A 114 28.47 -39.24 6.22
C THR A 114 29.03 -37.85 6.04
N ARG A 115 30.34 -37.74 6.22
CA ARG A 115 31.05 -36.50 6.06
C ARG A 115 32.29 -36.77 5.22
N ALA A 116 32.57 -35.92 4.27
CA ALA A 116 33.78 -36.07 3.46
C ALA A 116 35.02 -35.85 4.32
N GLY A 117 35.58 -36.94 4.83
CA GLY A 117 36.75 -36.86 5.67
C GLY A 117 36.55 -37.52 7.02
N CYS A 118 35.31 -37.89 7.31
CA CYS A 118 35.00 -38.54 8.59
C CYS A 118 34.96 -40.05 8.44
N GLY A 119 33.79 -40.58 8.10
CA GLY A 119 33.64 -42.01 7.95
C GLY A 119 33.65 -42.72 9.28
N PHE A 120 33.17 -42.04 10.31
CA PHE A 120 33.15 -42.60 11.64
C PHE A 120 31.79 -43.23 11.93
N GLU A 121 31.83 -44.35 12.64
CA GLU A 121 30.62 -45.06 13.00
C GLU A 121 30.53 -45.16 14.51
N TRP A 122 29.34 -44.91 15.05
CA TRP A 122 29.13 -44.94 16.48
C TRP A 122 27.76 -45.50 16.83
N CYS A 123 27.58 -45.84 18.10
CA CYS A 123 26.32 -46.42 18.58
C CYS A 123 25.20 -45.40 18.64
N TRP A 124 24.01 -45.85 18.34
CA TRP A 124 22.83 -45.02 18.42
C TRP A 124 22.35 -44.83 19.86
N VAL A 125 22.19 -45.94 20.58
CA VAL A 125 21.65 -45.92 21.93
C VAL A 125 22.60 -45.29 22.95
N CYS A 126 23.88 -45.49 22.79
CA CYS A 126 24.86 -44.86 23.66
C CYS A 126 25.72 -43.94 22.82
N GLN A 127 26.87 -43.57 23.32
CA GLN A 127 27.79 -42.79 22.53
C GLN A 127 29.20 -43.23 22.84
N THR A 128 29.80 -43.89 21.89
CA THR A 128 31.13 -44.40 22.04
C THR A 128 31.75 -44.61 20.67
N GLU A 129 32.99 -45.05 20.65
CA GLU A 129 33.65 -45.38 19.42
C GLU A 129 33.36 -46.82 19.08
N TRP A 130 33.34 -47.14 17.80
CA TRP A 130 33.16 -48.51 17.36
C TRP A 130 34.20 -49.43 18.05
N THR A 131 33.74 -50.15 19.05
CA THR A 131 34.61 -50.98 19.84
C THR A 131 34.05 -52.38 20.00
N ARG A 132 34.87 -53.27 20.57
CA ARG A 132 34.47 -54.65 20.82
C ARG A 132 33.48 -54.71 21.97
N ASP A 133 33.51 -53.69 22.80
CA ASP A 133 32.64 -53.60 23.97
C ASP A 133 31.19 -53.60 23.55
N CYS A 134 30.84 -52.70 22.64
CA CYS A 134 29.48 -52.61 22.14
C CYS A 134 29.25 -53.61 21.01
N MET A 135 30.33 -54.09 20.43
CA MET A 135 30.29 -55.06 19.32
C MET A 135 29.33 -56.21 19.62
N GLY A 136 29.53 -56.86 20.76
CA GLY A 136 28.67 -57.96 21.13
C GLY A 136 27.58 -57.55 22.09
N ALA A 137 27.33 -56.25 22.17
CA ALA A 137 26.32 -55.74 23.07
C ALA A 137 25.11 -55.21 22.31
N HIS A 138 25.30 -54.14 21.55
CA HIS A 138 24.19 -53.52 20.81
C HIS A 138 24.64 -52.97 19.46
N TRP A 139 25.84 -53.33 19.03
CA TRP A 139 26.36 -52.88 17.74
C TRP A 139 25.56 -53.51 16.61
N PHE A 140 25.03 -54.69 16.88
CA PHE A 140 24.19 -55.40 15.94
C PHE A 140 22.92 -55.87 16.65
N GLY A 141 21.82 -55.22 16.37
CA GLY A 141 20.57 -55.54 17.01
C GLY A 141 19.73 -56.48 16.17
N GLU A 1 -54.33 39.34 -26.93
CA GLU A 1 -54.31 40.52 -27.81
C GLU A 1 -55.49 40.49 -28.76
N GLU A 2 -56.08 41.63 -28.98
CA GLU A 2 -57.20 41.74 -29.89
C GLU A 2 -56.75 42.32 -31.23
N TYR A 3 -57.66 42.44 -32.17
CA TYR A 3 -57.32 42.96 -33.46
C TYR A 3 -57.83 44.37 -33.65
N VAL A 4 -57.25 45.09 -34.60
CA VAL A 4 -57.54 46.49 -34.81
C VAL A 4 -58.95 46.74 -35.33
N LEU A 5 -59.30 46.09 -36.41
CA LEU A 5 -60.60 46.33 -37.02
C LEU A 5 -61.29 45.05 -37.42
N GLN A 6 -62.42 45.21 -38.07
CA GLN A 6 -63.22 44.11 -38.55
C GLN A 6 -63.62 44.36 -39.99
N ALA A 7 -63.62 43.32 -40.80
CA ALA A 7 -63.95 43.43 -42.21
C ALA A 7 -65.36 43.93 -42.41
N GLY A 8 -65.51 44.87 -43.33
CA GLY A 8 -66.80 45.42 -43.63
C GLY A 8 -66.71 46.87 -44.04
N GLY A 9 -66.90 47.75 -43.08
CA GLY A 9 -66.87 49.16 -43.39
C GLY A 9 -66.44 50.00 -42.21
N VAL A 10 -66.04 51.22 -42.51
CA VAL A 10 -65.58 52.16 -41.52
C VAL A 10 -66.47 53.41 -41.53
N LEU A 11 -66.14 54.36 -40.72
CA LEU A 11 -66.91 55.60 -40.62
C LEU A 11 -66.00 56.80 -40.80
N CYS A 12 -66.54 57.88 -41.33
CA CYS A 12 -65.80 59.11 -41.51
C CYS A 12 -65.25 59.61 -40.17
N PRO A 13 -64.00 60.06 -40.16
CA PRO A 13 -63.36 60.58 -38.95
C PRO A 13 -63.99 61.88 -38.47
N GLN A 14 -64.76 62.53 -39.34
CA GLN A 14 -65.41 63.77 -38.98
C GLN A 14 -66.57 63.50 -38.04
N PRO A 15 -66.53 64.10 -36.84
CA PRO A 15 -67.58 63.92 -35.82
C PRO A 15 -68.97 64.29 -36.33
N GLY A 16 -69.04 65.36 -37.12
CA GLY A 16 -70.31 65.82 -37.64
C GLY A 16 -70.80 65.01 -38.84
N CYS A 17 -69.94 64.16 -39.37
CA CYS A 17 -70.30 63.34 -40.52
C CYS A 17 -70.93 62.04 -40.06
N GLY A 18 -70.09 61.13 -39.59
CA GLY A 18 -70.57 59.85 -39.13
C GLY A 18 -71.11 58.99 -40.26
N MET A 19 -70.60 59.20 -41.46
CA MET A 19 -71.02 58.44 -42.59
C MET A 19 -70.17 57.19 -42.69
N GLY A 20 -70.74 56.20 -43.27
CA GLY A 20 -70.10 54.93 -43.43
C GLY A 20 -69.28 54.84 -44.68
N LEU A 21 -68.02 54.71 -44.51
CA LEU A 21 -67.09 54.57 -45.61
C LEU A 21 -66.83 53.10 -45.86
N LEU A 22 -66.87 52.72 -47.11
CA LEU A 22 -66.67 51.34 -47.49
C LEU A 22 -65.19 51.11 -47.80
N VAL A 23 -64.67 49.98 -47.38
CA VAL A 23 -63.28 49.66 -47.61
C VAL A 23 -63.18 48.54 -48.65
N GLU A 24 -63.07 48.93 -49.92
CA GLU A 24 -62.92 47.95 -50.99
C GLU A 24 -61.52 47.34 -50.93
N PRO A 25 -61.39 46.05 -51.29
CA PRO A 25 -60.07 45.40 -51.36
C PRO A 25 -59.22 46.03 -52.46
N ASP A 26 -59.91 46.65 -53.41
CA ASP A 26 -59.28 47.34 -54.52
C ASP A 26 -59.42 48.84 -54.36
N CYS A 27 -59.62 49.28 -53.10
CA CYS A 27 -59.77 50.69 -52.79
C CYS A 27 -58.55 51.47 -53.28
N ARG A 28 -58.80 52.47 -54.09
CA ARG A 28 -57.74 53.30 -54.62
C ARG A 28 -57.36 54.37 -53.61
N LYS A 29 -58.38 55.05 -53.10
CA LYS A 29 -58.19 56.11 -52.13
C LYS A 29 -59.39 56.17 -51.20
N VAL A 30 -59.16 55.93 -49.91
CA VAL A 30 -60.23 56.04 -48.95
C VAL A 30 -60.40 57.50 -48.53
N THR A 31 -61.50 58.08 -48.92
CA THR A 31 -61.77 59.47 -48.65
C THR A 31 -63.27 59.71 -48.59
N CYS A 32 -63.70 60.60 -47.70
CA CYS A 32 -65.10 60.94 -47.60
C CYS A 32 -65.51 61.83 -48.76
N GLN A 33 -65.54 61.26 -49.94
CA GLN A 33 -65.92 61.99 -51.14
C GLN A 33 -67.44 62.02 -51.28
N ASN A 34 -68.11 61.29 -50.41
CA ASN A 34 -69.56 61.20 -50.47
C ASN A 34 -70.20 61.90 -49.28
N GLY A 35 -69.38 62.56 -48.49
CA GLY A 35 -69.89 63.27 -47.34
C GLY A 35 -69.30 64.65 -47.24
N CYS A 36 -68.07 64.72 -46.80
CA CYS A 36 -67.37 65.98 -46.67
C CYS A 36 -66.06 65.94 -47.46
N GLY A 37 -64.97 65.79 -46.76
CA GLY A 37 -63.69 65.66 -47.39
C GLY A 37 -62.62 65.32 -46.39
N TYR A 38 -62.17 64.08 -46.41
CA TYR A 38 -61.11 63.64 -45.51
C TYR A 38 -60.51 62.33 -46.00
N VAL A 39 -59.22 62.32 -46.23
CA VAL A 39 -58.53 61.09 -46.61
C VAL A 39 -57.87 60.48 -45.37
N PHE A 40 -58.10 59.21 -45.12
CA PHE A 40 -57.57 58.59 -43.93
C PHE A 40 -57.08 57.19 -44.23
N CYS A 41 -56.61 56.51 -43.20
CA CYS A 41 -56.10 55.17 -43.39
C CYS A 41 -57.27 54.18 -43.38
N ARG A 42 -57.00 52.94 -43.67
CA ARG A 42 -58.05 51.95 -43.66
C ARG A 42 -58.00 51.13 -42.38
N ASN A 43 -56.90 51.24 -41.67
CA ASN A 43 -56.73 50.55 -40.41
C ASN A 43 -56.86 51.53 -39.26
N CYS A 44 -56.55 52.79 -39.54
CA CYS A 44 -56.60 53.83 -38.56
C CYS A 44 -57.08 55.13 -39.17
N LEU A 45 -56.98 56.20 -38.42
CA LEU A 45 -57.42 57.50 -38.86
C LEU A 45 -56.23 58.47 -38.94
N GLN A 46 -55.04 57.91 -39.16
CA GLN A 46 -53.80 58.71 -39.20
C GLN A 46 -53.63 59.50 -40.52
N GLY A 47 -54.67 59.56 -41.34
CA GLY A 47 -54.59 60.36 -42.56
C GLY A 47 -54.02 59.60 -43.73
N TYR A 48 -54.07 58.27 -43.65
CA TYR A 48 -53.58 57.36 -44.71
C TYR A 48 -52.05 57.33 -44.76
N HIS A 49 -51.49 56.16 -44.58
CA HIS A 49 -50.05 55.96 -44.63
C HIS A 49 -49.74 54.55 -45.11
N ILE A 50 -48.50 54.31 -45.46
CA ILE A 50 -48.08 53.00 -45.96
C ILE A 50 -47.11 52.36 -44.98
N GLY A 51 -47.21 51.05 -44.83
CA GLY A 51 -46.32 50.34 -43.92
C GLY A 51 -47.05 49.80 -42.72
N GLU A 52 -48.36 49.62 -42.87
CA GLU A 52 -49.23 49.12 -41.81
C GLU A 52 -49.26 50.07 -40.62
N CYS A 53 -50.00 49.69 -39.59
CA CYS A 53 -50.13 50.51 -38.41
C CYS A 53 -49.75 49.72 -37.18
N LEU A 54 -50.48 48.63 -36.96
CA LEU A 54 -50.24 47.77 -35.82
C LEU A 54 -48.85 47.15 -35.88
N PRO A 55 -48.22 46.92 -34.72
CA PRO A 55 -46.88 46.36 -34.64
C PRO A 55 -46.90 44.84 -34.68
N GLU A 56 -45.73 44.25 -34.69
CA GLU A 56 -45.61 42.81 -34.72
C GLU A 56 -45.18 42.27 -33.38
N GLY A 57 -44.13 42.86 -32.82
CA GLY A 57 -43.63 42.42 -31.54
C GLY A 57 -42.59 41.34 -31.70
N THR A 58 -42.01 40.91 -30.60
CA THR A 58 -40.99 39.88 -30.63
C THR A 58 -40.84 39.25 -29.25
N GLY A 59 -40.30 38.04 -29.20
CA GLY A 59 -40.09 37.36 -27.96
C GLY A 59 -38.86 36.49 -28.00
N ALA A 60 -37.96 36.67 -27.05
CA ALA A 60 -36.73 35.90 -27.03
C ALA A 60 -36.57 35.16 -25.71
N SER A 61 -36.19 33.90 -25.80
CA SER A 61 -35.98 33.09 -24.63
C SER A 61 -34.48 32.91 -24.37
N ALA A 62 -34.07 33.12 -23.13
CA ALA A 62 -32.68 32.97 -22.76
C ALA A 62 -32.55 32.50 -21.32
N THR A 63 -31.76 31.47 -21.11
CA THR A 63 -31.54 30.91 -19.81
C THR A 63 -30.24 30.10 -19.80
N ASN A 64 -29.54 30.09 -18.68
CA ASN A 64 -28.28 29.38 -18.58
C ASN A 64 -28.16 28.67 -17.23
N SER A 65 -27.76 27.42 -17.28
CA SER A 65 -27.57 26.63 -16.07
C SER A 65 -26.26 25.88 -16.14
N CYS A 66 -25.32 26.24 -15.29
CA CYS A 66 -24.03 25.58 -15.26
C CYS A 66 -23.87 24.75 -13.99
N GLU A 67 -23.44 23.51 -14.17
CA GLU A 67 -23.24 22.61 -13.04
C GLU A 67 -21.80 22.70 -12.55
N TYR A 68 -21.58 22.33 -11.30
CA TYR A 68 -20.26 22.38 -10.72
C TYR A 68 -20.01 21.18 -9.80
N THR A 69 -18.86 20.56 -9.94
CA THR A 69 -18.48 19.43 -9.11
C THR A 69 -17.23 19.75 -8.29
N VAL A 70 -17.03 19.00 -7.22
CA VAL A 70 -15.87 19.17 -6.36
C VAL A 70 -15.12 17.85 -6.20
N ASP A 71 -13.88 17.93 -5.75
CA ASP A 71 -13.05 16.74 -5.61
C ASP A 71 -12.83 16.39 -4.14
N PRO A 72 -13.32 15.23 -3.70
CA PRO A 72 -13.12 14.73 -2.35
C PRO A 72 -11.97 13.71 -2.29
N ASN A 73 -11.75 13.14 -1.12
CA ASN A 73 -10.72 12.13 -0.94
C ASN A 73 -11.37 10.78 -0.64
N ARG A 74 -10.55 9.76 -0.41
CA ARG A 74 -11.08 8.42 -0.18
C ARG A 74 -10.45 7.77 1.06
N ALA A 75 -9.22 7.32 0.92
CA ALA A 75 -8.52 6.64 2.02
C ALA A 75 -7.01 6.73 1.85
N ALA A 76 -6.29 6.31 2.86
CA ALA A 76 -4.83 6.35 2.82
C ALA A 76 -4.25 4.95 2.69
N GLU A 77 -2.93 4.84 2.83
CA GLU A 77 -2.25 3.56 2.72
C GLU A 77 -2.17 2.88 4.08
N ALA A 78 -1.83 1.59 4.08
CA ALA A 78 -1.71 0.83 5.33
C ALA A 78 -0.96 -0.47 5.11
N ARG A 79 0.14 -0.62 5.83
CA ARG A 79 0.93 -1.84 5.76
C ARG A 79 1.22 -2.30 7.19
N TRP A 80 0.73 -3.47 7.53
CA TRP A 80 0.89 -3.99 8.87
C TRP A 80 1.79 -5.22 8.90
N ASP A 81 2.35 -5.49 10.06
CA ASP A 81 3.17 -6.67 10.28
C ASP A 81 2.68 -7.33 11.54
N GLU A 82 2.39 -8.62 11.49
CA GLU A 82 1.80 -9.28 12.63
C GLU A 82 2.84 -9.65 13.70
N ALA A 83 3.67 -10.63 13.41
CA ALA A 83 4.65 -11.10 14.38
C ALA A 83 5.60 -12.12 13.76
N SER A 84 6.45 -12.68 14.60
CA SER A 84 7.41 -13.68 14.16
C SER A 84 7.49 -14.79 15.21
N ASN A 85 7.78 -16.00 14.76
CA ASN A 85 7.92 -17.12 15.66
C ASN A 85 9.05 -18.03 15.22
N VAL A 86 10.13 -17.99 15.96
CA VAL A 86 11.28 -18.82 15.66
C VAL A 86 11.10 -20.19 16.31
N THR A 87 10.45 -21.07 15.60
CA THR A 87 10.23 -22.41 16.07
C THR A 87 11.23 -23.37 15.41
N ILE A 88 12.05 -24.00 16.23
CA ILE A 88 13.04 -24.94 15.74
C ILE A 88 12.95 -26.24 16.49
N LYS A 89 13.58 -27.27 15.95
CA LYS A 89 13.58 -28.56 16.58
C LYS A 89 14.81 -29.34 16.13
N VAL A 90 15.70 -29.61 17.06
CA VAL A 90 16.94 -30.29 16.74
C VAL A 90 16.76 -31.80 16.72
N SER A 91 16.88 -32.38 15.55
CA SER A 91 16.76 -33.82 15.39
C SER A 91 18.08 -34.43 14.93
N THR A 92 19.09 -33.58 14.84
CA THR A 92 20.40 -34.00 14.44
C THR A 92 21.24 -34.39 15.65
N LYS A 93 22.18 -35.29 15.43
CA LYS A 93 23.09 -35.74 16.46
C LYS A 93 24.51 -35.39 16.02
N PRO A 94 25.21 -34.56 16.80
CA PRO A 94 26.57 -34.16 16.45
C PRO A 94 27.56 -35.32 16.56
N CYS A 95 28.29 -35.55 15.48
CA CYS A 95 29.29 -36.59 15.42
C CYS A 95 30.34 -36.37 16.50
N PRO A 96 30.66 -37.42 17.27
CA PRO A 96 31.68 -37.34 18.31
C PRO A 96 33.08 -37.31 17.72
N LYS A 97 33.16 -37.39 16.40
CA LYS A 97 34.43 -37.38 15.70
C LYS A 97 34.70 -36.00 15.08
N CYS A 98 33.86 -35.60 14.11
CA CYS A 98 34.06 -34.32 13.41
C CYS A 98 33.10 -33.23 13.88
N ARG A 99 32.17 -33.59 14.78
CA ARG A 99 31.21 -32.64 15.37
C ARG A 99 30.19 -32.13 14.36
N THR A 100 29.89 -32.94 13.37
CA THR A 100 28.91 -32.57 12.36
C THR A 100 27.51 -33.04 12.80
N PRO A 101 26.47 -32.23 12.54
CA PRO A 101 25.11 -32.59 12.89
C PRO A 101 24.56 -33.64 11.92
N THR A 102 24.68 -34.88 12.29
CA THR A 102 24.20 -35.98 11.48
C THR A 102 22.75 -36.31 11.84
N GLU A 103 21.90 -36.37 10.83
CA GLU A 103 20.49 -36.65 11.04
C GLU A 103 20.27 -38.10 11.44
N ARG A 104 19.22 -38.34 12.20
CA ARG A 104 18.87 -39.68 12.62
C ARG A 104 18.08 -40.36 11.51
N ASP A 105 18.26 -41.66 11.37
CA ASP A 105 17.54 -42.41 10.37
C ASP A 105 16.64 -43.46 11.01
N GLY A 106 15.42 -43.05 11.32
CA GLY A 106 14.46 -43.95 11.93
C GLY A 106 14.93 -44.47 13.26
N GLY A 107 14.75 -45.76 13.46
CA GLY A 107 15.19 -46.39 14.68
C GLY A 107 16.33 -47.35 14.45
N CYS A 108 16.99 -47.19 13.32
CA CYS A 108 18.11 -48.03 12.95
C CYS A 108 19.25 -47.83 13.94
N MET A 109 19.77 -48.92 14.47
CA MET A 109 20.84 -48.82 15.43
C MET A 109 22.15 -48.51 14.76
N HIS A 110 22.26 -48.88 13.49
CA HIS A 110 23.46 -48.58 12.74
C HIS A 110 23.45 -47.14 12.31
N MET A 111 24.10 -46.31 13.08
CA MET A 111 24.19 -44.90 12.82
C MET A 111 25.62 -44.50 12.62
N VAL A 112 25.97 -44.16 11.40
CA VAL A 112 27.32 -43.80 11.10
C VAL A 112 27.35 -42.41 10.51
N CYS A 113 28.45 -41.72 10.72
CA CYS A 113 28.60 -40.39 10.23
C CYS A 113 29.09 -40.42 8.80
N THR A 114 28.16 -40.21 7.88
CA THR A 114 28.52 -40.13 6.50
C THR A 114 29.02 -38.74 6.21
N ARG A 115 30.32 -38.59 6.32
CA ARG A 115 30.96 -37.33 6.12
C ARG A 115 32.11 -37.56 5.13
N ALA A 116 32.30 -36.63 4.20
CA ALA A 116 33.34 -36.74 3.18
C ALA A 116 34.68 -37.18 3.76
N GLY A 117 35.07 -36.58 4.87
CA GLY A 117 36.32 -36.95 5.51
C GLY A 117 36.14 -37.39 6.94
N CYS A 118 35.34 -38.44 7.15
CA CYS A 118 35.13 -38.98 8.49
C CYS A 118 34.93 -40.48 8.44
N GLY A 119 33.71 -40.92 8.17
CA GLY A 119 33.42 -42.34 8.13
C GLY A 119 33.49 -42.95 9.50
N PHE A 120 32.82 -42.32 10.44
CA PHE A 120 32.84 -42.77 11.83
C PHE A 120 31.58 -43.57 12.16
N GLU A 121 31.78 -44.80 12.58
CA GLU A 121 30.68 -45.65 13.00
C GLU A 121 30.50 -45.56 14.51
N TRP A 122 29.27 -45.40 14.95
CA TRP A 122 28.99 -45.31 16.36
C TRP A 122 27.66 -45.97 16.71
N CYS A 123 27.48 -46.29 17.97
CA CYS A 123 26.25 -46.92 18.44
C CYS A 123 25.13 -45.88 18.53
N TRP A 124 23.96 -46.27 18.08
CA TRP A 124 22.80 -45.39 18.13
C TRP A 124 22.33 -45.13 19.56
N VAL A 125 22.26 -46.20 20.35
CA VAL A 125 21.77 -46.09 21.72
C VAL A 125 22.79 -45.41 22.62
N CYS A 126 23.95 -46.02 22.79
CA CYS A 126 25.01 -45.41 23.57
C CYS A 126 26.01 -44.77 22.64
N GLN A 127 26.31 -43.51 22.83
CA GLN A 127 27.26 -42.89 21.95
C GLN A 127 28.65 -43.40 22.31
N THR A 128 29.18 -44.20 21.43
CA THR A 128 30.46 -44.85 21.63
C THR A 128 31.08 -45.17 20.31
N GLU A 129 32.40 -45.30 20.29
CA GLU A 129 33.10 -45.66 19.08
C GLU A 129 33.13 -47.17 18.95
N TRP A 130 32.86 -47.67 17.74
CA TRP A 130 32.95 -49.10 17.48
C TRP A 130 34.32 -49.62 17.85
N THR A 131 34.38 -50.34 18.94
CA THR A 131 35.63 -50.82 19.49
C THR A 131 35.47 -52.23 20.01
N ARG A 132 36.43 -52.68 20.81
CA ARG A 132 36.38 -53.99 21.42
C ARG A 132 35.34 -53.99 22.53
N ASP A 133 35.16 -52.84 23.15
CA ASP A 133 34.19 -52.69 24.23
C ASP A 133 32.78 -52.73 23.64
N CYS A 134 32.50 -51.81 22.73
CA CYS A 134 31.24 -51.81 22.02
C CYS A 134 31.42 -52.49 20.67
N MET A 135 31.62 -53.80 20.70
CA MET A 135 31.78 -54.57 19.47
C MET A 135 30.43 -55.08 19.01
N GLY A 136 29.40 -54.68 19.72
CA GLY A 136 28.07 -55.15 19.46
C GLY A 136 27.47 -55.84 20.66
N ALA A 137 28.13 -55.67 21.82
CA ALA A 137 27.70 -56.30 23.07
C ALA A 137 26.31 -55.83 23.53
N HIS A 138 25.88 -54.71 23.00
CA HIS A 138 24.57 -54.15 23.36
C HIS A 138 23.73 -53.99 22.10
N TRP A 139 24.21 -54.54 21.01
CA TRP A 139 23.57 -54.39 19.73
C TRP A 139 22.51 -55.46 19.56
N PHE A 140 21.31 -55.17 20.05
CA PHE A 140 20.20 -56.10 19.93
C PHE A 140 18.89 -55.33 19.87
N GLY A 141 18.15 -55.54 18.80
CA GLY A 141 16.88 -54.89 18.64
C GLY A 141 15.79 -55.87 18.35
N GLU A 1 -88.15 74.52 -26.96
CA GLU A 1 -87.54 73.34 -26.33
C GLU A 1 -87.16 73.68 -24.90
N GLU A 2 -87.07 72.68 -24.03
CA GLU A 2 -86.71 72.92 -22.66
C GLU A 2 -85.59 71.99 -22.22
N TYR A 3 -84.67 72.52 -21.46
CA TYR A 3 -83.53 71.76 -20.98
C TYR A 3 -83.40 71.93 -19.49
N VAL A 4 -83.97 71.01 -18.74
CA VAL A 4 -83.91 71.06 -17.29
C VAL A 4 -82.46 71.05 -16.82
N LEU A 5 -81.74 69.97 -17.15
CA LEU A 5 -80.33 69.85 -16.84
C LEU A 5 -79.81 68.46 -17.20
N GLN A 6 -78.71 68.44 -17.92
CA GLN A 6 -78.05 67.21 -18.29
C GLN A 6 -76.67 67.56 -18.82
N ALA A 7 -75.64 67.11 -18.12
CA ALA A 7 -74.28 67.40 -18.52
C ALA A 7 -73.31 66.43 -17.88
N GLY A 8 -72.11 66.35 -18.43
CA GLY A 8 -71.09 65.48 -17.89
C GLY A 8 -70.37 66.12 -16.74
N GLY A 9 -71.11 66.43 -15.69
CA GLY A 9 -70.53 67.06 -14.53
C GLY A 9 -70.21 66.08 -13.43
N VAL A 10 -70.28 66.54 -12.20
CA VAL A 10 -69.99 65.71 -11.05
C VAL A 10 -71.18 65.76 -10.09
N LEU A 11 -71.24 64.86 -9.14
CA LEU A 11 -72.34 64.83 -8.20
C LEU A 11 -71.88 65.20 -6.82
N CYS A 12 -72.77 65.82 -6.05
CA CYS A 12 -72.45 66.17 -4.69
C CYS A 12 -72.35 64.90 -3.86
N PRO A 13 -71.21 64.68 -3.23
CA PRO A 13 -70.94 63.48 -2.45
C PRO A 13 -71.57 63.54 -1.07
N GLN A 14 -72.26 64.62 -0.76
CA GLN A 14 -72.90 64.77 0.52
C GLN A 14 -74.23 64.03 0.53
N PRO A 15 -74.39 63.06 1.43
CA PRO A 15 -75.62 62.26 1.54
C PRO A 15 -76.84 63.12 1.80
N GLY A 16 -77.67 63.28 0.78
CA GLY A 16 -78.87 64.06 0.92
C GLY A 16 -79.01 65.12 -0.15
N CYS A 17 -77.98 65.26 -0.99
CA CYS A 17 -78.02 66.24 -2.07
C CYS A 17 -78.49 65.58 -3.36
N GLY A 18 -77.54 65.15 -4.18
CA GLY A 18 -77.87 64.52 -5.44
C GLY A 18 -78.41 65.50 -6.45
N MET A 19 -78.19 66.79 -6.18
CA MET A 19 -78.68 67.85 -7.04
C MET A 19 -77.99 67.84 -8.39
N GLY A 20 -76.67 67.89 -8.37
CA GLY A 20 -75.91 67.91 -9.58
C GLY A 20 -74.95 69.07 -9.63
N LEU A 21 -73.68 68.77 -9.79
CA LEU A 21 -72.65 69.78 -9.83
C LEU A 21 -72.08 69.95 -11.22
N LEU A 22 -71.99 71.16 -11.63
CA LEU A 22 -71.44 71.48 -12.93
C LEU A 22 -69.96 71.74 -12.79
N VAL A 23 -69.17 70.80 -13.24
CA VAL A 23 -67.74 70.94 -13.17
C VAL A 23 -67.13 70.97 -14.57
N GLU A 24 -66.35 71.98 -14.84
CA GLU A 24 -65.72 72.15 -16.12
C GLU A 24 -64.32 71.55 -16.10
N PRO A 25 -63.72 71.30 -17.28
CA PRO A 25 -62.37 70.76 -17.38
C PRO A 25 -61.34 71.68 -16.71
N ASP A 26 -61.68 72.96 -16.65
CA ASP A 26 -60.79 73.95 -16.04
C ASP A 26 -61.27 74.32 -14.65
N CYS A 27 -62.28 73.65 -14.17
CA CYS A 27 -62.83 73.95 -12.86
C CYS A 27 -62.10 73.16 -11.78
N ARG A 28 -61.30 73.86 -11.00
CA ARG A 28 -60.58 73.24 -9.90
C ARG A 28 -61.38 73.39 -8.61
N LYS A 29 -62.10 74.51 -8.51
CA LYS A 29 -62.88 74.80 -7.33
C LYS A 29 -64.26 74.16 -7.42
N VAL A 30 -64.44 73.10 -6.68
CA VAL A 30 -65.70 72.42 -6.64
C VAL A 30 -66.46 72.74 -5.34
N THR A 31 -67.64 73.27 -5.48
CA THR A 31 -68.46 73.63 -4.35
C THR A 31 -69.93 73.57 -4.71
N CYS A 32 -70.76 73.05 -3.81
CA CYS A 32 -72.19 73.01 -4.02
C CYS A 32 -72.77 74.42 -3.84
N GLN A 33 -72.44 75.28 -4.79
CA GLN A 33 -72.84 76.68 -4.75
C GLN A 33 -74.33 76.84 -4.95
N ASN A 34 -74.98 75.78 -5.38
CA ASN A 34 -76.41 75.81 -5.62
C ASN A 34 -77.17 75.10 -4.50
N GLY A 35 -76.43 74.52 -3.56
CA GLY A 35 -77.07 73.81 -2.47
C GLY A 35 -76.21 73.74 -1.23
N CYS A 36 -75.96 72.53 -0.75
CA CYS A 36 -75.16 72.31 0.43
C CYS A 36 -73.68 72.52 0.15
N GLY A 37 -73.22 73.74 0.36
CA GLY A 37 -71.86 74.08 0.02
C GLY A 37 -70.86 73.38 0.90
N TYR A 38 -69.96 72.68 0.25
CA TYR A 38 -68.91 71.94 0.89
C TYR A 38 -67.72 71.85 -0.06
N VAL A 39 -66.53 72.14 0.43
CA VAL A 39 -65.34 72.07 -0.40
C VAL A 39 -64.72 70.67 -0.35
N PHE A 40 -64.54 70.07 -1.51
CA PHE A 40 -64.01 68.72 -1.59
C PHE A 40 -63.16 68.57 -2.83
N CYS A 41 -62.68 67.38 -3.08
CA CYS A 41 -61.90 67.11 -4.27
C CYS A 41 -62.87 66.72 -5.37
N ARG A 42 -62.63 67.17 -6.57
CA ARG A 42 -63.51 66.82 -7.67
C ARG A 42 -63.46 65.33 -7.96
N ASN A 43 -62.36 64.70 -7.56
CA ASN A 43 -62.17 63.28 -7.77
C ASN A 43 -62.34 62.47 -6.45
N CYS A 44 -62.03 63.12 -5.30
CA CYS A 44 -62.06 62.42 -4.01
C CYS A 44 -62.78 63.26 -2.93
N LEU A 45 -62.86 62.72 -1.74
CA LEU A 45 -63.50 63.41 -0.62
C LEU A 45 -62.47 63.83 0.42
N GLN A 46 -61.26 64.09 -0.04
CA GLN A 46 -60.17 64.49 0.85
C GLN A 46 -60.29 65.95 1.27
N GLY A 47 -61.36 66.61 0.83
CA GLY A 47 -61.57 68.00 1.19
C GLY A 47 -60.68 68.92 0.41
N TYR A 48 -60.53 68.60 -0.87
CA TYR A 48 -59.69 69.36 -1.80
C TYR A 48 -58.21 69.19 -1.49
N HIS A 49 -57.52 68.49 -2.36
CA HIS A 49 -56.09 68.28 -2.24
C HIS A 49 -55.45 68.51 -3.59
N ILE A 50 -54.17 68.16 -3.75
CA ILE A 50 -53.50 68.34 -5.02
C ILE A 50 -54.24 67.60 -6.15
N GLY A 51 -53.99 68.01 -7.38
CA GLY A 51 -54.68 67.42 -8.53
C GLY A 51 -54.29 65.99 -8.82
N GLU A 52 -53.54 65.37 -7.93
CA GLU A 52 -53.14 64.00 -8.10
C GLU A 52 -53.73 63.11 -7.03
N CYS A 53 -54.63 62.25 -7.44
CA CYS A 53 -55.30 61.35 -6.53
C CYS A 53 -54.89 59.92 -6.83
N LEU A 54 -54.83 59.10 -5.81
CA LEU A 54 -54.39 57.72 -5.96
C LEU A 54 -55.46 56.76 -5.46
N PRO A 55 -55.49 55.52 -6.02
CA PRO A 55 -56.44 54.50 -5.62
C PRO A 55 -56.14 53.96 -4.22
N GLU A 56 -56.99 53.08 -3.73
CA GLU A 56 -56.84 52.52 -2.40
C GLU A 56 -56.59 51.01 -2.48
N GLY A 57 -55.66 50.53 -1.67
CA GLY A 57 -55.36 49.10 -1.67
C GLY A 57 -53.88 48.82 -1.87
N THR A 58 -53.25 48.22 -0.88
CA THR A 58 -51.85 47.90 -0.96
C THR A 58 -51.56 46.62 -0.15
N GLY A 59 -50.41 46.00 -0.41
CA GLY A 59 -50.06 44.80 0.31
C GLY A 59 -48.80 44.15 -0.24
N ALA A 60 -47.95 43.66 0.65
CA ALA A 60 -46.71 43.01 0.25
C ALA A 60 -46.30 41.98 1.29
N SER A 61 -45.74 40.88 0.83
CA SER A 61 -45.31 39.81 1.71
C SER A 61 -43.81 39.55 1.56
N ALA A 62 -43.19 39.02 2.63
CA ALA A 62 -41.76 38.74 2.63
C ALA A 62 -41.40 37.73 3.71
N THR A 63 -40.55 36.77 3.38
CA THR A 63 -40.11 35.76 4.34
C THR A 63 -38.77 35.16 3.88
N ASN A 64 -37.89 34.85 4.84
CA ASN A 64 -36.60 34.23 4.54
C ASN A 64 -36.11 33.47 5.77
N SER A 65 -35.39 32.39 5.54
CA SER A 65 -34.86 31.58 6.63
C SER A 65 -33.55 30.91 6.21
N CYS A 66 -32.73 30.54 7.18
CA CYS A 66 -31.45 29.91 6.92
C CYS A 66 -31.17 28.79 7.92
N GLU A 67 -31.08 27.56 7.43
CA GLU A 67 -30.77 26.42 8.26
C GLU A 67 -29.65 25.60 7.64
N TYR A 68 -28.73 25.13 8.47
CA TYR A 68 -27.60 24.33 8.00
C TYR A 68 -26.92 23.63 9.17
N THR A 69 -26.55 22.38 8.97
CA THR A 69 -25.86 21.61 10.00
C THR A 69 -24.63 20.92 9.42
N VAL A 70 -23.67 20.63 10.29
CA VAL A 70 -22.45 19.95 9.89
C VAL A 70 -22.36 18.59 10.59
N ASP A 71 -22.17 17.55 9.81
CA ASP A 71 -22.04 16.20 10.36
C ASP A 71 -20.59 15.91 10.73
N PRO A 72 -20.38 15.08 11.77
CA PRO A 72 -19.04 14.74 12.26
C PRO A 72 -18.25 13.84 11.30
N ASN A 73 -17.04 13.46 11.71
CA ASN A 73 -16.19 12.62 10.90
C ASN A 73 -15.87 11.32 11.63
N ARG A 74 -15.20 10.40 10.95
CA ARG A 74 -14.85 9.12 11.54
C ARG A 74 -13.39 8.79 11.24
N ALA A 75 -12.68 8.33 12.26
CA ALA A 75 -11.29 7.94 12.12
C ALA A 75 -11.10 6.51 12.60
N ALA A 76 -10.23 5.78 11.94
CA ALA A 76 -9.98 4.38 12.30
C ALA A 76 -8.49 4.11 12.45
N GLU A 77 -8.15 3.30 13.44
CA GLU A 77 -6.76 2.95 13.69
C GLU A 77 -6.44 1.58 13.10
N ALA A 78 -5.25 1.09 13.34
CA ALA A 78 -4.81 -0.19 12.81
C ALA A 78 -4.04 -0.98 13.85
N ARG A 79 -3.78 -2.24 13.55
CA ARG A 79 -3.02 -3.09 14.45
C ARG A 79 -1.74 -3.56 13.78
N TRP A 80 -0.76 -3.91 14.58
CA TRP A 80 0.54 -4.33 14.06
C TRP A 80 0.86 -5.75 14.50
N ASP A 81 1.76 -6.40 13.78
CA ASP A 81 2.17 -7.75 14.09
C ASP A 81 3.62 -7.79 14.54
N GLU A 82 3.86 -8.49 15.62
CA GLU A 82 5.21 -8.66 16.14
C GLU A 82 5.83 -9.92 15.57
N ALA A 83 4.97 -10.93 15.35
CA ALA A 83 5.37 -12.24 14.80
C ALA A 83 6.46 -12.89 15.64
N SER A 84 6.06 -13.46 16.76
CA SER A 84 6.98 -14.12 17.65
C SER A 84 7.14 -15.58 17.25
N ASN A 85 8.32 -15.93 16.79
CA ASN A 85 8.61 -17.30 16.39
C ASN A 85 9.04 -18.12 17.59
N VAL A 86 9.32 -19.39 17.34
CA VAL A 86 9.76 -20.29 18.39
C VAL A 86 10.93 -21.13 17.89
N THR A 87 11.79 -21.55 18.80
CA THR A 87 12.93 -22.36 18.43
C THR A 87 12.54 -23.85 18.49
N ILE A 88 13.22 -24.66 17.70
CA ILE A 88 12.92 -26.08 17.65
C ILE A 88 14.10 -26.90 18.15
N LYS A 89 13.86 -28.17 18.39
CA LYS A 89 14.90 -29.07 18.88
C LYS A 89 15.67 -29.65 17.70
N VAL A 90 16.86 -30.13 17.96
CA VAL A 90 17.69 -30.68 16.90
C VAL A 90 17.32 -32.12 16.59
N SER A 91 17.17 -32.40 15.32
CA SER A 91 16.91 -33.74 14.85
C SER A 91 18.23 -34.37 14.41
N THR A 92 19.29 -33.62 14.66
CA THR A 92 20.62 -34.02 14.30
C THR A 92 21.47 -34.20 15.55
N LYS A 93 22.50 -35.02 15.43
CA LYS A 93 23.43 -35.25 16.51
C LYS A 93 24.83 -34.88 16.04
N PRO A 94 25.61 -34.14 16.85
CA PRO A 94 26.95 -33.74 16.47
C PRO A 94 27.94 -34.91 16.55
N CYS A 95 28.52 -35.24 15.41
CA CYS A 95 29.48 -36.34 15.32
C CYS A 95 30.65 -36.13 16.28
N PRO A 96 31.10 -37.20 16.95
CA PRO A 96 32.23 -37.15 17.86
C PRO A 96 33.56 -37.05 17.12
N LYS A 97 33.51 -37.05 15.79
CA LYS A 97 34.72 -36.97 14.98
C LYS A 97 34.80 -35.65 14.23
N CYS A 98 33.83 -35.38 13.37
CA CYS A 98 33.84 -34.17 12.57
C CYS A 98 32.95 -33.08 13.13
N ARG A 99 32.24 -33.38 14.22
CA ARG A 99 31.34 -32.43 14.89
C ARG A 99 30.28 -31.90 13.94
N THR A 100 29.87 -32.74 13.02
CA THR A 100 28.86 -32.37 12.05
C THR A 100 27.49 -32.86 12.50
N PRO A 101 26.42 -32.20 12.03
CA PRO A 101 25.06 -32.60 12.37
C PRO A 101 24.61 -33.85 11.61
N THR A 102 24.68 -34.98 12.26
CA THR A 102 24.24 -36.24 11.67
C THR A 102 22.74 -36.41 11.90
N GLU A 103 21.98 -36.54 10.82
CA GLU A 103 20.55 -36.72 10.94
C GLU A 103 20.23 -38.14 11.36
N ARG A 104 19.50 -38.27 12.45
CA ARG A 104 19.12 -39.57 12.96
C ARG A 104 17.73 -39.95 12.48
N ASP A 105 17.47 -41.24 12.44
CA ASP A 105 16.17 -41.75 12.03
C ASP A 105 15.79 -42.93 12.89
N GLY A 106 14.50 -43.11 13.10
CA GLY A 106 14.03 -44.17 13.95
C GLY A 106 13.87 -45.47 13.22
N GLY A 107 14.67 -46.47 13.60
CA GLY A 107 14.58 -47.76 12.97
C GLY A 107 15.94 -48.35 12.65
N CYS A 108 16.97 -47.53 12.74
CA CYS A 108 18.31 -47.98 12.42
C CYS A 108 19.21 -48.02 13.65
N MET A 109 19.55 -49.22 14.09
CA MET A 109 20.46 -49.38 15.21
C MET A 109 21.91 -49.27 14.75
N HIS A 110 22.08 -49.31 13.44
CA HIS A 110 23.39 -49.18 12.84
C HIS A 110 23.55 -47.76 12.32
N MET A 111 24.18 -46.92 13.12
CA MET A 111 24.37 -45.55 12.76
C MET A 111 25.81 -45.28 12.32
N VAL A 112 25.97 -44.65 11.17
CA VAL A 112 27.29 -44.34 10.65
C VAL A 112 27.31 -42.90 10.16
N CYS A 113 28.38 -42.19 10.46
CA CYS A 113 28.51 -40.83 10.01
C CYS A 113 29.12 -40.81 8.62
N THR A 114 28.28 -40.75 7.62
CA THR A 114 28.75 -40.65 6.27
C THR A 114 29.10 -39.22 5.96
N ARG A 115 30.33 -38.88 6.23
CA ARG A 115 30.82 -37.54 6.07
C ARG A 115 32.12 -37.59 5.30
N ALA A 116 32.33 -36.62 4.42
CA ALA A 116 33.59 -36.55 3.68
C ALA A 116 34.75 -36.29 4.63
N GLY A 117 35.55 -37.32 4.87
CA GLY A 117 36.67 -37.18 5.77
C GLY A 117 36.39 -37.77 7.13
N CYS A 118 35.23 -38.40 7.29
CA CYS A 118 34.87 -39.01 8.55
C CYS A 118 34.80 -40.53 8.41
N GLY A 119 33.62 -41.04 8.07
CA GLY A 119 33.45 -42.47 7.90
C GLY A 119 33.52 -43.20 9.23
N PHE A 120 33.03 -42.54 10.26
CA PHE A 120 33.07 -43.10 11.60
C PHE A 120 31.76 -43.82 11.93
N GLU A 121 31.87 -44.99 12.49
CA GLU A 121 30.74 -45.77 12.88
C GLU A 121 30.57 -45.70 14.40
N TRP A 122 29.37 -45.36 14.84
CA TRP A 122 29.11 -45.24 16.27
C TRP A 122 27.78 -45.84 16.65
N CYS A 123 27.64 -46.17 17.93
CA CYS A 123 26.44 -46.80 18.43
C CYS A 123 25.24 -45.88 18.36
N TRP A 124 24.14 -46.44 17.92
CA TRP A 124 22.90 -45.71 17.83
C TRP A 124 22.27 -45.49 19.21
N VAL A 125 22.18 -46.56 19.98
CA VAL A 125 21.52 -46.51 21.28
C VAL A 125 22.37 -45.78 22.32
N CYS A 126 23.53 -46.33 22.64
CA CYS A 126 24.42 -45.70 23.61
C CYS A 126 25.43 -44.84 22.88
N GLN A 127 25.64 -43.63 23.36
CA GLN A 127 26.61 -42.80 22.71
C GLN A 127 27.99 -43.26 23.10
N THR A 128 28.67 -43.88 22.17
CA THR A 128 29.98 -44.45 22.39
C THR A 128 30.73 -44.56 21.08
N GLU A 129 31.97 -44.99 21.13
CA GLU A 129 32.74 -45.19 19.93
C GLU A 129 33.05 -46.66 19.72
N TRP A 130 33.00 -47.09 18.47
CA TRP A 130 33.24 -48.48 18.13
C TRP A 130 34.66 -48.90 18.54
N THR A 131 34.72 -49.65 19.62
CA THR A 131 35.99 -50.11 20.18
C THR A 131 35.79 -51.54 20.70
N ARG A 132 36.57 -51.95 21.69
CA ARG A 132 36.41 -53.29 22.25
C ARG A 132 35.28 -53.29 23.28
N ASP A 133 35.00 -52.13 23.85
CA ASP A 133 33.93 -51.99 24.81
C ASP A 133 32.59 -52.19 24.12
N CYS A 134 32.39 -51.46 23.03
CA CYS A 134 31.20 -51.62 22.21
C CYS A 134 31.57 -52.25 20.87
N MET A 135 31.70 -53.56 20.87
CA MET A 135 32.01 -54.31 19.66
C MET A 135 30.72 -54.71 18.96
N GLY A 136 29.70 -55.01 19.77
CA GLY A 136 28.43 -55.40 19.21
C GLY A 136 27.58 -56.17 20.20
N ALA A 137 27.59 -55.74 21.45
CA ALA A 137 26.81 -56.39 22.50
C ALA A 137 25.43 -55.76 22.63
N HIS A 138 25.20 -54.73 21.84
CA HIS A 138 23.93 -54.01 21.87
C HIS A 138 23.54 -53.56 20.45
N TRP A 139 24.15 -54.18 19.46
CA TRP A 139 23.92 -53.78 18.07
C TRP A 139 22.71 -54.51 17.51
N PHE A 140 22.06 -55.28 18.37
CA PHE A 140 20.87 -56.04 18.00
C PHE A 140 19.74 -55.07 17.66
N GLY A 141 19.31 -55.12 16.42
CA GLY A 141 18.24 -54.25 16.00
C GLY A 141 18.14 -54.18 14.50
N GLU A 1 -46.78 86.80 -58.53
CA GLU A 1 -46.38 85.72 -59.45
C GLU A 1 -46.71 84.37 -58.84
N GLU A 2 -47.23 83.48 -59.66
CA GLU A 2 -47.58 82.16 -59.21
C GLU A 2 -46.56 81.15 -59.70
N TYR A 3 -46.05 80.35 -58.79
CA TYR A 3 -45.05 79.37 -59.12
C TYR A 3 -45.63 77.97 -59.21
N VAL A 4 -45.37 77.32 -60.33
CA VAL A 4 -45.78 75.95 -60.52
C VAL A 4 -44.61 75.04 -60.15
N LEU A 5 -44.77 74.29 -59.09
CA LEU A 5 -43.70 73.46 -58.60
C LEU A 5 -43.96 71.98 -58.86
N GLN A 6 -42.88 71.23 -58.96
CA GLN A 6 -42.94 69.81 -59.19
C GLN A 6 -41.61 69.18 -58.76
N ALA A 7 -41.55 67.87 -58.75
CA ALA A 7 -40.36 67.15 -58.36
C ALA A 7 -40.37 65.76 -58.96
N GLY A 8 -39.43 64.94 -58.54
CA GLY A 8 -39.35 63.58 -59.02
C GLY A 8 -40.37 62.70 -58.35
N GLY A 9 -41.62 62.86 -58.75
CA GLY A 9 -42.69 62.09 -58.17
C GLY A 9 -42.85 60.74 -58.82
N VAL A 10 -44.05 60.25 -58.82
CA VAL A 10 -44.35 58.95 -59.38
C VAL A 10 -44.94 59.11 -60.78
N LEU A 11 -44.96 58.05 -61.54
CA LEU A 11 -45.51 58.06 -62.87
C LEU A 11 -46.74 57.19 -62.93
N CYS A 12 -47.71 57.61 -63.71
CA CYS A 12 -48.94 56.86 -63.89
C CYS A 12 -48.62 55.53 -64.59
N PRO A 13 -49.26 54.42 -64.17
CA PRO A 13 -49.05 53.11 -64.78
C PRO A 13 -49.72 52.98 -66.14
N GLN A 14 -50.57 53.95 -66.49
CA GLN A 14 -51.27 53.91 -67.76
C GLN A 14 -50.32 54.19 -68.92
N PRO A 15 -50.43 53.41 -70.01
CA PRO A 15 -49.55 53.51 -71.17
C PRO A 15 -49.66 54.86 -71.90
N GLY A 16 -50.89 55.34 -72.07
CA GLY A 16 -51.10 56.58 -72.80
C GLY A 16 -50.90 57.80 -71.95
N CYS A 17 -50.44 57.62 -70.73
CA CYS A 17 -50.23 58.72 -69.84
C CYS A 17 -48.80 59.24 -69.95
N GLY A 18 -47.97 58.90 -68.97
CA GLY A 18 -46.62 59.37 -68.95
C GLY A 18 -46.57 60.86 -68.66
N MET A 19 -47.57 61.33 -67.94
CA MET A 19 -47.66 62.73 -67.58
C MET A 19 -46.74 63.04 -66.40
N GLY A 20 -47.10 62.54 -65.23
CA GLY A 20 -46.30 62.78 -64.05
C GLY A 20 -47.16 63.03 -62.84
N LEU A 21 -46.84 62.35 -61.77
CA LEU A 21 -47.59 62.47 -60.53
C LEU A 21 -46.71 63.05 -59.43
N LEU A 22 -47.29 63.91 -58.63
CA LEU A 22 -46.57 64.57 -57.56
C LEU A 22 -46.98 63.96 -56.22
N VAL A 23 -46.01 63.46 -55.48
CA VAL A 23 -46.28 62.87 -54.20
C VAL A 23 -45.56 63.63 -53.09
N GLU A 24 -46.33 64.25 -52.23
CA GLU A 24 -45.77 64.97 -51.10
C GLU A 24 -45.32 64.00 -50.03
N PRO A 25 -44.20 64.27 -49.35
CA PRO A 25 -43.64 63.40 -48.30
C PRO A 25 -44.68 62.90 -47.29
N ASP A 26 -45.57 63.80 -46.85
CA ASP A 26 -46.59 63.44 -45.85
C ASP A 26 -47.77 62.70 -46.47
N CYS A 27 -47.77 62.56 -47.78
CA CYS A 27 -48.87 61.94 -48.48
C CYS A 27 -48.40 60.74 -49.31
N ARG A 28 -49.32 59.84 -49.62
CA ARG A 28 -49.02 58.69 -50.44
C ARG A 28 -50.11 58.51 -51.49
N LYS A 29 -50.97 59.51 -51.59
CA LYS A 29 -52.10 59.46 -52.52
C LYS A 29 -51.63 59.63 -53.94
N VAL A 30 -51.70 58.55 -54.66
CA VAL A 30 -51.37 58.53 -56.04
C VAL A 30 -52.56 58.21 -56.88
N THR A 31 -52.98 59.17 -57.63
CA THR A 31 -54.05 58.97 -58.54
C THR A 31 -53.92 59.97 -59.68
N CYS A 32 -54.11 59.51 -60.91
CA CYS A 32 -54.03 60.38 -62.06
C CYS A 32 -55.28 61.24 -62.13
N GLN A 33 -55.42 62.15 -61.20
CA GLN A 33 -56.57 63.02 -61.12
C GLN A 33 -56.49 64.10 -62.18
N ASN A 34 -55.34 64.19 -62.82
CA ASN A 34 -55.11 65.15 -63.88
C ASN A 34 -55.14 64.47 -65.24
N GLY A 35 -55.47 63.18 -65.24
CA GLY A 35 -55.49 62.43 -66.48
C GLY A 35 -56.31 61.16 -66.37
N CYS A 36 -55.67 60.04 -66.67
CA CYS A 36 -56.30 58.73 -66.60
C CYS A 36 -56.24 58.17 -65.19
N GLY A 37 -57.27 58.43 -64.41
CA GLY A 37 -57.28 58.04 -63.02
C GLY A 37 -57.36 56.55 -62.80
N TYR A 38 -56.26 56.00 -62.34
CA TYR A 38 -56.14 54.60 -62.03
C TYR A 38 -55.57 54.47 -60.61
N VAL A 39 -56.07 53.50 -59.86
CA VAL A 39 -55.62 53.32 -58.49
C VAL A 39 -54.33 52.50 -58.43
N PHE A 40 -53.30 53.08 -57.81
CA PHE A 40 -52.02 52.43 -57.66
C PHE A 40 -51.32 52.96 -56.43
N CYS A 41 -50.11 52.50 -56.17
CA CYS A 41 -49.36 52.94 -55.01
C CYS A 41 -48.20 53.83 -55.46
N ARG A 42 -47.48 54.39 -54.52
CA ARG A 42 -46.40 55.30 -54.85
C ARG A 42 -45.12 54.55 -55.20
N ASN A 43 -44.83 53.48 -54.50
CA ASN A 43 -43.61 52.72 -54.72
C ASN A 43 -43.89 51.44 -55.46
N CYS A 44 -45.15 51.16 -55.69
CA CYS A 44 -45.54 49.95 -56.35
C CYS A 44 -46.85 50.11 -57.09
N LEU A 45 -47.20 49.11 -57.83
CA LEU A 45 -48.43 49.12 -58.61
C LEU A 45 -49.42 48.13 -58.01
N GLN A 46 -49.40 48.02 -56.68
CA GLN A 46 -50.27 47.07 -55.97
C GLN A 46 -51.70 47.60 -55.83
N GLY A 47 -51.98 48.75 -56.40
CA GLY A 47 -53.32 49.30 -56.36
C GLY A 47 -53.60 50.06 -55.09
N TYR A 48 -52.55 50.63 -54.49
CA TYR A 48 -52.63 51.41 -53.25
C TYR A 48 -52.95 50.50 -52.05
N HIS A 49 -52.11 50.57 -51.03
CA HIS A 49 -52.28 49.73 -49.85
C HIS A 49 -51.89 50.48 -48.59
N ILE A 50 -51.92 49.78 -47.48
CA ILE A 50 -51.54 50.36 -46.20
C ILE A 50 -50.17 49.81 -45.80
N GLY A 51 -49.38 50.63 -45.15
CA GLY A 51 -48.06 50.20 -44.72
C GLY A 51 -47.00 50.54 -45.74
N GLU A 52 -45.85 49.92 -45.63
CA GLU A 52 -44.77 50.18 -46.56
C GLU A 52 -44.83 49.22 -47.72
N CYS A 53 -44.08 49.52 -48.75
CA CYS A 53 -44.06 48.67 -49.92
C CYS A 53 -42.87 47.74 -49.85
N LEU A 54 -41.70 48.31 -49.75
CA LEU A 54 -40.47 47.54 -49.65
C LEU A 54 -40.27 47.05 -48.22
N PRO A 55 -40.12 45.74 -48.02
CA PRO A 55 -39.90 45.16 -46.70
C PRO A 55 -38.43 45.28 -46.27
N GLU A 56 -38.08 44.63 -45.18
CA GLU A 56 -36.70 44.65 -44.71
C GLU A 56 -35.99 43.37 -45.10
N GLY A 57 -36.44 42.25 -44.55
CA GLY A 57 -35.83 40.96 -44.87
C GLY A 57 -34.43 40.84 -44.32
N THR A 58 -34.33 40.81 -43.00
CA THR A 58 -33.04 40.70 -42.35
C THR A 58 -32.85 39.30 -41.77
N GLY A 59 -31.83 38.62 -42.24
CA GLY A 59 -31.55 37.29 -41.76
C GLY A 59 -30.12 37.16 -41.26
N ALA A 60 -29.97 36.87 -39.99
CA ALA A 60 -28.65 36.72 -39.40
C ALA A 60 -28.22 35.25 -39.41
N SER A 61 -29.07 34.40 -38.83
CA SER A 61 -28.84 32.95 -38.73
C SER A 61 -27.44 32.64 -38.18
N ALA A 62 -27.33 32.62 -36.86
CA ALA A 62 -26.06 32.36 -36.20
C ALA A 62 -26.28 31.73 -34.83
N THR A 63 -25.77 30.52 -34.65
CA THR A 63 -25.90 29.82 -33.39
C THR A 63 -24.95 28.62 -33.32
N ASN A 64 -24.29 28.48 -32.18
CA ASN A 64 -23.37 27.38 -31.95
C ASN A 64 -23.38 27.00 -30.48
N SER A 65 -22.79 25.86 -30.16
CA SER A 65 -22.72 25.40 -28.79
C SER A 65 -21.32 24.91 -28.46
N CYS A 66 -20.95 23.77 -29.04
CA CYS A 66 -19.65 23.15 -28.83
C CYS A 66 -19.39 22.92 -27.33
N GLU A 67 -19.86 21.81 -26.82
CA GLU A 67 -19.71 21.49 -25.42
C GLU A 67 -19.30 20.04 -25.22
N TYR A 68 -18.29 19.83 -24.37
CA TYR A 68 -17.77 18.49 -24.05
C TYR A 68 -16.70 18.60 -22.97
N THR A 69 -16.79 17.78 -21.96
CA THR A 69 -15.82 17.80 -20.88
C THR A 69 -15.43 16.39 -20.45
N VAL A 70 -14.26 16.25 -19.87
CA VAL A 70 -13.77 14.94 -19.43
C VAL A 70 -13.56 14.92 -17.93
N ASP A 71 -13.71 13.75 -17.33
CA ASP A 71 -13.55 13.58 -15.90
C ASP A 71 -12.28 12.77 -15.61
N PRO A 72 -11.63 13.02 -14.44
CA PRO A 72 -10.43 12.30 -14.04
C PRO A 72 -10.73 11.04 -13.24
N ASN A 73 -9.70 10.25 -12.99
CA ASN A 73 -9.81 9.03 -12.20
C ASN A 73 -8.52 8.79 -11.44
N ARG A 74 -8.61 8.24 -10.24
CA ARG A 74 -7.43 8.02 -9.42
C ARG A 74 -7.65 6.87 -8.43
N ALA A 75 -6.71 5.95 -8.40
CA ALA A 75 -6.78 4.81 -7.49
C ALA A 75 -5.38 4.24 -7.26
N ALA A 76 -5.05 3.96 -6.00
CA ALA A 76 -3.75 3.41 -5.63
C ALA A 76 -3.79 2.86 -4.22
N GLU A 77 -3.54 1.57 -4.08
CA GLU A 77 -3.55 0.92 -2.78
C GLU A 77 -2.54 -0.22 -2.72
N ALA A 78 -1.94 -0.42 -1.57
CA ALA A 78 -0.97 -1.48 -1.38
C ALA A 78 -1.03 -2.02 0.05
N ARG A 79 -0.90 -3.33 0.17
CA ARG A 79 -0.93 -4.03 1.46
C ARG A 79 0.06 -5.17 1.42
N TRP A 80 0.83 -5.35 2.49
CA TRP A 80 1.82 -6.42 2.53
C TRP A 80 1.78 -7.16 3.86
N ASP A 81 2.27 -8.40 3.86
CA ASP A 81 2.31 -9.23 5.05
C ASP A 81 3.74 -9.40 5.53
N GLU A 82 4.00 -9.01 6.76
CA GLU A 82 5.34 -9.11 7.32
C GLU A 82 5.44 -10.28 8.30
N ALA A 83 4.31 -10.64 8.90
CA ALA A 83 4.26 -11.69 9.90
C ALA A 83 4.68 -13.04 9.34
N SER A 84 5.73 -13.60 9.92
CA SER A 84 6.24 -14.90 9.52
C SER A 84 7.14 -15.43 10.62
N ASN A 85 7.15 -16.74 10.81
CA ASN A 85 8.01 -17.35 11.81
C ASN A 85 8.18 -18.85 11.55
N VAL A 86 9.41 -19.30 11.60
CA VAL A 86 9.73 -20.70 11.43
C VAL A 86 10.63 -21.14 12.57
N THR A 87 10.24 -22.17 13.28
CA THR A 87 11.02 -22.65 14.40
C THR A 87 10.99 -24.16 14.48
N ILE A 88 12.16 -24.77 14.51
CA ILE A 88 12.28 -26.21 14.60
C ILE A 88 13.11 -26.58 15.81
N LYS A 89 13.01 -27.83 16.23
CA LYS A 89 13.78 -28.30 17.36
C LYS A 89 14.94 -29.16 16.90
N VAL A 90 16.12 -28.89 17.44
CA VAL A 90 17.32 -29.63 17.10
C VAL A 90 17.13 -31.13 17.36
N SER A 91 17.08 -31.90 16.29
CA SER A 91 16.92 -33.34 16.40
C SER A 91 18.18 -34.02 15.87
N THR A 92 19.14 -33.21 15.47
CA THR A 92 20.38 -33.69 14.94
C THR A 92 21.50 -33.53 15.95
N LYS A 93 22.20 -34.60 16.24
CA LYS A 93 23.29 -34.56 17.18
C LYS A 93 24.59 -34.27 16.45
N PRO A 94 25.51 -33.53 17.07
CA PRO A 94 26.77 -33.20 16.44
C PRO A 94 27.78 -34.35 16.55
N CYS A 95 28.23 -34.82 15.40
CA CYS A 95 29.22 -35.88 15.33
C CYS A 95 30.45 -35.52 16.13
N PRO A 96 30.98 -36.44 16.93
CA PRO A 96 32.18 -36.20 17.72
C PRO A 96 33.43 -36.09 16.83
N LYS A 97 33.30 -36.53 15.59
CA LYS A 97 34.39 -36.49 14.65
C LYS A 97 34.38 -35.19 13.84
N CYS A 98 33.41 -35.05 12.94
CA CYS A 98 33.34 -33.90 12.04
C CYS A 98 32.39 -32.81 12.54
N ARG A 99 31.67 -33.10 13.62
CA ARG A 99 30.74 -32.14 14.24
C ARG A 99 29.54 -31.85 13.33
N THR A 100 29.22 -32.78 12.47
CA THR A 100 28.11 -32.60 11.54
C THR A 100 26.79 -33.01 12.18
N PRO A 101 25.66 -32.52 11.66
CA PRO A 101 24.33 -32.87 12.16
C PRO A 101 23.93 -34.30 11.77
N THR A 102 24.05 -35.21 12.72
CA THR A 102 23.70 -36.60 12.50
C THR A 102 22.23 -36.85 12.85
N GLU A 103 21.43 -37.15 11.85
CA GLU A 103 20.03 -37.49 12.05
C GLU A 103 19.87 -38.99 11.91
N ARG A 104 19.03 -39.59 12.73
CA ARG A 104 18.82 -41.02 12.65
C ARG A 104 17.74 -41.33 11.62
N ASP A 105 18.18 -41.62 10.43
CA ASP A 105 17.26 -41.93 9.35
C ASP A 105 17.77 -43.14 8.59
N GLY A 106 17.01 -44.22 8.64
CA GLY A 106 17.40 -45.43 7.96
C GLY A 106 18.36 -46.26 8.79
N GLY A 107 18.35 -46.01 10.09
CA GLY A 107 19.23 -46.73 10.99
C GLY A 107 18.62 -46.86 12.37
N CYS A 108 18.58 -48.08 12.87
CA CYS A 108 18.01 -48.33 14.18
C CYS A 108 18.99 -48.00 15.28
N MET A 109 20.00 -48.85 15.45
CA MET A 109 20.99 -48.66 16.48
C MET A 109 22.35 -48.33 15.90
N HIS A 110 22.46 -48.40 14.58
CA HIS A 110 23.72 -48.12 13.91
C HIS A 110 23.76 -46.68 13.44
N MET A 111 24.38 -45.83 14.23
CA MET A 111 24.49 -44.43 13.88
C MET A 111 25.77 -44.21 13.09
N VAL A 112 25.67 -44.29 11.77
CA VAL A 112 26.83 -44.14 10.90
C VAL A 112 26.88 -42.75 10.32
N CYS A 113 27.93 -42.02 10.66
CA CYS A 113 28.11 -40.70 10.12
C CYS A 113 28.89 -40.78 8.83
N THR A 114 28.18 -40.72 7.73
CA THR A 114 28.81 -40.78 6.44
C THR A 114 29.24 -39.39 5.99
N ARG A 115 30.46 -39.05 6.29
CA ARG A 115 31.00 -37.78 5.90
C ARG A 115 32.36 -38.06 5.23
N ALA A 116 32.75 -37.23 4.26
CA ALA A 116 34.02 -37.41 3.52
C ALA A 116 35.20 -37.71 4.46
N GLY A 117 35.54 -36.73 5.29
CA GLY A 117 36.65 -36.92 6.21
C GLY A 117 36.21 -37.42 7.56
N CYS A 118 35.21 -38.30 7.58
CA CYS A 118 34.72 -38.85 8.83
C CYS A 118 34.61 -40.37 8.75
N GLY A 119 33.40 -40.87 8.53
CA GLY A 119 33.17 -42.29 8.47
C GLY A 119 33.09 -42.87 9.86
N PHE A 120 32.80 -42.02 10.83
CA PHE A 120 32.73 -42.43 12.21
C PHE A 120 31.33 -42.92 12.58
N GLU A 121 31.24 -44.19 12.89
CA GLU A 121 30.00 -44.78 13.30
C GLU A 121 30.02 -45.04 14.80
N TRP A 122 28.88 -44.91 15.43
CA TRP A 122 28.78 -45.06 16.87
C TRP A 122 27.44 -45.68 17.28
N CYS A 123 27.42 -46.25 18.50
CA CYS A 123 26.22 -46.86 19.06
C CYS A 123 25.11 -45.82 19.22
N TRP A 124 23.89 -46.24 19.04
CA TRP A 124 22.75 -45.37 19.24
C TRP A 124 22.48 -45.11 20.74
N VAL A 125 22.33 -46.20 21.49
CA VAL A 125 21.97 -46.11 22.90
C VAL A 125 23.05 -45.39 23.71
N CYS A 126 24.25 -45.96 23.76
CA CYS A 126 25.36 -45.31 24.43
C CYS A 126 26.20 -44.64 23.38
N GLN A 127 27.09 -43.78 23.77
CA GLN A 127 27.95 -43.16 22.81
C GLN A 127 29.33 -43.75 22.95
N THR A 128 29.73 -44.51 21.96
CA THR A 128 31.01 -45.18 21.93
C THR A 128 31.46 -45.33 20.50
N GLU A 129 32.76 -45.43 20.29
CA GLU A 129 33.29 -45.61 18.97
C GLU A 129 33.04 -47.03 18.51
N TRP A 130 32.98 -47.22 17.21
CA TRP A 130 32.77 -48.52 16.62
C TRP A 130 33.90 -49.51 17.00
N THR A 131 33.68 -50.21 18.07
CA THR A 131 34.60 -51.21 18.55
C THR A 131 33.82 -52.46 18.92
N ARG A 132 34.37 -53.62 18.62
CA ARG A 132 33.65 -54.88 18.81
C ARG A 132 33.32 -55.18 20.27
N ASP A 133 34.14 -54.69 21.21
CA ASP A 133 33.88 -54.93 22.63
C ASP A 133 32.59 -54.25 23.09
N CYS A 134 32.13 -53.27 22.30
CA CYS A 134 30.88 -52.60 22.57
C CYS A 134 29.84 -52.99 21.51
N MET A 135 30.31 -53.07 20.26
CA MET A 135 29.48 -53.41 19.10
C MET A 135 28.73 -54.72 19.33
N GLY A 136 29.42 -55.69 19.93
CA GLY A 136 28.81 -56.97 20.20
C GLY A 136 28.50 -57.15 21.66
N ALA A 137 28.47 -56.05 22.40
CA ALA A 137 28.19 -56.10 23.82
C ALA A 137 26.71 -55.89 24.08
N HIS A 138 26.23 -54.71 23.77
CA HIS A 138 24.84 -54.36 24.00
C HIS A 138 24.06 -54.28 22.68
N TRP A 139 24.37 -53.24 21.90
CA TRP A 139 23.74 -52.96 20.61
C TRP A 139 22.25 -52.67 20.77
N PHE A 140 21.46 -53.68 21.08
CA PHE A 140 20.03 -53.55 21.26
C PHE A 140 19.72 -52.78 22.55
N GLY A 141 18.78 -51.86 22.46
CA GLY A 141 18.41 -51.07 23.61
C GLY A 141 17.37 -50.04 23.27
N GLU A 1 19.81 -83.52 -31.43
CA GLU A 1 19.79 -83.51 -32.91
C GLU A 1 18.39 -83.35 -33.46
N GLU A 2 17.60 -84.41 -33.37
CA GLU A 2 16.25 -84.37 -33.89
C GLU A 2 15.27 -84.73 -32.78
N TYR A 3 14.12 -84.09 -32.78
CA TYR A 3 13.10 -84.32 -31.78
C TYR A 3 12.06 -85.31 -32.31
N VAL A 4 12.38 -86.58 -32.18
CA VAL A 4 11.49 -87.64 -32.66
C VAL A 4 11.22 -88.65 -31.55
N LEU A 5 10.09 -88.50 -30.89
CA LEU A 5 9.70 -89.40 -29.82
C LEU A 5 8.34 -90.01 -30.04
N GLN A 6 8.09 -91.05 -29.26
CA GLN A 6 6.83 -91.74 -29.28
C GLN A 6 6.48 -92.25 -27.89
N ALA A 7 5.30 -92.83 -27.76
CA ALA A 7 4.86 -93.37 -26.49
C ALA A 7 4.25 -94.75 -26.68
N GLY A 8 4.26 -95.55 -25.64
CA GLY A 8 3.72 -96.89 -25.71
C GLY A 8 4.67 -97.86 -26.36
N GLY A 9 4.89 -97.69 -27.65
CA GLY A 9 5.78 -98.57 -28.35
C GLY A 9 6.04 -98.14 -29.77
N VAL A 10 6.30 -99.11 -30.62
CA VAL A 10 6.58 -98.87 -32.01
C VAL A 10 5.55 -99.56 -32.88
N LEU A 11 5.71 -99.44 -34.17
CA LEU A 11 4.78 -100.03 -35.10
C LEU A 11 5.50 -100.94 -36.07
N CYS A 12 4.76 -101.94 -36.55
CA CYS A 12 5.27 -102.88 -37.52
C CYS A 12 5.81 -102.12 -38.75
N PRO A 13 6.95 -102.56 -39.29
CA PRO A 13 7.58 -101.94 -40.46
C PRO A 13 6.67 -101.95 -41.68
N GLN A 14 5.68 -102.83 -41.66
CA GLN A 14 4.72 -102.91 -42.73
C GLN A 14 3.61 -101.89 -42.48
N PRO A 15 3.50 -100.85 -43.34
CA PRO A 15 2.49 -99.81 -43.18
C PRO A 15 1.08 -100.37 -43.31
N GLY A 16 0.95 -101.46 -44.07
CA GLY A 16 -0.33 -102.11 -44.23
C GLY A 16 -0.78 -102.76 -42.94
N CYS A 17 0.18 -103.10 -42.09
CA CYS A 17 -0.10 -103.67 -40.80
C CYS A 17 -0.64 -102.60 -39.88
N GLY A 18 0.25 -101.71 -39.44
CA GLY A 18 -0.14 -100.60 -38.57
C GLY A 18 -0.90 -101.04 -37.34
N MET A 19 -0.59 -102.23 -36.85
CA MET A 19 -1.24 -102.77 -35.67
C MET A 19 -0.82 -102.01 -34.42
N GLY A 20 0.47 -102.09 -34.12
CA GLY A 20 0.98 -101.47 -32.93
C GLY A 20 1.73 -102.45 -32.08
N LEU A 21 2.97 -102.14 -31.80
CA LEU A 21 3.82 -103.00 -31.01
C LEU A 21 4.23 -102.32 -29.73
N LEU A 22 4.05 -103.03 -28.64
CA LEU A 22 4.36 -102.48 -27.34
C LEU A 22 5.82 -102.78 -26.98
N VAL A 23 6.56 -101.73 -26.67
CA VAL A 23 7.96 -101.89 -26.31
C VAL A 23 8.12 -102.00 -24.80
N GLU A 24 8.30 -103.22 -24.34
CA GLU A 24 8.52 -103.49 -22.93
C GLU A 24 10.00 -103.57 -22.65
N PRO A 25 10.43 -103.28 -21.42
CA PRO A 25 11.84 -103.46 -21.04
C PRO A 25 12.19 -104.95 -21.02
N ASP A 26 11.15 -105.76 -21.11
CA ASP A 26 11.26 -107.21 -21.15
C ASP A 26 11.07 -107.71 -22.57
N CYS A 27 11.34 -106.86 -23.54
CA CYS A 27 11.20 -107.21 -24.93
C CYS A 27 12.32 -108.18 -25.36
N ARG A 28 12.17 -109.43 -24.93
CA ARG A 28 13.11 -110.49 -25.25
C ARG A 28 13.12 -110.80 -26.75
N LYS A 29 12.04 -110.45 -27.42
CA LYS A 29 11.92 -110.69 -28.83
C LYS A 29 10.81 -109.83 -29.41
N VAL A 30 11.18 -108.84 -30.20
CA VAL A 30 10.21 -108.00 -30.86
C VAL A 30 9.89 -108.54 -32.24
N THR A 31 8.67 -108.98 -32.40
CA THR A 31 8.21 -109.57 -33.64
C THR A 31 6.72 -109.35 -33.77
N CYS A 32 6.24 -109.14 -34.99
CA CYS A 32 4.82 -108.97 -35.22
C CYS A 32 4.13 -110.34 -35.12
N GLN A 33 4.02 -110.83 -33.90
CA GLN A 33 3.41 -112.11 -33.64
C GLN A 33 1.90 -111.99 -33.53
N ASN A 34 1.42 -110.77 -33.29
CA ASN A 34 -0.01 -110.54 -33.14
C ASN A 34 -0.61 -110.05 -34.44
N GLY A 35 0.23 -109.60 -35.35
CA GLY A 35 -0.25 -109.10 -36.62
C GLY A 35 0.09 -110.03 -37.75
N CYS A 36 1.12 -109.69 -38.50
CA CYS A 36 1.55 -110.49 -39.61
C CYS A 36 2.75 -111.35 -39.22
N GLY A 37 3.92 -110.91 -39.61
CA GLY A 37 5.13 -111.62 -39.26
C GLY A 37 6.36 -110.86 -39.67
N TYR A 38 7.07 -110.29 -38.71
CA TYR A 38 8.30 -109.58 -39.00
C TYR A 38 9.12 -109.40 -37.73
N VAL A 39 10.41 -109.65 -37.84
CA VAL A 39 11.32 -109.45 -36.72
C VAL A 39 12.08 -108.14 -36.92
N PHE A 40 12.04 -107.26 -35.93
CA PHE A 40 12.69 -105.98 -36.08
C PHE A 40 13.23 -105.50 -34.76
N CYS A 41 13.77 -104.29 -34.72
CA CYS A 41 14.31 -103.76 -33.49
C CYS A 41 13.16 -103.29 -32.59
N ARG A 42 13.49 -102.74 -31.46
CA ARG A 42 12.46 -102.29 -30.54
C ARG A 42 12.17 -100.82 -30.71
N ASN A 43 13.17 -100.04 -31.04
CA ASN A 43 12.99 -98.61 -31.19
C ASN A 43 12.96 -98.20 -32.65
N CYS A 44 13.27 -99.13 -33.52
CA CYS A 44 13.30 -98.85 -34.94
C CYS A 44 12.99 -100.08 -35.76
N LEU A 45 13.19 -99.96 -37.05
CA LEU A 45 12.91 -101.03 -37.99
C LEU A 45 14.22 -101.54 -38.60
N GLN A 46 15.32 -101.42 -37.85
CA GLN A 46 16.65 -101.80 -38.36
C GLN A 46 16.92 -103.31 -38.30
N GLY A 47 15.87 -104.10 -38.17
CA GLY A 47 16.02 -105.55 -38.22
C GLY A 47 16.70 -106.16 -37.02
N TYR A 48 16.29 -105.74 -35.84
CA TYR A 48 16.76 -106.31 -34.56
C TYR A 48 18.28 -106.17 -34.39
N HIS A 49 18.68 -105.12 -33.72
CA HIS A 49 20.09 -104.90 -33.42
C HIS A 49 20.24 -104.50 -31.96
N ILE A 50 21.38 -103.93 -31.59
CA ILE A 50 21.60 -103.50 -30.23
C ILE A 50 20.60 -102.39 -29.84
N GLY A 51 20.36 -102.23 -28.53
CA GLY A 51 19.40 -101.24 -28.05
C GLY A 51 19.90 -99.80 -28.12
N GLU A 52 20.47 -99.44 -29.25
CA GLU A 52 20.95 -98.10 -29.47
C GLU A 52 20.54 -97.63 -30.84
N CYS A 53 19.60 -96.73 -30.88
CA CYS A 53 19.06 -96.25 -32.15
C CYS A 53 18.90 -94.73 -32.12
N LEU A 54 17.98 -94.27 -31.30
CA LEU A 54 17.69 -92.86 -31.21
C LEU A 54 18.07 -92.33 -29.85
N PRO A 55 18.78 -91.19 -29.82
CA PRO A 55 19.19 -90.55 -28.58
C PRO A 55 18.03 -89.80 -27.92
N GLU A 56 18.34 -88.93 -26.98
CA GLU A 56 17.33 -88.16 -26.32
C GLU A 56 16.90 -86.97 -27.16
N GLY A 57 15.63 -86.67 -27.11
CA GLY A 57 15.09 -85.56 -27.83
C GLY A 57 14.39 -84.60 -26.91
N THR A 58 15.08 -83.56 -26.51
CA THR A 58 14.52 -82.55 -25.64
C THR A 58 14.46 -81.21 -26.37
N GLY A 59 13.25 -80.72 -26.57
CA GLY A 59 13.09 -79.46 -27.26
C GLY A 59 12.39 -78.44 -26.40
N ALA A 60 12.23 -77.25 -26.93
CA ALA A 60 11.56 -76.18 -26.20
C ALA A 60 11.01 -75.14 -27.18
N SER A 61 10.01 -74.42 -26.74
CA SER A 61 9.40 -73.39 -27.55
C SER A 61 10.22 -72.11 -27.47
N ALA A 62 10.08 -71.26 -28.48
CA ALA A 62 10.81 -70.00 -28.51
C ALA A 62 10.24 -69.02 -27.49
N THR A 63 11.00 -67.99 -27.19
CA THR A 63 10.55 -67.00 -26.24
C THR A 63 9.70 -65.94 -26.93
N ASN A 64 8.39 -66.03 -26.73
CA ASN A 64 7.47 -65.08 -27.34
C ASN A 64 7.56 -63.73 -26.64
N SER A 65 7.88 -62.71 -27.39
CA SER A 65 7.98 -61.37 -26.86
C SER A 65 6.62 -60.69 -26.87
N CYS A 66 6.35 -59.89 -25.86
CA CYS A 66 5.09 -59.18 -25.78
C CYS A 66 5.32 -57.67 -25.68
N GLU A 67 4.57 -56.91 -26.45
CA GLU A 67 4.68 -55.48 -26.45
C GLU A 67 3.35 -54.84 -26.10
N TYR A 68 3.35 -53.56 -25.85
CA TYR A 68 2.15 -52.84 -25.48
C TYR A 68 2.07 -51.49 -26.16
N THR A 69 0.89 -50.89 -26.16
CA THR A 69 0.68 -49.58 -26.72
C THR A 69 -0.14 -48.72 -25.75
N VAL A 70 0.54 -47.90 -24.98
CA VAL A 70 -0.12 -47.05 -24.01
C VAL A 70 -0.12 -45.59 -24.47
N ASP A 71 -1.21 -44.88 -24.20
CA ASP A 71 -1.36 -43.48 -24.59
C ASP A 71 -0.56 -42.57 -23.67
N PRO A 72 0.16 -41.58 -24.23
CA PRO A 72 0.90 -40.59 -23.45
C PRO A 72 -0.05 -39.66 -22.70
N ASN A 73 -0.10 -39.79 -21.38
CA ASN A 73 -0.98 -38.98 -20.56
C ASN A 73 -0.41 -37.58 -20.35
N ARG A 74 -1.22 -36.59 -20.68
CA ARG A 74 -0.84 -35.21 -20.48
C ARG A 74 -1.39 -34.71 -19.15
N ALA A 75 -0.50 -34.38 -18.24
CA ALA A 75 -0.90 -33.91 -16.93
C ALA A 75 -0.05 -32.73 -16.48
N ALA A 76 -0.71 -31.75 -15.91
CA ALA A 76 -0.03 -30.57 -15.40
C ALA A 76 -0.42 -30.34 -13.96
N GLU A 77 0.49 -29.85 -13.16
CA GLU A 77 0.22 -29.64 -11.74
C GLU A 77 -0.19 -28.21 -11.46
N ALA A 78 -0.42 -27.94 -10.19
CA ALA A 78 -0.76 -26.61 -9.72
C ALA A 78 -0.07 -26.37 -8.39
N ARG A 79 0.47 -25.18 -8.21
CA ARG A 79 1.19 -24.86 -6.98
C ARG A 79 1.24 -23.36 -6.78
N TRP A 80 0.94 -22.91 -5.58
CA TRP A 80 0.95 -21.49 -5.27
C TRP A 80 2.06 -21.15 -4.28
N ASP A 81 2.47 -22.12 -3.49
CA ASP A 81 3.53 -21.92 -2.51
C ASP A 81 4.22 -23.25 -2.23
N GLU A 82 5.32 -23.20 -1.49
CA GLU A 82 6.04 -24.41 -1.13
C GLU A 82 5.60 -24.91 0.24
N ALA A 83 6.00 -24.18 1.29
CA ALA A 83 5.67 -24.54 2.66
C ALA A 83 6.28 -23.54 3.62
N SER A 84 5.62 -23.34 4.75
CA SER A 84 6.09 -22.44 5.77
C SER A 84 6.22 -23.20 7.08
N ASN A 85 7.08 -22.71 7.96
CA ASN A 85 7.29 -23.38 9.24
C ASN A 85 7.39 -22.39 10.39
N VAL A 86 7.47 -22.91 11.59
CA VAL A 86 7.61 -22.09 12.77
C VAL A 86 9.02 -22.23 13.33
N THR A 87 9.44 -23.46 13.52
CA THR A 87 10.75 -23.77 14.03
C THR A 87 11.08 -25.24 13.78
N ILE A 88 12.36 -25.54 13.65
CA ILE A 88 12.79 -26.91 13.42
C ILE A 88 13.36 -27.51 14.70
N LYS A 89 12.99 -28.76 14.96
CA LYS A 89 13.51 -29.49 16.11
C LYS A 89 14.85 -30.11 15.76
N VAL A 90 15.78 -30.06 16.70
CA VAL A 90 17.08 -30.63 16.48
C VAL A 90 17.02 -32.17 16.53
N SER A 91 16.94 -32.78 15.37
CA SER A 91 16.90 -34.22 15.26
C SER A 91 18.27 -34.76 14.88
N THR A 92 19.24 -33.87 14.82
CA THR A 92 20.58 -34.23 14.46
C THR A 92 21.45 -34.48 15.70
N LYS A 93 22.47 -35.28 15.52
CA LYS A 93 23.42 -35.57 16.57
C LYS A 93 24.79 -35.07 16.15
N PRO A 94 25.57 -34.50 17.07
CA PRO A 94 26.88 -33.98 16.75
C PRO A 94 27.95 -35.08 16.74
N CYS A 95 28.65 -35.18 15.62
CA CYS A 95 29.72 -36.15 15.49
C CYS A 95 30.84 -35.82 16.47
N PRO A 96 31.38 -36.82 17.17
CA PRO A 96 32.49 -36.62 18.11
C PRO A 96 33.81 -36.34 17.36
N LYS A 97 33.75 -36.44 16.05
CA LYS A 97 34.91 -36.20 15.21
C LYS A 97 34.86 -34.81 14.59
N CYS A 98 34.00 -34.63 13.60
CA CYS A 98 33.88 -33.38 12.87
C CYS A 98 32.79 -32.49 13.44
N ARG A 99 32.01 -33.02 14.38
CA ARG A 99 30.92 -32.27 15.02
C ARG A 99 29.88 -31.84 14.02
N THR A 100 29.70 -32.65 13.01
CA THR A 100 28.73 -32.37 11.98
C THR A 100 27.35 -32.88 12.40
N PRO A 101 26.28 -32.29 11.87
CA PRO A 101 24.93 -32.69 12.22
C PRO A 101 24.49 -34.00 11.53
N THR A 102 24.67 -35.10 12.22
CA THR A 102 24.27 -36.39 11.71
C THR A 102 22.79 -36.62 11.98
N GLU A 103 22.01 -36.86 10.94
CA GLU A 103 20.58 -37.06 11.09
C GLU A 103 20.28 -38.42 11.72
N ARG A 104 19.13 -38.54 12.35
CA ARG A 104 18.77 -39.76 13.07
C ARG A 104 17.55 -40.43 12.44
N ASP A 105 17.43 -41.71 12.69
CA ASP A 105 16.26 -42.47 12.29
C ASP A 105 15.95 -43.49 13.37
N GLY A 106 14.69 -43.64 13.69
CA GLY A 106 14.31 -44.56 14.74
C GLY A 106 14.08 -45.95 14.22
N GLY A 107 15.05 -46.46 13.50
CA GLY A 107 14.93 -47.79 12.95
C GLY A 107 16.21 -48.55 13.07
N CYS A 108 17.28 -48.00 12.54
CA CYS A 108 18.57 -48.67 12.58
C CYS A 108 19.26 -48.41 13.92
N MET A 109 20.45 -48.95 14.06
CA MET A 109 21.22 -48.75 15.26
C MET A 109 22.67 -48.45 14.90
N HIS A 110 23.01 -48.72 13.66
CA HIS A 110 24.34 -48.43 13.18
C HIS A 110 24.36 -47.02 12.64
N MET A 111 24.78 -46.10 13.49
CA MET A 111 24.84 -44.70 13.11
C MET A 111 26.26 -44.34 12.76
N VAL A 112 26.46 -43.97 11.52
CA VAL A 112 27.79 -43.63 11.08
C VAL A 112 27.82 -42.26 10.48
N CYS A 113 28.91 -41.57 10.69
CA CYS A 113 29.09 -40.26 10.14
C CYS A 113 29.62 -40.36 8.74
N THR A 114 28.78 -40.05 7.77
CA THR A 114 29.22 -40.07 6.42
C THR A 114 29.74 -38.70 6.03
N ARG A 115 31.01 -38.51 6.27
CA ARG A 115 31.69 -37.28 5.98
C ARG A 115 32.97 -37.66 5.25
N ALA A 116 33.20 -37.06 4.08
CA ALA A 116 34.39 -37.39 3.25
C ALA A 116 35.70 -37.36 4.07
N GLY A 117 35.77 -36.50 5.07
CA GLY A 117 36.97 -36.40 5.88
C GLY A 117 36.78 -36.94 7.29
N CYS A 118 35.83 -37.86 7.47
CA CYS A 118 35.58 -38.44 8.79
C CYS A 118 35.45 -39.95 8.71
N GLY A 119 34.26 -40.42 8.32
CA GLY A 119 34.01 -41.85 8.24
C GLY A 119 34.11 -42.51 9.59
N PHE A 120 33.21 -42.16 10.49
CA PHE A 120 33.25 -42.67 11.85
C PHE A 120 31.95 -43.35 12.23
N GLU A 121 32.04 -44.62 12.60
CA GLU A 121 30.89 -45.39 13.06
C GLU A 121 30.74 -45.24 14.57
N TRP A 122 29.54 -45.47 15.08
CA TRP A 122 29.28 -45.43 16.51
C TRP A 122 27.91 -46.04 16.85
N CYS A 123 27.76 -46.46 18.11
CA CYS A 123 26.49 -47.03 18.59
C CYS A 123 25.45 -45.95 18.71
N TRP A 124 24.26 -46.24 18.23
CA TRP A 124 23.16 -45.29 18.28
C TRP A 124 22.66 -45.05 19.71
N VAL A 125 22.52 -46.12 20.47
CA VAL A 125 21.95 -46.02 21.80
C VAL A 125 22.89 -45.30 22.77
N CYS A 126 24.05 -45.89 23.02
CA CYS A 126 25.00 -45.27 23.92
C CYS A 126 26.16 -44.68 23.13
N GLN A 127 26.67 -43.54 23.58
CA GLN A 127 27.74 -42.89 22.86
C GLN A 127 29.05 -43.61 23.07
N THR A 128 29.55 -44.18 22.01
CA THR A 128 30.76 -44.94 22.02
C THR A 128 31.54 -44.70 20.75
N GLU A 129 32.70 -45.31 20.65
CA GLU A 129 33.50 -45.18 19.46
C GLU A 129 33.40 -46.44 18.63
N TRP A 130 32.88 -46.30 17.42
CA TRP A 130 32.68 -47.42 16.51
C TRP A 130 31.67 -48.40 17.09
N THR A 131 31.57 -49.56 16.49
CA THR A 131 30.68 -50.60 16.94
C THR A 131 31.51 -51.75 17.53
N ARG A 132 32.66 -51.42 18.09
CA ARG A 132 33.56 -52.44 18.62
C ARG A 132 33.24 -52.85 20.05
N ASP A 133 33.22 -51.90 20.98
CA ASP A 133 32.97 -52.26 22.37
C ASP A 133 31.51 -52.68 22.58
N CYS A 134 30.63 -52.21 21.71
CA CYS A 134 29.23 -52.60 21.75
C CYS A 134 28.98 -53.85 20.92
N MET A 135 30.00 -54.26 20.16
CA MET A 135 29.90 -55.41 19.25
C MET A 135 29.35 -56.64 19.95
N GLY A 136 30.02 -57.05 21.02
CA GLY A 136 29.57 -58.21 21.76
C GLY A 136 29.03 -57.84 23.11
N ALA A 137 28.79 -56.57 23.33
CA ALA A 137 28.26 -56.10 24.60
C ALA A 137 26.74 -56.14 24.58
N HIS A 138 26.14 -55.32 23.73
CA HIS A 138 24.69 -55.28 23.63
C HIS A 138 24.24 -55.20 22.18
N TRP A 139 24.58 -54.08 21.50
CA TRP A 139 24.19 -53.85 20.11
C TRP A 139 22.66 -53.99 19.95
N PHE A 140 21.97 -53.64 21.01
CA PHE A 140 20.52 -53.68 21.04
C PHE A 140 19.99 -52.49 21.83
N GLY A 141 18.80 -52.05 21.48
CA GLY A 141 18.20 -50.92 22.14
C GLY A 141 17.24 -50.20 21.22
N GLU A 1 -25.47 68.09 38.64
CA GLU A 1 -25.68 66.88 39.44
C GLU A 1 -24.49 65.95 39.28
N GLU A 2 -23.91 65.54 40.39
CA GLU A 2 -22.73 64.70 40.37
C GLU A 2 -23.08 63.24 40.59
N TYR A 3 -22.28 62.37 40.02
CA TYR A 3 -22.46 60.94 40.18
C TYR A 3 -21.11 60.25 40.25
N VAL A 4 -20.70 59.92 41.47
CA VAL A 4 -19.41 59.30 41.70
C VAL A 4 -19.36 57.92 41.07
N LEU A 5 -18.48 57.76 40.10
CA LEU A 5 -18.30 56.50 39.43
C LEU A 5 -16.94 55.89 39.73
N GLN A 6 -16.94 54.86 40.53
CA GLN A 6 -15.73 54.17 40.90
C GLN A 6 -16.02 52.71 41.20
N ALA A 7 -15.24 51.83 40.58
CA ALA A 7 -15.41 50.40 40.74
C ALA A 7 -14.24 49.67 40.09
N GLY A 8 -14.27 48.36 40.10
CA GLY A 8 -13.20 47.57 39.51
C GLY A 8 -13.43 47.33 38.03
N GLY A 9 -13.87 48.37 37.33
CA GLY A 9 -14.13 48.25 35.91
C GLY A 9 -12.90 48.59 35.09
N VAL A 10 -13.07 48.65 33.79
CA VAL A 10 -11.98 48.95 32.88
C VAL A 10 -12.20 50.34 32.27
N LEU A 11 -11.27 50.82 31.49
CA LEU A 11 -11.37 52.12 30.86
C LEU A 11 -10.91 52.05 29.42
N CYS A 12 -11.44 52.93 28.58
CA CYS A 12 -11.04 53.00 27.18
C CYS A 12 -9.52 53.22 27.10
N PRO A 13 -8.83 52.41 26.29
CA PRO A 13 -7.37 52.48 26.15
C PRO A 13 -6.89 53.69 25.34
N GLN A 14 -7.79 54.61 25.05
CA GLN A 14 -7.43 55.80 24.29
C GLN A 14 -7.20 56.98 25.22
N PRO A 15 -6.25 57.87 24.87
CA PRO A 15 -5.91 59.05 25.69
C PRO A 15 -7.03 60.10 25.70
N GLY A 16 -7.84 60.12 24.64
CA GLY A 16 -8.93 61.07 24.57
C GLY A 16 -10.07 60.69 25.48
N CYS A 17 -10.21 59.41 25.73
CA CYS A 17 -11.24 58.90 26.59
C CYS A 17 -10.71 58.71 28.01
N GLY A 18 -11.30 57.78 28.72
CA GLY A 18 -10.90 57.52 30.08
C GLY A 18 -12.05 57.76 31.04
N MET A 19 -13.26 57.74 30.50
CA MET A 19 -14.46 57.93 31.33
C MET A 19 -14.63 56.79 32.31
N GLY A 20 -14.89 55.62 31.77
CA GLY A 20 -15.05 54.45 32.61
C GLY A 20 -15.96 53.44 32.00
N LEU A 21 -15.52 52.20 31.98
CA LEU A 21 -16.30 51.10 31.44
C LEU A 21 -16.59 50.10 32.54
N LEU A 22 -17.82 50.06 32.93
CA LEU A 22 -18.25 49.15 33.98
C LEU A 22 -18.63 47.81 33.38
N VAL A 23 -17.78 46.83 33.60
CA VAL A 23 -18.01 45.51 33.07
C VAL A 23 -18.97 44.73 33.96
N GLU A 24 -20.19 44.58 33.49
CA GLU A 24 -21.19 43.78 34.19
C GLU A 24 -20.83 42.31 34.10
N PRO A 25 -21.26 41.50 35.07
CA PRO A 25 -21.01 40.06 35.04
C PRO A 25 -21.68 39.40 33.83
N ASP A 26 -22.67 40.08 33.29
CA ASP A 26 -23.39 39.62 32.12
C ASP A 26 -22.96 40.39 30.86
N CYS A 27 -21.87 41.15 30.99
CA CYS A 27 -21.37 41.93 29.87
C CYS A 27 -20.77 41.01 28.82
N ARG A 28 -21.54 40.78 27.77
CA ARG A 28 -21.11 39.90 26.68
C ARG A 28 -20.40 40.69 25.59
N LYS A 29 -20.28 41.99 25.81
CA LYS A 29 -19.64 42.86 24.84
C LYS A 29 -19.23 44.17 25.48
N VAL A 30 -17.94 44.37 25.63
CA VAL A 30 -17.42 45.60 26.21
C VAL A 30 -16.91 46.52 25.11
N THR A 31 -17.42 47.74 25.10
CA THR A 31 -17.08 48.71 24.08
C THR A 31 -17.21 50.12 24.62
N CYS A 32 -16.37 51.04 24.14
CA CYS A 32 -16.47 52.45 24.51
C CYS A 32 -17.73 53.05 23.91
N GLN A 33 -18.85 52.71 24.49
CA GLN A 33 -20.14 53.17 24.01
C GLN A 33 -20.48 54.53 24.61
N ASN A 34 -19.82 54.87 25.70
CA ASN A 34 -20.04 56.16 26.36
C ASN A 34 -18.96 57.15 25.96
N GLY A 35 -18.21 56.81 24.93
CA GLY A 35 -17.17 57.68 24.46
C GLY A 35 -17.04 57.67 22.96
N CYS A 36 -16.02 57.00 22.45
CA CYS A 36 -15.78 56.92 21.03
C CYS A 36 -16.34 55.63 20.45
N GLY A 37 -15.46 54.71 20.20
CA GLY A 37 -15.82 53.42 19.71
C GLY A 37 -14.63 52.50 19.70
N TYR A 38 -14.61 51.57 20.63
CA TYR A 38 -13.49 50.66 20.75
C TYR A 38 -13.91 49.42 21.54
N VAL A 39 -13.86 48.28 20.90
CA VAL A 39 -14.17 47.03 21.56
C VAL A 39 -12.87 46.39 22.05
N PHE A 40 -12.84 45.94 23.30
CA PHE A 40 -11.64 45.36 23.84
C PHE A 40 -11.98 44.18 24.70
N CYS A 41 -10.98 43.49 25.20
CA CYS A 41 -11.24 42.34 26.03
C CYS A 41 -11.36 42.78 27.48
N ARG A 42 -11.88 41.92 28.29
CA ARG A 42 -12.06 42.22 29.70
C ARG A 42 -10.79 41.85 30.48
N ASN A 43 -10.10 40.83 29.99
CA ASN A 43 -8.86 40.37 30.61
C ASN A 43 -7.65 40.78 29.79
N CYS A 44 -7.91 41.27 28.58
CA CYS A 44 -6.85 41.60 27.64
C CYS A 44 -7.27 42.80 26.83
N LEU A 45 -6.45 43.23 25.92
CA LEU A 45 -6.85 44.34 25.09
C LEU A 45 -6.89 43.90 23.63
N GLN A 46 -7.05 42.61 23.43
CA GLN A 46 -7.02 42.00 22.09
C GLN A 46 -8.35 42.12 21.32
N GLY A 47 -9.11 43.17 21.60
CA GLY A 47 -10.35 43.41 20.85
C GLY A 47 -11.46 42.43 21.19
N TYR A 48 -11.49 41.97 22.44
CA TYR A 48 -12.50 41.05 22.93
C TYR A 48 -12.50 39.76 22.12
N HIS A 49 -11.49 38.95 22.33
CA HIS A 49 -11.38 37.68 21.64
C HIS A 49 -12.31 36.64 22.24
N ILE A 50 -12.84 35.78 21.41
CA ILE A 50 -13.77 34.75 21.84
C ILE A 50 -13.01 33.60 22.51
N GLY A 51 -13.47 33.21 23.68
CA GLY A 51 -12.85 32.12 24.40
C GLY A 51 -12.03 32.60 25.56
N GLU A 52 -11.11 31.77 25.99
CA GLU A 52 -10.25 32.09 27.12
C GLU A 52 -9.01 32.86 26.66
N CYS A 53 -8.56 33.74 27.52
CA CYS A 53 -7.41 34.59 27.21
C CYS A 53 -6.10 33.84 27.40
N LEU A 54 -6.02 33.11 28.48
CA LEU A 54 -4.84 32.31 28.79
C LEU A 54 -4.78 31.08 27.89
N PRO A 55 -3.62 30.82 27.27
CA PRO A 55 -3.43 29.68 26.37
C PRO A 55 -3.22 28.35 27.12
N GLU A 56 -3.13 27.26 26.38
CA GLU A 56 -2.93 25.94 26.95
C GLU A 56 -1.63 25.32 26.47
N GLY A 57 -1.30 24.17 27.02
CA GLY A 57 -0.10 23.46 26.62
C GLY A 57 -0.33 21.96 26.58
N THR A 58 -0.60 21.44 25.41
CA THR A 58 -0.85 20.02 25.23
C THR A 58 -0.35 19.55 23.86
N GLY A 59 -0.20 18.24 23.70
CA GLY A 59 0.26 17.71 22.44
C GLY A 59 0.74 16.29 22.57
N ALA A 60 -0.19 15.37 22.79
CA ALA A 60 0.13 13.96 22.93
C ALA A 60 -0.77 13.11 22.05
N SER A 61 -0.25 12.69 20.91
CA SER A 61 -0.99 11.87 19.98
C SER A 61 -0.04 11.06 19.11
N ALA A 62 -0.39 9.80 18.85
CA ALA A 62 0.43 8.93 18.02
C ALA A 62 -0.40 7.79 17.46
N THR A 63 -0.68 7.86 16.17
CA THR A 63 -1.44 6.82 15.50
C THR A 63 -0.53 5.70 15.02
N ASN A 64 -0.91 4.47 15.31
CA ASN A 64 -0.14 3.31 14.90
C ASN A 64 -0.91 2.50 13.88
N SER A 65 -0.19 1.80 13.04
CA SER A 65 -0.81 1.01 12.00
C SER A 65 -0.43 -0.46 12.16
N CYS A 66 -1.26 -1.35 11.66
CA CYS A 66 -1.01 -2.77 11.73
C CYS A 66 -0.12 -3.21 10.58
N GLU A 67 0.99 -3.83 10.91
CA GLU A 67 1.94 -4.28 9.92
C GLU A 67 1.53 -5.63 9.34
N TYR A 68 1.25 -5.65 8.05
CA TYR A 68 0.86 -6.87 7.37
C TYR A 68 1.90 -7.26 6.35
N THR A 69 2.55 -8.38 6.56
CA THR A 69 3.59 -8.84 5.66
C THR A 69 3.03 -9.86 4.66
N VAL A 70 3.64 -9.92 3.49
CA VAL A 70 3.24 -10.85 2.46
C VAL A 70 3.83 -12.24 2.73
N ASP A 71 3.39 -13.23 1.98
CA ASP A 71 3.90 -14.59 2.12
C ASP A 71 5.29 -14.70 1.53
N PRO A 72 6.28 -15.11 2.36
CA PRO A 72 7.68 -15.23 1.93
C PRO A 72 7.93 -16.44 1.03
N ASN A 73 9.22 -16.79 0.88
CA ASN A 73 9.65 -17.91 0.03
C ASN A 73 9.44 -17.58 -1.44
N ARG A 74 10.52 -17.29 -2.12
CA ARG A 74 10.49 -16.91 -3.52
C ARG A 74 11.79 -17.30 -4.20
N ALA A 75 11.72 -17.57 -5.48
CA ALA A 75 12.91 -17.93 -6.23
C ALA A 75 13.59 -16.67 -6.74
N ALA A 76 14.54 -16.19 -5.97
CA ALA A 76 15.29 -15.00 -6.31
C ALA A 76 16.63 -15.03 -5.61
N GLU A 77 17.64 -14.51 -6.26
CA GLU A 77 18.98 -14.48 -5.70
C GLU A 77 19.38 -13.06 -5.31
N ALA A 78 19.64 -12.87 -4.03
CA ALA A 78 20.02 -11.57 -3.51
C ALA A 78 21.08 -11.73 -2.43
N ARG A 79 21.60 -10.63 -1.95
CA ARG A 79 22.60 -10.65 -0.90
C ARG A 79 21.95 -10.50 0.45
N TRP A 80 21.82 -11.60 1.15
CA TRP A 80 21.21 -11.63 2.45
C TRP A 80 21.61 -12.89 3.19
N ASP A 81 21.54 -12.84 4.51
CA ASP A 81 21.86 -13.99 5.32
C ASP A 81 21.04 -13.97 6.59
N GLU A 82 20.91 -15.11 7.22
CA GLU A 82 20.15 -15.23 8.43
C GLU A 82 21.08 -15.28 9.64
N ALA A 83 22.08 -16.17 9.57
CA ALA A 83 23.09 -16.32 10.63
C ALA A 83 22.49 -16.79 11.96
N SER A 84 21.28 -17.32 11.90
CA SER A 84 20.61 -17.81 13.09
C SER A 84 20.65 -19.33 13.14
N ASN A 85 21.02 -19.88 14.28
CA ASN A 85 21.06 -21.31 14.47
C ASN A 85 20.82 -21.66 15.93
N VAL A 86 19.58 -21.96 16.26
CA VAL A 86 19.24 -22.35 17.61
C VAL A 86 19.13 -23.86 17.72
N THR A 87 19.25 -24.38 18.92
CA THR A 87 19.15 -25.81 19.13
C THR A 87 17.81 -26.16 19.76
N ILE A 88 16.80 -26.29 18.91
CA ILE A 88 15.45 -26.62 19.37
C ILE A 88 14.90 -27.78 18.58
N LYS A 89 14.69 -28.91 19.26
CA LYS A 89 14.16 -30.12 18.64
C LYS A 89 15.09 -30.62 17.55
N VAL A 90 16.37 -30.64 17.87
CA VAL A 90 17.37 -31.10 16.94
C VAL A 90 17.31 -32.64 16.82
N SER A 91 16.87 -33.11 15.67
CA SER A 91 16.75 -34.53 15.42
C SER A 91 18.07 -35.10 14.92
N THR A 92 18.91 -34.24 14.39
CA THR A 92 20.22 -34.65 13.93
C THR A 92 21.19 -34.72 15.09
N LYS A 93 21.93 -35.80 15.16
CA LYS A 93 22.89 -35.98 16.23
C LYS A 93 24.28 -35.63 15.72
N PRO A 94 24.87 -34.54 16.22
CA PRO A 94 26.20 -34.12 15.80
C PRO A 94 27.24 -35.20 16.08
N CYS A 95 28.00 -35.54 15.05
CA CYS A 95 29.05 -36.54 15.12
C CYS A 95 29.99 -36.26 16.27
N PRO A 96 30.38 -37.31 17.00
CA PRO A 96 31.30 -37.17 18.12
C PRO A 96 32.73 -36.94 17.63
N LYS A 97 32.91 -36.95 16.31
CA LYS A 97 34.21 -36.76 15.71
C LYS A 97 34.31 -35.40 14.99
N CYS A 98 33.47 -35.17 13.99
CA CYS A 98 33.51 -33.92 13.23
C CYS A 98 32.39 -32.96 13.63
N ARG A 99 31.52 -33.43 14.52
CA ARG A 99 30.40 -32.65 15.05
C ARG A 99 29.37 -32.31 13.97
N THR A 100 29.36 -33.07 12.90
CA THR A 100 28.41 -32.84 11.84
C THR A 100 27.09 -33.49 12.18
N PRO A 101 25.97 -32.83 11.87
CA PRO A 101 24.64 -33.35 12.18
C PRO A 101 24.36 -34.66 11.45
N THR A 102 24.46 -35.76 12.17
CA THR A 102 24.20 -37.06 11.61
C THR A 102 22.71 -37.28 11.50
N GLU A 103 22.27 -37.57 10.30
CA GLU A 103 20.87 -37.78 10.03
C GLU A 103 20.34 -39.02 10.73
N ARG A 104 19.45 -38.79 11.68
CA ARG A 104 18.80 -39.85 12.41
C ARG A 104 17.45 -40.17 11.78
N ASP A 105 17.39 -41.27 11.09
CA ASP A 105 16.17 -41.69 10.41
C ASP A 105 15.64 -42.97 11.01
N GLY A 106 14.38 -42.96 11.38
CA GLY A 106 13.78 -44.12 12.01
C GLY A 106 14.39 -44.38 13.37
N GLY A 107 15.05 -45.51 13.52
CA GLY A 107 15.68 -45.84 14.77
C GLY A 107 16.82 -46.82 14.58
N CYS A 108 17.63 -46.58 13.56
CA CYS A 108 18.77 -47.44 13.27
C CYS A 108 19.86 -47.23 14.32
N MET A 109 20.25 -48.31 14.97
CA MET A 109 21.28 -48.24 15.99
C MET A 109 22.66 -48.09 15.36
N HIS A 110 22.76 -48.44 14.10
CA HIS A 110 24.02 -48.32 13.39
C HIS A 110 24.14 -46.91 12.83
N MET A 111 24.82 -46.04 13.54
CA MET A 111 25.01 -44.67 13.10
C MET A 111 26.35 -44.51 12.42
N VAL A 112 26.31 -44.25 11.13
CA VAL A 112 27.51 -44.05 10.35
C VAL A 112 27.58 -42.63 9.87
N CYS A 113 28.59 -41.90 10.29
CA CYS A 113 28.74 -40.54 9.88
C CYS A 113 29.34 -40.48 8.48
N THR A 114 28.49 -40.26 7.50
CA THR A 114 28.96 -40.12 6.16
C THR A 114 29.40 -38.68 5.93
N ARG A 115 30.66 -38.43 6.20
CA ARG A 115 31.25 -37.13 6.04
C ARG A 115 32.53 -37.29 5.25
N ALA A 116 32.76 -36.40 4.31
CA ALA A 116 33.97 -36.46 3.50
C ALA A 116 35.21 -36.25 4.37
N GLY A 117 35.81 -37.36 4.78
CA GLY A 117 36.97 -37.29 5.62
C GLY A 117 36.68 -37.69 7.06
N CYS A 118 35.62 -38.47 7.26
CA CYS A 118 35.25 -38.93 8.59
C CYS A 118 35.01 -40.43 8.59
N GLY A 119 33.80 -40.83 8.25
CA GLY A 119 33.44 -42.24 8.23
C GLY A 119 33.49 -42.83 9.62
N PHE A 120 33.11 -42.03 10.59
CA PHE A 120 33.15 -42.45 11.98
C PHE A 120 31.88 -43.21 12.35
N GLU A 121 32.05 -44.41 12.85
CA GLU A 121 30.93 -45.23 13.27
C GLU A 121 30.80 -45.18 14.78
N TRP A 122 29.59 -44.98 15.25
CA TRP A 122 29.33 -44.91 16.67
C TRP A 122 27.99 -45.54 17.00
N CYS A 123 27.90 -46.16 18.18
CA CYS A 123 26.66 -46.78 18.62
C CYS A 123 25.63 -45.73 18.94
N TRP A 124 24.41 -46.00 18.60
CA TRP A 124 23.31 -45.09 18.84
C TRP A 124 23.02 -44.94 20.33
N VAL A 125 22.97 -46.05 21.04
CA VAL A 125 22.64 -46.02 22.45
C VAL A 125 23.82 -45.53 23.29
N CYS A 126 24.94 -46.21 23.22
CA CYS A 126 26.13 -45.77 23.91
C CYS A 126 27.06 -45.12 22.90
N GLN A 127 27.04 -43.80 22.84
CA GLN A 127 27.82 -43.10 21.86
C GLN A 127 29.29 -43.14 22.24
N THR A 128 30.03 -43.88 21.45
CA THR A 128 31.44 -44.06 21.65
C THR A 128 32.10 -44.41 20.32
N GLU A 129 33.40 -44.51 20.33
CA GLU A 129 34.13 -44.90 19.15
C GLU A 129 33.95 -46.38 18.92
N TRP A 130 33.77 -46.79 17.67
CA TRP A 130 33.62 -48.20 17.33
C TRP A 130 34.79 -49.00 17.91
N THR A 131 34.48 -49.80 18.90
CA THR A 131 35.48 -50.58 19.62
C THR A 131 34.89 -51.91 20.08
N ARG A 132 35.56 -52.57 21.02
CA ARG A 132 35.08 -53.83 21.55
C ARG A 132 33.92 -53.60 22.50
N ASP A 133 33.83 -52.36 23.03
CA ASP A 133 32.77 -51.97 23.97
C ASP A 133 31.41 -52.43 23.51
N CYS A 134 31.01 -51.97 22.34
CA CYS A 134 29.74 -52.37 21.79
C CYS A 134 29.93 -53.00 20.43
N MET A 135 30.75 -54.06 20.40
CA MET A 135 30.97 -54.80 19.17
C MET A 135 29.70 -55.57 18.83
N GLY A 136 28.96 -55.88 19.87
CA GLY A 136 27.70 -56.56 19.75
C GLY A 136 27.05 -56.73 21.09
N ALA A 137 27.14 -55.69 21.92
CA ALA A 137 26.59 -55.72 23.27
C ALA A 137 25.07 -55.66 23.24
N HIS A 138 24.53 -54.55 22.76
CA HIS A 138 23.09 -54.38 22.64
C HIS A 138 22.75 -53.97 21.21
N TRP A 139 23.70 -54.19 20.32
CA TRP A 139 23.59 -53.81 18.92
C TRP A 139 22.44 -54.54 18.23
N PHE A 140 22.10 -55.71 18.73
CA PHE A 140 21.01 -56.50 18.19
C PHE A 140 19.67 -55.92 18.64
N GLY A 141 18.99 -55.23 17.74
CA GLY A 141 17.72 -54.64 18.05
C GLY A 141 16.60 -55.25 17.25
N GLU A 1 -31.55 121.70 -13.04
CA GLU A 1 -31.52 120.39 -12.36
C GLU A 1 -32.35 119.38 -13.13
N GLU A 2 -31.74 118.27 -13.50
CA GLU A 2 -32.43 117.23 -14.24
C GLU A 2 -32.30 115.93 -13.46
N TYR A 3 -33.31 115.11 -13.52
CA TYR A 3 -33.31 113.85 -12.81
C TYR A 3 -32.50 112.82 -13.58
N VAL A 4 -31.20 112.85 -13.39
CA VAL A 4 -30.29 111.95 -14.08
C VAL A 4 -30.28 110.58 -13.44
N LEU A 5 -30.50 109.57 -14.26
CA LEU A 5 -30.48 108.19 -13.81
C LEU A 5 -30.11 107.29 -14.97
N GLN A 6 -29.71 106.08 -14.68
CA GLN A 6 -29.34 105.15 -15.72
C GLN A 6 -29.47 103.72 -15.22
N ALA A 7 -30.15 102.90 -15.99
CA ALA A 7 -30.35 101.51 -15.65
C ALA A 7 -29.17 100.67 -16.11
N GLY A 8 -29.01 99.51 -15.49
CA GLY A 8 -27.92 98.63 -15.84
C GLY A 8 -28.29 97.67 -16.94
N GLY A 9 -27.30 97.20 -17.66
CA GLY A 9 -27.56 96.28 -18.75
C GLY A 9 -26.32 95.50 -19.13
N VAL A 10 -26.25 95.13 -20.39
CA VAL A 10 -25.14 94.34 -20.90
C VAL A 10 -24.50 95.10 -22.07
N LEU A 11 -23.44 94.56 -22.62
CA LEU A 11 -22.78 95.17 -23.75
C LEU A 11 -22.81 94.23 -24.94
N CYS A 12 -22.81 94.81 -26.14
CA CYS A 12 -22.83 94.04 -27.37
C CYS A 12 -21.60 93.11 -27.44
N PRO A 13 -21.80 91.90 -27.99
CA PRO A 13 -20.72 90.91 -28.14
C PRO A 13 -19.69 91.31 -29.18
N GLN A 14 -19.98 92.35 -29.91
CA GLN A 14 -19.09 92.83 -30.94
C GLN A 14 -18.18 93.93 -30.42
N PRO A 15 -16.86 93.80 -30.67
CA PRO A 15 -15.84 94.75 -30.18
C PRO A 15 -16.00 96.14 -30.78
N GLY A 16 -16.63 96.23 -31.94
CA GLY A 16 -16.84 97.52 -32.58
C GLY A 16 -18.06 98.21 -32.03
N CYS A 17 -18.65 97.64 -31.00
CA CYS A 17 -19.81 98.21 -30.37
C CYS A 17 -19.51 98.51 -28.92
N GLY A 18 -19.93 97.62 -28.02
CA GLY A 18 -19.71 97.81 -26.60
C GLY A 18 -20.31 99.10 -26.08
N MET A 19 -21.30 99.61 -26.81
CA MET A 19 -21.95 100.87 -26.48
C MET A 19 -22.80 100.73 -25.23
N GLY A 20 -23.77 99.83 -25.31
CA GLY A 20 -24.64 99.61 -24.19
C GLY A 20 -25.95 99.02 -24.59
N LEU A 21 -26.30 97.90 -23.98
CA LEU A 21 -27.54 97.22 -24.26
C LEU A 21 -28.41 97.23 -23.02
N LEU A 22 -29.62 97.68 -23.19
CA LEU A 22 -30.56 97.77 -22.10
C LEU A 22 -31.26 96.42 -21.92
N VAL A 23 -30.86 95.71 -20.88
CA VAL A 23 -31.43 94.42 -20.59
C VAL A 23 -32.11 94.43 -19.23
N GLU A 24 -33.42 94.48 -19.24
CA GLU A 24 -34.20 94.48 -18.02
C GLU A 24 -34.16 93.10 -17.38
N PRO A 25 -34.23 93.04 -16.03
CA PRO A 25 -34.13 91.77 -15.26
C PRO A 25 -35.04 90.65 -15.78
N ASP A 26 -36.30 90.97 -16.02
CA ASP A 26 -37.25 89.96 -16.49
C ASP A 26 -37.30 89.88 -18.01
N CYS A 27 -36.64 90.80 -18.68
CA CYS A 27 -36.62 90.80 -20.13
C CYS A 27 -35.67 89.74 -20.63
N ARG A 28 -36.15 88.90 -21.53
CA ARG A 28 -35.34 87.83 -22.06
C ARG A 28 -35.07 88.03 -23.54
N LYS A 29 -35.24 89.26 -23.99
CA LYS A 29 -35.00 89.59 -25.38
C LYS A 29 -33.85 90.57 -25.49
N VAL A 30 -33.03 90.37 -26.50
CA VAL A 30 -31.88 91.21 -26.74
C VAL A 30 -31.76 91.55 -28.20
N THR A 31 -31.58 92.81 -28.49
CA THR A 31 -31.33 93.24 -29.83
C THR A 31 -30.55 94.55 -29.83
N CYS A 32 -29.48 94.61 -30.62
CA CYS A 32 -28.70 95.83 -30.72
C CYS A 32 -29.38 96.82 -31.65
N GLN A 33 -30.46 97.42 -31.16
CA GLN A 33 -31.19 98.41 -31.92
C GLN A 33 -30.49 99.75 -31.81
N ASN A 34 -29.49 99.79 -30.97
CA ASN A 34 -28.72 100.98 -30.75
C ASN A 34 -27.47 100.98 -31.63
N GLY A 35 -27.13 99.81 -32.16
CA GLY A 35 -25.95 99.71 -32.99
C GLY A 35 -26.02 98.57 -33.98
N CYS A 36 -25.11 97.62 -33.83
CA CYS A 36 -25.01 96.47 -34.72
C CYS A 36 -25.85 95.31 -34.21
N GLY A 37 -27.00 95.09 -34.86
CA GLY A 37 -27.91 94.06 -34.42
C GLY A 37 -27.39 92.67 -34.66
N TYR A 38 -27.06 91.99 -33.58
CA TYR A 38 -26.57 90.63 -33.63
C TYR A 38 -27.40 89.77 -32.68
N VAL A 39 -27.63 88.53 -33.06
CA VAL A 39 -28.41 87.63 -32.24
C VAL A 39 -27.53 86.89 -31.22
N PHE A 40 -27.56 87.39 -29.99
CA PHE A 40 -26.83 86.79 -28.88
C PHE A 40 -27.80 86.58 -27.73
N CYS A 41 -27.32 86.06 -26.62
CA CYS A 41 -28.19 85.82 -25.49
C CYS A 41 -28.27 87.08 -24.64
N ARG A 42 -28.95 87.02 -23.54
CA ARG A 42 -29.11 88.21 -22.72
C ARG A 42 -28.05 88.27 -21.62
N ASN A 43 -27.70 87.12 -21.09
CA ASN A 43 -26.76 87.04 -20.00
C ASN A 43 -25.42 86.55 -20.50
N CYS A 44 -25.46 85.77 -21.56
CA CYS A 44 -24.26 85.20 -22.11
C CYS A 44 -24.20 85.44 -23.62
N LEU A 45 -23.22 84.85 -24.24
CA LEU A 45 -23.03 85.00 -25.66
C LEU A 45 -23.26 83.67 -26.37
N GLN A 46 -24.18 82.88 -25.85
CA GLN A 46 -24.48 81.56 -26.42
C GLN A 46 -25.41 81.66 -27.64
N GLY A 47 -25.50 82.85 -28.23
CA GLY A 47 -26.27 83.04 -29.44
C GLY A 47 -27.77 82.98 -29.24
N TYR A 48 -28.25 83.41 -28.06
CA TYR A 48 -29.68 83.44 -27.73
C TYR A 48 -30.27 82.04 -27.63
N HIS A 49 -30.62 81.63 -26.41
CA HIS A 49 -31.14 80.29 -26.19
C HIS A 49 -32.18 80.25 -25.07
N ILE A 50 -31.82 80.77 -23.91
CA ILE A 50 -32.72 80.77 -22.76
C ILE A 50 -32.44 81.99 -21.89
N GLY A 51 -33.43 82.41 -21.11
CA GLY A 51 -33.28 83.55 -20.25
C GLY A 51 -32.32 83.30 -19.10
N GLU A 52 -32.50 82.17 -18.42
CA GLU A 52 -31.64 81.83 -17.30
C GLU A 52 -30.71 80.69 -17.64
N CYS A 53 -29.44 81.01 -17.75
CA CYS A 53 -28.42 80.04 -18.08
C CYS A 53 -27.61 79.68 -16.87
N LEU A 54 -27.36 78.41 -16.71
CA LEU A 54 -26.64 77.91 -15.56
C LEU A 54 -25.35 77.23 -15.98
N PRO A 55 -24.25 77.56 -15.28
CA PRO A 55 -22.95 76.93 -15.53
C PRO A 55 -22.89 75.53 -14.92
N GLU A 56 -21.82 74.82 -15.21
CA GLU A 56 -21.66 73.47 -14.69
C GLU A 56 -20.24 73.26 -14.18
N GLY A 57 -19.99 72.12 -13.58
CA GLY A 57 -18.67 71.83 -13.05
C GLY A 57 -18.73 70.97 -11.81
N THR A 58 -19.42 69.86 -11.92
CA THR A 58 -19.55 68.93 -10.81
C THR A 58 -19.10 67.54 -11.26
N GLY A 59 -18.23 66.92 -10.48
CA GLY A 59 -17.74 65.61 -10.83
C GLY A 59 -17.20 64.86 -9.64
N ALA A 60 -17.20 63.55 -9.75
CA ALA A 60 -16.73 62.69 -8.67
C ALA A 60 -15.91 61.54 -9.23
N SER A 61 -15.34 60.75 -8.36
CA SER A 61 -14.54 59.61 -8.78
C SER A 61 -14.70 58.45 -7.80
N ALA A 62 -14.47 57.24 -8.27
CA ALA A 62 -14.60 56.05 -7.43
C ALA A 62 -13.47 55.07 -7.71
N THR A 63 -13.05 54.36 -6.68
CA THR A 63 -11.97 53.40 -6.82
C THR A 63 -12.31 52.11 -6.08
N ASN A 64 -11.68 51.01 -6.48
CA ASN A 64 -11.91 49.72 -5.85
C ASN A 64 -10.60 48.99 -5.62
N SER A 65 -10.44 48.44 -4.43
CA SER A 65 -9.25 47.69 -4.09
C SER A 65 -9.61 46.55 -3.15
N CYS A 66 -9.19 45.35 -3.50
CA CYS A 66 -9.48 44.17 -2.68
C CYS A 66 -8.31 43.21 -2.71
N GLU A 67 -8.09 42.51 -1.60
CA GLU A 67 -7.00 41.56 -1.50
C GLU A 67 -7.33 40.46 -0.50
N TYR A 68 -7.08 39.23 -0.89
CA TYR A 68 -7.30 38.10 -0.01
C TYR A 68 -6.21 37.04 -0.26
N THR A 69 -5.64 36.52 0.79
CA THR A 69 -4.62 35.51 0.68
C THR A 69 -5.01 34.25 1.45
N VAL A 70 -4.73 33.10 0.86
CA VAL A 70 -5.08 31.83 1.48
C VAL A 70 -3.85 31.08 1.95
N ASP A 71 -4.05 30.15 2.85
CA ASP A 71 -2.98 29.32 3.38
C ASP A 71 -3.10 27.90 2.89
N PRO A 72 -1.97 27.21 2.73
CA PRO A 72 -1.94 25.81 2.31
C PRO A 72 -2.18 24.86 3.50
N ASN A 73 -1.84 23.60 3.33
CA ASN A 73 -2.02 22.62 4.39
C ASN A 73 -0.88 21.61 4.36
N ARG A 74 -0.65 20.94 5.47
CA ARG A 74 0.39 19.94 5.55
C ARG A 74 -0.02 18.83 6.51
N ALA A 75 -0.08 17.61 5.99
CA ALA A 75 -0.43 16.45 6.78
C ALA A 75 0.51 15.29 6.45
N ALA A 76 0.58 14.32 7.33
CA ALA A 76 1.45 13.17 7.12
C ALA A 76 0.83 11.92 7.72
N GLU A 77 1.34 10.76 7.32
CA GLU A 77 0.87 9.49 7.82
C GLU A 77 2.10 8.61 8.09
N ALA A 78 2.05 7.78 9.12
CA ALA A 78 3.19 6.95 9.47
C ALA A 78 2.75 5.68 10.22
N ARG A 79 2.99 4.54 9.59
CA ARG A 79 2.71 3.25 10.19
C ARG A 79 3.91 2.33 10.00
N TRP A 80 3.99 1.29 10.80
CA TRP A 80 5.12 0.38 10.72
C TRP A 80 4.72 -1.01 11.18
N ASP A 81 5.59 -1.97 10.94
CA ASP A 81 5.38 -3.35 11.37
C ASP A 81 6.06 -3.55 12.71
N GLU A 82 5.44 -4.31 13.59
CA GLU A 82 5.96 -4.49 14.94
C GLU A 82 7.15 -5.45 14.97
N ALA A 83 6.90 -6.73 14.73
CA ALA A 83 7.96 -7.74 14.79
C ALA A 83 7.50 -9.08 14.24
N SER A 84 8.30 -10.10 14.47
CA SER A 84 8.01 -11.45 14.05
C SER A 84 8.61 -12.46 15.03
N ASN A 85 8.36 -13.74 14.83
CA ASN A 85 8.89 -14.77 15.73
C ASN A 85 9.00 -16.12 15.01
N VAL A 86 9.99 -16.91 15.41
CA VAL A 86 10.21 -18.23 14.83
C VAL A 86 11.06 -19.09 15.79
N THR A 87 10.76 -20.39 15.83
CA THR A 87 11.49 -21.32 16.68
C THR A 87 11.53 -22.71 16.04
N ILE A 88 12.63 -23.43 16.28
CA ILE A 88 12.79 -24.78 15.74
C ILE A 88 13.35 -25.74 16.80
N LYS A 89 13.46 -27.01 16.45
CA LYS A 89 13.97 -28.02 17.38
C LYS A 89 15.24 -28.66 16.83
N VAL A 90 15.77 -29.63 17.57
CA VAL A 90 16.98 -30.32 17.16
C VAL A 90 16.90 -31.82 17.48
N SER A 91 17.11 -32.65 16.47
CA SER A 91 17.08 -34.10 16.65
C SER A 91 18.38 -34.74 16.15
N THR A 92 19.30 -33.90 15.70
CA THR A 92 20.57 -34.36 15.20
C THR A 92 21.52 -34.67 16.33
N LYS A 93 22.32 -35.70 16.15
CA LYS A 93 23.31 -36.06 17.14
C LYS A 93 24.69 -35.66 16.62
N PRO A 94 25.49 -34.99 17.45
CA PRO A 94 26.83 -34.54 17.05
C PRO A 94 27.81 -35.72 16.90
N CYS A 95 28.45 -35.79 15.74
CA CYS A 95 29.42 -36.83 15.46
C CYS A 95 30.62 -36.77 16.40
N PRO A 96 31.07 -37.91 16.91
CA PRO A 96 32.24 -37.97 17.78
C PRO A 96 33.53 -37.68 17.00
N LYS A 97 33.46 -37.77 15.67
CA LYS A 97 34.61 -37.53 14.84
C LYS A 97 34.66 -36.10 14.31
N CYS A 98 33.64 -35.70 13.54
CA CYS A 98 33.66 -34.38 12.92
C CYS A 98 32.68 -33.40 13.55
N ARG A 99 31.90 -33.86 14.53
CA ARG A 99 30.96 -33.00 15.27
C ARG A 99 29.80 -32.52 14.38
N THR A 100 29.55 -33.22 13.31
CA THR A 100 28.49 -32.84 12.40
C THR A 100 27.13 -33.24 12.95
N PRO A 101 26.07 -32.52 12.56
CA PRO A 101 24.71 -32.85 12.97
C PRO A 101 24.19 -34.06 12.21
N THR A 102 24.37 -35.23 12.78
CA THR A 102 23.95 -36.45 12.15
C THR A 102 22.53 -36.86 12.59
N GLU A 103 21.61 -36.84 11.65
CA GLU A 103 20.24 -37.24 11.91
C GLU A 103 20.04 -38.64 11.33
N ARG A 104 19.67 -39.58 12.18
CA ARG A 104 19.48 -40.92 11.71
C ARG A 104 18.10 -41.11 11.10
N ASP A 105 18.07 -41.09 9.79
CA ASP A 105 16.85 -41.34 9.06
C ASP A 105 16.75 -42.83 8.80
N GLY A 106 15.85 -43.49 9.50
CA GLY A 106 15.70 -44.90 9.36
C GLY A 106 15.86 -45.61 10.69
N GLY A 107 14.91 -46.46 11.02
CA GLY A 107 14.94 -47.16 12.30
C GLY A 107 16.07 -48.17 12.41
N CYS A 108 17.17 -47.74 13.02
CA CYS A 108 18.32 -48.58 13.23
C CYS A 108 19.10 -48.11 14.45
N MET A 109 19.66 -49.06 15.17
CA MET A 109 20.49 -48.76 16.33
C MET A 109 21.92 -48.47 15.89
N HIS A 110 22.32 -49.13 14.81
CA HIS A 110 23.63 -48.91 14.24
C HIS A 110 23.57 -47.73 13.29
N MET A 111 23.94 -46.58 13.79
CA MET A 111 23.92 -45.38 12.98
C MET A 111 25.31 -44.80 12.89
N VAL A 112 25.73 -44.50 11.70
CA VAL A 112 27.08 -44.05 11.47
C VAL A 112 27.08 -42.71 10.75
N CYS A 113 28.11 -41.92 10.97
CA CYS A 113 28.21 -40.63 10.35
C CYS A 113 28.77 -40.72 8.95
N THR A 114 27.97 -40.36 7.98
CA THR A 114 28.42 -40.37 6.61
C THR A 114 28.84 -38.95 6.19
N ARG A 115 30.11 -38.67 6.37
CA ARG A 115 30.69 -37.38 6.04
C ARG A 115 31.92 -37.64 5.19
N ALA A 116 32.07 -36.92 4.10
CA ALA A 116 33.23 -37.09 3.24
C ALA A 116 34.51 -36.72 4.00
N GLY A 117 35.19 -37.75 4.50
CA GLY A 117 36.40 -37.53 5.27
C GLY A 117 36.27 -38.03 6.70
N CYS A 118 35.07 -38.49 7.05
CA CYS A 118 34.78 -39.00 8.38
C CYS A 118 34.62 -40.51 8.35
N GLY A 119 33.39 -40.95 8.08
CA GLY A 119 33.10 -42.36 8.07
C GLY A 119 33.31 -42.97 9.43
N PHE A 120 32.65 -42.44 10.43
CA PHE A 120 32.82 -42.91 11.78
C PHE A 120 31.62 -43.73 12.23
N GLU A 121 31.89 -44.91 12.75
CA GLU A 121 30.86 -45.78 13.26
C GLU A 121 30.72 -45.59 14.77
N TRP A 122 29.50 -45.59 15.26
CA TRP A 122 29.22 -45.44 16.67
C TRP A 122 27.82 -45.91 17.00
N CYS A 123 27.52 -46.07 18.27
CA CYS A 123 26.21 -46.54 18.69
C CYS A 123 25.25 -45.39 18.82
N TRP A 124 23.99 -45.65 18.56
CA TRP A 124 22.96 -44.65 18.67
C TRP A 124 22.72 -44.26 20.14
N VAL A 125 22.53 -45.24 20.99
CA VAL A 125 22.18 -44.98 22.39
C VAL A 125 23.35 -44.39 23.18
N CYS A 126 24.42 -45.15 23.36
CA CYS A 126 25.55 -44.65 24.13
C CYS A 126 26.53 -43.93 23.23
N GLN A 127 26.96 -42.77 23.65
CA GLN A 127 27.95 -42.06 22.87
C GLN A 127 29.31 -42.70 23.12
N THR A 128 29.81 -43.36 22.11
CA THR A 128 31.07 -44.06 22.19
C THR A 128 31.70 -44.16 20.82
N GLU A 129 32.86 -44.76 20.76
CA GLU A 129 33.52 -44.99 19.50
C GLU A 129 33.35 -46.44 19.11
N TRP A 130 33.32 -46.71 17.82
CA TRP A 130 33.27 -48.07 17.34
C TRP A 130 34.52 -48.82 17.79
N THR A 131 34.40 -49.57 18.87
CA THR A 131 35.55 -50.24 19.45
C THR A 131 35.16 -51.63 19.97
N ARG A 132 36.07 -52.24 20.71
CA ARG A 132 35.91 -53.58 21.25
C ARG A 132 34.84 -53.66 22.35
N ASP A 133 34.53 -52.54 22.98
CA ASP A 133 33.54 -52.54 24.06
C ASP A 133 32.14 -52.85 23.54
N CYS A 134 31.67 -52.02 22.61
CA CYS A 134 30.34 -52.20 22.04
C CYS A 134 30.39 -53.06 20.77
N MET A 135 31.50 -53.78 20.57
CA MET A 135 31.71 -54.60 19.35
C MET A 135 30.53 -55.54 19.09
N GLY A 136 29.89 -56.00 20.15
CA GLY A 136 28.75 -56.86 20.02
C GLY A 136 27.81 -56.69 21.18
N ALA A 137 27.75 -55.47 21.68
CA ALA A 137 26.94 -55.16 22.84
C ALA A 137 25.51 -54.80 22.46
N HIS A 138 25.36 -53.68 21.76
CA HIS A 138 24.03 -53.20 21.42
C HIS A 138 23.93 -52.59 20.02
N TRP A 139 24.08 -53.42 19.00
CA TRP A 139 23.90 -52.94 17.63
C TRP A 139 22.44 -53.00 17.27
N PHE A 140 21.67 -53.60 18.15
CA PHE A 140 20.24 -53.71 18.00
C PHE A 140 19.60 -53.60 19.38
N GLY A 141 18.55 -52.81 19.47
CA GLY A 141 17.90 -52.62 20.74
C GLY A 141 16.74 -51.70 20.59
N GLU A 1 -66.34 77.43 -21.85
CA GLU A 1 -66.70 76.35 -20.90
C GLU A 1 -68.04 75.71 -21.29
N GLU A 2 -68.54 76.01 -22.47
CA GLU A 2 -69.83 75.50 -22.92
C GLU A 2 -69.64 74.15 -23.61
N TYR A 3 -68.42 73.90 -24.03
CA TYR A 3 -68.10 72.68 -24.75
C TYR A 3 -67.94 71.50 -23.78
N VAL A 4 -68.96 70.69 -23.70
CA VAL A 4 -68.94 69.53 -22.83
C VAL A 4 -68.41 68.32 -23.61
N LEU A 5 -67.48 67.60 -23.00
CA LEU A 5 -66.88 66.44 -23.64
C LEU A 5 -66.80 65.29 -22.62
N GLN A 6 -67.13 64.09 -23.05
CA GLN A 6 -67.09 62.92 -22.17
C GLN A 6 -65.69 62.33 -22.12
N ALA A 7 -65.54 61.19 -21.47
CA ALA A 7 -64.27 60.50 -21.42
C ALA A 7 -64.10 59.61 -22.65
N GLY A 8 -62.94 58.97 -22.75
CA GLY A 8 -62.70 58.07 -23.88
C GLY A 8 -63.54 56.83 -23.80
N GLY A 9 -64.67 56.84 -24.51
CA GLY A 9 -65.60 55.73 -24.48
C GLY A 9 -64.96 54.39 -24.81
N VAL A 10 -65.24 53.41 -23.98
CA VAL A 10 -64.73 52.06 -24.17
C VAL A 10 -65.55 51.39 -25.29
N LEU A 11 -65.09 50.26 -25.78
CA LEU A 11 -65.77 49.58 -26.85
C LEU A 11 -65.77 48.09 -26.68
N CYS A 12 -66.76 47.46 -27.29
CA CYS A 12 -66.94 46.02 -27.25
C CYS A 12 -65.64 45.34 -27.66
N PRO A 13 -65.18 44.35 -26.87
CA PRO A 13 -63.93 43.62 -27.12
C PRO A 13 -64.03 42.65 -28.29
N GLN A 14 -65.16 42.64 -28.94
CA GLN A 14 -65.37 41.77 -30.08
C GLN A 14 -65.21 42.55 -31.38
N PRO A 15 -64.30 42.11 -32.25
CA PRO A 15 -64.00 42.80 -33.52
C PRO A 15 -65.21 42.89 -34.46
N GLY A 16 -66.13 41.94 -34.32
CA GLY A 16 -67.32 41.96 -35.15
C GLY A 16 -68.25 43.11 -34.79
N CYS A 17 -67.99 43.72 -33.64
CA CYS A 17 -68.78 44.82 -33.16
C CYS A 17 -68.18 46.14 -33.60
N GLY A 18 -67.23 46.65 -32.82
CA GLY A 18 -66.58 47.91 -33.13
C GLY A 18 -67.55 49.09 -33.14
N MET A 19 -68.66 48.94 -32.42
CA MET A 19 -69.67 49.99 -32.39
C MET A 19 -69.24 51.16 -31.52
N GLY A 20 -68.80 50.84 -30.31
CA GLY A 20 -68.40 51.86 -29.39
C GLY A 20 -69.37 51.98 -28.23
N LEU A 21 -68.85 51.97 -27.04
CA LEU A 21 -69.66 52.05 -25.82
C LEU A 21 -69.37 53.34 -25.07
N LEU A 22 -70.09 53.55 -23.98
CA LEU A 22 -69.94 54.74 -23.16
C LEU A 22 -69.11 54.37 -21.92
N VAL A 23 -68.33 55.31 -21.38
CA VAL A 23 -67.44 54.96 -20.25
C VAL A 23 -67.55 55.95 -19.07
N GLU A 24 -68.50 56.83 -19.14
CA GLU A 24 -68.69 57.85 -18.09
C GLU A 24 -68.89 57.19 -16.73
N PRO A 25 -68.50 57.88 -15.64
CA PRO A 25 -68.62 57.35 -14.28
C PRO A 25 -70.06 56.96 -13.92
N ASP A 26 -71.01 57.54 -14.65
CA ASP A 26 -72.42 57.24 -14.43
C ASP A 26 -72.81 55.90 -15.04
N CYS A 27 -71.89 55.27 -15.78
CA CYS A 27 -72.14 53.97 -16.34
C CYS A 27 -72.20 52.94 -15.23
N ARG A 28 -73.42 52.58 -14.84
CA ARG A 28 -73.65 51.62 -13.76
C ARG A 28 -73.11 50.26 -14.15
N LYS A 29 -73.35 49.89 -15.39
CA LYS A 29 -72.84 48.64 -15.92
C LYS A 29 -72.75 48.70 -17.42
N VAL A 30 -71.57 48.42 -17.92
CA VAL A 30 -71.32 48.44 -19.34
C VAL A 30 -71.58 47.09 -19.97
N THR A 31 -72.43 47.09 -20.96
CA THR A 31 -72.78 45.91 -21.69
C THR A 31 -73.16 46.28 -23.11
N CYS A 32 -72.76 45.45 -24.06
CA CYS A 32 -73.09 45.69 -25.45
C CYS A 32 -74.56 45.37 -25.70
N GLN A 33 -75.43 46.20 -25.16
CA GLN A 33 -76.86 46.01 -25.29
C GLN A 33 -77.37 46.61 -26.60
N ASN A 34 -76.49 47.28 -27.31
CA ASN A 34 -76.86 47.96 -28.54
C ASN A 34 -76.47 47.14 -29.79
N GLY A 35 -75.80 46.03 -29.59
CA GLY A 35 -75.38 45.24 -30.74
C GLY A 35 -75.19 43.77 -30.43
N CYS A 36 -74.23 43.47 -29.60
CA CYS A 36 -73.93 42.09 -29.24
C CYS A 36 -74.53 41.78 -27.88
N GLY A 37 -73.73 41.20 -27.03
CA GLY A 37 -74.11 40.95 -25.67
C GLY A 37 -72.90 40.50 -24.90
N TYR A 38 -72.38 41.39 -24.09
CA TYR A 38 -71.19 41.09 -23.30
C TYR A 38 -71.07 42.09 -22.17
N VAL A 39 -70.87 41.59 -20.98
CA VAL A 39 -70.65 42.46 -19.82
C VAL A 39 -69.16 42.56 -19.57
N PHE A 40 -68.63 43.77 -19.61
CA PHE A 40 -67.20 43.95 -19.43
C PHE A 40 -66.91 45.11 -18.52
N CYS A 41 -65.64 45.42 -18.35
CA CYS A 41 -65.24 46.51 -17.50
C CYS A 41 -65.29 47.79 -18.30
N ARG A 42 -65.20 48.90 -17.64
CA ARG A 42 -65.19 50.16 -18.35
C ARG A 42 -63.76 50.65 -18.52
N ASN A 43 -62.85 50.03 -17.79
CA ASN A 43 -61.46 50.38 -17.86
C ASN A 43 -60.73 49.32 -18.68
N CYS A 44 -61.22 48.09 -18.57
CA CYS A 44 -60.63 46.98 -19.29
C CYS A 44 -61.70 46.14 -19.94
N LEU A 45 -61.30 45.02 -20.47
CA LEU A 45 -62.19 44.12 -21.15
C LEU A 45 -62.23 42.78 -20.41
N GLN A 46 -61.99 42.82 -19.10
CA GLN A 46 -61.88 41.59 -18.31
C GLN A 46 -63.22 41.04 -17.81
N GLY A 47 -64.32 41.57 -18.30
CA GLY A 47 -65.61 41.03 -17.94
C GLY A 47 -66.22 41.66 -16.72
N TYR A 48 -65.89 42.94 -16.49
CA TYR A 48 -66.45 43.75 -15.38
C TYR A 48 -65.90 43.33 -14.02
N HIS A 49 -65.54 44.34 -13.23
CA HIS A 49 -65.05 44.13 -11.88
C HIS A 49 -65.07 45.45 -11.13
N ILE A 50 -64.81 45.39 -9.84
CA ILE A 50 -64.77 46.58 -9.03
C ILE A 50 -63.32 47.01 -8.79
N GLY A 51 -63.09 48.31 -8.70
CA GLY A 51 -61.76 48.81 -8.45
C GLY A 51 -61.04 49.21 -9.72
N GLU A 52 -59.74 49.32 -9.63
CA GLU A 52 -58.91 49.68 -10.78
C GLU A 52 -58.36 48.44 -11.46
N CYS A 53 -57.71 48.66 -12.59
CA CYS A 53 -57.13 47.57 -13.36
C CYS A 53 -55.62 47.69 -13.35
N LEU A 54 -54.95 46.56 -13.24
CA LEU A 54 -53.50 46.55 -13.18
C LEU A 54 -52.92 45.53 -14.15
N PRO A 55 -51.97 45.95 -15.01
CA PRO A 55 -51.29 45.06 -15.97
C PRO A 55 -50.56 43.92 -15.28
N GLU A 56 -50.43 42.84 -15.97
CA GLU A 56 -49.80 41.64 -15.44
C GLU A 56 -48.29 41.66 -15.66
N GLY A 57 -47.55 41.06 -14.74
CA GLY A 57 -46.12 41.00 -14.84
C GLY A 57 -45.62 39.61 -15.10
N THR A 58 -44.33 39.47 -15.29
CA THR A 58 -43.73 38.18 -15.58
C THR A 58 -42.43 37.96 -14.80
N GLY A 59 -41.92 36.75 -14.81
CA GLY A 59 -40.68 36.45 -14.13
C GLY A 59 -40.18 35.05 -14.46
N ALA A 60 -39.10 34.65 -13.80
CA ALA A 60 -38.52 33.33 -14.03
C ALA A 60 -37.85 32.83 -12.76
N SER A 61 -37.96 31.54 -12.51
CA SER A 61 -37.37 30.93 -11.34
C SER A 61 -36.79 29.57 -11.69
N ALA A 62 -35.52 29.39 -11.42
CA ALA A 62 -34.86 28.12 -11.66
C ALA A 62 -33.97 27.77 -10.48
N THR A 63 -34.54 27.05 -9.54
CA THR A 63 -33.81 26.65 -8.34
C THR A 63 -33.88 25.14 -8.14
N ASN A 64 -32.73 24.51 -8.04
CA ASN A 64 -32.67 23.06 -7.88
C ASN A 64 -31.88 22.66 -6.63
N SER A 65 -30.56 22.69 -6.73
CA SER A 65 -29.70 22.28 -5.62
C SER A 65 -28.28 22.79 -5.80
N CYS A 66 -27.47 22.66 -4.77
CA CYS A 66 -26.09 23.13 -4.83
C CYS A 66 -25.13 22.09 -4.26
N GLU A 67 -25.24 21.82 -2.98
CA GLU A 67 -24.35 20.87 -2.32
C GLU A 67 -24.83 19.44 -2.48
N TYR A 68 -23.88 18.54 -2.63
CA TYR A 68 -24.16 17.13 -2.80
C TYR A 68 -23.55 16.32 -1.64
N THR A 69 -22.47 16.87 -1.06
CA THR A 69 -21.74 16.27 0.09
C THR A 69 -21.12 14.89 -0.25
N VAL A 70 -20.28 14.39 0.64
CA VAL A 70 -19.61 13.11 0.45
C VAL A 70 -19.76 12.22 1.70
N ASP A 71 -19.34 10.96 1.58
CA ASP A 71 -19.43 10.01 2.69
C ASP A 71 -18.04 9.76 3.30
N PRO A 72 -17.98 9.37 4.59
CA PRO A 72 -16.73 9.12 5.30
C PRO A 72 -16.02 7.84 4.83
N ASN A 73 -14.72 7.75 5.10
CA ASN A 73 -13.92 6.58 4.72
C ASN A 73 -13.52 5.79 5.95
N ARG A 74 -12.80 4.69 5.74
CA ARG A 74 -12.31 3.88 6.84
C ARG A 74 -10.94 3.30 6.53
N ALA A 75 -10.19 2.95 7.56
CA ALA A 75 -8.87 2.37 7.40
C ALA A 75 -8.69 1.20 8.33
N ALA A 76 -9.16 0.03 7.91
CA ALA A 76 -9.06 -1.18 8.70
C ALA A 76 -9.23 -2.41 7.81
N GLU A 77 -8.52 -3.46 8.12
CA GLU A 77 -8.59 -4.69 7.36
C GLU A 77 -8.45 -5.89 8.28
N ALA A 78 -8.75 -7.07 7.78
CA ALA A 78 -8.68 -8.29 8.56
C ALA A 78 -7.23 -8.79 8.67
N ARG A 79 -6.97 -9.59 9.71
CA ARG A 79 -5.65 -10.19 9.96
C ARG A 79 -4.60 -9.17 10.39
N TRP A 80 -4.30 -9.16 11.68
CA TRP A 80 -3.29 -8.26 12.23
C TRP A 80 -2.11 -9.05 12.80
N ASP A 81 -2.32 -10.33 13.07
CA ASP A 81 -1.28 -11.19 13.62
C ASP A 81 -1.31 -12.54 12.93
N GLU A 82 -0.17 -13.23 12.92
CA GLU A 82 -0.07 -14.53 12.25
C GLU A 82 -0.29 -15.68 13.23
N ALA A 83 -0.02 -15.43 14.52
CA ALA A 83 -0.16 -16.43 15.58
C ALA A 83 0.61 -17.70 15.24
N SER A 84 1.92 -17.62 15.35
CA SER A 84 2.77 -18.74 15.07
C SER A 84 4.04 -18.67 15.91
N ASN A 85 4.09 -19.49 16.95
CA ASN A 85 5.25 -19.53 17.83
C ASN A 85 6.26 -20.53 17.30
N VAL A 86 7.48 -20.08 17.09
CA VAL A 86 8.52 -20.92 16.52
C VAL A 86 9.07 -21.93 17.53
N THR A 87 9.17 -23.17 17.10
CA THR A 87 9.72 -24.23 17.93
C THR A 87 10.43 -25.25 17.03
N ILE A 88 11.71 -25.48 17.28
CA ILE A 88 12.50 -26.39 16.47
C ILE A 88 12.93 -27.63 17.27
N LYS A 89 12.82 -28.79 16.66
CA LYS A 89 13.21 -30.04 17.30
C LYS A 89 14.52 -30.55 16.72
N VAL A 90 15.44 -30.92 17.59
CA VAL A 90 16.72 -31.44 17.15
C VAL A 90 16.56 -32.81 16.48
N SER A 91 17.06 -32.92 15.26
CA SER A 91 16.95 -34.15 14.51
C SER A 91 18.34 -34.68 14.16
N THR A 92 19.36 -33.97 14.60
CA THR A 92 20.73 -34.33 14.29
C THR A 92 21.55 -34.58 15.56
N LYS A 93 22.49 -35.48 15.43
CA LYS A 93 23.41 -35.79 16.52
C LYS A 93 24.81 -35.33 16.12
N PRO A 94 25.51 -34.60 17.00
CA PRO A 94 26.86 -34.13 16.70
C PRO A 94 27.86 -35.28 16.64
N CYS A 95 28.49 -35.43 15.48
CA CYS A 95 29.51 -36.45 15.28
C CYS A 95 30.63 -36.29 16.31
N PRO A 96 31.05 -37.38 16.93
CA PRO A 96 32.15 -37.36 17.89
C PRO A 96 33.49 -37.14 17.19
N LYS A 97 33.48 -37.22 15.87
CA LYS A 97 34.68 -37.06 15.08
C LYS A 97 34.79 -35.64 14.51
N CYS A 98 33.92 -35.29 13.56
CA CYS A 98 33.98 -33.98 12.91
C CYS A 98 33.05 -32.98 13.59
N ARG A 99 32.18 -33.49 14.46
CA ARG A 99 31.22 -32.67 15.21
C ARG A 99 30.14 -32.08 14.30
N THR A 100 29.84 -32.78 13.23
CA THR A 100 28.81 -32.34 12.32
C THR A 100 27.46 -32.89 12.75
N PRO A 101 26.36 -32.27 12.32
CA PRO A 101 25.03 -32.72 12.67
C PRO A 101 24.56 -33.89 11.80
N THR A 102 24.65 -35.10 12.34
CA THR A 102 24.22 -36.30 11.65
C THR A 102 22.72 -36.50 11.86
N GLU A 103 21.95 -36.49 10.79
CA GLU A 103 20.51 -36.71 10.88
C GLU A 103 20.25 -38.12 11.39
N ARG A 104 19.56 -38.21 12.51
CA ARG A 104 19.31 -39.48 13.13
C ARG A 104 17.98 -40.07 12.70
N ASP A 105 17.94 -41.38 12.62
CA ASP A 105 16.74 -42.09 12.26
C ASP A 105 16.42 -43.13 13.32
N GLY A 106 15.26 -42.99 13.94
CA GLY A 106 14.86 -43.93 14.97
C GLY A 106 14.63 -45.31 14.42
N GLY A 107 15.31 -46.30 14.97
CA GLY A 107 15.14 -47.65 14.51
C GLY A 107 16.46 -48.29 14.12
N CYS A 108 17.25 -47.59 13.32
CA CYS A 108 18.53 -48.11 12.89
C CYS A 108 19.55 -48.03 14.02
N MET A 109 20.32 -49.08 14.18
CA MET A 109 21.32 -49.14 15.26
C MET A 109 22.70 -48.77 14.77
N HIS A 110 22.91 -48.80 13.47
CA HIS A 110 24.20 -48.41 12.92
C HIS A 110 24.06 -47.27 11.95
N MET A 111 24.26 -46.07 12.44
CA MET A 111 24.26 -44.90 11.59
C MET A 111 25.67 -44.39 11.46
N VAL A 112 26.07 -44.10 10.25
CA VAL A 112 27.42 -43.66 10.01
C VAL A 112 27.44 -42.20 9.60
N CYS A 113 28.52 -41.53 9.92
CA CYS A 113 28.66 -40.16 9.54
C CYS A 113 29.24 -40.09 8.15
N THR A 114 28.40 -39.85 7.17
CA THR A 114 28.89 -39.70 5.83
C THR A 114 29.37 -38.28 5.62
N ARG A 115 30.62 -38.07 5.94
CA ARG A 115 31.25 -36.79 5.83
C ARG A 115 32.56 -36.98 5.10
N ALA A 116 32.67 -36.42 3.91
CA ALA A 116 33.91 -36.51 3.15
C ALA A 116 35.06 -35.95 3.99
N GLY A 117 35.92 -36.83 4.46
CA GLY A 117 37.01 -36.44 5.31
C GLY A 117 36.81 -36.86 6.76
N CYS A 118 35.83 -37.74 6.97
CA CYS A 118 35.52 -38.25 8.30
C CYS A 118 35.59 -39.76 8.31
N GLY A 119 34.60 -40.41 7.71
CA GLY A 119 34.56 -41.86 7.66
C GLY A 119 34.50 -42.46 9.04
N PHE A 120 33.50 -42.08 9.80
CA PHE A 120 33.38 -42.54 11.17
C PHE A 120 31.94 -42.93 11.49
N GLU A 121 31.77 -44.12 12.03
CA GLU A 121 30.48 -44.57 12.49
C GLU A 121 30.51 -44.87 13.98
N TRP A 122 29.36 -44.80 14.62
CA TRP A 122 29.28 -44.99 16.06
C TRP A 122 28.06 -45.80 16.47
N CYS A 123 27.98 -46.11 17.76
CA CYS A 123 26.86 -46.86 18.33
C CYS A 123 25.66 -45.94 18.47
N TRP A 124 24.51 -46.43 18.04
CA TRP A 124 23.29 -45.64 18.07
C TRP A 124 22.77 -45.39 19.49
N VAL A 125 22.54 -46.47 20.22
CA VAL A 125 21.94 -46.37 21.55
C VAL A 125 22.78 -45.52 22.50
N CYS A 126 24.00 -45.96 22.75
CA CYS A 126 24.91 -45.18 23.57
C CYS A 126 25.93 -44.50 22.68
N GLN A 127 26.05 -43.20 22.80
CA GLN A 127 26.97 -42.47 21.95
C GLN A 127 28.40 -42.76 22.37
N THR A 128 29.09 -43.44 21.52
CA THR A 128 30.42 -43.90 21.79
C THR A 128 31.21 -43.99 20.50
N GLU A 129 32.46 -44.35 20.62
CA GLU A 129 33.30 -44.57 19.48
C GLU A 129 33.24 -46.05 19.15
N TRP A 130 33.52 -46.40 17.91
CA TRP A 130 33.54 -47.79 17.50
C TRP A 130 34.40 -48.63 18.46
N THR A 131 33.74 -49.43 19.27
CA THR A 131 34.43 -50.22 20.27
C THR A 131 33.90 -51.66 20.26
N ARG A 132 34.80 -52.60 20.45
CA ARG A 132 34.47 -54.03 20.46
C ARG A 132 33.51 -54.36 21.61
N ASP A 133 33.48 -53.48 22.61
CA ASP A 133 32.57 -53.67 23.74
C ASP A 133 31.12 -53.69 23.29
N CYS A 134 30.68 -52.61 22.64
CA CYS A 134 29.31 -52.51 22.14
C CYS A 134 29.04 -53.57 21.07
N MET A 135 30.10 -53.99 20.37
CA MET A 135 30.02 -54.96 19.27
C MET A 135 29.06 -56.12 19.55
N GLY A 136 29.15 -56.70 20.74
CA GLY A 136 28.29 -57.81 21.07
C GLY A 136 27.73 -57.73 22.47
N ALA A 137 27.77 -56.55 23.06
CA ALA A 137 27.25 -56.38 24.42
C ALA A 137 25.77 -56.07 24.41
N HIS A 138 25.39 -55.02 23.71
CA HIS A 138 23.99 -54.60 23.63
C HIS A 138 23.59 -54.33 22.20
N TRP A 139 24.45 -54.70 21.27
CA TRP A 139 24.23 -54.43 19.86
C TRP A 139 23.17 -55.35 19.25
N PHE A 140 23.22 -56.62 19.62
CA PHE A 140 22.30 -57.59 19.05
C PHE A 140 20.89 -57.42 19.63
N GLY A 141 20.04 -56.78 18.86
CA GLY A 141 18.67 -56.57 19.28
C GLY A 141 17.70 -57.28 18.37
N GLU A 1 -83.49 -18.29 50.23
CA GLU A 1 -84.78 -18.58 50.87
C GLU A 1 -84.57 -19.45 52.10
N GLU A 2 -84.55 -18.82 53.25
CA GLU A 2 -84.40 -19.51 54.52
C GLU A 2 -84.83 -18.62 55.66
N TYR A 3 -84.86 -19.16 56.86
CA TYR A 3 -85.20 -18.41 58.05
C TYR A 3 -84.38 -18.89 59.22
N VAL A 4 -83.07 -18.90 59.03
CA VAL A 4 -82.15 -19.34 60.06
C VAL A 4 -81.93 -18.24 61.10
N LEU A 5 -82.24 -18.54 62.34
CA LEU A 5 -82.05 -17.60 63.42
C LEU A 5 -81.38 -18.28 64.61
N GLN A 6 -80.36 -17.64 65.16
CA GLN A 6 -79.63 -18.19 66.27
C GLN A 6 -78.92 -17.09 67.04
N ALA A 7 -78.82 -17.24 68.34
CA ALA A 7 -78.13 -16.30 69.18
C ALA A 7 -76.79 -16.88 69.61
N GLY A 8 -75.72 -16.33 69.10
CA GLY A 8 -74.40 -16.82 69.43
C GLY A 8 -73.92 -16.29 70.76
N GLY A 9 -73.57 -17.20 71.65
CA GLY A 9 -73.07 -16.81 72.95
C GLY A 9 -71.58 -16.92 73.04
N VAL A 10 -71.05 -16.83 74.23
CA VAL A 10 -69.61 -16.91 74.46
C VAL A 10 -69.32 -17.90 75.57
N LEU A 11 -68.16 -18.47 75.56
CA LEU A 11 -67.75 -19.41 76.58
C LEU A 11 -66.60 -18.82 77.36
N CYS A 12 -66.54 -19.16 78.63
CA CYS A 12 -65.49 -18.66 79.50
C CYS A 12 -64.12 -19.12 78.98
N PRO A 13 -63.18 -18.18 78.82
CA PRO A 13 -61.84 -18.48 78.32
C PRO A 13 -61.01 -19.30 79.30
N GLN A 14 -61.60 -19.66 80.43
CA GLN A 14 -60.95 -20.51 81.41
C GLN A 14 -60.91 -21.94 80.91
N PRO A 15 -59.70 -22.51 80.77
CA PRO A 15 -59.52 -23.90 80.30
C PRO A 15 -60.22 -24.89 81.21
N GLY A 16 -61.34 -25.43 80.74
CA GLY A 16 -62.07 -26.40 81.51
C GLY A 16 -63.38 -25.89 82.05
N CYS A 17 -63.67 -24.61 81.80
CA CYS A 17 -64.91 -24.02 82.25
C CYS A 17 -66.04 -24.37 81.31
N GLY A 18 -66.15 -23.61 80.23
CA GLY A 18 -67.19 -23.83 79.23
C GLY A 18 -68.58 -23.76 79.84
N MET A 19 -68.72 -23.04 80.95
CA MET A 19 -69.98 -22.91 81.65
C MET A 19 -71.06 -22.31 80.74
N GLY A 20 -70.74 -21.21 80.08
CA GLY A 20 -71.68 -20.60 79.17
C GLY A 20 -71.98 -19.17 79.53
N LEU A 21 -71.48 -18.26 78.71
CA LEU A 21 -71.66 -16.84 78.93
C LEU A 21 -72.58 -16.24 77.89
N LEU A 22 -73.43 -15.36 78.33
CA LEU A 22 -74.36 -14.67 77.45
C LEU A 22 -73.75 -13.37 76.99
N VAL A 23 -73.86 -13.09 75.70
CA VAL A 23 -73.32 -11.87 75.18
C VAL A 23 -74.37 -11.10 74.38
N GLU A 24 -74.93 -10.11 75.01
CA GLU A 24 -75.87 -9.24 74.35
C GLU A 24 -75.15 -7.99 73.89
N PRO A 25 -75.53 -7.44 72.72
CA PRO A 25 -74.92 -6.21 72.20
C PRO A 25 -75.00 -5.05 73.20
N ASP A 26 -76.07 -5.06 74.00
CA ASP A 26 -76.26 -4.02 75.01
C ASP A 26 -75.51 -4.36 76.31
N CYS A 27 -75.11 -5.62 76.44
CA CYS A 27 -74.39 -6.06 77.62
C CYS A 27 -72.89 -5.98 77.37
N ARG A 28 -72.27 -4.94 77.91
CA ARG A 28 -70.86 -4.70 77.69
C ARG A 28 -70.05 -5.34 78.82
N LYS A 29 -70.73 -5.76 79.87
CA LYS A 29 -70.09 -6.40 81.01
C LYS A 29 -70.15 -7.90 80.89
N VAL A 30 -69.02 -8.52 81.16
CA VAL A 30 -68.90 -9.96 81.13
C VAL A 30 -68.25 -10.47 82.37
N THR A 31 -68.89 -11.41 83.02
CA THR A 31 -68.33 -12.04 84.16
C THR A 31 -68.89 -13.45 84.32
N CYS A 32 -68.02 -14.40 84.62
CA CYS A 32 -68.45 -15.78 84.85
C CYS A 32 -69.08 -15.88 86.23
N GLN A 33 -70.18 -15.19 86.42
CA GLN A 33 -70.89 -15.15 87.70
C GLN A 33 -71.59 -16.47 87.97
N ASN A 34 -71.55 -17.34 87.00
CA ASN A 34 -72.16 -18.64 87.12
C ASN A 34 -71.11 -19.75 87.05
N GLY A 35 -69.84 -19.34 87.10
CA GLY A 35 -68.76 -20.31 87.02
C GLY A 35 -67.51 -19.84 87.75
N CYS A 36 -66.59 -19.26 87.02
CA CYS A 36 -65.33 -18.77 87.56
C CYS A 36 -65.01 -17.38 87.01
N GLY A 37 -65.06 -16.38 87.86
CA GLY A 37 -64.89 -15.03 87.41
C GLY A 37 -63.50 -14.73 86.93
N TYR A 38 -63.40 -14.59 85.63
CA TYR A 38 -62.15 -14.31 84.97
C TYR A 38 -62.29 -12.99 84.22
N VAL A 39 -61.20 -12.28 84.04
CA VAL A 39 -61.24 -11.00 83.37
C VAL A 39 -61.05 -11.15 81.86
N PHE A 40 -62.09 -10.81 81.13
CA PHE A 40 -62.07 -10.87 79.68
C PHE A 40 -63.06 -9.85 79.13
N CYS A 41 -62.99 -9.58 77.83
CA CYS A 41 -63.87 -8.61 77.23
C CYS A 41 -65.13 -9.30 76.75
N ARG A 42 -66.10 -8.52 76.30
CA ARG A 42 -67.35 -9.08 75.82
C ARG A 42 -67.24 -9.40 74.35
N ASN A 43 -66.33 -8.71 73.69
CA ASN A 43 -66.13 -8.90 72.27
C ASN A 43 -64.88 -9.70 72.03
N CYS A 44 -63.88 -9.45 72.84
CA CYS A 44 -62.60 -10.10 72.69
C CYS A 44 -62.13 -10.70 74.00
N LEU A 45 -60.91 -11.15 74.03
CA LEU A 45 -60.34 -11.76 75.21
C LEU A 45 -59.16 -10.93 75.72
N GLN A 46 -59.28 -9.60 75.59
CA GLN A 46 -58.20 -8.69 75.99
C GLN A 46 -58.18 -8.43 77.52
N GLY A 47 -58.90 -9.24 78.28
CA GLY A 47 -58.87 -9.10 79.74
C GLY A 47 -59.76 -7.99 80.26
N TYR A 48 -60.77 -7.64 79.47
CA TYR A 48 -61.72 -6.56 79.79
C TYR A 48 -61.01 -5.20 79.75
N HIS A 49 -61.46 -4.36 78.85
CA HIS A 49 -60.85 -3.07 78.64
C HIS A 49 -61.90 -2.04 78.26
N ILE A 50 -61.46 -0.93 77.68
CA ILE A 50 -62.39 0.08 77.19
C ILE A 50 -63.20 -0.49 76.02
N GLY A 51 -64.25 0.19 75.64
CA GLY A 51 -65.12 -0.30 74.58
C GLY A 51 -64.55 -0.11 73.19
N GLU A 52 -63.30 -0.49 72.99
CA GLU A 52 -62.66 -0.42 71.69
C GLU A 52 -61.77 -1.61 71.46
N CYS A 53 -62.30 -2.58 70.78
CA CYS A 53 -61.56 -3.79 70.48
C CYS A 53 -60.90 -3.65 69.12
N LEU A 54 -59.80 -4.33 68.92
CA LEU A 54 -59.06 -4.20 67.69
C LEU A 54 -59.17 -5.45 66.84
N PRO A 55 -59.88 -5.37 65.70
CA PRO A 55 -59.97 -6.47 64.75
C PRO A 55 -58.67 -6.63 63.99
N GLU A 56 -58.61 -7.62 63.14
CA GLU A 56 -57.39 -7.89 62.40
C GLU A 56 -57.65 -7.98 60.91
N GLY A 57 -57.10 -7.04 60.18
CA GLY A 57 -57.27 -7.03 58.74
C GLY A 57 -56.49 -5.90 58.10
N THR A 58 -55.20 -6.11 57.88
CA THR A 58 -54.35 -5.12 57.27
C THR A 58 -52.99 -5.71 56.89
N GLY A 59 -52.55 -5.43 55.68
CA GLY A 59 -51.27 -5.94 55.22
C GLY A 59 -51.18 -6.00 53.71
N ALA A 60 -50.54 -5.01 53.12
CA ALA A 60 -50.37 -4.96 51.68
C ALA A 60 -48.95 -4.54 51.32
N SER A 61 -48.17 -5.48 50.81
CA SER A 61 -46.80 -5.21 50.41
C SER A 61 -46.31 -6.30 49.45
N ALA A 62 -46.08 -5.91 48.21
CA ALA A 62 -45.60 -6.84 47.20
C ALA A 62 -44.67 -6.14 46.21
N THR A 63 -43.37 -6.27 46.45
CA THR A 63 -42.37 -5.66 45.59
C THR A 63 -40.98 -6.17 45.96
N ASN A 64 -40.14 -6.39 44.95
CA ASN A 64 -38.79 -6.89 45.18
C ASN A 64 -37.76 -6.07 44.41
N SER A 65 -38.02 -5.86 43.13
CA SER A 65 -37.14 -5.09 42.29
C SER A 65 -37.77 -3.73 41.98
N CYS A 66 -37.00 -2.83 41.38
CA CYS A 66 -37.48 -1.50 41.07
C CYS A 66 -36.77 -0.92 39.85
N GLU A 67 -35.48 -0.69 39.98
CA GLU A 67 -34.70 -0.14 38.90
C GLU A 67 -33.39 -0.92 38.73
N TYR A 68 -33.09 -1.28 37.50
CA TYR A 68 -31.89 -2.02 37.20
C TYR A 68 -30.70 -1.07 37.14
N THR A 69 -29.62 -1.46 37.79
CA THR A 69 -28.43 -0.67 37.80
C THR A 69 -27.31 -1.41 37.04
N VAL A 70 -26.37 -0.65 36.50
CA VAL A 70 -25.24 -1.18 35.74
C VAL A 70 -25.68 -1.63 34.35
N ASP A 71 -25.57 -0.74 33.40
CA ASP A 71 -25.93 -1.04 32.03
C ASP A 71 -24.69 -1.38 31.23
N PRO A 72 -24.82 -2.26 30.22
CA PRO A 72 -23.69 -2.67 29.38
C PRO A 72 -23.09 -1.51 28.59
N ASN A 73 -21.81 -1.60 28.32
CA ASN A 73 -21.11 -0.57 27.58
C ASN A 73 -20.09 -1.20 26.63
N ARG A 74 -20.02 -0.67 25.42
CA ARG A 74 -19.12 -1.21 24.41
C ARG A 74 -17.68 -0.78 24.69
N ALA A 75 -16.76 -1.74 24.63
CA ALA A 75 -15.36 -1.46 24.89
C ALA A 75 -14.51 -1.71 23.65
N ALA A 76 -13.65 -0.75 23.35
CA ALA A 76 -12.75 -0.87 22.22
C ALA A 76 -11.39 -1.40 22.69
N GLU A 77 -10.57 -1.83 21.76
CA GLU A 77 -9.26 -2.38 22.10
C GLU A 77 -8.23 -2.01 21.04
N ALA A 78 -6.98 -2.33 21.30
CA ALA A 78 -5.90 -2.05 20.37
C ALA A 78 -4.95 -3.24 20.25
N ARG A 79 -4.86 -3.79 19.06
CA ARG A 79 -3.99 -4.94 18.79
C ARG A 79 -2.57 -4.47 18.53
N TRP A 80 -1.60 -5.22 19.00
CA TRP A 80 -0.21 -4.87 18.82
C TRP A 80 0.54 -5.95 18.07
N ASP A 81 1.83 -5.77 17.91
CA ASP A 81 2.65 -6.73 17.21
C ASP A 81 3.71 -7.29 18.12
N GLU A 82 3.81 -8.59 18.18
CA GLU A 82 4.77 -9.24 19.06
C GLU A 82 6.16 -9.32 18.44
N ALA A 83 6.21 -9.69 17.15
CA ALA A 83 7.48 -9.81 16.41
C ALA A 83 8.44 -10.77 17.12
N SER A 84 7.87 -11.82 17.72
CA SER A 84 8.63 -12.80 18.47
C SER A 84 9.51 -13.66 17.56
N ASN A 85 10.50 -14.31 18.14
CA ASN A 85 11.41 -15.17 17.38
C ASN A 85 10.85 -16.59 17.29
N VAL A 86 11.49 -17.42 16.50
CA VAL A 86 11.03 -18.79 16.32
C VAL A 86 12.03 -19.78 16.92
N THR A 87 11.60 -20.49 17.95
CA THR A 87 12.43 -21.51 18.56
C THR A 87 12.32 -22.81 17.75
N ILE A 88 13.45 -23.46 17.55
CA ILE A 88 13.47 -24.69 16.77
C ILE A 88 13.93 -25.87 17.62
N LYS A 89 13.89 -27.05 17.04
CA LYS A 89 14.30 -28.26 17.72
C LYS A 89 15.50 -28.89 17.03
N VAL A 90 15.98 -30.00 17.57
CA VAL A 90 17.13 -30.68 17.00
C VAL A 90 17.12 -32.16 17.41
N SER A 91 17.31 -33.03 16.44
CA SER A 91 17.34 -34.45 16.69
C SER A 91 18.70 -35.05 16.28
N THR A 92 19.49 -34.25 15.59
CA THR A 92 20.80 -34.68 15.13
C THR A 92 21.86 -34.47 16.19
N LYS A 93 22.68 -35.48 16.43
CA LYS A 93 23.76 -35.38 17.38
C LYS A 93 25.05 -35.07 16.64
N PRO A 94 25.98 -34.34 17.27
CA PRO A 94 27.24 -33.95 16.63
C PRO A 94 28.24 -35.10 16.52
N CYS A 95 28.84 -35.22 15.34
CA CYS A 95 29.84 -36.24 15.07
C CYS A 95 31.11 -35.99 15.89
N PRO A 96 31.76 -37.05 16.39
CA PRO A 96 32.99 -36.93 17.13
C PRO A 96 34.19 -36.65 16.22
N LYS A 97 34.01 -36.85 14.92
CA LYS A 97 35.08 -36.67 13.96
C LYS A 97 35.02 -35.28 13.31
N CYS A 98 33.96 -35.01 12.57
CA CYS A 98 33.81 -33.73 11.87
C CYS A 98 32.73 -32.86 12.48
N ARG A 99 32.13 -33.33 13.58
CA ARG A 99 31.12 -32.59 14.33
C ARG A 99 29.88 -32.28 13.49
N THR A 100 29.66 -33.08 12.49
CA THR A 100 28.52 -32.93 11.63
C THR A 100 27.29 -33.58 12.26
N PRO A 101 26.10 -32.97 12.09
CA PRO A 101 24.86 -33.49 12.66
C PRO A 101 24.49 -34.85 12.08
N THR A 102 24.68 -35.89 12.87
CA THR A 102 24.38 -37.24 12.46
C THR A 102 22.88 -37.49 12.55
N GLU A 103 22.30 -37.94 11.44
CA GLU A 103 20.87 -38.18 11.37
C GLU A 103 20.53 -39.62 11.72
N ARG A 104 19.56 -39.78 12.59
CA ARG A 104 19.09 -41.08 12.97
C ARG A 104 18.06 -41.54 11.95
N ASP A 105 18.49 -42.28 10.98
CA ASP A 105 17.61 -42.78 9.93
C ASP A 105 17.39 -44.27 10.08
N GLY A 106 16.15 -44.68 10.19
CA GLY A 106 15.84 -46.09 10.33
C GLY A 106 15.71 -46.51 11.77
N GLY A 107 16.83 -46.72 12.42
CA GLY A 107 16.80 -47.09 13.82
C GLY A 107 17.46 -48.43 14.09
N CYS A 108 18.19 -48.94 13.11
CA CYS A 108 18.89 -50.22 13.24
C CYS A 108 20.21 -50.04 13.99
N MET A 109 20.20 -49.18 15.00
CA MET A 109 21.39 -48.88 15.82
C MET A 109 22.50 -48.22 14.99
N HIS A 110 22.13 -47.72 13.83
CA HIS A 110 23.11 -47.12 12.93
C HIS A 110 23.31 -45.65 13.20
N MET A 111 24.34 -45.35 13.96
CA MET A 111 24.77 -44.00 14.16
C MET A 111 26.13 -43.83 13.54
N VAL A 112 26.15 -43.62 12.26
CA VAL A 112 27.39 -43.44 11.56
C VAL A 112 27.32 -42.16 10.76
N CYS A 113 28.42 -41.46 10.69
CA CYS A 113 28.45 -40.19 10.02
C CYS A 113 28.95 -40.33 8.60
N THR A 114 28.05 -40.19 7.65
CA THR A 114 28.42 -40.21 6.28
C THR A 114 28.77 -38.79 5.84
N ARG A 115 30.03 -38.45 6.00
CA ARG A 115 30.53 -37.14 5.66
C ARG A 115 31.77 -37.30 4.79
N ALA A 116 31.95 -36.39 3.85
CA ALA A 116 33.11 -36.44 2.96
C ALA A 116 34.39 -36.19 3.75
N GLY A 117 35.03 -37.26 4.17
CA GLY A 117 36.22 -37.13 4.97
C GLY A 117 35.99 -37.56 6.40
N CYS A 118 34.99 -38.40 6.61
CA CYS A 118 34.68 -38.89 7.94
C CYS A 118 34.63 -40.41 7.94
N GLY A 119 33.43 -40.97 7.79
CA GLY A 119 33.28 -42.39 7.79
C GLY A 119 33.51 -42.99 9.16
N PHE A 120 32.89 -42.38 10.17
CA PHE A 120 33.04 -42.85 11.52
C PHE A 120 31.74 -43.43 12.07
N GLU A 121 31.83 -44.63 12.63
CA GLU A 121 30.69 -45.27 13.26
C GLU A 121 30.75 -45.10 14.78
N TRP A 122 29.63 -44.81 15.40
CA TRP A 122 29.54 -44.72 16.85
C TRP A 122 28.25 -45.34 17.35
N CYS A 123 28.24 -45.78 18.59
CA CYS A 123 27.10 -46.48 19.16
C CYS A 123 25.87 -45.59 19.28
N TRP A 124 24.75 -46.09 18.80
CA TRP A 124 23.48 -45.41 18.89
C TRP A 124 22.91 -45.48 20.31
N VAL A 125 22.93 -46.68 20.88
CA VAL A 125 22.34 -46.90 22.21
C VAL A 125 23.16 -46.19 23.29
N CYS A 126 24.39 -46.64 23.49
CA CYS A 126 25.26 -46.00 24.45
C CYS A 126 26.15 -45.00 23.73
N GLN A 127 26.28 -43.81 24.27
CA GLN A 127 27.11 -42.83 23.61
C GLN A 127 28.56 -43.11 23.91
N THR A 128 29.27 -43.57 22.90
CA THR A 128 30.67 -43.86 23.01
C THR A 128 31.32 -43.80 21.64
N GLU A 129 32.62 -43.61 21.62
CA GLU A 129 33.36 -43.53 20.39
C GLU A 129 33.79 -44.92 19.94
N TRP A 130 33.23 -45.36 18.80
CA TRP A 130 33.52 -46.66 18.14
C TRP A 130 34.04 -47.72 19.11
N THR A 131 33.14 -48.37 19.80
CA THR A 131 33.51 -49.37 20.77
C THR A 131 32.97 -50.74 20.37
N ARG A 132 33.88 -51.64 19.97
CA ARG A 132 33.49 -52.98 19.55
C ARG A 132 33.04 -53.83 20.73
N ASP A 133 33.47 -53.45 21.93
CA ASP A 133 33.12 -54.17 23.15
C ASP A 133 31.61 -54.26 23.34
N CYS A 134 30.92 -53.14 23.21
CA CYS A 134 29.49 -53.11 23.36
C CYS A 134 28.79 -53.30 22.01
N MET A 135 29.54 -53.15 20.93
CA MET A 135 29.00 -53.30 19.57
C MET A 135 28.32 -54.66 19.39
N GLY A 136 28.97 -55.71 19.86
CA GLY A 136 28.43 -57.05 19.67
C GLY A 136 27.23 -57.34 20.55
N ALA A 137 26.79 -56.35 21.34
CA ALA A 137 25.67 -56.54 22.23
C ALA A 137 24.44 -55.75 21.77
N HIS A 138 24.59 -54.43 21.70
CA HIS A 138 23.44 -53.56 21.39
C HIS A 138 23.33 -53.21 19.90
N TRP A 139 24.45 -53.24 19.18
CA TRP A 139 24.44 -52.85 17.77
C TRP A 139 23.61 -53.81 16.94
N PHE A 140 23.74 -55.09 17.21
CA PHE A 140 22.99 -56.10 16.49
C PHE A 140 21.74 -56.47 17.27
N GLY A 141 20.63 -55.84 16.92
CA GLY A 141 19.38 -56.09 17.59
C GLY A 141 18.24 -56.27 16.62
N GLU A 1 57.77 -45.89 -108.17
CA GLU A 1 56.88 -44.73 -108.22
C GLU A 1 57.67 -43.44 -108.03
N GLU A 2 57.91 -42.74 -109.11
CA GLU A 2 58.71 -41.53 -109.04
C GLU A 2 57.84 -40.30 -108.85
N TYR A 3 57.64 -39.94 -107.60
CA TYR A 3 56.89 -38.77 -107.25
C TYR A 3 57.21 -38.35 -105.84
N VAL A 4 58.04 -37.35 -105.70
CA VAL A 4 58.42 -36.85 -104.40
C VAL A 4 58.05 -35.38 -104.27
N LEU A 5 57.54 -35.00 -103.13
CA LEU A 5 57.14 -33.62 -102.89
C LEU A 5 57.56 -33.19 -101.51
N GLN A 6 57.89 -31.93 -101.36
CA GLN A 6 58.27 -31.40 -100.08
C GLN A 6 58.17 -29.88 -100.06
N ALA A 7 57.64 -29.35 -99.00
CA ALA A 7 57.49 -27.91 -98.87
C ALA A 7 58.60 -27.35 -97.99
N GLY A 8 58.45 -27.49 -96.67
CA GLY A 8 59.45 -26.96 -95.75
C GLY A 8 59.56 -25.46 -95.85
N GLY A 9 58.44 -24.80 -96.00
CA GLY A 9 58.42 -23.36 -96.14
C GLY A 9 57.47 -22.70 -95.19
N VAL A 10 56.91 -21.59 -95.60
CA VAL A 10 55.97 -20.85 -94.79
C VAL A 10 54.54 -21.12 -95.27
N LEU A 11 53.55 -20.68 -94.52
CA LEU A 11 52.16 -20.91 -94.87
C LEU A 11 51.33 -19.68 -94.58
N CYS A 12 50.24 -19.53 -95.32
CA CYS A 12 49.34 -18.41 -95.11
C CYS A 12 48.84 -18.40 -93.67
N PRO A 13 48.81 -17.23 -93.03
CA PRO A 13 48.34 -17.07 -91.66
C PRO A 13 46.81 -17.17 -91.56
N GLN A 14 46.17 -17.36 -92.70
CA GLN A 14 44.73 -17.49 -92.75
C GLN A 14 44.33 -18.94 -92.50
N PRO A 15 43.49 -19.19 -91.48
CA PRO A 15 43.01 -20.55 -91.15
C PRO A 15 42.17 -21.15 -92.28
N GLY A 16 41.62 -20.28 -93.13
CA GLY A 16 40.86 -20.74 -94.27
C GLY A 16 41.76 -21.27 -95.38
N CYS A 17 43.03 -20.91 -95.32
CA CYS A 17 44.02 -21.34 -96.28
C CYS A 17 44.85 -22.49 -95.73
N GLY A 18 45.82 -22.90 -96.51
CA GLY A 18 46.71 -23.97 -96.10
C GLY A 18 47.32 -24.65 -97.29
N MET A 19 47.65 -23.86 -98.30
CA MET A 19 48.21 -24.39 -99.54
C MET A 19 49.70 -24.62 -99.39
N GLY A 20 50.34 -23.73 -98.66
CA GLY A 20 51.76 -23.81 -98.47
C GLY A 20 52.50 -22.84 -99.37
N LEU A 21 53.26 -21.97 -98.77
CA LEU A 21 54.01 -20.98 -99.51
C LEU A 21 55.48 -21.34 -99.52
N LEU A 22 55.96 -21.69 -100.67
CA LEU A 22 57.34 -22.08 -100.83
C LEU A 22 58.18 -20.84 -101.00
N VAL A 23 58.97 -20.52 -100.00
CA VAL A 23 59.80 -19.35 -100.05
C VAL A 23 61.14 -19.63 -100.75
N GLU A 24 61.28 -19.06 -101.91
CA GLU A 24 62.52 -19.15 -102.67
C GLU A 24 63.35 -17.90 -102.43
N PRO A 25 64.69 -18.00 -102.52
CA PRO A 25 65.57 -16.83 -102.39
C PRO A 25 65.25 -15.77 -103.45
N ASP A 26 64.63 -16.23 -104.54
CA ASP A 26 64.19 -15.37 -105.62
C ASP A 26 63.01 -14.50 -105.16
N CYS A 27 62.17 -15.08 -104.34
CA CYS A 27 60.99 -14.41 -103.87
C CYS A 27 61.32 -13.41 -102.77
N ARG A 28 61.00 -12.16 -103.01
CA ARG A 28 61.25 -11.11 -102.05
C ARG A 28 59.93 -10.57 -101.50
N LYS A 29 58.83 -11.00 -102.09
CA LYS A 29 57.51 -10.56 -101.64
C LYS A 29 56.62 -11.76 -101.33
N VAL A 30 56.37 -11.98 -100.05
CA VAL A 30 55.53 -13.09 -99.63
C VAL A 30 54.10 -12.66 -99.57
N THR A 31 53.27 -13.30 -100.34
CA THR A 31 51.87 -12.99 -100.33
C THR A 31 51.05 -14.22 -100.72
N CYS A 32 49.92 -14.42 -100.04
CA CYS A 32 49.02 -15.52 -100.36
C CYS A 32 48.28 -15.24 -101.66
N GLN A 33 48.99 -15.38 -102.76
CA GLN A 33 48.43 -15.14 -104.07
C GLN A 33 47.73 -16.38 -104.61
N ASN A 34 47.86 -17.48 -103.88
CA ASN A 34 47.25 -18.74 -104.30
C ASN A 34 46.05 -19.08 -103.45
N GLY A 35 45.88 -18.35 -102.36
CA GLY A 35 44.77 -18.63 -101.47
C GLY A 35 43.82 -17.46 -101.38
N CYS A 36 44.21 -16.45 -100.62
CA CYS A 36 43.36 -15.28 -100.42
C CYS A 36 44.11 -14.01 -100.78
N GLY A 37 44.57 -13.31 -99.77
CA GLY A 37 45.35 -12.13 -99.96
C GLY A 37 45.90 -11.64 -98.64
N TYR A 38 47.18 -11.82 -98.44
CA TYR A 38 47.80 -11.39 -97.20
C TYR A 38 49.30 -11.28 -97.40
N VAL A 39 49.85 -10.16 -97.02
CA VAL A 39 51.28 -9.95 -97.10
C VAL A 39 51.90 -10.29 -95.75
N PHE A 40 52.63 -11.38 -95.71
CA PHE A 40 53.25 -11.82 -94.48
C PHE A 40 54.72 -12.05 -94.69
N CYS A 41 55.40 -12.51 -93.66
CA CYS A 41 56.82 -12.67 -93.75
C CYS A 41 57.17 -13.98 -94.43
N ARG A 42 58.44 -14.20 -94.60
CA ARG A 42 58.92 -15.40 -95.28
C ARG A 42 59.30 -16.48 -94.26
N ASN A 43 59.68 -16.05 -93.09
CA ASN A 43 60.11 -16.96 -92.04
C ASN A 43 59.02 -17.09 -91.00
N CYS A 44 58.27 -16.02 -90.83
CA CYS A 44 57.23 -15.98 -89.83
C CYS A 44 55.94 -15.40 -90.40
N LEU A 45 54.98 -15.20 -89.54
CA LEU A 45 53.69 -14.67 -89.94
C LEU A 45 53.49 -13.28 -89.38
N GLN A 46 54.59 -12.56 -89.19
CA GLN A 46 54.54 -11.24 -88.58
C GLN A 46 54.11 -10.13 -89.54
N GLY A 47 53.51 -10.51 -90.67
CA GLY A 47 52.98 -9.53 -91.59
C GLY A 47 54.05 -8.87 -92.44
N TYR A 48 55.17 -9.56 -92.64
CA TYR A 48 56.29 -9.09 -93.46
C TYR A 48 57.06 -7.94 -92.78
N HIS A 49 58.37 -8.04 -92.82
CA HIS A 49 59.25 -7.00 -92.27
C HIS A 49 60.61 -7.07 -92.92
N ILE A 50 61.48 -6.13 -92.58
CA ILE A 50 62.82 -6.09 -93.15
C ILE A 50 63.80 -6.82 -92.23
N GLY A 51 64.77 -7.49 -92.83
CA GLY A 51 65.75 -8.21 -92.05
C GLY A 51 65.48 -9.69 -92.03
N GLU A 52 66.02 -10.37 -91.04
CA GLU A 52 65.81 -11.79 -90.92
C GLU A 52 65.14 -12.11 -89.60
N CYS A 53 64.61 -13.31 -89.46
CA CYS A 53 63.87 -13.68 -88.28
C CYS A 53 64.49 -14.85 -87.56
N LEU A 54 64.28 -14.89 -86.28
CA LEU A 54 64.76 -15.97 -85.45
C LEU A 54 63.65 -16.37 -84.49
N PRO A 55 63.57 -17.66 -84.11
CA PRO A 55 62.57 -18.13 -83.16
C PRO A 55 62.70 -17.46 -81.81
N GLU A 56 61.61 -17.44 -81.08
CA GLU A 56 61.57 -16.79 -79.79
C GLU A 56 60.39 -17.35 -79.00
N GLY A 57 60.57 -17.50 -77.71
CA GLY A 57 59.53 -18.03 -76.87
C GLY A 57 60.03 -18.32 -75.47
N THR A 58 59.21 -17.99 -74.48
CA THR A 58 59.57 -18.22 -73.10
C THR A 58 58.30 -18.40 -72.27
N GLY A 59 58.06 -19.62 -71.82
CA GLY A 59 56.90 -19.92 -71.03
C GLY A 59 57.25 -20.23 -69.59
N ALA A 60 57.32 -19.19 -68.77
CA ALA A 60 57.67 -19.35 -67.37
C ALA A 60 57.08 -18.23 -66.54
N SER A 61 57.40 -18.20 -65.25
CA SER A 61 56.95 -17.16 -64.33
C SER A 61 55.42 -17.16 -64.17
N ALA A 62 54.94 -17.91 -63.18
CA ALA A 62 53.51 -18.01 -62.91
C ALA A 62 53.27 -18.52 -61.49
N THR A 63 52.92 -17.62 -60.59
CA THR A 63 52.70 -17.96 -59.20
C THR A 63 51.71 -17.00 -58.55
N ASN A 64 50.91 -17.51 -57.62
CA ASN A 64 49.95 -16.69 -56.89
C ASN A 64 50.00 -17.00 -55.41
N SER A 65 50.03 -15.97 -54.59
CA SER A 65 50.09 -16.13 -53.14
C SER A 65 48.91 -15.41 -52.47
N CYS A 66 48.28 -16.09 -51.50
CA CYS A 66 47.14 -15.52 -50.79
C CYS A 66 46.71 -16.42 -49.62
N GLU A 67 46.43 -15.80 -48.48
CA GLU A 67 45.95 -16.52 -47.31
C GLU A 67 45.02 -15.63 -46.49
N TYR A 68 43.95 -16.21 -45.97
CA TYR A 68 42.97 -15.48 -45.18
C TYR A 68 42.63 -16.25 -43.92
N THR A 69 42.47 -15.55 -42.80
CA THR A 69 42.16 -16.20 -41.53
C THR A 69 41.40 -15.26 -40.59
N VAL A 70 40.37 -15.81 -39.93
CA VAL A 70 39.58 -15.04 -38.98
C VAL A 70 39.43 -15.81 -37.67
N ASP A 71 39.19 -15.09 -36.59
CA ASP A 71 39.03 -15.70 -35.27
C ASP A 71 37.58 -15.63 -34.81
N PRO A 72 37.05 -16.74 -34.33
CA PRO A 72 35.70 -16.80 -33.77
C PRO A 72 35.72 -16.42 -32.29
N ASN A 73 34.60 -16.63 -31.61
CA ASN A 73 34.53 -16.33 -30.18
C ASN A 73 33.53 -17.24 -29.50
N ARG A 74 33.66 -17.37 -28.20
CA ARG A 74 32.77 -18.17 -27.39
C ARG A 74 32.31 -17.35 -26.20
N ALA A 75 31.20 -17.74 -25.61
CA ALA A 75 30.66 -17.01 -24.48
C ALA A 75 30.37 -17.94 -23.32
N ALA A 76 30.75 -17.51 -22.14
CA ALA A 76 30.53 -18.28 -20.94
C ALA A 76 30.27 -17.34 -19.77
N GLU A 77 29.21 -17.60 -19.03
CA GLU A 77 28.85 -16.75 -17.90
C GLU A 77 28.08 -17.54 -16.85
N ALA A 78 28.08 -17.03 -15.63
CA ALA A 78 27.38 -17.66 -14.53
C ALA A 78 27.11 -16.65 -13.41
N ARG A 79 25.93 -16.08 -13.41
CA ARG A 79 25.54 -15.12 -12.40
C ARG A 79 25.21 -15.84 -11.10
N TRP A 80 25.88 -15.45 -10.04
CA TRP A 80 25.66 -16.06 -8.74
C TRP A 80 25.02 -15.06 -7.78
N ASP A 81 24.05 -15.53 -7.04
CA ASP A 81 23.37 -14.68 -6.08
C ASP A 81 23.34 -15.36 -4.72
N GLU A 82 23.57 -14.59 -3.67
CA GLU A 82 23.65 -15.13 -2.33
C GLU A 82 22.40 -14.81 -1.49
N ALA A 83 21.34 -14.35 -2.12
CA ALA A 83 20.12 -14.02 -1.37
C ALA A 83 19.23 -15.24 -1.21
N SER A 84 19.59 -16.09 -0.24
CA SER A 84 18.84 -17.30 0.09
C SER A 84 19.56 -18.10 1.17
N ASN A 85 19.20 -17.85 2.41
CA ASN A 85 19.81 -18.55 3.52
C ASN A 85 18.75 -19.04 4.49
N VAL A 86 18.25 -20.23 4.24
CA VAL A 86 17.24 -20.82 5.10
C VAL A 86 17.78 -22.09 5.74
N THR A 87 17.83 -22.11 7.05
CA THR A 87 18.33 -23.25 7.78
C THR A 87 17.15 -24.11 8.26
N ILE A 88 17.41 -25.36 8.55
CA ILE A 88 16.37 -26.26 9.01
C ILE A 88 16.41 -26.42 10.52
N LYS A 89 15.51 -27.22 11.05
CA LYS A 89 15.45 -27.44 12.49
C LYS A 89 16.53 -28.44 12.91
N VAL A 90 16.92 -28.39 14.17
CA VAL A 90 17.95 -29.29 14.67
C VAL A 90 17.36 -30.66 15.00
N SER A 91 17.34 -31.52 14.02
CA SER A 91 16.91 -32.88 14.19
C SER A 91 18.10 -33.81 14.01
N THR A 92 19.25 -33.19 13.83
CA THR A 92 20.47 -33.89 13.58
C THR A 92 21.27 -34.12 14.86
N LYS A 93 21.90 -35.27 14.94
CA LYS A 93 22.75 -35.62 16.06
C LYS A 93 24.18 -35.22 15.73
N PRO A 94 24.89 -34.62 16.69
CA PRO A 94 26.27 -34.19 16.49
C PRO A 94 27.24 -35.38 16.56
N CYS A 95 28.09 -35.49 15.53
CA CYS A 95 29.09 -36.55 15.47
C CYS A 95 30.02 -36.51 16.68
N PRO A 96 30.42 -37.67 17.21
CA PRO A 96 31.35 -37.74 18.33
C PRO A 96 32.79 -37.47 17.88
N LYS A 97 32.99 -37.34 16.58
CA LYS A 97 34.31 -37.12 16.02
C LYS A 97 34.45 -35.69 15.48
N CYS A 98 33.69 -35.36 14.44
CA CYS A 98 33.77 -34.03 13.83
C CYS A 98 32.65 -33.12 14.31
N ARG A 99 31.74 -33.69 15.09
CA ARG A 99 30.62 -32.94 15.66
C ARG A 99 29.67 -32.40 14.59
N THR A 100 29.68 -33.02 13.42
CA THR A 100 28.83 -32.59 12.34
C THR A 100 27.40 -33.11 12.52
N PRO A 101 26.41 -32.41 11.93
CA PRO A 101 25.01 -32.80 12.05
C PRO A 101 24.62 -34.01 11.19
N THR A 102 24.40 -35.15 11.83
CA THR A 102 23.95 -36.35 11.14
C THR A 102 22.49 -36.62 11.45
N GLU A 103 21.67 -36.76 10.42
CA GLU A 103 20.26 -37.05 10.61
C GLU A 103 20.07 -38.44 11.19
N ARG A 104 19.08 -38.57 12.05
CA ARG A 104 18.85 -39.83 12.74
C ARG A 104 17.74 -40.64 12.10
N ASP A 105 17.63 -41.88 12.55
CA ASP A 105 16.59 -42.77 12.11
C ASP A 105 15.54 -42.93 13.18
N GLY A 106 14.38 -43.41 12.81
CA GLY A 106 13.30 -43.60 13.76
C GLY A 106 13.62 -44.66 14.78
N GLY A 107 13.91 -45.86 14.31
CA GLY A 107 14.23 -46.95 15.21
C GLY A 107 15.28 -47.88 14.63
N CYS A 108 16.30 -47.29 14.04
CA CYS A 108 17.38 -48.06 13.46
C CYS A 108 18.64 -47.89 14.29
N MET A 109 19.34 -48.98 14.55
CA MET A 109 20.56 -48.94 15.39
C MET A 109 21.78 -48.45 14.61
N HIS A 110 21.64 -48.31 13.31
CA HIS A 110 22.76 -47.86 12.48
C HIS A 110 22.95 -46.35 12.59
N MET A 111 23.90 -45.95 13.42
CA MET A 111 24.23 -44.55 13.62
C MET A 111 25.67 -44.28 13.24
N VAL A 112 25.88 -43.84 12.03
CA VAL A 112 27.22 -43.55 11.60
C VAL A 112 27.28 -42.15 10.99
N CYS A 113 28.38 -41.47 11.21
CA CYS A 113 28.54 -40.14 10.72
C CYS A 113 28.78 -40.14 9.21
N THR A 114 28.10 -39.25 8.52
CA THR A 114 28.33 -39.12 7.12
C THR A 114 28.97 -37.77 6.81
N ARG A 115 30.28 -37.76 6.87
CA ARG A 115 31.07 -36.58 6.59
C ARG A 115 32.18 -37.00 5.65
N ALA A 116 32.37 -36.28 4.56
CA ALA A 116 33.44 -36.58 3.62
C ALA A 116 34.80 -36.41 4.28
N GLY A 117 35.32 -37.49 4.84
CA GLY A 117 36.61 -37.44 5.50
C GLY A 117 36.57 -38.03 6.89
N CYS A 118 35.36 -38.14 7.46
CA CYS A 118 35.20 -38.69 8.80
C CYS A 118 34.90 -40.18 8.73
N GLY A 119 33.64 -40.52 8.53
CA GLY A 119 33.25 -41.91 8.46
C GLY A 119 33.38 -42.59 9.80
N PHE A 120 32.79 -41.98 10.82
CA PHE A 120 32.87 -42.54 12.17
C PHE A 120 31.59 -43.24 12.56
N GLU A 121 31.70 -44.50 12.90
CA GLU A 121 30.57 -45.28 13.37
C GLU A 121 30.45 -45.17 14.88
N TRP A 122 29.24 -45.05 15.38
CA TRP A 122 28.97 -44.97 16.81
C TRP A 122 27.70 -45.73 17.17
N CYS A 123 27.48 -45.95 18.45
CA CYS A 123 26.31 -46.73 18.88
C CYS A 123 25.05 -45.88 18.94
N TRP A 124 23.95 -46.49 18.57
CA TRP A 124 22.64 -45.86 18.61
C TRP A 124 22.12 -45.78 20.05
N VAL A 125 22.31 -46.85 20.80
CA VAL A 125 21.79 -46.93 22.15
C VAL A 125 22.73 -46.27 23.16
N CYS A 126 23.93 -46.82 23.33
CA CYS A 126 24.90 -46.24 24.26
C CYS A 126 25.78 -45.25 23.52
N GLN A 127 26.68 -44.61 24.23
CA GLN A 127 27.59 -43.69 23.60
C GLN A 127 29.03 -44.10 23.86
N THR A 128 29.69 -44.55 22.80
CA THR A 128 31.06 -44.98 22.88
C THR A 128 31.69 -44.91 21.48
N GLU A 129 32.95 -45.23 21.39
CA GLU A 129 33.63 -45.29 20.12
C GLU A 129 33.53 -46.70 19.56
N TRP A 130 33.23 -46.82 18.27
CA TRP A 130 33.12 -48.12 17.63
C TRP A 130 34.44 -48.86 17.75
N THR A 131 34.47 -49.84 18.59
CA THR A 131 35.65 -50.62 18.85
C THR A 131 35.29 -52.09 18.91
N ARG A 132 36.27 -52.93 19.20
CA ARG A 132 36.02 -54.35 19.33
C ARG A 132 35.29 -54.63 20.64
N ASP A 133 35.45 -53.72 21.58
CA ASP A 133 34.82 -53.83 22.89
C ASP A 133 33.30 -53.75 22.79
N CYS A 134 32.80 -52.68 22.18
CA CYS A 134 31.36 -52.47 22.06
C CYS A 134 30.88 -52.87 20.66
N MET A 135 31.70 -53.64 19.95
CA MET A 135 31.40 -54.06 18.57
C MET A 135 30.06 -54.79 18.51
N GLY A 136 29.95 -55.86 19.27
CA GLY A 136 28.73 -56.63 19.29
C GLY A 136 28.33 -57.00 20.69
N ALA A 137 28.90 -56.28 21.66
CA ALA A 137 28.62 -56.52 23.07
C ALA A 137 27.15 -56.30 23.41
N HIS A 138 26.52 -55.41 22.66
CA HIS A 138 25.10 -55.11 22.88
C HIS A 138 24.41 -54.85 21.53
N TRP A 139 25.20 -54.81 20.47
CA TRP A 139 24.70 -54.48 19.15
C TRP A 139 23.64 -55.47 18.68
N PHE A 140 22.40 -55.06 18.80
CA PHE A 140 21.29 -55.85 18.37
C PHE A 140 20.15 -54.94 17.95
N GLY A 141 19.64 -55.15 16.77
CA GLY A 141 18.56 -54.35 16.26
C GLY A 141 18.05 -54.89 14.95
N GLU A 1 -17.48 52.49 23.57
CA GLU A 1 -18.47 53.56 23.82
C GLU A 1 -19.33 53.82 22.59
N GLU A 2 -19.39 52.83 21.70
CA GLU A 2 -20.14 52.98 20.46
C GLU A 2 -21.58 52.54 20.67
N TYR A 3 -22.49 53.50 20.70
CA TYR A 3 -23.89 53.20 20.90
C TYR A 3 -24.72 53.73 19.74
N VAL A 4 -25.99 53.40 19.74
CA VAL A 4 -26.92 53.86 18.72
C VAL A 4 -27.22 55.33 18.92
N LEU A 5 -27.32 55.73 20.18
CA LEU A 5 -27.59 57.10 20.53
C LEU A 5 -26.29 57.87 20.69
N GLN A 6 -26.36 59.16 20.54
CA GLN A 6 -25.21 60.01 20.68
C GLN A 6 -25.67 61.43 20.99
N ALA A 7 -25.05 62.04 21.99
CA ALA A 7 -25.42 63.37 22.40
C ALA A 7 -24.89 64.42 21.44
N GLY A 8 -25.61 64.62 20.34
CA GLY A 8 -25.24 65.63 19.38
C GLY A 8 -26.17 66.82 19.46
N GLY A 9 -27.22 66.66 20.23
CA GLY A 9 -28.18 67.71 20.41
C GLY A 9 -28.68 67.75 21.82
N VAL A 10 -28.54 68.90 22.44
CA VAL A 10 -29.00 69.10 23.80
C VAL A 10 -30.37 69.81 23.75
N LEU A 11 -31.06 69.86 24.85
CA LEU A 11 -32.40 70.44 24.88
C LEU A 11 -32.49 71.52 25.93
N CYS A 12 -33.28 72.56 25.64
CA CYS A 12 -33.55 73.61 26.62
C CYS A 12 -34.27 72.99 27.82
N PRO A 13 -33.80 73.27 29.05
CA PRO A 13 -34.37 72.71 30.27
C PRO A 13 -35.74 73.30 30.61
N GLN A 14 -36.11 74.37 29.93
CA GLN A 14 -37.38 75.01 30.22
C GLN A 14 -38.53 74.31 29.52
N PRO A 15 -39.50 73.80 30.30
CA PRO A 15 -40.68 73.14 29.74
C PRO A 15 -41.42 74.06 28.79
N GLY A 16 -41.71 73.56 27.61
CA GLY A 16 -42.34 74.36 26.60
C GLY A 16 -41.43 74.52 25.41
N CYS A 17 -40.15 74.34 25.66
CA CYS A 17 -39.16 74.38 24.64
C CYS A 17 -38.94 72.98 24.07
N GLY A 18 -37.92 72.29 24.56
CA GLY A 18 -37.61 70.96 24.09
C GLY A 18 -37.46 70.89 22.59
N MET A 19 -37.03 71.99 21.99
CA MET A 19 -36.87 72.09 20.54
C MET A 19 -35.65 71.33 20.09
N GLY A 20 -34.49 71.82 20.48
CA GLY A 20 -33.27 71.16 20.12
C GLY A 20 -32.14 72.12 19.92
N LEU A 21 -31.11 71.95 20.71
CA LEU A 21 -29.93 72.77 20.64
C LEU A 21 -28.78 71.93 20.12
N LEU A 22 -28.27 72.32 18.98
CA LEU A 22 -27.21 71.57 18.31
C LEU A 22 -25.92 71.72 19.09
N VAL A 23 -25.35 70.59 19.51
CA VAL A 23 -24.13 70.61 20.29
C VAL A 23 -22.91 70.65 19.37
N GLU A 24 -22.37 71.83 19.22
CA GLU A 24 -21.18 72.04 18.42
C GLU A 24 -19.94 71.86 19.28
N PRO A 25 -18.92 71.15 18.77
CA PRO A 25 -17.66 70.96 19.48
C PRO A 25 -17.00 72.30 19.81
N ASP A 26 -17.15 73.25 18.90
CA ASP A 26 -16.58 74.59 19.07
C ASP A 26 -17.44 75.43 20.02
N CYS A 27 -18.70 75.05 20.15
CA CYS A 27 -19.62 75.78 21.01
C CYS A 27 -19.35 75.48 22.47
N ARG A 28 -18.93 76.49 23.19
CA ARG A 28 -18.66 76.37 24.61
C ARG A 28 -19.63 77.23 25.40
N LYS A 29 -20.49 77.93 24.70
CA LYS A 29 -21.49 78.78 25.29
C LYS A 29 -22.81 78.58 24.60
N VAL A 30 -23.74 78.00 25.31
CA VAL A 30 -25.03 77.69 24.72
C VAL A 30 -26.09 78.64 25.22
N THR A 31 -27.07 78.86 24.40
CA THR A 31 -28.19 79.66 24.77
C THR A 31 -29.42 79.25 23.95
N CYS A 32 -30.60 79.26 24.57
CA CYS A 32 -31.83 78.94 23.86
C CYS A 32 -32.20 80.08 22.91
N GLN A 33 -31.44 80.21 21.86
CA GLN A 33 -31.68 81.24 20.86
C GLN A 33 -32.70 80.75 19.86
N ASN A 34 -33.07 79.50 19.98
CA ASN A 34 -34.04 78.89 19.10
C ASN A 34 -35.45 79.07 19.63
N GLY A 35 -35.56 79.39 20.91
CA GLY A 35 -36.87 79.54 21.51
C GLY A 35 -36.96 80.74 22.44
N CYS A 36 -36.62 80.53 23.70
CA CYS A 36 -36.74 81.58 24.70
C CYS A 36 -35.39 82.26 24.97
N GLY A 37 -34.86 81.99 26.14
CA GLY A 37 -33.59 82.53 26.52
C GLY A 37 -33.12 81.92 27.81
N TYR A 38 -32.13 81.07 27.75
CA TYR A 38 -31.59 80.43 28.93
C TYR A 38 -30.19 79.91 28.66
N VAL A 39 -29.35 79.95 29.66
CA VAL A 39 -27.99 79.48 29.55
C VAL A 39 -27.80 78.18 30.34
N PHE A 40 -27.56 77.10 29.62
CA PHE A 40 -27.34 75.80 30.23
C PHE A 40 -26.08 75.17 29.68
N CYS A 41 -25.82 73.93 30.05
CA CYS A 41 -24.60 73.26 29.60
C CYS A 41 -24.82 72.73 28.19
N ARG A 42 -23.77 72.24 27.57
CA ARG A 42 -23.90 71.72 26.22
C ARG A 42 -24.04 70.21 26.26
N ASN A 43 -23.65 69.61 27.37
CA ASN A 43 -23.73 68.18 27.51
C ASN A 43 -24.89 67.82 28.42
N CYS A 44 -25.16 68.71 29.36
CA CYS A 44 -26.22 68.48 30.31
C CYS A 44 -27.05 69.73 30.50
N LEU A 45 -28.04 69.63 31.35
CA LEU A 45 -28.93 70.74 31.61
C LEU A 45 -28.69 71.30 33.00
N GLN A 46 -27.43 71.23 33.45
CA GLN A 46 -27.07 71.71 34.79
C GLN A 46 -27.02 73.24 34.85
N GLY A 47 -27.39 73.89 33.76
CA GLY A 47 -27.45 75.33 33.76
C GLY A 47 -26.11 75.98 33.52
N TYR A 48 -25.24 75.30 32.75
CA TYR A 48 -23.91 75.81 32.40
C TYR A 48 -22.98 75.79 33.62
N HIS A 49 -21.80 75.20 33.45
CA HIS A 49 -20.87 75.08 34.58
C HIS A 49 -19.46 74.79 34.10
N ILE A 50 -18.55 74.70 35.05
CA ILE A 50 -17.16 74.37 34.79
C ILE A 50 -16.95 72.89 35.07
N GLY A 51 -16.02 72.28 34.35
CA GLY A 51 -15.73 70.89 34.59
C GLY A 51 -16.18 69.99 33.46
N GLU A 52 -16.25 68.72 33.74
CA GLU A 52 -16.63 67.72 32.75
C GLU A 52 -17.93 67.04 33.14
N CYS A 53 -18.69 66.62 32.14
CA CYS A 53 -19.93 65.91 32.38
C CYS A 53 -19.82 64.55 31.73
N LEU A 54 -19.88 64.53 30.43
CA LEU A 54 -19.67 63.34 29.63
C LEU A 54 -18.86 63.72 28.41
N PRO A 55 -17.54 63.64 28.52
CA PRO A 55 -16.63 64.06 27.46
C PRO A 55 -16.50 63.03 26.36
N GLU A 56 -16.91 61.83 26.68
CA GLU A 56 -16.85 60.69 25.74
C GLU A 56 -15.40 60.44 25.31
N GLY A 57 -14.49 60.79 26.20
CA GLY A 57 -13.08 60.66 25.96
C GLY A 57 -12.32 61.55 26.93
N THR A 58 -11.32 60.99 27.58
CA THR A 58 -10.59 61.74 28.59
C THR A 58 -9.12 61.89 28.22
N GLY A 59 -8.74 61.38 27.06
CA GLY A 59 -7.36 61.46 26.65
C GLY A 59 -6.53 60.32 27.20
N ALA A 60 -6.22 60.39 28.48
CA ALA A 60 -5.46 59.34 29.14
C ALA A 60 -6.30 58.07 29.26
N SER A 61 -5.85 57.01 28.64
CA SER A 61 -6.57 55.74 28.67
C SER A 61 -5.58 54.57 28.59
N ALA A 62 -5.48 53.82 29.67
CA ALA A 62 -4.58 52.68 29.73
C ALA A 62 -5.24 51.53 30.47
N THR A 63 -4.48 50.47 30.73
CA THR A 63 -5.00 49.32 31.43
C THR A 63 -4.16 48.99 32.65
N ASN A 64 -4.81 48.45 33.67
CA ASN A 64 -4.12 48.04 34.88
C ASN A 64 -4.56 46.63 35.25
N SER A 65 -3.97 45.67 34.59
CA SER A 65 -4.30 44.29 34.83
C SER A 65 -3.04 43.46 35.01
N CYS A 66 -2.99 42.71 36.09
CA CYS A 66 -1.85 41.88 36.38
C CYS A 66 -2.30 40.50 36.84
N GLU A 67 -2.46 39.59 35.91
CA GLU A 67 -2.90 38.25 36.21
C GLU A 67 -2.49 37.27 35.13
N TYR A 68 -1.85 36.20 35.55
CA TYR A 68 -1.38 35.15 34.66
C TYR A 68 -0.74 34.04 35.47
N THR A 69 -1.30 32.85 35.39
CA THR A 69 -0.79 31.73 36.15
C THR A 69 -0.91 30.43 35.35
N VAL A 70 0.17 29.68 35.31
CA VAL A 70 0.18 28.41 34.61
C VAL A 70 0.48 27.26 35.57
N ASP A 71 -0.56 26.52 35.93
CA ASP A 71 -0.40 25.37 36.79
C ASP A 71 -0.64 24.07 36.00
N PRO A 72 0.40 23.22 35.89
CA PRO A 72 0.33 21.95 35.15
C PRO A 72 -0.67 20.96 35.76
N ASN A 73 -1.34 20.21 34.91
CA ASN A 73 -2.34 19.24 35.36
C ASN A 73 -1.70 17.90 35.70
N ARG A 74 -1.37 17.12 34.68
CA ARG A 74 -0.82 15.78 34.88
C ARG A 74 -0.12 15.28 33.64
N ALA A 75 1.03 14.66 33.84
CA ALA A 75 1.81 14.09 32.75
C ALA A 75 2.71 13.00 33.28
N ALA A 76 2.29 11.75 33.15
CA ALA A 76 3.06 10.63 33.64
C ALA A 76 2.59 9.31 33.03
N GLU A 77 3.36 8.81 32.08
CA GLU A 77 3.09 7.52 31.46
C GLU A 77 4.34 7.03 30.72
N ALA A 78 4.64 5.75 30.87
CA ALA A 78 5.81 5.16 30.24
C ALA A 78 5.64 3.65 30.10
N ARG A 79 5.77 3.16 28.88
CA ARG A 79 5.67 1.74 28.60
C ARG A 79 7.01 1.20 28.16
N TRP A 80 7.13 -0.11 28.07
CA TRP A 80 8.35 -0.75 27.62
C TRP A 80 8.09 -2.18 27.20
N ASP A 81 8.80 -2.61 26.17
CA ASP A 81 8.68 -3.98 25.69
C ASP A 81 9.95 -4.38 24.98
N GLU A 82 10.58 -5.42 25.47
CA GLU A 82 11.83 -5.91 24.92
C GLU A 82 11.56 -6.96 23.86
N ALA A 83 10.38 -7.58 23.95
CA ALA A 83 9.98 -8.65 23.04
C ALA A 83 11.04 -9.74 23.00
N SER A 84 11.14 -10.48 24.10
CA SER A 84 12.11 -11.53 24.21
C SER A 84 11.65 -12.78 23.47
N ASN A 85 12.48 -13.28 22.57
CA ASN A 85 12.13 -14.45 21.80
C ASN A 85 13.38 -15.23 21.43
N VAL A 86 13.48 -16.44 21.95
CA VAL A 86 14.61 -17.30 21.68
C VAL A 86 14.17 -18.77 21.74
N THR A 87 14.81 -19.60 20.95
CA THR A 87 14.50 -21.02 20.93
C THR A 87 15.73 -21.82 20.49
N ILE A 88 15.64 -23.14 20.56
CA ILE A 88 16.73 -24.00 20.19
C ILE A 88 16.20 -25.42 19.93
N LYS A 89 16.81 -26.10 18.99
CA LYS A 89 16.42 -27.47 18.67
C LYS A 89 17.59 -28.25 18.10
N VAL A 90 17.80 -29.44 18.63
CA VAL A 90 18.82 -30.34 18.11
C VAL A 90 18.15 -31.64 17.71
N SER A 91 17.62 -31.67 16.51
CA SER A 91 16.93 -32.84 16.01
C SER A 91 17.94 -33.87 15.53
N THR A 92 18.98 -33.39 14.89
CA THR A 92 20.06 -34.23 14.43
C THR A 92 20.98 -34.59 15.57
N LYS A 93 21.93 -35.46 15.32
CA LYS A 93 22.89 -35.83 16.32
C LYS A 93 24.28 -35.40 15.87
N PRO A 94 24.92 -34.47 16.60
CA PRO A 94 26.26 -34.02 16.26
C PRO A 94 27.26 -35.16 16.32
N CYS A 95 27.95 -35.39 15.21
CA CYS A 95 28.93 -36.44 15.11
C CYS A 95 30.03 -36.28 16.15
N PRO A 96 30.43 -37.38 16.79
CA PRO A 96 31.51 -37.37 17.77
C PRO A 96 32.88 -37.22 17.09
N LYS A 97 32.88 -37.20 15.77
CA LYS A 97 34.11 -37.06 15.01
C LYS A 97 34.19 -35.70 14.33
N CYS A 98 33.34 -35.46 13.34
CA CYS A 98 33.37 -34.21 12.58
C CYS A 98 32.39 -33.18 13.11
N ARG A 99 31.62 -33.56 14.13
CA ARG A 99 30.67 -32.66 14.79
C ARG A 99 29.57 -32.19 13.81
N THR A 100 29.35 -32.96 12.76
CA THR A 100 28.35 -32.61 11.77
C THR A 100 26.96 -33.08 12.22
N PRO A 101 25.89 -32.53 11.66
CA PRO A 101 24.54 -32.92 12.01
C PRO A 101 24.12 -34.22 11.31
N THR A 102 24.32 -35.33 12.00
CA THR A 102 23.97 -36.62 11.46
C THR A 102 22.49 -36.90 11.68
N GLU A 103 21.79 -37.23 10.61
CA GLU A 103 20.38 -37.55 10.69
C GLU A 103 20.19 -39.06 10.56
N ARG A 104 19.13 -39.57 11.17
CA ARG A 104 18.86 -41.00 11.14
C ARG A 104 17.52 -41.30 10.49
N ASP A 105 17.40 -42.51 9.99
CA ASP A 105 16.16 -42.99 9.40
C ASP A 105 15.82 -44.32 10.03
N GLY A 106 14.54 -44.57 10.20
CA GLY A 106 14.10 -45.81 10.80
C GLY A 106 14.37 -45.84 12.29
N GLY A 107 14.76 -46.99 12.79
CA GLY A 107 15.01 -47.13 14.20
C GLY A 107 15.97 -48.26 14.53
N CYS A 108 17.23 -48.06 14.21
CA CYS A 108 18.26 -49.05 14.48
C CYS A 108 19.37 -48.43 15.33
N MET A 109 20.33 -49.24 15.74
CA MET A 109 21.43 -48.72 16.55
C MET A 109 22.65 -48.44 15.68
N HIS A 110 22.49 -48.70 14.39
CA HIS A 110 23.55 -48.46 13.43
C HIS A 110 23.60 -47.00 13.04
N MET A 111 24.51 -46.27 13.64
CA MET A 111 24.69 -44.87 13.33
C MET A 111 26.03 -44.66 12.66
N VAL A 112 26.00 -44.60 11.34
CA VAL A 112 27.21 -44.41 10.57
C VAL A 112 27.22 -43.02 9.96
N CYS A 113 28.15 -42.20 10.40
CA CYS A 113 28.25 -40.85 9.88
C CYS A 113 28.94 -40.86 8.54
N THR A 114 28.19 -40.56 7.51
CA THR A 114 28.74 -40.49 6.19
C THR A 114 29.14 -39.05 5.90
N ARG A 115 30.38 -38.73 6.21
CA ARG A 115 30.93 -37.42 6.01
C ARG A 115 32.29 -37.54 5.32
N ALA A 116 32.56 -36.67 4.37
CA ALA A 116 33.82 -36.70 3.66
C ALA A 116 34.98 -36.40 4.61
N GLY A 117 35.73 -37.43 4.94
CA GLY A 117 36.85 -37.28 5.84
C GLY A 117 36.52 -37.73 7.25
N CYS A 118 35.34 -38.33 7.42
CA CYS A 118 34.93 -38.84 8.72
C CYS A 118 35.06 -40.36 8.78
N GLY A 119 33.98 -41.04 8.40
CA GLY A 119 33.99 -42.49 8.43
C GLY A 119 34.08 -43.02 9.84
N PHE A 120 33.28 -42.46 10.72
CA PHE A 120 33.31 -42.83 12.11
C PHE A 120 32.00 -43.52 12.53
N GLU A 121 32.13 -44.66 13.18
CA GLU A 121 30.98 -45.40 13.66
C GLU A 121 30.77 -45.12 15.13
N TRP A 122 29.53 -44.98 15.53
CA TRP A 122 29.17 -44.72 16.92
C TRP A 122 27.80 -45.29 17.24
N CYS A 123 27.60 -45.69 18.49
CA CYS A 123 26.34 -46.28 18.89
C CYS A 123 25.23 -45.24 19.01
N TRP A 124 24.02 -45.69 18.76
CA TRP A 124 22.85 -44.83 18.85
C TRP A 124 22.46 -44.56 20.31
N VAL A 125 22.19 -45.62 21.05
CA VAL A 125 21.70 -45.50 22.42
C VAL A 125 22.75 -44.97 23.39
N CYS A 126 23.96 -45.50 23.33
CA CYS A 126 25.03 -45.02 24.17
C CYS A 126 25.99 -44.19 23.34
N GLN A 127 26.24 -42.96 23.76
CA GLN A 127 27.15 -42.13 23.01
C GLN A 127 28.55 -42.61 23.28
N THR A 128 29.15 -43.19 22.28
CA THR A 128 30.45 -43.77 22.39
C THR A 128 31.16 -43.77 21.05
N GLU A 129 32.38 -44.24 21.05
CA GLU A 129 33.14 -44.42 19.85
C GLU A 129 33.13 -45.90 19.49
N TRP A 130 33.35 -46.24 18.23
CA TRP A 130 33.37 -47.63 17.83
C TRP A 130 34.41 -48.42 18.65
N THR A 131 33.91 -49.26 19.55
CA THR A 131 34.75 -50.09 20.38
C THR A 131 34.38 -51.54 20.20
N ARG A 132 35.11 -52.43 20.83
CA ARG A 132 34.84 -53.86 20.71
C ARG A 132 33.77 -54.27 21.71
N ASP A 133 33.72 -53.59 22.85
CA ASP A 133 32.77 -53.93 23.90
C ASP A 133 31.34 -53.65 23.47
N CYS A 134 31.17 -52.68 22.57
CA CYS A 134 29.86 -52.40 21.99
C CYS A 134 29.69 -53.17 20.68
N MET A 135 30.81 -53.39 19.99
CA MET A 135 30.84 -54.12 18.72
C MET A 135 30.12 -55.46 18.83
N GLY A 136 30.49 -56.25 19.82
CA GLY A 136 29.88 -57.54 19.99
C GLY A 136 28.81 -57.54 21.05
N ALA A 137 28.28 -56.37 21.38
CA ALA A 137 27.27 -56.26 22.40
C ALA A 137 25.91 -55.87 21.82
N HIS A 138 25.81 -54.66 21.28
CA HIS A 138 24.52 -54.17 20.82
C HIS A 138 24.61 -53.42 19.50
N TRP A 139 25.70 -53.60 18.77
CA TRP A 139 25.86 -52.93 17.49
C TRP A 139 24.68 -53.25 16.57
N PHE A 140 24.23 -54.50 16.63
CA PHE A 140 23.05 -54.91 15.92
C PHE A 140 22.03 -55.43 16.92
N GLY A 141 21.08 -54.59 17.27
CA GLY A 141 20.07 -54.97 18.22
C GLY A 141 18.83 -55.49 17.55
N GLU A 1 -60.90 74.88 51.67
CA GLU A 1 -61.24 73.82 52.64
C GLU A 1 -60.51 72.54 52.29
N GLU A 2 -60.06 71.82 53.33
CA GLU A 2 -59.33 70.57 53.18
C GLU A 2 -58.03 70.76 52.41
N TYR A 3 -56.97 71.05 53.14
CA TYR A 3 -55.67 71.25 52.54
C TYR A 3 -54.65 70.30 53.13
N VAL A 4 -53.83 69.72 52.29
CA VAL A 4 -52.81 68.80 52.75
C VAL A 4 -51.54 69.55 53.11
N LEU A 5 -51.36 69.77 54.40
CA LEU A 5 -50.20 70.49 54.89
C LEU A 5 -49.21 69.54 55.55
N GLN A 6 -49.50 68.26 55.44
CA GLN A 6 -48.64 67.23 56.00
C GLN A 6 -47.63 66.76 54.97
N ALA A 7 -46.40 66.57 55.39
CA ALA A 7 -45.34 66.12 54.51
C ALA A 7 -44.24 65.45 55.30
N GLY A 8 -43.45 66.26 55.98
CA GLY A 8 -42.37 65.75 56.77
C GLY A 8 -42.06 66.65 57.94
N GLY A 9 -41.77 66.07 59.07
CA GLY A 9 -41.45 66.85 60.23
C GLY A 9 -40.39 66.19 61.08
N VAL A 10 -39.21 66.74 61.03
CA VAL A 10 -38.09 66.22 61.79
C VAL A 10 -37.76 67.14 62.95
N LEU A 11 -36.78 66.76 63.73
CA LEU A 11 -36.36 67.56 64.87
C LEU A 11 -34.86 67.67 64.90
N CYS A 12 -34.38 68.75 65.48
CA CYS A 12 -32.96 69.00 65.65
C CYS A 12 -32.29 67.80 66.32
N PRO A 13 -31.13 67.36 65.80
CA PRO A 13 -30.41 66.20 66.33
C PRO A 13 -29.96 66.38 67.79
N GLN A 14 -29.97 67.62 68.26
CA GLN A 14 -29.58 67.90 69.62
C GLN A 14 -30.79 67.78 70.56
N PRO A 15 -30.75 66.84 71.53
CA PRO A 15 -31.84 66.62 72.49
C PRO A 15 -32.16 67.87 73.30
N GLY A 16 -31.16 68.72 73.48
CA GLY A 16 -31.34 69.95 74.23
C GLY A 16 -32.17 70.98 73.48
N CYS A 17 -32.30 70.77 72.18
CA CYS A 17 -33.08 71.66 71.35
C CYS A 17 -34.53 71.23 71.36
N GLY A 18 -34.83 70.18 70.61
CA GLY A 18 -36.18 69.66 70.54
C GLY A 18 -37.19 70.66 70.06
N MET A 19 -36.76 71.60 69.23
CA MET A 19 -37.65 72.64 68.71
C MET A 19 -38.66 72.06 67.72
N GLY A 20 -38.21 71.79 66.52
CA GLY A 20 -39.08 71.26 65.49
C GLY A 20 -38.74 71.80 64.13
N LEU A 21 -38.45 70.91 63.21
CA LEU A 21 -38.08 71.29 61.85
C LEU A 21 -39.06 70.72 60.85
N LEU A 22 -39.55 71.56 59.97
CA LEU A 22 -40.51 71.14 58.97
C LEU A 22 -39.78 70.81 57.67
N VAL A 23 -40.06 69.65 57.12
CA VAL A 23 -39.46 69.23 55.86
C VAL A 23 -40.54 69.11 54.79
N GLU A 24 -40.57 70.07 53.92
CA GLU A 24 -41.49 70.06 52.81
C GLU A 24 -40.89 69.26 51.67
N PRO A 25 -41.70 68.69 50.79
CA PRO A 25 -41.21 67.88 49.68
C PRO A 25 -40.45 68.70 48.65
N ASP A 26 -40.51 70.02 48.79
CA ASP A 26 -39.85 70.92 47.86
C ASP A 26 -38.52 71.42 48.45
N CYS A 27 -38.32 71.22 49.75
CA CYS A 27 -37.09 71.65 50.41
C CYS A 27 -36.44 70.49 51.13
N ARG A 28 -35.14 70.38 51.00
CA ARG A 28 -34.42 69.32 51.68
C ARG A 28 -33.30 69.88 52.54
N LYS A 29 -33.29 71.20 52.71
CA LYS A 29 -32.26 71.83 53.50
C LYS A 29 -32.66 71.88 54.95
N VAL A 30 -32.27 70.86 55.65
CA VAL A 30 -32.54 70.75 57.06
C VAL A 30 -31.51 71.46 57.87
N THR A 31 -31.92 72.49 58.52
CA THR A 31 -31.04 73.20 59.38
C THR A 31 -31.83 73.90 60.48
N CYS A 32 -31.30 73.87 61.70
CA CYS A 32 -31.93 74.54 62.82
C CYS A 32 -31.67 76.05 62.70
N GLN A 33 -32.26 76.66 61.69
CA GLN A 33 -32.08 78.08 61.42
C GLN A 33 -32.70 78.93 62.53
N ASN A 34 -33.58 78.32 63.32
CA ASN A 34 -34.26 79.03 64.39
C ASN A 34 -33.64 78.69 65.74
N GLY A 35 -32.48 78.05 65.70
CA GLY A 35 -31.80 77.70 66.93
C GLY A 35 -30.37 77.28 66.69
N CYS A 36 -30.02 76.11 67.16
CA CYS A 36 -28.69 75.57 67.00
C CYS A 36 -28.55 74.90 65.65
N GLY A 37 -28.12 75.66 64.67
CA GLY A 37 -28.03 75.15 63.32
C GLY A 37 -26.95 74.12 63.17
N TYR A 38 -27.37 72.89 63.01
CA TYR A 38 -26.46 71.79 62.82
C TYR A 38 -26.64 71.22 61.42
N VAL A 39 -25.55 70.80 60.82
CA VAL A 39 -25.61 70.21 59.49
C VAL A 39 -25.97 68.72 59.56
N PHE A 40 -27.22 68.43 59.27
CA PHE A 40 -27.70 67.06 59.25
C PHE A 40 -28.50 66.82 58.01
N CYS A 41 -28.90 65.59 57.76
CA CYS A 41 -29.65 65.27 56.56
C CYS A 41 -31.12 65.26 56.87
N ARG A 42 -31.93 65.07 55.86
CA ARG A 42 -33.36 65.14 56.02
C ARG A 42 -33.93 63.86 56.66
N ASN A 43 -33.49 62.71 56.19
CA ASN A 43 -33.99 61.45 56.70
C ASN A 43 -32.96 60.77 57.59
N CYS A 44 -31.75 61.31 57.58
CA CYS A 44 -30.70 60.76 58.38
C CYS A 44 -29.86 61.85 59.01
N LEU A 45 -28.91 61.46 59.80
CA LEU A 45 -28.05 62.41 60.48
C LEU A 45 -26.62 62.27 59.99
N GLN A 46 -26.47 61.93 58.71
CA GLN A 46 -25.15 61.73 58.12
C GLN A 46 -24.37 63.05 57.91
N GLY A 47 -25.00 64.16 58.24
CA GLY A 47 -24.34 65.44 58.08
C GLY A 47 -24.72 66.13 56.79
N TYR A 48 -25.92 65.82 56.30
CA TYR A 48 -26.45 66.40 55.06
C TYR A 48 -25.65 65.95 53.85
N HIS A 49 -26.20 65.02 53.10
CA HIS A 49 -25.53 64.52 51.90
C HIS A 49 -26.37 64.82 50.67
N ILE A 50 -25.76 64.76 49.52
CA ILE A 50 -26.47 65.00 48.28
C ILE A 50 -26.99 63.69 47.73
N GLY A 51 -28.30 63.62 47.56
CA GLY A 51 -28.92 62.42 47.06
C GLY A 51 -30.12 62.04 47.89
N GLU A 52 -30.29 60.74 48.13
CA GLU A 52 -31.41 60.25 48.92
C GLU A 52 -30.93 59.25 49.96
N CYS A 53 -31.62 59.21 51.09
CA CYS A 53 -31.26 58.30 52.16
C CYS A 53 -31.98 56.97 51.97
N LEU A 54 -33.23 57.08 51.56
CA LEU A 54 -34.07 55.92 51.32
C LEU A 54 -33.70 55.20 50.03
N PRO A 55 -33.44 53.89 50.12
CA PRO A 55 -33.14 53.06 48.98
C PRO A 55 -34.42 52.45 48.39
N GLU A 56 -34.26 51.48 47.49
CA GLU A 56 -35.41 50.81 46.89
C GLU A 56 -36.06 49.84 47.87
N GLY A 57 -35.26 49.32 48.79
CA GLY A 57 -35.74 48.38 49.76
C GLY A 57 -34.63 47.49 50.24
N THR A 58 -34.89 46.19 50.31
CA THR A 58 -33.89 45.23 50.74
C THR A 58 -33.89 44.02 49.80
N GLY A 59 -32.77 43.30 49.77
CA GLY A 59 -32.67 42.15 48.91
C GLY A 59 -31.60 41.18 49.37
N ALA A 60 -31.82 40.60 50.55
CA ALA A 60 -30.89 39.66 51.10
C ALA A 60 -31.39 38.23 50.91
N SER A 61 -30.67 37.44 50.15
CA SER A 61 -31.04 36.08 49.90
C SER A 61 -29.80 35.19 49.79
N ALA A 62 -29.61 34.33 50.77
CA ALA A 62 -28.49 33.41 50.79
C ALA A 62 -28.61 32.37 49.69
N THR A 63 -27.69 32.43 48.73
CA THR A 63 -27.69 31.52 47.61
C THR A 63 -26.36 30.78 47.50
N ASN A 64 -26.41 29.46 47.50
CA ASN A 64 -25.23 28.63 47.37
C ASN A 64 -25.58 27.37 46.60
N SER A 65 -24.58 26.71 46.04
CA SER A 65 -24.82 25.52 45.26
C SER A 65 -23.80 24.43 45.59
N CYS A 66 -24.29 23.21 45.75
CA CYS A 66 -23.43 22.07 46.02
C CYS A 66 -22.94 21.47 44.71
N GLU A 67 -21.97 20.56 44.81
CA GLU A 67 -21.36 19.92 43.65
C GLU A 67 -20.46 20.90 42.90
N TYR A 68 -19.45 20.38 42.24
CA TYR A 68 -18.50 21.20 41.53
C TYR A 68 -17.99 20.49 40.29
N THR A 69 -17.50 19.27 40.47
CA THR A 69 -16.98 18.45 39.40
C THR A 69 -16.32 17.19 39.97
N VAL A 70 -16.36 16.12 39.21
CA VAL A 70 -15.74 14.88 39.62
C VAL A 70 -14.82 14.36 38.53
N ASP A 71 -13.71 13.78 38.92
CA ASP A 71 -12.76 13.24 37.97
C ASP A 71 -13.13 11.82 37.59
N PRO A 72 -12.92 11.45 36.32
CA PRO A 72 -13.27 10.13 35.82
C PRO A 72 -12.38 9.01 36.36
N ASN A 73 -13.02 8.03 36.99
CA ASN A 73 -12.32 6.87 37.51
C ASN A 73 -12.58 5.69 36.59
N ARG A 74 -11.52 5.05 36.14
CA ARG A 74 -11.64 3.94 35.22
C ARG A 74 -10.77 2.78 35.64
N ALA A 75 -11.01 1.63 35.04
CA ALA A 75 -10.22 0.46 35.32
C ALA A 75 -9.39 0.08 34.10
N ALA A 76 -8.14 -0.22 34.32
CA ALA A 76 -7.26 -0.61 33.24
C ALA A 76 -6.86 -2.07 33.40
N GLU A 77 -6.36 -2.66 32.34
CA GLU A 77 -5.99 -4.06 32.36
C GLU A 77 -4.71 -4.29 31.59
N ALA A 78 -3.87 -5.15 32.11
CA ALA A 78 -2.60 -5.48 31.48
C ALA A 78 -2.23 -6.93 31.77
N ARG A 79 -2.24 -7.76 30.75
CA ARG A 79 -1.90 -9.17 30.91
C ARG A 79 -0.39 -9.37 30.85
N TRP A 80 0.07 -10.45 31.44
CA TRP A 80 1.49 -10.74 31.48
C TRP A 80 1.91 -11.62 30.30
N ASP A 81 1.03 -12.54 29.91
CA ASP A 81 1.33 -13.45 28.80
C ASP A 81 1.51 -12.68 27.49
N GLU A 82 2.75 -12.44 27.14
CA GLU A 82 3.07 -11.72 25.91
C GLU A 82 3.62 -12.66 24.85
N ALA A 83 4.36 -13.66 25.28
CA ALA A 83 4.96 -14.60 24.36
C ALA A 83 4.89 -16.01 24.91
N SER A 84 5.25 -16.98 24.08
CA SER A 84 5.26 -18.37 24.49
C SER A 84 6.69 -18.89 24.57
N ASN A 85 7.59 -18.29 23.78
CA ASN A 85 9.04 -18.65 23.71
C ASN A 85 9.26 -20.16 23.66
N VAL A 86 8.51 -20.84 22.80
CA VAL A 86 8.64 -22.28 22.63
C VAL A 86 10.02 -22.64 22.13
N THR A 87 10.74 -23.45 22.89
CA THR A 87 12.08 -23.85 22.51
C THR A 87 12.04 -25.10 21.63
N ILE A 88 12.76 -25.05 20.51
CA ILE A 88 12.80 -26.17 19.59
C ILE A 88 14.02 -27.05 19.87
N LYS A 89 13.85 -28.35 19.80
CA LYS A 89 14.93 -29.29 20.05
C LYS A 89 15.68 -29.59 18.76
N VAL A 90 16.95 -29.97 18.89
CA VAL A 90 17.77 -30.28 17.75
C VAL A 90 17.38 -31.65 17.15
N SER A 91 17.34 -31.75 15.84
CA SER A 91 16.96 -32.98 15.17
C SER A 91 18.18 -33.80 14.76
N THR A 92 19.35 -33.20 14.84
CA THR A 92 20.58 -33.89 14.49
C THR A 92 21.42 -34.15 15.72
N LYS A 93 22.47 -34.93 15.55
CA LYS A 93 23.39 -35.20 16.62
C LYS A 93 24.80 -34.99 16.12
N PRO A 94 25.59 -34.14 16.80
CA PRO A 94 26.95 -33.82 16.39
C PRO A 94 27.89 -35.02 16.39
N CYS A 95 28.70 -35.13 15.34
CA CYS A 95 29.66 -36.20 15.20
C CYS A 95 30.71 -36.12 16.31
N PRO A 96 31.14 -37.28 16.84
CA PRO A 96 32.18 -37.34 17.86
C PRO A 96 33.57 -37.07 17.26
N LYS A 97 33.63 -36.87 15.95
CA LYS A 97 34.89 -36.61 15.27
C LYS A 97 34.90 -35.22 14.61
N CYS A 98 34.11 -35.05 13.55
CA CYS A 98 34.08 -33.78 12.82
C CYS A 98 33.08 -32.81 13.45
N ARG A 99 32.26 -33.32 14.37
CA ARG A 99 31.28 -32.51 15.10
C ARG A 99 30.18 -31.98 14.19
N THR A 100 29.99 -32.62 13.06
CA THR A 100 28.97 -32.21 12.12
C THR A 100 27.61 -32.76 12.54
N PRO A 101 26.52 -32.05 12.22
CA PRO A 101 25.18 -32.50 12.57
C PRO A 101 24.76 -33.74 11.77
N THR A 102 24.86 -34.88 12.40
CA THR A 102 24.52 -36.13 11.78
C THR A 102 23.02 -36.34 11.82
N GLU A 103 22.43 -36.57 10.67
CA GLU A 103 21.01 -36.79 10.57
C GLU A 103 20.69 -38.24 10.90
N ARG A 104 19.66 -38.42 11.71
CA ARG A 104 19.29 -39.74 12.19
C ARG A 104 18.28 -40.39 11.27
N ASP A 105 18.39 -41.68 11.11
CA ASP A 105 17.49 -42.45 10.28
C ASP A 105 17.31 -43.84 10.89
N GLY A 106 16.24 -44.53 10.51
CA GLY A 106 15.97 -45.85 11.04
C GLY A 106 17.00 -46.88 10.59
N GLY A 107 17.25 -47.86 11.44
CA GLY A 107 18.20 -48.90 11.13
C GLY A 107 18.34 -49.90 12.24
N CYS A 108 19.48 -50.55 12.31
CA CYS A 108 19.74 -51.57 13.33
C CYS A 108 20.74 -51.04 14.35
N MET A 109 20.47 -49.82 14.85
CA MET A 109 21.30 -49.11 15.85
C MET A 109 22.74 -48.89 15.39
N HIS A 110 23.00 -49.14 14.12
CA HIS A 110 24.31 -48.91 13.57
C HIS A 110 24.31 -47.52 12.94
N MET A 111 24.76 -46.54 13.71
CA MET A 111 24.79 -45.19 13.25
C MET A 111 26.21 -44.75 12.98
N VAL A 112 26.43 -44.20 11.81
CA VAL A 112 27.73 -43.70 11.45
C VAL A 112 27.60 -42.30 10.91
N CYS A 113 28.63 -41.51 11.11
CA CYS A 113 28.62 -40.15 10.62
C CYS A 113 28.69 -40.13 9.12
N THR A 114 27.61 -39.70 8.48
CA THR A 114 27.62 -39.60 7.07
C THR A 114 28.25 -38.27 6.66
N ARG A 115 29.55 -38.30 6.54
CA ARG A 115 30.32 -37.17 6.11
C ARG A 115 31.29 -37.67 5.05
N ALA A 116 31.33 -37.04 3.90
CA ALA A 116 32.26 -37.45 2.85
C ALA A 116 33.71 -37.25 3.30
N GLY A 117 34.29 -38.28 3.89
CA GLY A 117 35.65 -38.18 4.37
C GLY A 117 35.77 -38.54 5.85
N CYS A 118 34.64 -38.65 6.54
CA CYS A 118 34.65 -39.00 7.96
C CYS A 118 34.38 -40.49 8.14
N GLY A 119 33.11 -40.87 8.01
CA GLY A 119 32.73 -42.28 8.15
C GLY A 119 32.96 -42.79 9.55
N PHE A 120 32.82 -41.90 10.51
CA PHE A 120 33.05 -42.23 11.91
C PHE A 120 31.91 -43.07 12.47
N GLU A 121 32.22 -44.26 12.93
CA GLU A 121 31.22 -45.15 13.50
C GLU A 121 31.13 -44.95 15.01
N TRP A 122 29.91 -44.94 15.52
CA TRP A 122 29.65 -44.76 16.94
C TRP A 122 28.30 -45.37 17.31
N CYS A 123 28.10 -45.65 18.59
CA CYS A 123 26.86 -46.28 19.03
C CYS A 123 25.67 -45.35 18.92
N TRP A 124 24.57 -45.90 18.45
CA TRP A 124 23.34 -45.15 18.31
C TRP A 124 22.65 -44.92 19.65
N VAL A 125 22.64 -45.94 20.50
CA VAL A 125 21.96 -45.83 21.77
C VAL A 125 22.79 -45.02 22.77
N CYS A 126 23.95 -45.53 23.12
CA CYS A 126 24.87 -44.79 23.98
C CYS A 126 25.97 -44.20 23.12
N GLN A 127 25.81 -42.95 22.74
CA GLN A 127 26.70 -42.35 21.75
C GLN A 127 28.08 -42.03 22.32
N THR A 128 29.01 -42.81 21.86
CA THR A 128 30.39 -42.65 22.17
C THR A 128 31.17 -43.39 21.09
N GLU A 129 32.48 -43.29 21.07
CA GLU A 129 33.22 -44.01 20.07
C GLU A 129 33.30 -45.48 20.47
N TRP A 130 32.63 -46.32 19.71
CA TRP A 130 32.61 -47.75 19.94
C TRP A 130 32.26 -48.50 18.69
N THR A 131 32.84 -49.66 18.51
CA THR A 131 32.56 -50.49 17.37
C THR A 131 32.35 -51.95 17.79
N ARG A 132 33.44 -52.60 18.16
CA ARG A 132 33.41 -54.01 18.54
C ARG A 132 33.03 -54.20 20.01
N ASP A 133 33.37 -53.24 20.84
CA ASP A 133 33.08 -53.33 22.28
C ASP A 133 31.58 -53.33 22.53
N CYS A 134 30.91 -52.34 21.98
CA CYS A 134 29.48 -52.21 22.17
C CYS A 134 28.76 -53.19 21.24
N MET A 135 29.52 -53.79 20.31
CA MET A 135 28.98 -54.74 19.35
C MET A 135 28.33 -55.92 20.07
N GLY A 136 29.09 -56.53 20.98
CA GLY A 136 28.58 -57.66 21.71
C GLY A 136 27.78 -57.24 22.93
N ALA A 137 27.85 -55.95 23.26
CA ALA A 137 27.13 -55.43 24.41
C ALA A 137 25.62 -55.40 24.14
N HIS A 138 25.22 -54.61 23.14
CA HIS A 138 23.81 -54.52 22.78
C HIS A 138 23.61 -54.27 21.30
N TRP A 139 24.70 -53.93 20.59
CA TRP A 139 24.65 -53.64 19.15
C TRP A 139 24.02 -54.81 18.39
N PHE A 140 24.41 -56.01 18.79
CA PHE A 140 23.88 -57.22 18.21
C PHE A 140 22.43 -57.41 18.62
N GLY A 141 21.52 -57.00 17.76
CA GLY A 141 20.11 -57.10 18.04
C GLY A 141 19.55 -58.43 17.60
N GLU A 1 -97.23 11.17 79.55
CA GLU A 1 -95.93 11.84 79.39
C GLU A 1 -95.53 11.83 77.93
N GLU A 2 -95.10 12.97 77.43
CA GLU A 2 -94.71 13.10 76.05
C GLU A 2 -93.21 12.94 75.89
N TYR A 3 -92.80 11.81 75.39
CA TYR A 3 -91.40 11.54 75.14
C TYR A 3 -91.12 11.44 73.65
N VAL A 4 -90.13 12.18 73.19
CA VAL A 4 -89.75 12.19 71.79
C VAL A 4 -88.61 11.22 71.53
N LEU A 5 -87.58 11.31 72.40
CA LEU A 5 -86.36 10.46 72.38
C LEU A 5 -85.72 10.30 70.99
N GLN A 6 -86.07 11.15 70.06
CA GLN A 6 -85.55 11.05 68.72
C GLN A 6 -84.31 11.94 68.57
N ALA A 7 -83.35 11.46 67.81
CA ALA A 7 -82.13 12.20 67.57
C ALA A 7 -82.10 12.76 66.15
N GLY A 8 -80.97 13.31 65.75
CA GLY A 8 -80.85 13.86 64.42
C GLY A 8 -80.02 15.12 64.42
N GLY A 9 -78.78 15.00 64.83
CA GLY A 9 -77.92 16.14 64.90
C GLY A 9 -76.60 15.92 64.21
N VAL A 10 -75.94 17.01 63.91
CA VAL A 10 -74.64 16.99 63.26
C VAL A 10 -73.64 17.73 64.16
N LEU A 11 -72.40 17.79 63.78
CA LEU A 11 -71.40 18.44 64.59
C LEU A 11 -70.80 19.63 63.88
N CYS A 12 -70.38 20.61 64.65
CA CYS A 12 -69.74 21.80 64.12
C CYS A 12 -68.37 21.44 63.55
N PRO A 13 -67.95 22.11 62.48
CA PRO A 13 -66.64 21.87 61.85
C PRO A 13 -65.48 22.22 62.78
N GLN A 14 -65.78 22.94 63.85
CA GLN A 14 -64.77 23.33 64.81
C GLN A 14 -64.59 22.21 65.86
N PRO A 15 -63.39 21.63 65.95
CA PRO A 15 -63.09 20.53 66.89
C PRO A 15 -63.34 20.89 68.36
N GLY A 16 -63.17 22.15 68.70
CA GLY A 16 -63.36 22.58 70.08
C GLY A 16 -64.81 22.84 70.44
N CYS A 17 -65.67 22.83 69.43
CA CYS A 17 -67.09 23.08 69.65
C CYS A 17 -67.75 21.85 70.27
N GLY A 18 -68.10 20.88 69.44
CA GLY A 18 -68.70 19.64 69.91
C GLY A 18 -70.01 19.85 70.65
N MET A 19 -70.66 20.98 70.40
CA MET A 19 -71.93 21.27 71.08
C MET A 19 -73.05 20.42 70.52
N GLY A 20 -73.06 20.27 69.22
CA GLY A 20 -74.09 19.51 68.57
C GLY A 20 -75.07 20.39 67.85
N LEU A 21 -75.09 20.27 66.54
CA LEU A 21 -75.95 21.06 65.71
C LEU A 21 -77.20 20.29 65.32
N LEU A 22 -78.30 20.98 65.22
CA LEU A 22 -79.57 20.36 64.87
C LEU A 22 -79.72 20.31 63.35
N VAL A 23 -79.82 19.11 62.80
CA VAL A 23 -79.93 18.96 61.36
C VAL A 23 -81.21 18.21 60.95
N GLU A 24 -82.31 18.91 60.98
CA GLU A 24 -83.59 18.37 60.53
C GLU A 24 -83.85 18.82 59.11
N PRO A 25 -84.65 18.07 58.33
CA PRO A 25 -85.01 18.45 56.96
C PRO A 25 -85.81 19.76 56.94
N ASP A 26 -86.29 20.14 58.11
CA ASP A 26 -87.05 21.38 58.30
C ASP A 26 -86.10 22.55 58.53
N CYS A 27 -84.81 22.24 58.56
CA CYS A 27 -83.80 23.25 58.75
C CYS A 27 -83.00 23.42 57.47
N ARG A 28 -83.10 24.60 56.88
CA ARG A 28 -82.41 24.91 55.63
C ARG A 28 -81.22 25.82 55.87
N LYS A 29 -80.99 26.16 57.13
CA LYS A 29 -79.88 27.03 57.49
C LYS A 29 -79.15 26.52 58.72
N VAL A 30 -78.07 25.80 58.49
CA VAL A 30 -77.27 25.27 59.57
C VAL A 30 -76.15 26.25 59.94
N THR A 31 -76.16 26.69 61.17
CA THR A 31 -75.19 27.63 61.66
C THR A 31 -75.00 27.44 63.16
N CYS A 32 -73.76 27.61 63.64
CA CYS A 32 -73.47 27.47 65.06
C CYS A 32 -73.95 28.71 65.81
N GLN A 33 -75.24 28.88 65.85
CA GLN A 33 -75.86 30.04 66.47
C GLN A 33 -75.76 29.97 67.99
N ASN A 34 -75.26 28.86 68.50
CA ASN A 34 -75.11 28.68 69.94
C ASN A 34 -73.63 28.77 70.34
N GLY A 35 -72.75 28.72 69.35
CA GLY A 35 -71.33 28.76 69.62
C GLY A 35 -70.58 29.52 68.55
N CYS A 36 -69.58 28.86 67.96
CA CYS A 36 -68.78 29.45 66.90
C CYS A 36 -69.58 29.51 65.59
N GLY A 37 -70.33 30.58 65.43
CA GLY A 37 -71.26 30.69 64.33
C GLY A 37 -70.62 30.80 62.98
N TYR A 38 -70.76 29.74 62.23
CA TYR A 38 -70.28 29.64 60.88
C TYR A 38 -71.23 28.73 60.12
N VAL A 39 -71.61 29.13 58.93
CA VAL A 39 -72.50 28.32 58.12
C VAL A 39 -71.69 27.27 57.36
N PHE A 40 -72.15 26.03 57.39
CA PHE A 40 -71.43 24.96 56.71
C PHE A 40 -72.40 24.03 56.08
N CYS A 41 -71.94 23.17 55.22
CA CYS A 41 -72.84 22.26 54.55
C CYS A 41 -73.17 21.10 55.47
N ARG A 42 -74.25 20.43 55.19
CA ARG A 42 -74.63 19.31 56.01
C ARG A 42 -74.06 18.01 55.44
N ASN A 43 -73.59 18.08 54.21
CA ASN A 43 -72.97 16.93 53.57
C ASN A 43 -71.47 17.10 53.55
N CYS A 44 -71.05 18.36 53.48
CA CYS A 44 -69.63 18.69 53.46
C CYS A 44 -69.38 19.93 54.29
N LEU A 45 -68.23 20.53 54.15
CA LEU A 45 -67.89 21.71 54.90
C LEU A 45 -67.67 22.90 53.97
N GLN A 46 -68.30 22.85 52.80
CA GLN A 46 -68.13 23.89 51.78
C GLN A 46 -68.90 25.19 52.09
N GLY A 47 -69.24 25.40 53.36
CA GLY A 47 -69.92 26.64 53.74
C GLY A 47 -71.41 26.64 53.41
N TYR A 48 -71.94 25.44 53.15
CA TYR A 48 -73.35 25.24 52.82
C TYR A 48 -73.71 25.84 51.46
N HIS A 49 -74.04 24.98 50.53
CA HIS A 49 -74.34 25.39 49.17
C HIS A 49 -75.50 24.59 48.61
N ILE A 50 -75.38 23.29 48.67
CA ILE A 50 -76.41 22.38 48.22
C ILE A 50 -76.75 21.43 49.36
N GLY A 51 -78.01 21.03 49.46
CA GLY A 51 -78.44 20.15 50.53
C GLY A 51 -77.82 18.77 50.47
N GLU A 52 -77.41 18.37 49.28
CA GLU A 52 -76.81 17.06 49.06
C GLU A 52 -75.58 17.18 48.17
N CYS A 53 -74.50 16.51 48.56
CA CYS A 53 -73.24 16.59 47.83
C CYS A 53 -72.58 15.22 47.72
N LEU A 54 -71.46 15.18 47.02
CA LEU A 54 -70.71 13.97 46.85
C LEU A 54 -69.22 14.28 46.90
N PRO A 55 -68.48 13.55 47.75
CA PRO A 55 -67.02 13.71 47.86
C PRO A 55 -66.30 13.37 46.56
N GLU A 56 -65.06 13.75 46.49
CA GLU A 56 -64.26 13.52 45.30
C GLU A 56 -62.91 12.93 45.68
N GLY A 57 -62.68 11.71 45.25
CA GLY A 57 -61.42 11.04 45.50
C GLY A 57 -61.13 10.03 44.42
N THR A 58 -61.29 10.46 43.18
CA THR A 58 -61.09 9.58 42.04
C THR A 58 -60.29 10.27 40.93
N GLY A 59 -60.08 9.58 39.82
CA GLY A 59 -59.37 10.16 38.70
C GLY A 59 -57.94 9.68 38.59
N ALA A 60 -57.77 8.43 38.17
CA ALA A 60 -56.45 7.84 38.03
C ALA A 60 -56.41 6.88 36.84
N SER A 61 -55.64 7.23 35.83
CA SER A 61 -55.49 6.40 34.64
C SER A 61 -54.14 6.65 33.96
N ALA A 62 -53.60 5.62 33.35
CA ALA A 62 -52.31 5.73 32.68
C ALA A 62 -52.29 4.91 31.39
N THR A 63 -51.30 5.16 30.55
CA THR A 63 -51.16 4.44 29.30
C THR A 63 -49.71 4.48 28.79
N ASN A 64 -49.08 3.33 28.76
CA ASN A 64 -47.71 3.22 28.29
C ASN A 64 -47.66 2.43 26.99
N SER A 65 -46.76 2.82 26.11
CA SER A 65 -46.60 2.14 24.83
C SER A 65 -45.20 2.37 24.26
N CYS A 66 -44.56 1.29 23.86
CA CYS A 66 -43.25 1.35 23.26
C CYS A 66 -42.98 0.05 22.51
N GLU A 67 -43.09 0.11 21.20
CA GLU A 67 -42.89 -1.07 20.38
C GLU A 67 -42.05 -0.74 19.14
N TYR A 68 -40.87 -1.32 19.07
CA TYR A 68 -39.97 -1.11 17.96
C TYR A 68 -38.93 -2.23 17.91
N THR A 69 -38.47 -2.56 16.72
CA THR A 69 -37.44 -3.55 16.56
C THR A 69 -36.43 -3.12 15.49
N VAL A 70 -35.28 -2.66 15.93
CA VAL A 70 -34.24 -2.25 15.01
C VAL A 70 -33.37 -3.44 14.67
N ASP A 71 -33.44 -3.88 13.44
CA ASP A 71 -32.70 -5.05 13.00
C ASP A 71 -31.48 -4.67 12.18
N PRO A 72 -30.28 -4.79 12.76
CA PRO A 72 -29.02 -4.52 12.05
C PRO A 72 -28.75 -5.59 11.01
N ASN A 73 -28.25 -5.19 9.85
CA ASN A 73 -27.96 -6.12 8.77
C ASN A 73 -26.59 -5.87 8.18
N ARG A 74 -25.76 -6.88 8.20
CA ARG A 74 -24.42 -6.78 7.63
C ARG A 74 -23.89 -8.16 7.26
N ALA A 75 -22.88 -8.19 6.40
CA ALA A 75 -22.28 -9.44 5.95
C ALA A 75 -20.86 -9.21 5.48
N ALA A 76 -19.90 -9.40 6.39
CA ALA A 76 -18.50 -9.20 6.08
C ALA A 76 -17.62 -9.84 7.14
N GLU A 77 -16.74 -10.72 6.72
CA GLU A 77 -15.83 -11.39 7.65
C GLU A 77 -14.49 -11.69 6.99
N ALA A 78 -13.44 -11.76 7.82
CA ALA A 78 -12.10 -12.06 7.35
C ALA A 78 -11.19 -12.37 8.54
N ARG A 79 -10.12 -13.11 8.27
CA ARG A 79 -9.14 -13.46 9.30
C ARG A 79 -7.85 -13.96 8.65
N TRP A 80 -6.71 -13.55 9.19
CA TRP A 80 -5.44 -13.97 8.65
C TRP A 80 -4.29 -13.69 9.61
N ASP A 81 -3.26 -14.49 9.52
CA ASP A 81 -2.08 -14.32 10.34
C ASP A 81 -0.84 -14.70 9.54
N GLU A 82 0.17 -13.87 9.64
CA GLU A 82 1.43 -14.09 8.93
C GLU A 82 2.53 -14.55 9.89
N ALA A 83 2.16 -14.75 11.14
CA ALA A 83 3.11 -15.13 12.16
C ALA A 83 3.72 -16.51 11.89
N SER A 84 5.01 -16.54 11.64
CA SER A 84 5.72 -17.77 11.39
C SER A 84 7.01 -17.80 12.21
N ASN A 85 7.10 -18.73 13.12
CA ASN A 85 8.27 -18.84 13.97
C ASN A 85 8.75 -20.28 14.06
N VAL A 86 10.03 -20.48 13.84
CA VAL A 86 10.62 -21.80 13.89
C VAL A 86 11.47 -21.95 15.14
N THR A 87 11.33 -23.05 15.82
CA THR A 87 12.11 -23.30 17.00
C THR A 87 13.34 -24.16 16.66
N ILE A 88 14.39 -24.02 17.44
CA ILE A 88 15.61 -24.76 17.19
C ILE A 88 15.77 -25.88 18.21
N LYS A 89 15.78 -27.10 17.72
CA LYS A 89 15.96 -28.26 18.56
C LYS A 89 17.07 -29.14 18.01
N VAL A 90 17.59 -30.01 18.83
CA VAL A 90 18.64 -30.90 18.40
C VAL A 90 18.07 -32.27 18.05
N SER A 91 17.73 -32.45 16.79
CA SER A 91 17.17 -33.70 16.31
C SER A 91 18.26 -34.61 15.79
N THR A 92 19.42 -34.04 15.55
CA THR A 92 20.56 -34.75 15.07
C THR A 92 21.55 -35.01 16.20
N LYS A 93 22.45 -35.93 15.98
CA LYS A 93 23.49 -36.20 16.94
C LYS A 93 24.83 -35.85 16.31
N PRO A 94 25.56 -34.90 16.89
CA PRO A 94 26.84 -34.46 16.35
C PRO A 94 27.89 -35.57 16.38
N CYS A 95 28.60 -35.72 15.26
CA CYS A 95 29.66 -36.70 15.13
C CYS A 95 30.77 -36.44 16.15
N PRO A 96 31.33 -37.49 16.74
CA PRO A 96 32.43 -37.35 17.69
C PRO A 96 33.72 -36.90 17.00
N LYS A 97 33.72 -36.93 15.68
CA LYS A 97 34.89 -36.55 14.91
C LYS A 97 34.75 -35.14 14.31
N CYS A 98 33.84 -35.00 13.36
CA CYS A 98 33.66 -33.72 12.67
C CYS A 98 32.54 -32.87 13.26
N ARG A 99 31.86 -33.40 14.28
CA ARG A 99 30.79 -32.69 14.98
C ARG A 99 29.61 -32.37 14.03
N THR A 100 29.50 -33.13 12.97
CA THR A 100 28.44 -32.91 12.01
C THR A 100 27.13 -33.49 12.52
N PRO A 101 26.00 -32.80 12.26
CA PRO A 101 24.69 -33.25 12.68
C PRO A 101 24.29 -34.52 11.93
N THR A 102 24.40 -35.64 12.60
CA THR A 102 24.08 -36.92 12.00
C THR A 102 22.76 -37.45 12.54
N GLU A 103 21.85 -37.82 11.65
CA GLU A 103 20.58 -38.37 12.07
C GLU A 103 20.41 -39.79 11.56
N ARG A 104 19.38 -40.45 12.02
CA ARG A 104 19.13 -41.84 11.69
C ARG A 104 18.04 -41.96 10.64
N ASP A 105 18.00 -43.11 10.01
CA ASP A 105 16.93 -43.44 9.10
C ASP A 105 16.15 -44.60 9.68
N GLY A 106 14.91 -44.35 10.03
CA GLY A 106 14.11 -45.36 10.67
C GLY A 106 14.56 -45.62 12.09
N GLY A 107 15.03 -46.82 12.35
CA GLY A 107 15.49 -47.18 13.67
C GLY A 107 16.76 -48.00 13.63
N CYS A 108 17.64 -47.64 12.71
CA CYS A 108 18.90 -48.35 12.55
C CYS A 108 19.85 -48.06 13.70
N MET A 109 20.60 -49.07 14.12
CA MET A 109 21.56 -48.93 15.20
C MET A 109 22.95 -48.63 14.66
N HIS A 110 23.17 -48.98 13.40
CA HIS A 110 24.42 -48.64 12.74
C HIS A 110 24.45 -47.18 12.39
N MET A 111 25.05 -46.40 13.24
CA MET A 111 25.14 -45.01 13.04
C MET A 111 26.54 -44.65 12.60
N VAL A 112 26.71 -44.51 11.31
CA VAL A 112 28.00 -44.15 10.76
C VAL A 112 27.92 -42.77 10.13
N CYS A 113 28.86 -41.93 10.50
CA CYS A 113 28.90 -40.57 10.01
C CYS A 113 29.17 -40.54 8.52
N THR A 114 28.21 -40.04 7.78
CA THR A 114 28.36 -39.88 6.37
C THR A 114 28.70 -38.42 6.05
N ARG A 115 29.98 -38.13 5.99
CA ARG A 115 30.46 -36.79 5.75
C ARG A 115 31.49 -36.86 4.63
N ALA A 116 31.58 -35.81 3.84
CA ALA A 116 32.56 -35.74 2.74
C ALA A 116 33.98 -35.56 3.28
N GLY A 117 34.16 -35.80 4.57
CA GLY A 117 35.44 -35.68 5.20
C GLY A 117 35.49 -36.43 6.51
N CYS A 118 34.79 -37.56 6.57
CA CYS A 118 34.74 -38.38 7.73
C CYS A 118 34.44 -39.81 7.32
N GLY A 119 33.84 -40.50 8.21
CA GLY A 119 33.51 -41.89 8.01
C GLY A 119 33.84 -42.70 9.23
N PHE A 120 33.02 -42.55 10.24
CA PHE A 120 33.24 -43.25 11.48
C PHE A 120 31.94 -43.81 12.04
N GLU A 121 31.97 -45.09 12.40
CA GLU A 121 30.82 -45.75 12.99
C GLU A 121 30.84 -45.55 14.51
N TRP A 122 29.75 -45.07 15.05
CA TRP A 122 29.63 -44.89 16.48
C TRP A 122 28.29 -45.42 16.98
N CYS A 123 28.20 -45.66 18.28
CA CYS A 123 27.01 -46.25 18.87
C CYS A 123 25.83 -45.30 18.81
N TRP A 124 24.70 -45.84 18.38
CA TRP A 124 23.48 -45.08 18.28
C TRP A 124 22.81 -44.86 19.65
N VAL A 125 22.55 -45.96 20.37
CA VAL A 125 21.80 -45.89 21.64
C VAL A 125 22.52 -45.03 22.68
N CYS A 126 23.75 -45.36 22.99
CA CYS A 126 24.53 -44.53 23.89
C CYS A 126 25.48 -43.70 23.04
N GLN A 127 26.52 -43.17 23.62
CA GLN A 127 27.48 -42.46 22.82
C GLN A 127 28.86 -42.93 23.16
N THR A 128 29.46 -43.62 22.23
CA THR A 128 30.80 -44.13 22.36
C THR A 128 31.40 -44.34 20.99
N GLU A 129 32.71 -44.23 20.90
CA GLU A 129 33.41 -44.52 19.68
C GLU A 129 33.36 -46.01 19.42
N TRP A 130 33.51 -46.42 18.16
CA TRP A 130 33.46 -47.83 17.80
C TRP A 130 34.37 -48.65 18.70
N THR A 131 33.76 -49.42 19.56
CA THR A 131 34.48 -50.23 20.51
C THR A 131 33.92 -51.63 20.54
N ARG A 132 34.70 -52.54 21.07
CA ARG A 132 34.28 -53.93 21.20
C ARG A 132 33.25 -54.05 22.31
N ASP A 133 33.27 -53.07 23.21
CA ASP A 133 32.31 -53.02 24.30
C ASP A 133 30.88 -52.99 23.75
N CYS A 134 30.62 -52.09 22.82
CA CYS A 134 29.28 -51.96 22.23
C CYS A 134 29.09 -52.87 21.02
N MET A 135 30.20 -53.26 20.35
CA MET A 135 30.13 -54.04 19.09
C MET A 135 29.20 -55.25 19.18
N GLY A 136 29.18 -55.91 20.34
CA GLY A 136 28.34 -57.07 20.51
C GLY A 136 27.64 -57.08 21.84
N ALA A 137 27.28 -55.91 22.33
CA ALA A 137 26.59 -55.82 23.61
C ALA A 137 25.14 -55.41 23.43
N HIS A 138 24.93 -54.20 22.96
CA HIS A 138 23.58 -53.69 22.77
C HIS A 138 23.38 -53.16 21.36
N TRP A 139 24.23 -53.60 20.45
CA TRP A 139 24.14 -53.20 19.05
C TRP A 139 23.05 -54.03 18.35
N PHE A 140 22.57 -55.04 19.05
CA PHE A 140 21.50 -55.89 18.55
C PHE A 140 20.19 -55.56 19.26
N GLY A 141 19.13 -55.43 18.48
CA GLY A 141 17.85 -55.09 19.05
C GLY A 141 16.80 -56.12 18.72
#